data_7VY8
#
_entry.id   7VY8
#
_cell.length_a   1.00
_cell.length_b   1.00
_cell.length_c   1.00
_cell.angle_alpha   90.00
_cell.angle_beta   90.00
_cell.angle_gamma   90.00
#
_symmetry.space_group_name_H-M   'P 1'
#
loop_
_entity.id
_entity.type
_entity.pdbx_description
1 polymer 'NADH dehydrogenase [ubiquinone] flavoprotein 1, mitochondrial'
2 polymer 'NADH dehydrogenase [ubiquinone] iron-sulfur protein 8, mitochondrial'
3 polymer 'NADH dehydrogenase [ubiquinone] iron-sulfur protein 7, mitochondrial'
4 polymer 'NADH dehydrogenase [ubiquinone] 1 alpha subcomplex subunit 6'
5 polymer 'NADH dehydrogenase [ubiquinone] 1 alpha subcomplex subunit 2'
6 polymer 'Acyl carrier protein'
7 polymer 'NADH-ubiquinone oxidoreductase 13 kDa-B subunit'
8 polymer 'NADH dehydrogenase [ubiquinone] 1 alpha subcomplex subunit 7'
9 polymer 'NADH dehydrogenase ubiquinone 1 alpha subcomplex subunit 9, mitochondrial'
10 polymer 'NADH-ubiquinone oxidoreductase 9 kDa subunit'
11 polymer 'NADH dehydrogenase [ubiquinone] iron-sulfur protein 4, mitochondrial'
12 polymer 'NADH-ubiquinone oxidoreductase 75 kDa subunit, mitochondrial'
13 polymer 'NADH dehydrogenase [ubiquinone] 1 alpha subcomplex subunit 12'
14 polymer 'NADH dehydrogenase [ubiquinone] flavoprotein 2, mitochondrial'
15 polymer 'NADH-ubiquinone oxidoreductase 30 kDa subunit'
16 polymer 'NADH dehydrogenase [ubiquinone] iron-sulfur protein 2, mitochondrial'
17 polymer 'NADH dehydrogenase [ubiquinone] iron-sulfur protein 6, mitochondrial'
18 polymer 'NADH dehydrogenase [ubiquinone] 1 alpha subcomplex subunit 13'
19 non-polymer 'IRON/SULFUR CLUSTER'
20 non-polymer 'FLAVIN MONONUCLEOTIDE'
21 non-polymer '1,4-DIHYDRONICOTINAMIDE ADENINE DINUCLEOTIDE'
22 non-polymer 1,2-dioleoyl-sn-glycero-3-phosphoethanolamine
23 non-polymer (9R,11S)-9-({[(1S)-1-HYDROXYHEXADECYL]OXY}METHYL)-2,2-DIMETHYL-5,7,10-TRIOXA-2LAMBDA~5~-AZA-6LAMBDA~5~-PHOSPHAOCTACOSANE-6,6,11-TRIOL
24 non-polymer 'S-[2-({N-[(2R)-2-hydroxy-3,3-dimethyl-4-(phosphonooxy)butanoyl]-beta-alanyl}amino)ethyl] dodecanethioate'
25 non-polymer CARDIOLIPIN
26 non-polymer 'NADPH DIHYDRO-NICOTINAMIDE-ADENINE-DINUCLEOTIDE PHOSPHATE'
27 non-polymer 'Coenzyme Q10, (2Z,6E,10Z,14E,18E,22E,26Z)-isomer'
28 non-polymer 'FE2/S2 (INORGANIC) CLUSTER'
29 non-polymer 'MAGNESIUM ION'
30 non-polymer 'ZINC ION'
#
loop_
_entity_poly.entity_id
_entity_poly.type
_entity_poly.pdbx_seq_one_letter_code
_entity_poly.pdbx_strand_id
1 'polypeptide(L)'
;APKKTSFGSLKDEDRIFTNLYGRHDWRLKGAQSRGDWYKTKEILLKGPDWILGEVKTSGLRGRGGAGFPTGLKWSFMNKP
SDGRPKYLVVNADEGEPGTCKDREIIRHDPHKLVEGCLVGGRAMGARAAYIYIRGEFYNEASNLQVAIREAYEAGLIGKN
ACGSGYDFDVFVVRGAGAYICGEETALIESIEGKQGKPRLKPPFPADVGVFGCPTTVANVETVAVSPTICRRGGAWFASF
GRERNSGTKLFNISGHVNHPCTVEEEMSVPLKELIEKHAGGVIGGWDNLLAVIPGGSSTPLIPKSVCETVLMDFDALVQA
QTGLGTAAVIVMDRSTDIVKAIARLIEFYKHESCGQCTPCREGVDWMNKVMARFVKGDARPAEIDSLWEISKQIEGHTIC
ALGDGAAWPVQGLIRHFRPELEERMQQFALQHQ
;
A
2 'polypeptide(L)'
;TYKFVNMREPSMDMKSVTDRAAQTLLWTELVRGLGMTLSYLFREPATINYPFEKGPLSPRFRGEHALRRYPSGEERCIAC
KLCEAVCPAQAITIEAEPRADGSRRTTRYDIDMTKCIYCGFCQEACPVDAIVEGPNFEFSTETHEELLYNKEKLLNNGDK
WEAEIAANIQADYLYR
;
B
3 'polypeptide(L)'
;SRGEYVVAKLDDLVNWARRSSLWPMTFGLACCAVEMMHMAAPRYDMDRFGVVFRASPRQSDVMIVAGTLTNKMAPALRKV
YDQMPEPRYVVSMGSCANGGGYYHYSYSVVRGCDRIVPVDIYVPGCPPTAEALLYGILQLQRKIKREKRLRIWYRR
;
C
4 'polypeptide(L)'
;GTSVKPIFSRDMNEAKRRVRELYRAWYREVPNTVHLFQLDISVKQGRDKVREMFMKNAHVTDPRVVDLLVIKGKMELEET
INVWKQRTHIMRFFHETEAPRPTDFLSKFYVGHDP
;
E
5 'polypeptide(L)'
;LGLREIRIHLCQRSPGSQGVRDFIEKRYVELKKANPDLPILIRECSDVQPKLWARYAFGQEKNVSLNNFSADQVTRTLEN
VLSGKA
;
F
6 'polypeptide(L)'
;SDAPPLTLEAIKDRVLYVLKLYDKIDPEKLSVNSHFMKDLGLDSLDQVEIIMAMEDEFGFEIPDIDAEKLMCPQEIVDYI
ADKKDVYE
;
G
7 'polypeptide(L)'
;LKKTTGLVGLAVCETPHERLKILYTKILDVLGQIPKNAAYRKYTEQITNEKLGMVKAEPDVKKLEEQLQGGQIEEVILQA
ENELSLARKMLRWKPWEPLVEEPPANQWKWPI
;
H
8 'polypeptide(L)'
;ASATRVIQLLRNWASGRDLQAKLQLRYQEISKRTQPPPKLPVGPSHKLSNNYYCTRDGRREAMPPSIVMSSQKVLASGKP
AESSAVAETEKKAVTPAPPIKRWELSKDQPYL
;
I
9 'polypeptide(L)'
;LHHALIPHGKGGRSSVSGIVATVFGATGFLGRYVVNHLGRMGSQVIVPYRCEPYDTMHLRPMGDLGQIIFMEWNGKDKDS
IRKVVEHSNVVINLVGREWETKNFDFEDVFVKIPHAIAQVSKEAGVEKLIHISHLNADIKSPSRYLRSKAVGEKEVRAAF
PEATIIKPSDIFGREDRFLNYFASMRWFGGVPLISLGKETVKQPVYIVDVSKGIINAIKDPDAKGKTFAFVGPNRYLLFD
LVQYIFAVAYRPFLPYPLPHFAYRWVGRLFEVSPFEPWTTRDKVERVHMSDMTLPHLPGLEDLGIQATPLELKAIEVLRR
HRTYRWLTSEMEDVKPAKTVNI
;
J
10 'polypeptide(L)' FDNSTYRNLQHHEYSTYTFLDLNVELSKFRMPQPSSGRQSPRH K
11 'polypeptide(L)'
;QLIAVDEKLDITTLTGVPEEHIKTRKVRIFVPARNNMQSGVNNTKKWKMEFDTRERWENPLMGWSSTADPLSNLVLTFST
KEDAVAFAEKNGWSFDVEERKVPKPKSKSYGANFSWNKRTRVSTK
;
L
12 'polypeptide(L)'
;SNLIEVFVDGQSVMVEPGTTVLQACEKVGMQIPRFCYHERLSVAGNCRMCLVEIEKAPKVVAACAMPVMKGWNILTNSEK
SKKAREGVMEFLLANHPLDCPICDQGGECDLQDQSMMFGSDRSRFLEGKRAVEDKNIGPLVKTIMTRCIQCTRCIRFASE
IAGVDDLGTTGRGNDMQVGTYIEKMFMSELSGNIIDICPVGALTSKPYAFTARPWETRKTESIDVMDAVGSNIVVSTRTG
EVMRILPRMHEDINEEWISDKTRFAYDGLKRQRLTQPMIRNEKGLLTYTTWEDALSRVAGMLQSFQGNDVAAIAGGLVDA
EALVALKDLLNRVDSDSLCTEEVFPTAGAGTDLRSNYLLNTTIAGVEEADVILLVGTNPRFEAPLFNARIRKSWLHNDLK
VALIGSPVDLTYRYDHLGDSPKILQDIASGNHPFSQILKEAKKPMVVLGSSALQRSDGTAILAAVSNIAQNIRLSSGVTG
DWKVMNILHRIASQVAALDLGYKPGVEAIRKNPPKVLFLLGADGGCITRQDLPKDCFIIYQGHHGDVGAPMADVILPGAA
YTEKSATYVNTEGRAQQTKVAVTPPGLAREDWKIIRALSEIAGMTLPYDTLDQVRSRLEEVSPNLVRYDDVEGANYFQQA
NELSKLVNQQLLADPLVPPQLTIKDFYMTDSISRASQTMAKCVKAVTEGI
;
M
13 'polypeptide(L)'
;ELVQVLRRGLQQVSGHGGLRGYLRVLFRANDVRVGTLVGEDKYGNKYYEDNKQFFGRHRWVIYTTEMNGRDTFWDVDGSM
VPPEWHRWLHCMTDDPPTTKPPTARKYIWTNHKFNVSGTPQQYVPYSTTRKKIQEWVPPSTPYK
;
N
14 'polypeptide(L)'
;GAGGALFVHRDTPENNPDTPFDFTPENYKRIEAIVKNYPEGHKAAAVLPVLDLAQRQNGWLPISAMNKVAEILQVPPMRV
YEVATFYTMYNRKPVGKYHIQVCTTTPCMLRNSDSILEAIQKKLGIKVGETTPDKLFTLIEVECLGACVNAPMVQINDNY
YEDLTPKDIEEIIDELKAGKIPKPGPRSGRFSCEPAGGLTSLTEPPKGPGFGVQAGL
;
O
15 'polypeptide(L)'
;TRPTIRPRNDVVHKQLSAFGQYVAEILPKYVQQVQVSCFNELEIFIHPDGVIPVLTFLRDHTNAQFKSLADLTAVDVPTR
QNRFEIVYNLLSLRFNSRIRVKTYTDELTPIESSVTVYKAANWYEREIWDMFGVFFANHPDLRRILTDYGFEGHPFRKDF
PLSGYVELRYDDEVKRVVAEPVELAQEFRKFDLNSPWEAFPAYRQPPE
;
P
16 'polypeptide(L)'
;SNLTLNFGPQHPAAHGVLRLVMELSGEMVRKCDPHIGLLH(2MR)GTEKLIEYKTYLQALPYFDRLDYVSMMCNEQAYSL
AVEKLLNIQPPPRAQWIRVLFGEITRLLNHIMAVTTHALDIGAMTPFFWMFEEREKMFEFYERVSGARMHAAYIRPGGVH
QDLPLGLLDDIYEFSKNFSFRIDELEEMLTNNRIWRNRTVDIGVVTAEDALNYGFSGVMLRGSGIQWDLRKTQPYDVYDQ
VEFDVPIGSRGDCYDRYLCRVEEMRQSLRIISQCLNKMPPGEIKVDDAKVSPPKRAEMKTSMESLIHHFKLYTEGYQVPP
GATYTAIEAPKGEFGVYLVSDGSSRPYRCKIKAPGFAHLAGLDKMSKGHMLADVVAIIGTQDIVFGEVDR
;
Q
17 'polypeptide(L)'
;GVRTSPTGEKVTHTGQAYDDGDYRRVRFSDRQKEVNENFAIDLIAEQPVSEVGSRVISCDGGGGALGHPRVYINLDKETK
TGTCGYCGLQFRQPHH
;
T
18 'polypeptide(L)' ASKVKQDMPPPGGYGPIDYKRNLPRRGLS W
#
# COMPACT_ATOMS: atom_id res chain seq x y z
N ALA A 1 -38.89 -14.74 -72.09
CA ALA A 1 -37.88 -13.69 -72.10
C ALA A 1 -37.00 -13.75 -70.85
N PRO A 2 -35.69 -13.67 -71.04
CA PRO A 2 -34.77 -13.76 -69.90
C PRO A 2 -34.80 -12.49 -69.06
N LYS A 3 -34.12 -12.56 -67.92
CA LYS A 3 -33.99 -11.45 -66.98
C LYS A 3 -35.37 -10.97 -66.52
N LYS A 4 -36.04 -11.88 -65.80
CA LYS A 4 -37.35 -11.56 -65.25
C LYS A 4 -37.24 -10.46 -64.19
N THR A 5 -38.26 -9.61 -64.15
CA THR A 5 -38.32 -8.55 -63.15
C THR A 5 -39.39 -8.78 -62.10
N SER A 6 -40.36 -9.65 -62.36
CA SER A 6 -41.40 -9.99 -61.40
C SER A 6 -41.25 -11.44 -60.99
N PHE A 7 -41.39 -11.69 -59.69
CA PHE A 7 -41.27 -13.02 -59.11
C PHE A 7 -42.43 -13.27 -58.18
N GLY A 8 -42.79 -14.54 -58.02
CA GLY A 8 -43.77 -14.90 -57.02
C GLY A 8 -44.97 -15.68 -57.49
N SER A 9 -44.91 -16.29 -58.66
CA SER A 9 -46.00 -17.16 -59.11
C SER A 9 -45.36 -18.33 -59.85
N LEU A 10 -45.08 -19.40 -59.11
CA LEU A 10 -44.53 -20.62 -59.68
C LEU A 10 -45.55 -21.74 -59.54
N LYS A 11 -45.68 -22.54 -60.58
CA LYS A 11 -46.68 -23.59 -60.59
C LYS A 11 -46.15 -24.85 -59.91
N ASP A 12 -47.04 -25.83 -59.76
CA ASP A 12 -46.74 -27.00 -58.94
C ASP A 12 -45.60 -27.84 -59.50
N GLU A 13 -45.34 -27.77 -60.81
CA GLU A 13 -44.30 -28.61 -61.40
C GLU A 13 -42.90 -28.21 -60.94
N ASP A 14 -42.70 -26.95 -60.56
CA ASP A 14 -41.39 -26.46 -60.15
C ASP A 14 -41.22 -26.43 -58.63
N ARG A 15 -42.19 -26.94 -57.88
CA ARG A 15 -42.10 -26.98 -56.44
C ARG A 15 -41.34 -28.23 -56.02
N ILE A 16 -40.26 -28.04 -55.25
CA ILE A 16 -39.44 -29.17 -54.83
C ILE A 16 -40.20 -30.06 -53.85
N PHE A 17 -40.81 -29.45 -52.83
CA PHE A 17 -41.50 -30.19 -51.80
C PHE A 17 -42.95 -30.40 -52.23
N THR A 18 -43.19 -31.51 -52.91
CA THR A 18 -44.49 -31.83 -53.49
C THR A 18 -45.42 -32.52 -52.50
N ASN A 19 -44.94 -32.84 -51.30
CA ASN A 19 -45.78 -33.42 -50.25
C ASN A 19 -45.70 -32.58 -48.99
N LEU A 20 -45.76 -31.25 -49.15
CA LEU A 20 -45.60 -30.37 -48.01
C LEU A 20 -46.77 -30.47 -47.04
N TYR A 21 -47.97 -30.80 -47.54
CA TYR A 21 -49.17 -30.84 -46.73
C TYR A 21 -49.55 -32.25 -46.31
N GLY A 22 -48.70 -33.24 -46.58
CA GLY A 22 -48.97 -34.59 -46.13
C GLY A 22 -50.20 -35.21 -46.74
N ARG A 23 -50.51 -34.89 -47.99
CA ARG A 23 -51.65 -35.45 -48.69
C ARG A 23 -51.31 -36.74 -49.44
N HIS A 24 -50.03 -37.13 -49.47
CA HIS A 24 -49.60 -38.34 -50.15
C HIS A 24 -48.79 -39.18 -49.16
N ASP A 25 -48.60 -40.44 -49.54
CA ASP A 25 -47.87 -41.36 -48.67
C ASP A 25 -46.43 -40.90 -48.48
N TRP A 26 -46.09 -40.55 -47.24
CA TRP A 26 -44.74 -40.13 -46.89
C TRP A 26 -43.76 -41.29 -46.88
N ARG A 27 -44.23 -42.53 -47.01
CA ARG A 27 -43.36 -43.68 -46.94
C ARG A 27 -42.52 -43.82 -48.21
N LEU A 28 -41.76 -44.92 -48.29
CA LEU A 28 -40.83 -45.14 -49.38
C LEU A 28 -41.51 -45.27 -50.73
N LYS A 29 -42.59 -46.06 -50.79
CA LYS A 29 -43.27 -46.26 -52.07
C LYS A 29 -43.89 -44.96 -52.57
N GLY A 30 -44.52 -44.20 -51.68
CA GLY A 30 -45.07 -42.92 -52.07
C GLY A 30 -44.01 -41.92 -52.50
N ALA A 31 -42.88 -41.89 -51.79
CA ALA A 31 -41.78 -41.01 -52.18
C ALA A 31 -41.22 -41.38 -53.54
N GLN A 32 -41.07 -42.68 -53.80
CA GLN A 32 -40.60 -43.11 -55.12
C GLN A 32 -41.61 -42.76 -56.21
N SER A 33 -42.91 -42.82 -55.90
CA SER A 33 -43.92 -42.39 -56.85
C SER A 33 -43.82 -40.91 -57.18
N ARG A 34 -43.19 -40.12 -56.32
CA ARG A 34 -43.04 -38.68 -56.54
C ARG A 34 -41.68 -38.32 -57.14
N GLY A 35 -40.85 -39.30 -57.47
CA GLY A 35 -39.55 -39.03 -58.04
C GLY A 35 -38.38 -39.07 -57.08
N ASP A 36 -38.59 -39.52 -55.84
CA ASP A 36 -37.49 -39.64 -54.90
C ASP A 36 -36.66 -40.89 -55.19
N TRP A 37 -35.39 -40.83 -54.80
CA TRP A 37 -34.46 -41.94 -54.99
C TRP A 37 -34.38 -42.36 -56.45
N TYR A 38 -34.45 -41.40 -57.36
CA TYR A 38 -34.41 -41.66 -58.78
C TYR A 38 -33.02 -41.32 -59.31
N LYS A 39 -32.37 -42.31 -59.92
CA LYS A 39 -31.02 -42.17 -60.46
C LYS A 39 -30.03 -41.69 -59.41
N THR A 40 -30.20 -42.14 -58.17
CA THR A 40 -29.26 -41.79 -57.12
C THR A 40 -27.91 -42.45 -57.33
N LYS A 41 -27.92 -43.68 -57.85
CA LYS A 41 -26.67 -44.36 -58.17
C LYS A 41 -25.86 -43.59 -59.19
N GLU A 42 -26.53 -43.07 -60.23
CA GLU A 42 -25.83 -42.28 -61.24
C GLU A 42 -25.26 -40.99 -60.65
N ILE A 43 -26.03 -40.32 -59.79
CA ILE A 43 -25.56 -39.09 -59.17
C ILE A 43 -24.35 -39.36 -58.30
N LEU A 44 -24.37 -40.45 -57.54
CA LEU A 44 -23.21 -40.82 -56.73
C LEU A 44 -22.02 -41.15 -57.61
N LEU A 45 -22.25 -41.83 -58.73
CA LEU A 45 -21.15 -42.20 -59.62
C LEU A 45 -20.59 -41.03 -60.40
N LYS A 46 -21.33 -39.91 -60.48
CA LYS A 46 -20.77 -38.73 -61.13
C LYS A 46 -19.55 -38.21 -60.38
N GLY A 47 -19.58 -38.24 -59.05
CA GLY A 47 -18.44 -37.88 -58.25
C GLY A 47 -18.69 -36.66 -57.38
N PRO A 48 -17.90 -36.53 -56.31
CA PRO A 48 -18.07 -35.36 -55.43
C PRO A 48 -17.84 -34.03 -56.14
N ASP A 49 -16.91 -33.98 -57.09
CA ASP A 49 -16.64 -32.73 -57.80
C ASP A 49 -17.84 -32.29 -58.63
N TRP A 50 -18.49 -33.24 -59.31
CA TRP A 50 -19.67 -32.90 -60.09
C TRP A 50 -20.80 -32.38 -59.21
N ILE A 51 -21.03 -33.01 -58.05
CA ILE A 51 -22.06 -32.56 -57.15
C ILE A 51 -21.75 -31.18 -56.60
N LEU A 52 -20.49 -30.96 -56.23
CA LEU A 52 -20.10 -29.65 -55.71
C LEU A 52 -20.28 -28.56 -56.76
N GLY A 53 -19.91 -28.85 -58.00
CA GLY A 53 -20.14 -27.89 -59.07
C GLY A 53 -21.60 -27.63 -59.33
N GLU A 54 -22.42 -28.68 -59.29
CA GLU A 54 -23.86 -28.52 -59.51
C GLU A 54 -24.49 -27.69 -58.42
N VAL A 55 -24.03 -27.85 -57.17
CA VAL A 55 -24.50 -27.01 -56.08
C VAL A 55 -24.01 -25.58 -56.27
N LYS A 56 -22.79 -25.39 -56.75
CA LYS A 56 -22.25 -24.06 -56.96
C LYS A 56 -23.05 -23.28 -58.01
N THR A 57 -23.25 -23.89 -59.18
CA THR A 57 -23.96 -23.18 -60.25
C THR A 57 -25.43 -22.96 -59.95
N SER A 58 -26.00 -23.72 -59.00
CA SER A 58 -27.39 -23.52 -58.63
C SER A 58 -27.61 -22.20 -57.90
N GLY A 59 -26.55 -21.58 -57.40
CA GLY A 59 -26.69 -20.34 -56.67
C GLY A 59 -27.34 -20.51 -55.32
N LEU A 60 -27.42 -21.73 -54.81
CA LEU A 60 -28.08 -22.00 -53.55
C LEU A 60 -27.33 -21.39 -52.39
N ARG A 61 -28.07 -20.76 -51.47
CA ARG A 61 -27.52 -20.20 -50.25
C ARG A 61 -28.18 -20.88 -49.06
N GLY A 62 -27.50 -20.82 -47.92
CA GLY A 62 -27.94 -21.54 -46.74
C GLY A 62 -29.34 -21.18 -46.26
N ARG A 63 -30.20 -22.18 -46.17
CA ARG A 63 -31.57 -21.99 -45.73
C ARG A 63 -31.72 -21.99 -44.21
N GLY A 64 -30.61 -22.08 -43.48
CA GLY A 64 -30.67 -21.95 -42.04
C GLY A 64 -30.90 -20.54 -41.57
N GLY A 65 -30.61 -19.54 -42.40
CA GLY A 65 -30.85 -18.16 -42.05
C GLY A 65 -29.73 -17.22 -42.37
N ALA A 66 -28.48 -17.69 -42.28
CA ALA A 66 -27.34 -16.83 -42.55
C ALA A 66 -27.13 -16.60 -44.05
N GLY A 67 -27.64 -17.50 -44.88
CA GLY A 67 -27.52 -17.33 -46.32
C GLY A 67 -26.10 -17.42 -46.85
N PHE A 68 -25.28 -18.28 -46.29
CA PHE A 68 -23.94 -18.51 -46.82
C PHE A 68 -24.02 -19.33 -48.11
N PRO A 69 -23.21 -19.00 -49.11
CA PRO A 69 -23.20 -19.79 -50.34
C PRO A 69 -22.85 -21.25 -50.06
N THR A 70 -23.75 -22.14 -50.48
CA THR A 70 -23.63 -23.55 -50.11
C THR A 70 -22.48 -24.24 -50.82
N GLY A 71 -22.19 -23.86 -52.07
CA GLY A 71 -21.15 -24.54 -52.81
C GLY A 71 -19.79 -24.41 -52.17
N LEU A 72 -19.40 -23.19 -51.80
CA LEU A 72 -18.11 -22.98 -51.15
C LEU A 72 -18.07 -23.67 -49.79
N LYS A 73 -19.15 -23.58 -49.03
CA LYS A 73 -19.18 -24.19 -47.70
C LYS A 73 -19.01 -25.69 -47.78
N TRP A 74 -19.67 -26.33 -48.74
CA TRP A 74 -19.53 -27.77 -48.91
C TRP A 74 -18.21 -28.18 -49.54
N SER A 75 -17.60 -27.30 -50.35
CA SER A 75 -16.27 -27.59 -50.90
C SER A 75 -15.16 -27.34 -49.89
N PHE A 76 -15.45 -26.65 -48.78
CA PHE A 76 -14.47 -26.53 -47.70
C PHE A 76 -14.08 -27.89 -47.14
N MET A 77 -14.91 -28.90 -47.34
CA MET A 77 -14.67 -30.24 -46.83
C MET A 77 -14.13 -31.18 -47.90
N ASN A 78 -13.70 -30.65 -49.04
CA ASN A 78 -13.18 -31.45 -50.15
C ASN A 78 -11.70 -31.77 -50.00
N LYS A 79 -11.16 -31.67 -48.80
CA LYS A 79 -9.76 -31.96 -48.53
C LYS A 79 -9.50 -33.46 -48.56
N PRO A 80 -8.25 -33.87 -48.73
CA PRO A 80 -7.92 -35.30 -48.63
C PRO A 80 -7.99 -35.79 -47.20
N SER A 81 -8.08 -37.11 -47.06
CA SER A 81 -8.19 -37.73 -45.75
C SER A 81 -6.89 -37.55 -44.97
N ASP A 82 -7.03 -37.40 -43.64
CA ASP A 82 -5.88 -37.22 -42.76
C ASP A 82 -5.88 -38.21 -41.61
N GLY A 83 -6.62 -39.32 -41.75
CA GLY A 83 -6.76 -40.29 -40.70
C GLY A 83 -8.02 -40.14 -39.87
N ARG A 84 -8.72 -39.02 -39.99
CA ARG A 84 -9.95 -38.80 -39.25
C ARG A 84 -11.16 -39.04 -40.14
N PRO A 85 -12.18 -39.72 -39.62
CA PRO A 85 -13.42 -39.87 -40.39
C PRO A 85 -14.10 -38.54 -40.61
N LYS A 86 -14.83 -38.44 -41.71
CA LYS A 86 -15.53 -37.22 -42.08
C LYS A 86 -17.03 -37.41 -41.88
N TYR A 87 -17.69 -36.40 -41.34
CA TYR A 87 -19.08 -36.52 -40.96
C TYR A 87 -19.91 -35.38 -41.51
N LEU A 88 -21.17 -35.69 -41.81
CA LEU A 88 -22.18 -34.70 -42.12
C LEU A 88 -23.16 -34.61 -40.96
N VAL A 89 -23.43 -33.39 -40.50
CA VAL A 89 -24.40 -33.16 -39.44
C VAL A 89 -25.51 -32.31 -40.02
N VAL A 90 -26.74 -32.82 -39.97
CA VAL A 90 -27.91 -32.12 -40.49
C VAL A 90 -28.62 -31.45 -39.33
N ASN A 91 -28.74 -30.13 -39.41
CA ASN A 91 -29.37 -29.34 -38.35
C ASN A 91 -30.89 -29.41 -38.53
N ALA A 92 -31.58 -29.96 -37.54
CA ALA A 92 -33.03 -30.02 -37.52
C ALA A 92 -33.60 -29.50 -36.20
N ASP A 93 -32.85 -28.61 -35.55
CA ASP A 93 -33.27 -28.11 -34.24
C ASP A 93 -34.56 -27.30 -34.35
N GLU A 94 -34.66 -26.41 -35.35
CA GLU A 94 -35.87 -25.64 -35.62
C GLU A 94 -36.31 -24.86 -34.39
N GLY A 95 -35.47 -23.92 -33.97
CA GLY A 95 -35.71 -23.20 -32.75
C GLY A 95 -36.27 -21.80 -32.89
N GLU A 96 -36.18 -21.25 -34.09
CA GLU A 96 -36.61 -19.87 -34.31
C GLU A 96 -38.13 -19.75 -34.13
N PRO A 97 -38.60 -18.84 -33.28
CA PRO A 97 -40.05 -18.61 -33.19
C PRO A 97 -40.58 -18.05 -34.51
N GLY A 98 -41.66 -18.65 -35.00
CA GLY A 98 -42.22 -18.34 -36.28
C GLY A 98 -41.90 -19.34 -37.38
N THR A 99 -40.93 -20.22 -37.15
CA THR A 99 -40.44 -21.14 -38.16
C THR A 99 -40.99 -22.54 -37.92
N CYS A 100 -41.60 -23.12 -38.96
CA CYS A 100 -42.16 -24.46 -38.88
C CYS A 100 -41.90 -25.28 -40.13
N LYS A 101 -40.99 -24.86 -41.00
CA LYS A 101 -40.82 -25.52 -42.29
C LYS A 101 -40.09 -26.86 -42.15
N ASP A 102 -39.03 -26.89 -41.33
CA ASP A 102 -38.25 -28.11 -41.18
C ASP A 102 -39.08 -29.23 -40.59
N ARG A 103 -39.98 -28.90 -39.66
CA ARG A 103 -40.89 -29.90 -39.11
C ARG A 103 -41.73 -30.54 -40.20
N GLU A 104 -42.27 -29.71 -41.10
CA GLU A 104 -43.11 -30.23 -42.18
C GLU A 104 -42.30 -31.09 -43.14
N ILE A 105 -41.07 -30.67 -43.46
CA ILE A 105 -40.22 -31.48 -44.32
C ILE A 105 -39.98 -32.85 -43.68
N ILE A 106 -39.61 -32.85 -42.40
CA ILE A 106 -39.23 -34.11 -41.75
C ILE A 106 -40.45 -35.03 -41.62
N ARG A 107 -41.60 -34.48 -41.25
CA ARG A 107 -42.77 -35.32 -41.01
C ARG A 107 -43.50 -35.71 -42.29
N HIS A 108 -43.28 -35.01 -43.39
CA HIS A 108 -44.04 -35.28 -44.61
C HIS A 108 -43.19 -35.73 -45.79
N ASP A 109 -41.92 -35.32 -45.87
CA ASP A 109 -41.02 -35.75 -46.93
C ASP A 109 -39.68 -36.16 -46.32
N PRO A 110 -39.65 -37.25 -45.55
CA PRO A 110 -38.39 -37.65 -44.91
C PRO A 110 -37.40 -38.29 -45.86
N HIS A 111 -37.88 -38.98 -46.90
CA HIS A 111 -36.96 -39.61 -47.84
C HIS A 111 -36.18 -38.58 -48.64
N LYS A 112 -36.78 -37.41 -48.87
CA LYS A 112 -36.02 -36.30 -49.46
C LYS A 112 -34.83 -35.95 -48.58
N LEU A 113 -35.05 -35.89 -47.27
CA LEU A 113 -33.96 -35.59 -46.34
C LEU A 113 -32.91 -36.69 -46.34
N VAL A 114 -33.34 -37.95 -46.38
CA VAL A 114 -32.38 -39.07 -46.34
C VAL A 114 -31.52 -39.08 -47.60
N GLU A 115 -32.17 -38.93 -48.76
CA GLU A 115 -31.42 -38.89 -50.01
C GLU A 115 -30.52 -37.66 -50.08
N GLY A 116 -30.96 -36.53 -49.54
CA GLY A 116 -30.10 -35.37 -49.46
C GLY A 116 -28.89 -35.62 -48.59
N CYS A 117 -29.08 -36.33 -47.48
CA CYS A 117 -27.94 -36.69 -46.63
C CYS A 117 -26.95 -37.55 -47.40
N LEU A 118 -27.45 -38.53 -48.14
CA LEU A 118 -26.57 -39.40 -48.92
C LEU A 118 -25.79 -38.61 -49.96
N VAL A 119 -26.48 -37.75 -50.72
CA VAL A 119 -25.83 -37.01 -51.80
C VAL A 119 -24.82 -36.01 -51.24
N GLY A 120 -25.21 -35.26 -50.20
CA GLY A 120 -24.29 -34.31 -49.61
C GLY A 120 -23.09 -34.98 -48.97
N GLY A 121 -23.29 -36.12 -48.32
CA GLY A 121 -22.18 -36.84 -47.74
C GLY A 121 -21.22 -37.35 -48.80
N ARG A 122 -21.75 -37.83 -49.91
CA ARG A 122 -20.88 -38.21 -51.02
C ARG A 122 -20.10 -37.01 -51.55
N ALA A 123 -20.77 -35.86 -51.67
CA ALA A 123 -20.09 -34.67 -52.16
C ALA A 123 -18.96 -34.25 -51.22
N MET A 124 -19.19 -34.33 -49.92
CA MET A 124 -18.18 -33.97 -48.93
C MET A 124 -17.28 -35.13 -48.54
N GLY A 125 -17.53 -36.34 -49.04
CA GLY A 125 -16.75 -37.49 -48.62
C GLY A 125 -17.06 -37.96 -47.21
N ALA A 126 -18.25 -37.65 -46.70
CA ALA A 126 -18.58 -37.99 -45.32
C ALA A 126 -18.83 -39.48 -45.17
N ARG A 127 -18.40 -40.02 -44.03
CA ARG A 127 -18.64 -41.43 -43.75
C ARG A 127 -20.09 -41.68 -43.33
N ALA A 128 -20.67 -40.77 -42.55
CA ALA A 128 -22.01 -40.95 -42.05
C ALA A 128 -22.65 -39.59 -41.80
N ALA A 129 -23.98 -39.60 -41.64
CA ALA A 129 -24.75 -38.40 -41.37
C ALA A 129 -25.41 -38.51 -40.01
N TYR A 130 -25.23 -37.49 -39.18
CA TYR A 130 -25.94 -37.37 -37.92
C TYR A 130 -27.02 -36.29 -38.07
N ILE A 131 -28.26 -36.68 -37.86
CA ILE A 131 -29.39 -35.75 -37.94
C ILE A 131 -29.77 -35.37 -36.53
N TYR A 132 -29.56 -34.11 -36.17
CA TYR A 132 -29.87 -33.61 -34.84
C TYR A 132 -31.26 -32.96 -34.90
N ILE A 133 -32.26 -33.67 -34.38
CA ILE A 133 -33.63 -33.20 -34.42
C ILE A 133 -34.01 -32.64 -33.07
N ARG A 134 -34.97 -31.72 -33.07
CA ARG A 134 -35.51 -31.17 -31.83
C ARG A 134 -36.12 -32.27 -30.98
N GLY A 135 -35.92 -32.17 -29.66
CA GLY A 135 -36.47 -33.16 -28.75
C GLY A 135 -37.97 -33.13 -28.62
N GLU A 136 -38.60 -31.99 -28.93
CA GLU A 136 -40.04 -31.90 -28.89
C GLU A 136 -40.70 -32.57 -30.09
N PHE A 137 -39.95 -32.77 -31.18
CA PHE A 137 -40.47 -33.41 -32.38
C PHE A 137 -40.28 -34.93 -32.28
N TYR A 138 -40.98 -35.53 -31.33
CA TYR A 138 -40.85 -36.97 -31.14
C TYR A 138 -41.51 -37.74 -32.27
N ASN A 139 -42.72 -37.32 -32.67
CA ASN A 139 -43.40 -37.99 -33.79
C ASN A 139 -42.64 -37.80 -35.09
N GLU A 140 -42.11 -36.59 -35.32
CA GLU A 140 -41.31 -36.35 -36.51
C GLU A 140 -40.04 -37.20 -36.50
N ALA A 141 -39.40 -37.32 -35.33
CA ALA A 141 -38.19 -38.13 -35.23
C ALA A 141 -38.49 -39.59 -35.52
N SER A 142 -39.61 -40.10 -35.00
CA SER A 142 -39.97 -41.49 -35.25
C SER A 142 -40.35 -41.72 -36.71
N ASN A 143 -41.02 -40.75 -37.34
CA ASN A 143 -41.27 -40.86 -38.78
C ASN A 143 -39.97 -40.90 -39.57
N LEU A 144 -39.01 -40.05 -39.18
CA LEU A 144 -37.71 -40.07 -39.84
C LEU A 144 -37.01 -41.41 -39.65
N GLN A 145 -37.14 -41.99 -38.46
CA GLN A 145 -36.56 -43.30 -38.20
C GLN A 145 -37.21 -44.38 -39.06
N VAL A 146 -38.52 -44.32 -39.23
CA VAL A 146 -39.20 -45.29 -40.09
C VAL A 146 -38.73 -45.15 -41.53
N ALA A 147 -38.58 -43.91 -42.01
CA ALA A 147 -38.07 -43.69 -43.36
C ALA A 147 -36.66 -44.23 -43.51
N ILE A 148 -35.82 -44.01 -42.50
CA ILE A 148 -34.44 -44.50 -42.55
C ILE A 148 -34.40 -46.02 -42.53
N ARG A 149 -35.29 -46.64 -41.75
CA ARG A 149 -35.37 -48.10 -41.74
C ARG A 149 -35.79 -48.64 -43.11
N GLU A 150 -36.73 -47.96 -43.77
CA GLU A 150 -37.15 -48.37 -45.10
C GLU A 150 -36.01 -48.20 -46.11
N ALA A 151 -35.25 -47.11 -45.98
CA ALA A 151 -34.11 -46.90 -46.88
C ALA A 151 -33.04 -47.97 -46.67
N TYR A 152 -32.79 -48.34 -45.41
CA TYR A 152 -31.84 -49.41 -45.12
C TYR A 152 -32.32 -50.74 -45.68
N GLU A 153 -33.60 -51.05 -45.51
CA GLU A 153 -34.16 -52.29 -46.03
C GLU A 153 -34.05 -52.34 -47.54
N ALA A 154 -34.32 -51.19 -48.15
CA ALA A 154 -34.25 -51.00 -49.60
C ALA A 154 -32.84 -51.13 -50.17
N GLY A 155 -31.84 -50.79 -49.35
CA GLY A 155 -30.46 -50.81 -49.77
C GLY A 155 -30.00 -49.46 -50.27
N LEU A 156 -30.89 -48.48 -50.12
CA LEU A 156 -30.63 -47.09 -50.51
C LEU A 156 -29.51 -46.45 -49.69
N ILE A 157 -29.46 -46.78 -48.40
CA ILE A 157 -28.44 -46.25 -47.50
C ILE A 157 -27.74 -47.39 -46.77
N GLY A 158 -26.59 -47.10 -46.17
CA GLY A 158 -25.83 -48.11 -45.47
C GLY A 158 -24.70 -48.63 -46.34
N LYS A 159 -24.21 -49.83 -46.06
CA LYS A 159 -23.12 -50.40 -46.84
C LYS A 159 -23.55 -50.53 -48.29
N ASN A 160 -22.66 -50.14 -49.21
CA ASN A 160 -22.93 -50.20 -50.64
C ASN A 160 -24.24 -49.49 -50.97
N ALA A 161 -24.42 -48.28 -50.46
CA ALA A 161 -25.66 -47.55 -50.66
C ALA A 161 -25.92 -47.40 -52.14
N CYS A 162 -27.16 -47.75 -52.54
CA CYS A 162 -27.68 -47.72 -53.92
C CYS A 162 -27.09 -48.80 -54.85
N GLY A 163 -25.78 -48.75 -55.07
CA GLY A 163 -25.05 -49.70 -55.87
C GLY A 163 -23.90 -48.92 -56.45
N SER A 164 -23.21 -48.18 -55.59
CA SER A 164 -22.08 -47.36 -56.01
C SER A 164 -20.80 -47.73 -55.29
N GLY A 165 -20.90 -48.64 -54.33
CA GLY A 165 -19.75 -49.05 -53.55
C GLY A 165 -19.37 -48.08 -52.45
N TYR A 166 -20.27 -47.15 -52.14
CA TYR A 166 -20.04 -46.15 -51.12
C TYR A 166 -20.87 -46.47 -49.88
N ASP A 167 -20.21 -46.60 -48.74
CA ASP A 167 -20.88 -46.90 -47.49
C ASP A 167 -21.23 -45.63 -46.74
N PHE A 168 -22.50 -45.49 -46.37
CA PHE A 168 -22.97 -44.28 -45.71
C PHE A 168 -24.06 -44.62 -44.70
N ASP A 169 -23.91 -44.12 -43.49
CA ASP A 169 -24.86 -44.33 -42.40
C ASP A 169 -25.59 -43.04 -42.09
N VAL A 170 -26.84 -43.18 -41.66
CA VAL A 170 -27.67 -42.04 -41.27
C VAL A 170 -28.20 -42.33 -39.86
N PHE A 171 -27.72 -41.56 -38.89
CA PHE A 171 -28.20 -41.65 -37.51
C PHE A 171 -29.09 -40.46 -37.19
N VAL A 172 -30.00 -40.67 -36.24
CA VAL A 172 -30.87 -39.63 -35.74
C VAL A 172 -30.55 -39.39 -34.28
N VAL A 173 -30.32 -38.13 -33.91
CA VAL A 173 -30.00 -37.73 -32.55
C VAL A 173 -31.05 -36.71 -32.10
N ARG A 174 -31.61 -36.93 -30.91
CA ARG A 174 -32.61 -36.04 -30.36
C ARG A 174 -32.00 -35.17 -29.27
N GLY A 175 -32.26 -33.87 -29.34
CA GLY A 175 -31.88 -32.96 -28.28
C GLY A 175 -32.89 -32.98 -27.14
N ALA A 176 -32.64 -32.12 -26.14
CA ALA A 176 -33.55 -31.97 -25.01
C ALA A 176 -33.79 -30.48 -24.75
N GLY A 177 -34.70 -29.87 -25.51
CA GLY A 177 -35.15 -28.53 -25.21
C GLY A 177 -34.10 -27.48 -25.00
N ALA A 178 -33.39 -27.08 -26.06
CA ALA A 178 -32.46 -25.95 -25.98
C ALA A 178 -32.39 -25.33 -27.37
N TYR A 179 -32.84 -24.07 -27.47
CA TYR A 179 -32.77 -23.36 -28.75
C TYR A 179 -31.34 -23.07 -29.15
N ILE A 180 -30.45 -22.84 -28.18
CA ILE A 180 -29.05 -22.57 -28.48
C ILE A 180 -28.40 -23.72 -29.22
N CYS A 181 -28.90 -24.94 -29.03
CA CYS A 181 -28.36 -26.09 -29.76
C CYS A 181 -28.64 -26.03 -31.24
N GLY A 182 -29.33 -25.01 -31.74
CA GLY A 182 -29.39 -24.81 -33.19
C GLY A 182 -28.13 -24.22 -33.77
N GLU A 183 -27.35 -23.51 -32.96
CA GLU A 183 -26.03 -23.06 -33.37
C GLU A 183 -25.17 -24.27 -33.72
N GLU A 184 -24.40 -24.15 -34.81
CA GLU A 184 -23.72 -25.32 -35.35
C GLU A 184 -22.69 -25.87 -34.38
N THR A 185 -21.91 -25.00 -33.73
CA THR A 185 -20.92 -25.46 -32.77
C THR A 185 -21.58 -25.92 -31.47
N ALA A 186 -22.62 -25.22 -31.05
CA ALA A 186 -23.37 -25.67 -29.88
C ALA A 186 -24.06 -27.01 -30.15
N LEU A 187 -24.57 -27.19 -31.37
CA LEU A 187 -25.13 -28.48 -31.76
C LEU A 187 -24.07 -29.57 -31.74
N ILE A 188 -22.86 -29.27 -32.23
CA ILE A 188 -21.80 -30.26 -32.24
C ILE A 188 -21.42 -30.64 -30.82
N GLU A 189 -21.34 -29.66 -29.92
CA GLU A 189 -21.06 -29.94 -28.51
C GLU A 189 -22.18 -30.78 -27.90
N SER A 190 -23.43 -30.51 -28.27
CA SER A 190 -24.56 -31.26 -27.74
C SER A 190 -24.52 -32.72 -28.20
N ILE A 191 -24.09 -32.96 -29.45
CA ILE A 191 -23.94 -34.33 -29.91
C ILE A 191 -22.90 -35.07 -29.09
N GLU A 192 -21.80 -34.40 -28.76
CA GLU A 192 -20.72 -34.99 -27.99
C GLU A 192 -21.03 -35.15 -26.51
N GLY A 193 -22.29 -34.94 -26.11
CA GLY A 193 -22.68 -35.17 -24.74
C GLY A 193 -22.28 -34.10 -23.75
N LYS A 194 -22.17 -32.85 -24.19
CA LYS A 194 -21.87 -31.73 -23.31
C LYS A 194 -23.04 -30.76 -23.30
N GLN A 195 -22.85 -29.64 -22.62
CA GLN A 195 -23.83 -28.56 -22.66
C GLN A 195 -23.83 -27.91 -24.03
N GLY A 196 -24.99 -27.41 -24.45
CA GLY A 196 -25.11 -26.80 -25.75
C GLY A 196 -24.48 -25.42 -25.82
N LYS A 197 -23.19 -25.36 -25.56
CA LYS A 197 -22.46 -24.10 -25.59
C LYS A 197 -21.65 -24.01 -26.87
N PRO A 198 -21.79 -22.91 -27.62
CA PRO A 198 -21.05 -22.77 -28.87
C PRO A 198 -19.55 -22.71 -28.65
N ARG A 199 -18.80 -23.12 -29.66
CA ARG A 199 -17.36 -22.95 -29.68
C ARG A 199 -16.99 -21.64 -30.37
N LEU A 200 -15.73 -21.27 -30.26
CA LEU A 200 -15.20 -20.12 -30.96
C LEU A 200 -14.69 -20.55 -32.33
N LYS A 201 -14.75 -19.64 -33.29
CA LYS A 201 -14.24 -19.87 -34.62
C LYS A 201 -13.16 -18.84 -34.94
N PRO A 202 -12.02 -19.25 -35.50
CA PRO A 202 -11.59 -20.61 -35.85
C PRO A 202 -11.25 -21.45 -34.62
N PRO A 203 -11.17 -22.78 -34.74
CA PRO A 203 -11.33 -23.59 -35.96
C PRO A 203 -12.77 -23.68 -36.44
N PHE A 204 -12.96 -23.87 -37.72
CA PHE A 204 -14.28 -24.11 -38.27
C PHE A 204 -14.57 -25.60 -38.28
N PRO A 205 -15.85 -25.99 -38.33
CA PRO A 205 -16.16 -27.43 -38.34
C PRO A 205 -15.50 -28.18 -39.49
N ALA A 206 -15.21 -27.51 -40.59
CA ALA A 206 -14.52 -28.16 -41.71
C ALA A 206 -13.13 -28.65 -41.31
N ASP A 207 -12.54 -28.08 -40.25
CA ASP A 207 -11.27 -28.55 -39.71
C ASP A 207 -11.46 -29.39 -38.45
N VAL A 208 -12.13 -28.84 -37.44
CA VAL A 208 -12.41 -29.54 -36.19
C VAL A 208 -13.91 -29.44 -35.96
N GLY A 209 -14.62 -30.54 -36.21
CA GLY A 209 -16.05 -30.57 -36.00
C GLY A 209 -16.45 -31.53 -34.91
N VAL A 210 -17.43 -32.38 -35.17
CA VAL A 210 -17.91 -33.33 -34.17
C VAL A 210 -16.88 -34.42 -33.97
N PHE A 211 -16.67 -34.80 -32.70
CA PHE A 211 -15.64 -35.75 -32.29
C PHE A 211 -14.24 -35.29 -32.71
N GLY A 212 -14.06 -34.00 -32.97
CA GLY A 212 -12.78 -33.48 -33.40
C GLY A 212 -12.41 -33.81 -34.83
N CYS A 213 -13.39 -34.10 -35.67
CA CYS A 213 -13.18 -34.54 -37.05
C CYS A 213 -13.79 -33.53 -38.00
N PRO A 214 -13.35 -33.50 -39.25
CA PRO A 214 -13.95 -32.58 -40.22
C PRO A 214 -15.45 -32.81 -40.34
N THR A 215 -16.21 -31.73 -40.21
CA THR A 215 -17.66 -31.80 -40.26
C THR A 215 -18.26 -30.59 -40.97
N THR A 216 -19.40 -30.79 -41.62
CA THR A 216 -20.12 -29.72 -42.27
C THR A 216 -21.51 -29.73 -41.68
N VAL A 217 -22.01 -28.58 -41.23
CA VAL A 217 -23.33 -28.51 -40.65
C VAL A 217 -24.25 -27.83 -41.64
N ALA A 218 -25.35 -28.49 -42.00
CA ALA A 218 -26.28 -27.94 -42.97
C ALA A 218 -27.73 -28.03 -42.50
N ASN A 219 -28.53 -27.06 -42.94
CA ASN A 219 -29.94 -26.99 -42.62
C ASN A 219 -30.69 -28.11 -43.32
N VAL A 220 -31.79 -28.57 -42.75
CA VAL A 220 -32.57 -29.64 -43.34
C VAL A 220 -33.08 -29.25 -44.72
N GLU A 221 -33.54 -28.02 -44.86
CA GLU A 221 -34.04 -27.53 -46.14
C GLU A 221 -32.93 -27.51 -47.18
N THR A 222 -31.74 -27.07 -46.77
CA THR A 222 -30.61 -27.00 -47.68
C THR A 222 -30.24 -28.39 -48.15
N VAL A 223 -30.21 -29.34 -47.22
CA VAL A 223 -29.88 -30.73 -47.53
C VAL A 223 -30.93 -31.42 -48.38
N ALA A 224 -32.20 -31.14 -48.09
CA ALA A 224 -33.31 -31.76 -48.80
C ALA A 224 -33.39 -31.44 -50.29
N VAL A 225 -33.12 -30.20 -50.66
CA VAL A 225 -33.16 -29.77 -52.05
C VAL A 225 -31.99 -30.25 -52.89
N SER A 226 -30.93 -30.72 -52.25
CA SER A 226 -29.71 -31.13 -52.95
C SER A 226 -29.97 -32.19 -54.01
N PRO A 227 -30.69 -33.29 -53.73
CA PRO A 227 -30.95 -34.26 -54.80
C PRO A 227 -31.76 -33.70 -55.95
N THR A 228 -32.75 -32.84 -55.66
CA THR A 228 -33.52 -32.22 -56.73
C THR A 228 -32.66 -31.30 -57.57
N ILE A 229 -31.76 -30.55 -56.94
CA ILE A 229 -30.84 -29.70 -57.68
C ILE A 229 -29.93 -30.53 -58.56
N CYS A 230 -29.44 -31.67 -58.04
CA CYS A 230 -28.59 -32.53 -58.83
C CYS A 230 -29.32 -33.13 -60.03
N ARG A 231 -30.57 -33.54 -59.83
CA ARG A 231 -31.34 -34.18 -60.90
C ARG A 231 -31.80 -33.17 -61.95
N ARG A 232 -32.59 -32.19 -61.53
CA ARG A 232 -33.22 -31.28 -62.49
C ARG A 232 -32.23 -30.35 -63.18
N GLY A 233 -31.04 -30.15 -62.60
CA GLY A 233 -30.01 -29.44 -63.33
C GLY A 233 -29.16 -28.46 -62.55
N GLY A 234 -29.73 -27.79 -61.57
CA GLY A 234 -28.98 -26.75 -60.88
C GLY A 234 -29.08 -25.41 -61.59
N ALA A 235 -28.82 -25.41 -62.90
CA ALA A 235 -29.13 -24.22 -63.69
C ALA A 235 -30.63 -23.95 -63.74
N TRP A 236 -31.44 -25.01 -63.60
CA TRP A 236 -32.88 -24.82 -63.43
C TRP A 236 -33.19 -24.11 -62.12
N PHE A 237 -32.44 -24.44 -61.06
CA PHE A 237 -32.64 -23.79 -59.77
C PHE A 237 -32.31 -22.30 -59.85
N ALA A 238 -31.24 -21.95 -60.56
CA ALA A 238 -30.83 -20.56 -60.67
C ALA A 238 -31.80 -19.72 -61.47
N SER A 239 -32.72 -20.34 -62.21
CA SER A 239 -33.69 -19.60 -63.00
C SER A 239 -34.76 -18.92 -62.16
N PHE A 240 -34.82 -19.21 -60.87
CA PHE A 240 -35.82 -18.62 -59.98
C PHE A 240 -35.19 -17.52 -59.14
N GLY A 241 -35.95 -16.46 -58.89
CA GLY A 241 -35.49 -15.37 -58.06
C GLY A 241 -34.49 -14.48 -58.78
N ARG A 242 -33.96 -13.52 -58.03
CA ARG A 242 -32.99 -12.57 -58.54
C ARG A 242 -31.60 -13.21 -58.54
N GLU A 243 -30.62 -12.46 -59.05
CA GLU A 243 -29.24 -12.92 -59.00
C GLU A 243 -28.73 -12.89 -57.57
N ARG A 244 -27.99 -13.95 -57.20
CA ARG A 244 -27.52 -14.20 -55.84
C ARG A 244 -28.66 -14.40 -54.85
N ASN A 245 -29.89 -14.54 -55.34
CA ASN A 245 -31.08 -14.81 -54.54
C ASN A 245 -31.93 -15.88 -55.21
N SER A 246 -31.28 -16.97 -55.62
CA SER A 246 -31.90 -17.91 -56.54
C SER A 246 -32.68 -18.99 -55.79
N GLY A 247 -33.58 -19.64 -56.53
CA GLY A 247 -34.26 -20.83 -56.07
C GLY A 247 -35.64 -20.55 -55.52
N THR A 248 -36.17 -21.57 -54.85
CA THR A 248 -37.47 -21.51 -54.19
C THR A 248 -37.27 -21.58 -52.69
N LYS A 249 -38.23 -21.03 -51.95
CA LYS A 249 -38.13 -20.93 -50.51
C LYS A 249 -39.44 -21.33 -49.86
N LEU A 250 -39.34 -21.91 -48.66
CA LEU A 250 -40.50 -22.22 -47.84
C LEU A 250 -40.72 -21.07 -46.86
N PHE A 251 -41.92 -20.52 -46.89
CA PHE A 251 -42.30 -19.39 -46.05
C PHE A 251 -43.33 -19.84 -45.03
N ASN A 252 -43.21 -19.32 -43.81
CA ASN A 252 -44.14 -19.59 -42.72
C ASN A 252 -44.81 -18.26 -42.35
N ILE A 253 -46.06 -18.08 -42.75
CA ILE A 253 -46.80 -16.86 -42.46
C ILE A 253 -47.64 -17.11 -41.23
N SER A 254 -47.37 -16.37 -40.17
CA SER A 254 -48.07 -16.53 -38.89
C SER A 254 -48.37 -15.15 -38.32
N GLY A 255 -49.20 -15.14 -37.29
CA GLY A 255 -49.59 -13.90 -36.65
C GLY A 255 -50.95 -13.42 -37.09
N HIS A 256 -51.07 -12.12 -37.37
CA HIS A 256 -52.36 -11.51 -37.66
C HIS A 256 -52.66 -11.60 -39.16
N VAL A 257 -52.91 -12.83 -39.60
CA VAL A 257 -53.34 -13.10 -40.96
C VAL A 257 -54.57 -14.00 -40.90
N ASN A 258 -55.36 -13.95 -41.97
CA ASN A 258 -56.60 -14.72 -42.01
C ASN A 258 -56.33 -16.23 -42.04
N HIS A 259 -55.33 -16.63 -42.82
CA HIS A 259 -54.98 -18.05 -42.98
C HIS A 259 -53.49 -18.23 -42.77
N PRO A 260 -53.02 -18.33 -41.53
CA PRO A 260 -51.61 -18.65 -41.30
C PRO A 260 -51.27 -20.01 -41.89
N CYS A 261 -50.11 -20.10 -42.53
CA CYS A 261 -49.82 -21.30 -43.30
C CYS A 261 -48.34 -21.37 -43.65
N THR A 262 -47.91 -22.57 -44.03
CA THR A 262 -46.59 -22.80 -44.61
C THR A 262 -46.76 -23.05 -46.10
N VAL A 263 -46.04 -22.29 -46.91
CA VAL A 263 -46.17 -22.35 -48.37
C VAL A 263 -44.79 -22.39 -48.99
N GLU A 264 -44.75 -22.77 -50.27
CA GLU A 264 -43.54 -22.72 -51.07
C GLU A 264 -43.71 -21.69 -52.17
N GLU A 265 -42.69 -20.85 -52.38
CA GLU A 265 -42.82 -19.73 -53.29
C GLU A 265 -41.47 -19.39 -53.88
N GLU A 266 -41.51 -18.67 -55.01
CA GLU A 266 -40.29 -18.17 -55.62
C GLU A 266 -39.59 -17.21 -54.68
N MET A 267 -38.27 -17.19 -54.74
CA MET A 267 -37.47 -16.55 -53.71
C MET A 267 -37.75 -15.05 -53.62
N SER A 268 -37.76 -14.35 -54.76
CA SER A 268 -37.83 -12.90 -54.76
C SER A 268 -39.26 -12.36 -54.81
N VAL A 269 -40.23 -13.12 -54.31
CA VAL A 269 -41.63 -12.65 -54.32
C VAL A 269 -41.75 -11.42 -53.44
N PRO A 270 -42.53 -10.41 -53.82
CA PRO A 270 -42.82 -9.31 -52.89
C PRO A 270 -43.60 -9.80 -51.69
N LEU A 271 -43.34 -9.15 -50.54
CA LEU A 271 -43.97 -9.58 -49.30
C LEU A 271 -45.48 -9.42 -49.35
N LYS A 272 -45.96 -8.31 -49.92
CA LYS A 272 -47.40 -8.08 -49.98
C LYS A 272 -48.10 -9.15 -50.80
N GLU A 273 -47.52 -9.53 -51.94
CA GLU A 273 -48.12 -10.58 -52.76
C GLU A 273 -48.15 -11.90 -52.02
N LEU A 274 -47.08 -12.20 -51.28
CA LEU A 274 -47.03 -13.43 -50.49
C LEU A 274 -48.14 -13.45 -49.44
N ILE A 275 -48.33 -12.33 -48.74
CA ILE A 275 -49.33 -12.29 -47.68
C ILE A 275 -50.74 -12.34 -48.25
N GLU A 276 -50.97 -11.64 -49.37
CA GLU A 276 -52.31 -11.60 -49.95
C GLU A 276 -52.69 -12.94 -50.56
N LYS A 277 -51.81 -13.51 -51.38
CA LYS A 277 -52.19 -14.65 -52.21
C LYS A 277 -52.35 -15.92 -51.40
N HIS A 278 -51.41 -16.21 -50.49
CA HIS A 278 -51.43 -17.48 -49.78
C HIS A 278 -52.07 -17.38 -48.40
N ALA A 279 -51.73 -16.35 -47.63
CA ALA A 279 -52.19 -16.25 -46.25
C ALA A 279 -53.58 -15.65 -46.12
N GLY A 280 -54.18 -15.20 -47.22
CA GLY A 280 -55.49 -14.59 -47.14
C GLY A 280 -55.52 -13.14 -46.73
N GLY A 281 -54.36 -12.51 -46.62
CA GLY A 281 -54.28 -11.10 -46.27
C GLY A 281 -54.22 -10.86 -44.77
N VAL A 282 -53.96 -9.60 -44.42
CA VAL A 282 -53.92 -9.20 -43.02
C VAL A 282 -55.34 -9.21 -42.46
N ILE A 283 -55.46 -9.49 -41.16
CA ILE A 283 -56.76 -9.44 -40.51
C ILE A 283 -57.26 -8.00 -40.52
N GLY A 284 -58.46 -7.81 -41.05
CA GLY A 284 -59.02 -6.48 -41.16
C GLY A 284 -58.56 -5.67 -42.35
N GLY A 285 -57.93 -6.30 -43.33
CA GLY A 285 -57.49 -5.62 -44.52
C GLY A 285 -56.04 -5.17 -44.44
N TRP A 286 -55.48 -4.84 -45.61
CA TRP A 286 -54.08 -4.43 -45.65
C TRP A 286 -53.84 -3.11 -44.94
N ASP A 287 -54.85 -2.24 -44.89
CA ASP A 287 -54.70 -0.98 -44.19
C ASP A 287 -54.58 -1.17 -42.67
N ASN A 288 -54.94 -2.34 -42.16
CA ASN A 288 -54.81 -2.65 -40.75
C ASN A 288 -53.42 -3.16 -40.39
N LEU A 289 -52.53 -3.31 -41.35
CA LEU A 289 -51.18 -3.78 -41.05
C LEU A 289 -50.41 -2.74 -40.25
N LEU A 290 -49.68 -3.22 -39.24
CA LEU A 290 -48.83 -2.36 -38.43
C LEU A 290 -47.36 -2.69 -38.61
N ALA A 291 -46.96 -3.94 -38.44
CA ALA A 291 -45.56 -4.30 -38.52
C ALA A 291 -45.42 -5.74 -38.99
N VAL A 292 -44.25 -6.05 -39.54
CA VAL A 292 -43.93 -7.40 -39.97
C VAL A 292 -42.50 -7.72 -39.53
N ILE A 293 -42.33 -8.86 -38.89
CA ILE A 293 -41.01 -9.46 -38.69
C ILE A 293 -40.79 -10.44 -39.84
N PRO A 294 -39.90 -10.16 -40.79
CA PRO A 294 -39.90 -10.95 -42.03
C PRO A 294 -39.26 -12.32 -41.90
N GLY A 295 -38.25 -12.47 -41.06
CA GLY A 295 -37.49 -13.71 -41.07
C GLY A 295 -37.27 -14.35 -39.72
N GLY A 296 -38.29 -14.34 -38.87
CA GLY A 296 -38.16 -14.86 -37.53
C GLY A 296 -37.70 -13.80 -36.55
N SER A 297 -37.81 -14.16 -35.27
CA SER A 297 -37.60 -13.19 -34.19
C SER A 297 -36.23 -12.52 -34.24
N SER A 298 -35.23 -13.17 -34.83
CA SER A 298 -33.90 -12.59 -34.86
C SER A 298 -33.78 -11.43 -35.83
N THR A 299 -34.72 -11.25 -36.73
CA THR A 299 -34.64 -10.18 -37.71
C THR A 299 -35.40 -8.95 -37.23
N PRO A 300 -34.84 -7.76 -37.46
CA PRO A 300 -35.57 -6.52 -37.10
C PRO A 300 -36.87 -6.42 -37.88
N LEU A 301 -37.85 -5.78 -37.26
CA LEU A 301 -39.16 -5.62 -37.85
C LEU A 301 -39.21 -4.41 -38.78
N ILE A 302 -40.22 -4.38 -39.63
CA ILE A 302 -40.41 -3.27 -40.56
C ILE A 302 -41.87 -2.81 -40.49
N PRO A 303 -42.13 -1.52 -40.68
CA PRO A 303 -43.50 -1.00 -40.62
C PRO A 303 -44.23 -1.23 -41.94
N LYS A 304 -45.46 -0.72 -42.01
CA LYS A 304 -46.28 -0.91 -43.20
C LYS A 304 -45.73 -0.14 -44.39
N SER A 305 -45.08 0.99 -44.16
CA SER A 305 -44.55 1.78 -45.27
C SER A 305 -43.43 1.09 -46.02
N VAL A 306 -42.79 0.10 -45.42
CA VAL A 306 -41.66 -0.59 -46.04
C VAL A 306 -42.14 -1.88 -46.68
N CYS A 307 -43.20 -2.47 -46.11
CA CYS A 307 -43.74 -3.72 -46.61
C CYS A 307 -44.45 -3.57 -47.96
N GLU A 308 -44.66 -2.35 -48.44
CA GLU A 308 -45.44 -2.15 -49.65
C GLU A 308 -44.70 -2.65 -50.89
N THR A 309 -43.38 -2.51 -50.93
CA THR A 309 -42.62 -2.82 -52.15
C THR A 309 -41.44 -3.73 -51.88
N VAL A 310 -41.26 -4.22 -50.67
CA VAL A 310 -40.07 -4.98 -50.31
C VAL A 310 -40.13 -6.36 -50.93
N LEU A 311 -38.97 -6.86 -51.37
CA LEU A 311 -38.84 -8.19 -51.93
C LEU A 311 -38.33 -9.15 -50.86
N MET A 312 -38.80 -10.40 -50.96
CA MET A 312 -38.56 -11.38 -49.90
C MET A 312 -37.32 -12.23 -50.18
N ASP A 313 -36.20 -11.56 -50.40
CA ASP A 313 -34.92 -12.23 -50.58
C ASP A 313 -33.87 -11.60 -49.67
N PHE A 314 -32.66 -12.17 -49.70
CA PHE A 314 -31.61 -11.74 -48.77
C PHE A 314 -31.23 -10.29 -48.98
N ASP A 315 -30.91 -9.93 -50.22
CA ASP A 315 -30.33 -8.61 -50.49
C ASP A 315 -31.35 -7.50 -50.30
N ALA A 316 -32.59 -7.72 -50.77
CA ALA A 316 -33.62 -6.70 -50.62
C ALA A 316 -33.93 -6.45 -49.14
N LEU A 317 -34.01 -7.51 -48.34
CA LEU A 317 -34.30 -7.34 -46.92
C LEU A 317 -33.11 -6.75 -46.18
N VAL A 318 -31.89 -6.99 -46.67
CA VAL A 318 -30.73 -6.30 -46.10
C VAL A 318 -30.82 -4.81 -46.40
N GLN A 319 -31.23 -4.44 -47.61
CA GLN A 319 -31.39 -3.02 -47.93
C GLN A 319 -32.46 -2.37 -47.08
N ALA A 320 -33.43 -3.15 -46.61
CA ALA A 320 -34.45 -2.67 -45.69
C ALA A 320 -34.02 -2.79 -44.23
N GLN A 321 -32.77 -3.19 -43.98
CA GLN A 321 -32.16 -3.22 -42.64
C GLN A 321 -32.76 -4.30 -41.74
N THR A 322 -33.18 -5.42 -42.32
CA THR A 322 -33.78 -6.45 -41.49
C THR A 322 -33.26 -7.86 -41.76
N GLY A 323 -32.81 -8.15 -42.98
CA GLY A 323 -32.33 -9.47 -43.31
C GLY A 323 -33.45 -10.47 -43.54
N LEU A 324 -33.13 -11.53 -44.28
CA LEU A 324 -34.13 -12.52 -44.65
C LEU A 324 -34.32 -13.57 -43.56
N GLY A 325 -33.23 -14.06 -42.97
CA GLY A 325 -33.35 -15.03 -41.90
C GLY A 325 -33.94 -16.35 -42.37
N THR A 326 -34.92 -16.84 -41.62
CA THR A 326 -35.55 -18.12 -41.89
C THR A 326 -36.80 -18.01 -42.74
N ALA A 327 -37.09 -16.82 -43.27
CA ALA A 327 -38.29 -16.58 -44.10
C ALA A 327 -39.57 -16.91 -43.33
N ALA A 328 -39.60 -16.55 -42.05
CA ALA A 328 -40.77 -16.72 -41.21
C ALA A 328 -41.39 -15.36 -40.95
N VAL A 329 -42.53 -15.10 -41.58
CA VAL A 329 -43.17 -13.80 -41.58
C VAL A 329 -44.20 -13.76 -40.45
N ILE A 330 -43.90 -12.99 -39.40
CA ILE A 330 -44.84 -12.77 -38.31
C ILE A 330 -45.48 -11.40 -38.52
N VAL A 331 -46.80 -11.39 -38.64
CA VAL A 331 -47.57 -10.21 -39.02
C VAL A 331 -48.29 -9.68 -37.79
N MET A 332 -48.20 -8.38 -37.55
CA MET A 332 -48.88 -7.73 -36.43
C MET A 332 -49.70 -6.57 -36.98
N ASP A 333 -50.99 -6.55 -36.66
CA ASP A 333 -51.89 -5.51 -37.13
C ASP A 333 -51.90 -4.35 -36.12
N ARG A 334 -52.74 -3.35 -36.36
CA ARG A 334 -52.74 -2.13 -35.56
C ARG A 334 -53.37 -2.31 -34.19
N SER A 335 -53.91 -3.48 -33.88
CA SER A 335 -54.56 -3.72 -32.59
C SER A 335 -53.65 -4.42 -31.59
N THR A 336 -52.35 -4.53 -31.88
CA THR A 336 -51.42 -5.24 -31.01
C THR A 336 -50.52 -4.25 -30.28
N ASP A 337 -50.11 -4.66 -29.07
CA ASP A 337 -49.13 -3.91 -28.29
C ASP A 337 -47.75 -4.34 -28.78
N ILE A 338 -47.19 -3.55 -29.69
CA ILE A 338 -45.94 -3.94 -30.35
C ILE A 338 -44.79 -3.98 -29.35
N VAL A 339 -44.79 -3.07 -28.39
CA VAL A 339 -43.76 -3.07 -27.35
C VAL A 339 -43.82 -4.37 -26.56
N LYS A 340 -45.03 -4.83 -26.25
CA LYS A 340 -45.18 -6.08 -25.52
C LYS A 340 -44.67 -7.27 -26.34
N ALA A 341 -44.92 -7.27 -27.65
CA ALA A 341 -44.44 -8.36 -28.48
C ALA A 341 -42.91 -8.39 -28.55
N ILE A 342 -42.28 -7.22 -28.70
CA ILE A 342 -40.83 -7.18 -28.72
C ILE A 342 -40.27 -7.58 -27.35
N ALA A 343 -40.95 -7.21 -26.27
CA ALA A 343 -40.52 -7.63 -24.95
C ALA A 343 -40.63 -9.14 -24.79
N ARG A 344 -41.68 -9.74 -25.35
CA ARG A 344 -41.82 -11.19 -25.30
C ARG A 344 -40.68 -11.88 -26.05
N LEU A 345 -40.30 -11.33 -27.21
CA LEU A 345 -39.16 -11.87 -27.93
C LEU A 345 -37.88 -11.75 -27.10
N ILE A 346 -37.68 -10.60 -26.46
CA ILE A 346 -36.48 -10.41 -25.64
C ILE A 346 -36.49 -11.38 -24.46
N GLU A 347 -37.65 -11.66 -23.89
CA GLU A 347 -37.74 -12.62 -22.80
C GLU A 347 -37.43 -14.03 -23.29
N PHE A 348 -37.86 -14.36 -24.51
CA PHE A 348 -37.47 -15.63 -25.12
C PHE A 348 -35.95 -15.73 -25.19
N TYR A 349 -35.30 -14.69 -25.70
CA TYR A 349 -33.84 -14.74 -25.80
C TYR A 349 -33.18 -14.79 -24.42
N LYS A 350 -33.77 -14.15 -23.42
CA LYS A 350 -33.23 -14.24 -22.08
C LYS A 350 -33.30 -15.67 -21.56
N HIS A 351 -34.41 -16.36 -21.82
CA HIS A 351 -34.58 -17.73 -21.37
C HIS A 351 -33.78 -18.73 -22.21
N GLU A 352 -33.34 -18.36 -23.41
CA GLU A 352 -32.61 -19.27 -24.28
C GLU A 352 -31.12 -19.02 -24.31
N SER A 353 -30.62 -17.96 -23.67
CA SER A 353 -29.19 -17.73 -23.61
C SER A 353 -28.50 -18.83 -22.82
N CYS A 354 -27.36 -19.30 -23.32
CA CYS A 354 -26.64 -20.38 -22.65
C CYS A 354 -25.76 -19.88 -21.52
N GLY A 355 -25.49 -18.59 -21.44
CA GLY A 355 -24.77 -18.00 -20.33
C GLY A 355 -23.27 -18.20 -20.35
N GLN A 356 -22.71 -18.66 -21.47
CA GLN A 356 -21.27 -18.92 -21.52
C GLN A 356 -20.47 -17.62 -21.48
N CYS A 357 -20.83 -16.65 -22.31
CA CYS A 357 -20.04 -15.45 -22.47
C CYS A 357 -20.72 -14.23 -21.85
N THR A 358 -19.89 -13.28 -21.41
CA THR A 358 -20.39 -12.14 -20.63
C THR A 358 -21.40 -11.29 -21.36
N PRO A 359 -21.18 -10.84 -22.61
CA PRO A 359 -22.15 -9.92 -23.23
C PRO A 359 -23.55 -10.49 -23.31
N CYS A 360 -23.72 -11.70 -23.85
CA CYS A 360 -25.06 -12.29 -23.88
C CYS A 360 -25.60 -12.48 -22.47
N ARG A 361 -24.86 -13.26 -21.65
CA ARG A 361 -25.37 -13.68 -20.34
C ARG A 361 -25.82 -12.49 -19.50
N GLU A 362 -25.12 -11.37 -19.59
CA GLU A 362 -25.52 -10.21 -18.78
C GLU A 362 -26.43 -9.25 -19.53
N GLY A 363 -26.02 -8.81 -20.73
CA GLY A 363 -26.76 -7.77 -21.42
C GLY A 363 -28.14 -8.20 -21.86
N VAL A 364 -28.34 -9.48 -22.16
CA VAL A 364 -29.68 -9.89 -22.57
C VAL A 364 -30.65 -9.80 -21.41
N ASP A 365 -30.22 -10.23 -20.22
CA ASP A 365 -31.06 -10.09 -19.03
C ASP A 365 -31.28 -8.62 -18.69
N TRP A 366 -30.25 -7.80 -18.86
CA TRP A 366 -30.39 -6.36 -18.67
C TRP A 366 -31.45 -5.78 -19.61
N MET A 367 -31.35 -6.09 -20.90
CA MET A 367 -32.32 -5.59 -21.87
C MET A 367 -33.71 -6.13 -21.59
N ASN A 368 -33.79 -7.35 -21.06
CA ASN A 368 -35.09 -7.91 -20.70
C ASN A 368 -35.74 -7.08 -19.60
N LYS A 369 -34.98 -6.73 -18.57
CA LYS A 369 -35.52 -5.90 -17.50
C LYS A 369 -35.90 -4.52 -18.03
N VAL A 370 -35.06 -3.94 -18.89
CA VAL A 370 -35.34 -2.62 -19.43
C VAL A 370 -36.62 -2.64 -20.26
N MET A 371 -36.80 -3.68 -21.08
CA MET A 371 -38.00 -3.75 -21.91
C MET A 371 -39.24 -4.05 -21.08
N ALA A 372 -39.11 -4.82 -20.00
CA ALA A 372 -40.22 -5.00 -19.09
C ALA A 372 -40.66 -3.67 -18.48
N ARG A 373 -39.69 -2.84 -18.10
CA ARG A 373 -40.05 -1.51 -17.60
C ARG A 373 -40.61 -0.62 -18.70
N PHE A 374 -40.12 -0.77 -19.93
CA PHE A 374 -40.64 0.01 -21.04
C PHE A 374 -42.10 -0.30 -21.33
N VAL A 375 -42.47 -1.58 -21.21
CA VAL A 375 -43.84 -1.99 -21.51
C VAL A 375 -44.83 -1.24 -20.63
N LYS A 376 -44.49 -1.04 -19.36
CA LYS A 376 -45.35 -0.30 -18.46
C LYS A 376 -45.11 1.21 -18.51
N GLY A 377 -44.10 1.67 -19.24
CA GLY A 377 -43.75 3.08 -19.26
C GLY A 377 -43.00 3.55 -18.05
N ASP A 378 -42.38 2.65 -17.30
CA ASP A 378 -41.72 2.97 -16.04
C ASP A 378 -40.31 3.50 -16.23
N ALA A 379 -40.03 4.12 -17.38
CA ALA A 379 -38.71 4.68 -17.62
C ALA A 379 -38.80 6.14 -18.06
N ARG A 380 -37.68 6.69 -18.49
CA ARG A 380 -37.57 8.06 -18.98
C ARG A 380 -36.96 8.00 -20.38
N PRO A 381 -37.27 8.98 -21.24
CA PRO A 381 -36.86 8.88 -22.64
C PRO A 381 -35.37 8.70 -22.85
N ALA A 382 -34.52 9.29 -22.01
CA ALA A 382 -33.07 9.14 -22.18
C ALA A 382 -32.67 7.66 -22.21
N GLU A 383 -33.28 6.84 -21.36
CA GLU A 383 -32.97 5.42 -21.33
C GLU A 383 -33.12 4.75 -22.68
N ILE A 384 -34.01 5.25 -23.54
CA ILE A 384 -34.13 4.69 -24.88
C ILE A 384 -32.76 4.68 -25.55
N ASP A 385 -32.10 5.83 -25.60
CA ASP A 385 -30.76 5.87 -26.15
C ASP A 385 -29.84 4.92 -25.40
N SER A 386 -29.92 4.91 -24.07
CA SER A 386 -29.15 3.96 -23.28
C SER A 386 -29.38 2.54 -23.78
N LEU A 387 -30.66 2.16 -23.93
CA LEU A 387 -30.96 0.81 -24.41
C LEU A 387 -30.27 0.56 -25.74
N TRP A 388 -30.35 1.53 -26.66
CA TRP A 388 -29.68 1.37 -27.95
C TRP A 388 -28.21 1.04 -27.74
N GLU A 389 -27.51 1.84 -26.93
CA GLU A 389 -26.09 1.59 -26.72
C GLU A 389 -25.86 0.22 -26.08
N ILE A 390 -26.74 -0.19 -25.17
CA ILE A 390 -26.59 -1.51 -24.57
C ILE A 390 -26.59 -2.57 -25.66
N SER A 391 -27.54 -2.48 -26.58
CA SER A 391 -27.59 -3.45 -27.68
C SER A 391 -26.32 -3.38 -28.51
N LYS A 392 -25.80 -2.18 -28.73
CA LYS A 392 -24.58 -2.04 -29.52
C LYS A 392 -23.39 -2.65 -28.80
N GLN A 393 -23.44 -2.75 -27.48
CA GLN A 393 -22.37 -3.39 -26.75
C GLN A 393 -22.47 -4.90 -26.83
N ILE A 394 -23.66 -5.41 -27.16
CA ILE A 394 -23.83 -6.86 -27.26
C ILE A 394 -23.53 -7.33 -28.67
N GLU A 395 -24.06 -6.63 -29.67
CA GLU A 395 -23.87 -7.01 -31.05
C GLU A 395 -22.40 -6.93 -31.44
N GLY A 396 -21.89 -7.99 -32.06
CA GLY A 396 -20.52 -8.04 -32.53
C GLY A 396 -19.50 -8.42 -31.49
N HIS A 397 -19.90 -8.62 -30.24
CA HIS A 397 -18.97 -8.88 -29.15
C HIS A 397 -19.18 -10.23 -28.49
N THR A 398 -20.16 -11.01 -28.91
CA THR A 398 -20.45 -12.29 -28.30
C THR A 398 -19.70 -13.41 -29.01
N ILE A 399 -19.82 -14.63 -28.47
CA ILE A 399 -19.25 -15.79 -29.13
C ILE A 399 -20.09 -16.20 -30.32
N CYS A 400 -21.37 -16.46 -30.10
CA CYS A 400 -22.27 -16.87 -31.16
C CYS A 400 -23.21 -15.71 -31.50
N ALA A 401 -24.13 -15.95 -32.43
CA ALA A 401 -24.98 -14.91 -32.98
C ALA A 401 -26.28 -14.74 -32.20
N LEU A 402 -26.45 -15.43 -31.07
CA LEU A 402 -27.65 -15.24 -30.27
C LEU A 402 -27.69 -13.84 -29.66
N GLY A 403 -26.54 -13.29 -29.27
CA GLY A 403 -26.51 -11.91 -28.81
C GLY A 403 -26.90 -10.93 -29.91
N ASP A 404 -26.41 -11.16 -31.12
CA ASP A 404 -26.81 -10.33 -32.25
C ASP A 404 -28.32 -10.42 -32.48
N GLY A 405 -28.85 -11.64 -32.43
CA GLY A 405 -30.26 -11.86 -32.68
C GLY A 405 -31.16 -11.39 -31.56
N ALA A 406 -30.60 -11.16 -30.38
CA ALA A 406 -31.33 -10.52 -29.29
C ALA A 406 -31.26 -9.01 -29.37
N ALA A 407 -30.15 -8.47 -29.87
CA ALA A 407 -30.04 -7.02 -30.01
C ALA A 407 -30.84 -6.48 -31.19
N TRP A 408 -30.97 -7.26 -32.26
CA TRP A 408 -31.58 -6.73 -33.48
C TRP A 408 -33.05 -6.33 -33.32
N PRO A 409 -33.92 -7.14 -32.72
CA PRO A 409 -35.31 -6.66 -32.53
C PRO A 409 -35.41 -5.39 -31.69
N VAL A 410 -34.56 -5.25 -30.68
CA VAL A 410 -34.55 -4.02 -29.88
C VAL A 410 -34.20 -2.82 -30.76
N GLN A 411 -33.18 -2.98 -31.61
CA GLN A 411 -32.79 -1.91 -32.51
C GLN A 411 -33.90 -1.57 -33.48
N GLY A 412 -34.58 -2.59 -34.01
CA GLY A 412 -35.69 -2.32 -34.93
C GLY A 412 -36.83 -1.59 -34.27
N LEU A 413 -37.19 -2.00 -33.04
CA LEU A 413 -38.25 -1.32 -32.30
C LEU A 413 -37.88 0.12 -32.02
N ILE A 414 -36.65 0.38 -31.61
CA ILE A 414 -36.22 1.75 -31.34
C ILE A 414 -36.21 2.57 -32.62
N ARG A 415 -35.79 1.95 -33.73
CA ARG A 415 -35.67 2.66 -35.00
C ARG A 415 -37.04 3.05 -35.56
N HIS A 416 -38.04 2.18 -35.44
CA HIS A 416 -39.29 2.43 -36.12
C HIS A 416 -40.44 2.85 -35.20
N PHE A 417 -40.34 2.63 -33.90
CA PHE A 417 -41.47 2.91 -33.00
C PHE A 417 -41.01 3.61 -31.74
N ARG A 418 -40.08 4.56 -31.88
CA ARG A 418 -39.70 5.39 -30.75
C ARG A 418 -40.84 6.26 -30.21
N PRO A 419 -41.65 6.92 -31.05
CA PRO A 419 -42.75 7.73 -30.49
C PRO A 419 -43.71 6.94 -29.63
N GLU A 420 -43.95 5.67 -29.94
CA GLU A 420 -44.80 4.85 -29.07
C GLU A 420 -44.17 4.70 -27.70
N LEU A 421 -42.86 4.47 -27.65
CA LEU A 421 -42.16 4.37 -26.37
C LEU A 421 -42.29 5.67 -25.58
N GLU A 422 -42.08 6.80 -26.24
CA GLU A 422 -42.15 8.08 -25.53
C GLU A 422 -43.58 8.39 -25.07
N GLU A 423 -44.58 8.02 -25.87
CA GLU A 423 -45.97 8.23 -25.48
C GLU A 423 -46.32 7.39 -24.27
N ARG A 424 -45.89 6.12 -24.25
CA ARG A 424 -46.12 5.29 -23.07
C ARG A 424 -45.42 5.88 -21.86
N MET A 425 -44.20 6.38 -22.04
CA MET A 425 -43.45 6.96 -20.93
C MET A 425 -44.17 8.16 -20.34
N GLN A 426 -44.66 9.05 -21.20
CA GLN A 426 -45.35 10.25 -20.69
C GLN A 426 -46.71 9.90 -20.09
N GLN A 427 -47.40 8.88 -20.62
CA GLN A 427 -48.65 8.45 -20.01
C GLN A 427 -48.41 7.92 -18.61
N PHE A 428 -47.38 7.09 -18.44
CA PHE A 428 -47.03 6.62 -17.11
C PHE A 428 -46.59 7.77 -16.22
N ALA A 429 -45.92 8.78 -16.80
CA ALA A 429 -45.42 9.89 -16.01
C ALA A 429 -46.56 10.72 -15.41
N LEU A 430 -47.53 11.12 -16.24
CA LEU A 430 -48.59 11.96 -15.69
C LEU A 430 -49.68 11.14 -15.00
N GLN A 431 -49.70 9.83 -15.24
CA GLN A 431 -50.65 8.98 -14.52
C GLN A 431 -50.22 8.76 -13.08
N HIS A 432 -48.91 8.75 -12.83
CA HIS A 432 -48.37 8.52 -11.50
C HIS A 432 -47.80 9.78 -10.86
N GLN A 433 -48.06 10.94 -11.45
CA GLN A 433 -47.53 12.21 -10.96
C GLN A 433 -46.01 12.19 -10.83
N THR B 1 -3.12 46.98 -15.26
CA THR B 1 -3.68 48.11 -14.52
C THR B 1 -3.05 48.23 -13.14
N TYR B 2 -2.41 49.37 -12.90
CA TYR B 2 -1.65 49.60 -11.68
C TYR B 2 -1.92 51.01 -11.17
N LYS B 3 -1.70 51.20 -9.88
CA LYS B 3 -1.83 52.52 -9.26
C LYS B 3 -0.63 52.77 -8.36
N PHE B 4 -0.30 54.04 -8.18
CA PHE B 4 0.79 54.45 -7.32
C PHE B 4 0.28 54.70 -5.91
N VAL B 5 1.09 54.37 -4.91
CA VAL B 5 0.66 54.47 -3.52
C VAL B 5 1.30 55.69 -2.86
N ASN B 6 2.49 56.07 -3.31
CA ASN B 6 3.26 57.13 -2.66
C ASN B 6 3.90 58.06 -3.69
N MET B 7 3.12 58.56 -4.65
CA MET B 7 3.63 59.46 -5.68
C MET B 7 2.88 60.78 -5.66
N ARG B 8 2.66 61.35 -4.47
CA ARG B 8 1.99 62.64 -4.34
C ARG B 8 2.90 63.61 -3.61
N GLU B 9 3.08 64.80 -4.19
CA GLU B 9 3.84 65.90 -3.62
C GLU B 9 2.90 66.99 -3.10
N PRO B 10 3.30 67.76 -2.09
CA PRO B 10 2.37 68.70 -1.47
C PRO B 10 2.41 70.12 -2.03
N SER B 11 1.29 70.80 -1.88
CA SER B 11 1.14 72.15 -2.40
C SER B 11 2.03 73.13 -1.64
N MET B 12 2.57 74.10 -2.38
CA MET B 12 3.49 75.10 -1.82
C MET B 12 2.80 76.43 -1.53
N ASP B 13 1.47 76.41 -1.36
CA ASP B 13 0.75 77.62 -0.99
C ASP B 13 1.16 78.06 0.41
N MET B 14 1.08 79.38 0.64
CA MET B 14 1.44 79.90 1.95
C MET B 14 0.54 79.33 3.03
N LYS B 15 -0.78 79.25 2.77
CA LYS B 15 -1.67 78.69 3.75
C LYS B 15 -1.40 77.20 3.97
N SER B 16 -1.09 76.45 2.90
CA SER B 16 -0.78 75.04 3.05
C SER B 16 0.50 74.82 3.85
N VAL B 17 1.51 75.65 3.59
CA VAL B 17 2.73 75.61 4.40
C VAL B 17 2.39 75.92 5.85
N THR B 18 1.45 76.83 6.08
CA THR B 18 1.05 77.15 7.44
C THR B 18 0.36 75.97 8.12
N ASP B 19 -0.51 75.26 7.40
CA ASP B 19 -1.12 74.07 8.00
C ASP B 19 -0.08 73.01 8.31
N ARG B 20 0.89 72.81 7.41
CA ARG B 20 1.94 71.83 7.68
C ARG B 20 2.77 72.24 8.90
N ALA B 21 3.10 73.53 9.02
CA ALA B 21 3.84 74.00 10.19
C ALA B 21 3.03 73.84 11.47
N ALA B 22 1.73 74.12 11.41
CA ALA B 22 0.88 73.92 12.58
C ALA B 22 0.79 72.46 12.97
N GLN B 23 0.74 71.57 11.97
CA GLN B 23 0.72 70.14 12.26
C GLN B 23 2.03 69.70 12.89
N THR B 24 3.16 70.23 12.40
CA THR B 24 4.45 69.89 12.98
C THR B 24 4.57 70.39 14.41
N LEU B 25 4.11 71.61 14.67
CA LEU B 25 4.32 72.24 15.98
C LEU B 25 3.28 71.83 17.01
N LEU B 26 2.08 71.43 16.57
CA LEU B 26 0.97 71.17 17.47
C LEU B 26 0.51 69.72 17.47
N TRP B 27 1.14 68.86 16.67
CA TRP B 27 0.94 67.41 16.73
C TRP B 27 -0.52 67.02 16.50
N THR B 28 -1.03 67.39 15.32
CA THR B 28 -2.44 67.13 15.03
C THR B 28 -2.68 65.67 14.67
N GLU B 29 -1.74 65.04 13.96
CA GLU B 29 -1.89 63.63 13.61
C GLU B 29 -1.87 62.75 14.85
N LEU B 30 -1.03 63.08 15.83
CA LEU B 30 -0.98 62.30 17.05
C LEU B 30 -2.27 62.45 17.85
N VAL B 31 -2.86 63.64 17.82
CA VAL B 31 -4.17 63.82 18.44
C VAL B 31 -5.22 63.00 17.72
N ARG B 32 -5.11 62.89 16.38
CA ARG B 32 -6.05 62.05 15.64
C ARG B 32 -5.93 60.59 16.06
N GLY B 33 -4.71 60.09 16.21
CA GLY B 33 -4.53 58.73 16.69
C GLY B 33 -5.06 58.51 18.09
N LEU B 34 -4.82 59.48 18.98
CA LEU B 34 -5.40 59.40 20.32
C LEU B 34 -6.91 59.36 20.26
N GLY B 35 -7.50 60.13 19.34
CA GLY B 35 -8.95 60.10 19.18
C GLY B 35 -9.46 58.76 18.72
N MET B 36 -8.71 58.11 17.82
CA MET B 36 -9.10 56.77 17.40
C MET B 36 -9.09 55.78 18.57
N THR B 37 -8.03 55.83 19.37
CA THR B 37 -7.97 54.98 20.55
C THR B 37 -9.11 55.28 21.52
N LEU B 38 -9.41 56.55 21.74
CA LEU B 38 -10.48 56.93 22.63
C LEU B 38 -11.84 56.44 22.14
N SER B 39 -12.08 56.54 20.82
CA SER B 39 -13.32 56.03 20.26
C SER B 39 -13.43 54.53 20.44
N TYR B 40 -12.31 53.81 20.32
CA TYR B 40 -12.34 52.38 20.58
C TYR B 40 -12.57 52.06 22.05
N LEU B 41 -12.14 52.95 22.96
CA LEU B 41 -12.33 52.69 24.38
C LEU B 41 -13.81 52.63 24.76
N PHE B 42 -14.66 53.38 24.07
CA PHE B 42 -16.08 53.46 24.42
C PHE B 42 -16.95 52.50 23.63
N ARG B 43 -16.34 51.64 22.83
CA ARG B 43 -17.07 50.58 22.13
C ARG B 43 -17.22 49.36 23.04
N GLU B 44 -18.18 48.52 22.69
CA GLU B 44 -18.38 47.27 23.42
C GLU B 44 -17.29 46.27 23.03
N PRO B 45 -16.63 45.64 24.00
CA PRO B 45 -15.57 44.68 23.67
C PRO B 45 -16.13 43.41 23.06
N ALA B 46 -15.27 42.72 22.32
CA ALA B 46 -15.62 41.50 21.61
C ALA B 46 -15.41 40.24 22.44
N THR B 47 -15.03 40.38 23.71
CA THR B 47 -14.72 39.23 24.54
C THR B 47 -15.99 38.44 24.88
N ILE B 48 -15.86 37.12 24.85
CA ILE B 48 -16.93 36.22 25.27
C ILE B 48 -16.54 35.61 26.62
N ASN B 49 -17.55 35.16 27.35
CA ASN B 49 -17.35 34.71 28.73
C ASN B 49 -17.15 33.19 28.78
N TYR B 50 -15.99 32.77 28.28
CA TYR B 50 -15.61 31.37 28.40
C TYR B 50 -15.35 31.02 29.87
N PRO B 51 -15.77 29.83 30.33
CA PRO B 51 -16.43 28.74 29.61
C PRO B 51 -17.95 28.84 29.58
N PHE B 52 -18.55 29.88 30.13
CA PHE B 52 -20.01 30.00 30.13
C PHE B 52 -20.56 30.38 28.78
N GLU B 53 -19.74 30.93 27.90
CA GLU B 53 -20.09 31.16 26.51
C GLU B 53 -19.03 30.54 25.62
N LYS B 54 -19.47 30.02 24.48
CA LYS B 54 -18.60 29.31 23.54
C LYS B 54 -18.59 29.99 22.19
N GLY B 55 -17.47 29.86 21.49
CA GLY B 55 -17.36 30.33 20.12
C GLY B 55 -18.20 29.49 19.18
N PRO B 56 -18.69 30.10 18.12
CA PRO B 56 -19.55 29.37 17.17
C PRO B 56 -18.80 28.28 16.45
N LEU B 57 -19.51 27.20 16.14
CA LEU B 57 -18.97 26.07 15.41
C LEU B 57 -19.91 25.71 14.27
N SER B 58 -19.57 24.67 13.54
CA SER B 58 -20.30 24.23 12.36
C SER B 58 -20.48 22.72 12.44
N PRO B 59 -21.49 22.18 11.75
CA PRO B 59 -21.63 20.72 11.69
C PRO B 59 -20.44 20.02 11.05
N ARG B 60 -19.68 20.71 10.21
CA ARG B 60 -18.52 20.10 9.57
C ARG B 60 -17.30 20.02 10.47
N PHE B 61 -17.38 20.55 11.70
CA PHE B 61 -16.23 20.66 12.58
C PHE B 61 -15.59 19.30 12.85
N ARG B 62 -14.26 19.26 12.79
CA ARG B 62 -13.50 18.04 13.06
C ARG B 62 -12.90 18.10 14.45
N GLY B 63 -13.29 17.15 15.30
CA GLY B 63 -12.75 17.03 16.64
C GLY B 63 -12.72 15.57 17.03
N GLU B 64 -12.55 15.33 18.33
CA GLU B 64 -12.30 14.00 18.88
C GLU B 64 -13.05 12.87 18.17
N HIS B 65 -12.32 11.84 17.77
CA HIS B 65 -12.83 10.73 16.98
C HIS B 65 -13.76 9.84 17.82
N ALA B 66 -14.61 9.11 17.11
CA ALA B 66 -15.55 8.18 17.74
C ALA B 66 -15.92 7.10 16.74
N LEU B 67 -16.17 5.89 17.26
CA LEU B 67 -16.65 4.77 16.47
C LEU B 67 -18.15 4.60 16.71
N ARG B 68 -18.91 4.45 15.63
CA ARG B 68 -20.35 4.51 15.66
C ARG B 68 -20.98 3.13 15.56
N ARG B 69 -22.30 3.09 15.70
CA ARG B 69 -23.08 1.87 15.63
C ARG B 69 -24.26 2.03 14.68
N TYR B 70 -24.82 0.89 14.30
CA TYR B 70 -26.12 0.81 13.67
C TYR B 70 -27.20 0.96 14.73
N PRO B 71 -28.43 1.31 14.34
CA PRO B 71 -29.49 1.46 15.34
C PRO B 71 -29.71 0.22 16.18
N SER B 72 -29.45 -0.97 15.64
CA SER B 72 -29.60 -2.21 16.40
C SER B 72 -28.56 -2.36 17.49
N GLY B 73 -27.52 -1.53 17.50
CA GLY B 73 -26.43 -1.66 18.44
C GLY B 73 -25.22 -2.39 17.93
N GLU B 74 -25.29 -2.95 16.73
CA GLU B 74 -24.14 -3.57 16.10
C GLU B 74 -23.17 -2.51 15.60
N GLU B 75 -21.88 -2.77 15.75
CA GLU B 75 -20.85 -1.85 15.28
C GLU B 75 -20.92 -1.70 13.76
N ARG B 76 -20.68 -0.48 13.30
CA ARG B 76 -20.67 -0.23 11.86
C ARG B 76 -19.39 -0.70 11.19
N CYS B 77 -18.27 -0.69 11.92
CA CYS B 77 -16.98 -0.96 11.31
C CYS B 77 -16.89 -2.41 10.85
N ILE B 78 -16.38 -2.61 9.64
CA ILE B 78 -16.24 -3.92 9.03
C ILE B 78 -14.79 -4.25 8.69
N ALA B 79 -13.84 -3.44 9.18
CA ALA B 79 -12.42 -3.72 9.03
C ALA B 79 -12.00 -3.79 7.56
N CYS B 80 -12.44 -2.83 6.76
CA CYS B 80 -11.93 -2.70 5.41
C CYS B 80 -10.54 -2.08 5.37
N LYS B 81 -10.17 -1.34 6.41
CA LYS B 81 -8.88 -0.66 6.54
C LYS B 81 -8.67 0.45 5.51
N LEU B 82 -9.76 1.06 5.02
CA LEU B 82 -9.61 2.20 4.12
C LEU B 82 -9.11 3.43 4.87
N CYS B 83 -9.61 3.64 6.09
CA CYS B 83 -9.15 4.75 6.91
C CYS B 83 -7.67 4.59 7.25
N GLU B 84 -7.25 3.35 7.53
CA GLU B 84 -5.85 3.09 7.84
C GLU B 84 -4.96 3.38 6.63
N ALA B 85 -5.44 3.06 5.43
CA ALA B 85 -4.65 3.31 4.24
C ALA B 85 -4.61 4.78 3.86
N VAL B 86 -5.67 5.53 4.15
CA VAL B 86 -5.71 6.94 3.75
C VAL B 86 -5.06 7.87 4.75
N CYS B 87 -4.86 7.44 6.00
CA CYS B 87 -4.38 8.31 7.06
C CYS B 87 -3.01 8.91 6.70
N PRO B 88 -2.94 10.23 6.51
CA PRO B 88 -1.65 10.85 6.15
C PRO B 88 -0.58 10.72 7.21
N ALA B 89 -0.97 10.55 8.47
CA ALA B 89 -0.02 10.47 9.58
C ALA B 89 0.26 9.05 10.03
N GLN B 90 -0.36 8.05 9.41
CA GLN B 90 -0.27 6.66 9.86
C GLN B 90 -0.65 6.53 11.33
N ALA B 91 -1.72 7.21 11.72
CA ALA B 91 -2.16 7.26 13.11
C ALA B 91 -3.13 6.15 13.47
N ILE B 92 -3.57 5.35 12.51
CA ILE B 92 -4.55 4.29 12.74
C ILE B 92 -3.85 2.94 12.63
N THR B 93 -4.15 2.04 13.57
CA THR B 93 -3.67 0.67 13.54
C THR B 93 -4.86 -0.26 13.71
N ILE B 94 -5.00 -1.23 12.80
CA ILE B 94 -6.17 -2.08 12.76
C ILE B 94 -5.74 -3.55 12.69
N GLU B 95 -6.38 -4.38 13.52
CA GLU B 95 -6.31 -5.82 13.43
C GLU B 95 -7.71 -6.39 13.47
N ALA B 96 -7.97 -7.39 12.62
CA ALA B 96 -9.30 -7.97 12.51
C ALA B 96 -9.21 -9.48 12.40
N GLU B 97 -10.36 -10.12 12.54
CA GLU B 97 -10.51 -11.56 12.43
C GLU B 97 -12.01 -11.87 12.36
N PRO B 98 -12.36 -13.08 11.90
CA PRO B 98 -13.78 -13.47 11.97
C PRO B 98 -14.26 -13.54 13.40
N ARG B 99 -15.43 -12.96 13.66
CA ARG B 99 -16.01 -13.01 14.98
C ARG B 99 -16.61 -14.38 15.24
N ALA B 100 -17.08 -14.57 16.48
CA ALA B 100 -17.64 -15.87 16.85
C ALA B 100 -18.85 -16.24 16.01
N ASP B 101 -19.59 -15.25 15.52
CA ASP B 101 -20.71 -15.47 14.61
C ASP B 101 -20.31 -15.37 13.15
N GLY B 102 -19.02 -15.21 12.85
CA GLY B 102 -18.56 -15.11 11.49
C GLY B 102 -18.54 -13.71 10.93
N SER B 103 -19.01 -12.71 11.67
CA SER B 103 -18.99 -11.34 11.21
C SER B 103 -17.56 -10.84 11.08
N ARG B 104 -17.35 -9.95 10.11
CA ARG B 104 -16.03 -9.38 9.84
C ARG B 104 -15.87 -8.13 10.71
N ARG B 105 -15.16 -8.28 11.83
CA ARG B 105 -15.06 -7.21 12.81
C ARG B 105 -13.62 -7.07 13.29
N THR B 106 -13.27 -5.88 13.75
CA THR B 106 -11.93 -5.63 14.23
C THR B 106 -11.70 -6.22 15.61
N THR B 107 -10.45 -6.59 15.88
CA THR B 107 -10.00 -6.93 17.23
C THR B 107 -9.14 -5.84 17.84
N ARG B 108 -8.47 -5.04 17.03
CA ARG B 108 -7.74 -3.87 17.48
C ARG B 108 -8.08 -2.69 16.58
N TYR B 109 -8.45 -1.58 17.19
CA TYR B 109 -8.63 -0.33 16.44
C TYR B 109 -8.03 0.79 17.29
N ASP B 110 -6.82 1.21 16.94
CA ASP B 110 -6.08 2.20 17.70
C ASP B 110 -5.88 3.46 16.88
N ILE B 111 -6.06 4.62 17.51
CA ILE B 111 -5.73 5.89 16.89
C ILE B 111 -4.80 6.65 17.83
N ASP B 112 -3.60 6.96 17.36
CA ASP B 112 -2.64 7.78 18.09
C ASP B 112 -3.02 9.24 17.87
N MET B 113 -3.65 9.85 18.87
CA MET B 113 -4.10 11.24 18.73
C MET B 113 -2.97 12.25 18.80
N THR B 114 -1.77 11.85 19.20
CA THR B 114 -0.61 12.71 19.08
C THR B 114 0.08 12.58 17.72
N LYS B 115 -0.31 11.61 16.91
CA LYS B 115 0.08 11.55 15.51
C LYS B 115 -0.97 12.16 14.59
N CYS B 116 -2.23 12.14 15.00
CA CYS B 116 -3.32 12.56 14.14
C CYS B 116 -3.25 14.06 13.84
N ILE B 117 -3.47 14.40 12.57
CA ILE B 117 -3.50 15.80 12.14
C ILE B 117 -4.91 16.33 12.05
N TYR B 118 -5.92 15.51 12.37
CA TYR B 118 -7.32 15.94 12.42
C TYR B 118 -7.78 16.51 11.08
N CYS B 119 -7.40 15.83 10.01
CA CYS B 119 -7.78 16.20 8.66
C CYS B 119 -9.15 15.66 8.25
N GLY B 120 -9.59 14.57 8.88
CA GLY B 120 -10.87 13.98 8.55
C GLY B 120 -10.89 13.10 7.32
N PHE B 121 -9.73 12.70 6.80
CA PHE B 121 -9.71 11.83 5.63
C PHE B 121 -10.27 10.46 5.95
N CYS B 122 -10.13 10.01 7.19
CA CYS B 122 -10.61 8.70 7.59
C CYS B 122 -12.13 8.59 7.46
N GLN B 123 -12.85 9.63 7.88
CA GLN B 123 -14.30 9.59 7.79
C GLN B 123 -14.81 9.85 6.38
N GLU B 124 -14.00 10.47 5.52
CA GLU B 124 -14.37 10.55 4.11
C GLU B 124 -14.17 9.22 3.42
N ALA B 125 -13.13 8.48 3.79
CA ALA B 125 -12.86 7.20 3.17
C ALA B 125 -13.82 6.12 3.62
N CYS B 126 -14.35 6.22 4.83
CA CYS B 126 -15.11 5.13 5.43
C CYS B 126 -16.41 4.91 4.65
N PRO B 127 -16.67 3.69 4.19
CA PRO B 127 -17.88 3.43 3.38
C PRO B 127 -19.15 3.25 4.18
N VAL B 128 -19.08 3.14 5.51
CA VAL B 128 -20.25 2.79 6.30
C VAL B 128 -20.46 3.81 7.41
N ASP B 129 -19.78 4.96 7.31
CA ASP B 129 -19.86 6.02 8.33
C ASP B 129 -19.49 5.49 9.71
N ALA B 130 -18.50 4.60 9.76
CA ALA B 130 -18.12 4.00 11.03
C ALA B 130 -17.27 4.95 11.87
N ILE B 131 -16.14 5.38 11.34
CA ILE B 131 -15.27 6.32 12.04
C ILE B 131 -15.65 7.74 11.63
N VAL B 132 -15.81 8.61 12.63
CA VAL B 132 -16.14 10.01 12.39
C VAL B 132 -15.26 10.87 13.27
N GLU B 133 -15.15 12.14 12.90
CA GLU B 133 -14.58 13.16 13.75
C GLU B 133 -15.74 13.86 14.45
N GLY B 134 -15.70 13.86 15.77
CA GLY B 134 -16.82 14.34 16.55
C GLY B 134 -16.77 15.84 16.74
N PRO B 135 -17.74 16.34 17.51
CA PRO B 135 -17.77 17.77 17.83
C PRO B 135 -16.97 18.16 19.06
N ASN B 136 -16.58 17.20 19.90
CA ASN B 136 -15.83 17.50 21.11
C ASN B 136 -14.44 18.02 20.78
N PHE B 137 -14.01 19.06 21.48
CA PHE B 137 -12.65 19.55 21.38
C PHE B 137 -12.00 19.79 22.74
N GLU B 138 -12.73 19.61 23.84
CA GLU B 138 -12.18 19.83 25.17
C GLU B 138 -11.85 18.49 25.83
N PHE B 139 -10.75 17.89 25.37
CA PHE B 139 -10.33 16.60 25.89
C PHE B 139 -8.82 16.58 26.13
N SER B 140 -8.30 17.68 26.67
CA SER B 140 -6.90 17.73 27.08
C SER B 140 -6.67 16.83 28.28
N THR B 141 -5.57 16.07 28.25
CA THR B 141 -5.20 15.15 29.30
C THR B 141 -4.00 15.66 30.07
N GLU B 142 -3.65 14.94 31.13
CA GLU B 142 -2.48 15.26 31.93
C GLU B 142 -1.28 14.37 31.64
N THR B 143 -1.46 13.31 30.86
CA THR B 143 -0.38 12.44 30.46
C THR B 143 -0.47 12.14 28.98
N HIS B 144 0.68 11.79 28.40
CA HIS B 144 0.74 11.44 26.99
C HIS B 144 -0.03 10.15 26.71
N GLU B 145 0.07 9.17 27.59
CA GLU B 145 -0.52 7.86 27.35
C GLU B 145 -2.04 7.93 27.20
N GLU B 146 -2.68 8.93 27.83
CA GLU B 146 -4.13 9.06 27.73
C GLU B 146 -4.59 9.45 26.33
N LEU B 147 -3.68 9.88 25.46
CA LEU B 147 -4.04 10.28 24.10
C LEU B 147 -3.76 9.17 23.09
N LEU B 148 -3.49 7.96 23.56
CA LEU B 148 -3.31 6.80 22.70
C LEU B 148 -4.58 5.97 22.82
N TYR B 149 -5.53 6.22 21.91
CA TYR B 149 -6.85 5.62 22.02
C TYR B 149 -6.86 4.21 21.47
N ASN B 150 -7.55 3.32 22.16
CA ASN B 150 -7.81 1.96 21.67
C ASN B 150 -9.29 1.84 21.31
N LYS B 151 -9.70 0.64 20.94
CA LYS B 151 -11.07 0.45 20.44
C LYS B 151 -12.10 0.68 21.53
N GLU B 152 -11.81 0.28 22.76
CA GLU B 152 -12.75 0.50 23.86
C GLU B 152 -13.03 1.97 24.06
N LYS B 153 -11.97 2.79 24.07
CA LYS B 153 -12.11 4.22 24.26
C LYS B 153 -12.91 4.85 23.12
N LEU B 154 -12.65 4.42 21.89
CA LEU B 154 -13.35 5.01 20.75
C LEU B 154 -14.83 4.61 20.73
N LEU B 155 -15.13 3.37 21.10
CA LEU B 155 -16.53 2.96 21.19
C LEU B 155 -17.24 3.70 22.31
N ASN B 156 -16.55 3.92 23.43
CA ASN B 156 -17.12 4.74 24.49
C ASN B 156 -17.38 6.16 24.04
N ASN B 157 -16.45 6.73 23.26
CA ASN B 157 -16.66 8.07 22.70
C ASN B 157 -17.88 8.10 21.79
N GLY B 158 -18.05 7.08 20.96
CA GLY B 158 -19.23 7.01 20.11
C GLY B 158 -20.51 6.93 20.92
N ASP B 159 -20.53 6.06 21.94
CA ASP B 159 -21.72 5.94 22.77
C ASP B 159 -22.03 7.22 23.51
N LYS B 160 -21.00 7.97 23.89
CA LYS B 160 -21.17 9.21 24.63
C LYS B 160 -21.65 10.35 23.73
N TRP B 161 -21.14 10.45 22.52
CA TRP B 161 -21.40 11.60 21.66
C TRP B 161 -22.34 11.30 20.49
N GLU B 162 -23.00 10.13 20.47
CA GLU B 162 -23.83 9.77 19.34
C GLU B 162 -24.99 10.74 19.14
N ALA B 163 -25.63 11.18 20.23
CA ALA B 163 -26.80 12.05 20.10
C ALA B 163 -26.48 13.34 19.35
N GLU B 164 -25.24 13.81 19.42
CA GLU B 164 -24.80 14.99 18.70
C GLU B 164 -24.18 14.65 17.34
N ILE B 165 -23.44 13.54 17.27
CA ILE B 165 -22.80 13.15 16.02
C ILE B 165 -23.84 12.86 14.95
N ALA B 166 -24.89 12.12 15.31
CA ALA B 166 -25.93 11.78 14.35
C ALA B 166 -26.64 13.02 13.83
N ALA B 167 -26.92 13.97 14.72
CA ALA B 167 -27.59 15.21 14.31
C ALA B 167 -26.68 16.05 13.41
N ASN B 168 -25.38 16.09 13.71
CA ASN B 168 -24.46 16.80 12.83
C ASN B 168 -24.37 16.14 11.46
N ILE B 169 -24.36 14.80 11.42
CA ILE B 169 -24.32 14.09 10.15
C ILE B 169 -25.60 14.37 9.35
N GLN B 170 -26.74 14.44 10.03
CA GLN B 170 -28.00 14.67 9.35
C GLN B 170 -28.01 16.02 8.63
N ALA B 171 -27.31 17.01 9.17
CA ALA B 171 -27.31 18.35 8.58
C ALA B 171 -26.27 18.54 7.50
N ASP B 172 -25.39 17.56 7.26
CA ASP B 172 -24.31 17.75 6.30
C ASP B 172 -24.13 16.61 5.30
N TYR B 173 -24.82 15.49 5.45
CA TYR B 173 -24.60 14.37 4.54
C TYR B 173 -25.08 14.66 3.12
N LEU B 174 -25.89 15.70 2.92
CA LEU B 174 -26.31 16.04 1.56
C LEU B 174 -25.28 16.89 0.83
N TYR B 175 -24.28 17.41 1.52
CA TYR B 175 -23.13 18.03 0.87
C TYR B 175 -22.02 17.03 0.58
N ARG B 176 -22.15 15.80 1.07
CA ARG B 176 -21.09 14.80 0.94
C ARG B 176 -21.35 13.81 -0.18
N SER C 1 -6.13 19.25 63.97
CA SER C 1 -5.11 20.01 64.69
C SER C 1 -5.10 21.47 64.25
N ARG C 2 -4.26 22.27 64.91
CA ARG C 2 -4.15 23.70 64.64
C ARG C 2 -3.09 24.03 63.61
N GLY C 3 -1.92 23.38 63.66
CA GLY C 3 -0.89 23.64 62.67
C GLY C 3 -1.29 23.18 61.28
N GLU C 4 -1.95 22.02 61.18
CA GLU C 4 -2.36 21.52 59.88
C GLU C 4 -3.41 22.43 59.24
N TYR C 5 -4.31 23.01 60.03
CA TYR C 5 -5.26 23.97 59.49
C TYR C 5 -4.54 25.20 58.93
N VAL C 6 -3.53 25.69 59.64
CA VAL C 6 -2.78 26.86 59.19
C VAL C 6 -2.04 26.55 57.89
N VAL C 7 -1.39 25.39 57.82
CA VAL C 7 -0.67 25.05 56.60
C VAL C 7 -1.63 24.82 55.45
N ALA C 8 -2.82 24.29 55.72
CA ALA C 8 -3.81 24.14 54.66
C ALA C 8 -4.26 25.50 54.12
N LYS C 9 -4.51 26.46 55.01
CA LYS C 9 -4.90 27.80 54.58
C LYS C 9 -3.79 28.47 53.78
N LEU C 10 -2.53 28.32 54.23
CA LEU C 10 -1.42 28.89 53.49
C LEU C 10 -1.27 28.21 52.12
N ASP C 11 -1.49 26.90 52.06
CA ASP C 11 -1.50 26.20 50.78
C ASP C 11 -2.54 26.78 49.84
N ASP C 12 -3.75 27.00 50.36
CA ASP C 12 -4.81 27.58 49.54
C ASP C 12 -4.40 28.95 49.01
N LEU C 13 -3.85 29.79 49.88
CA LEU C 13 -3.46 31.15 49.47
C LEU C 13 -2.37 31.12 48.40
N VAL C 14 -1.34 30.29 48.62
CA VAL C 14 -0.24 30.23 47.67
C VAL C 14 -0.71 29.67 46.33
N ASN C 15 -1.52 28.62 46.35
CA ASN C 15 -2.02 28.05 45.11
C ASN C 15 -2.90 29.04 44.35
N TRP C 16 -3.76 29.78 45.07
CA TRP C 16 -4.58 30.78 44.41
C TRP C 16 -3.74 31.87 43.77
N ALA C 17 -2.72 32.35 44.49
CA ALA C 17 -1.87 33.40 43.93
C ALA C 17 -1.12 32.88 42.70
N ARG C 18 -0.67 31.63 42.73
CA ARG C 18 0.09 31.09 41.61
C ARG C 18 -0.80 30.85 40.39
N ARG C 19 -1.99 30.30 40.59
CA ARG C 19 -2.85 29.98 39.45
C ARG C 19 -3.54 31.22 38.89
N SER C 20 -3.72 32.26 39.70
CA SER C 20 -4.38 33.46 39.18
C SER C 20 -3.42 34.36 38.41
N SER C 21 -2.11 34.11 38.50
CA SER C 21 -1.10 34.91 37.81
C SER C 21 -0.17 33.95 37.08
N LEU C 22 -0.57 33.55 35.88
CA LEU C 22 0.21 32.64 35.05
C LEU C 22 0.82 33.44 33.91
N TRP C 23 2.14 33.52 33.87
CA TRP C 23 2.82 34.32 32.86
C TRP C 23 3.56 33.40 31.91
N PRO C 24 3.00 33.08 30.74
CA PRO C 24 3.72 32.25 29.78
C PRO C 24 4.86 32.99 29.13
N MET C 25 5.92 32.25 28.84
CA MET C 25 7.02 32.78 28.04
C MET C 25 6.55 33.03 26.61
N THR C 26 6.98 34.14 26.03
CA THR C 26 6.61 34.48 24.65
C THR C 26 7.40 33.56 23.72
N PHE C 27 6.89 32.34 23.57
CA PHE C 27 7.63 31.27 22.92
C PHE C 27 6.68 30.48 22.03
N GLY C 28 6.99 30.45 20.73
CA GLY C 28 6.18 29.72 19.77
C GLY C 28 7.03 29.24 18.63
N LEU C 29 6.61 28.15 18.00
CA LEU C 29 7.44 27.49 17.00
C LEU C 29 6.83 27.45 15.61
N ALA C 30 5.55 27.12 15.48
CA ALA C 30 4.98 26.82 14.18
C ALA C 30 3.50 27.21 14.19
N CYS C 31 2.72 26.61 13.29
CA CYS C 31 1.30 26.87 13.08
C CYS C 31 0.53 27.12 14.37
N CYS C 32 0.77 26.28 15.39
CA CYS C 32 0.02 26.35 16.63
C CYS C 32 0.14 27.69 17.32
N ALA C 33 1.32 28.33 17.26
CA ALA C 33 1.49 29.65 17.85
C ALA C 33 0.46 30.64 17.30
N VAL C 34 0.09 30.48 16.03
CA VAL C 34 -0.94 31.35 15.44
C VAL C 34 -2.24 31.23 16.22
N GLU C 35 -2.67 30.00 16.51
CA GLU C 35 -3.86 29.84 17.35
C GLU C 35 -3.61 30.40 18.74
N MET C 36 -2.39 30.29 19.24
CA MET C 36 -2.04 30.92 20.51
C MET C 36 -2.21 32.44 20.40
N MET C 37 -1.84 33.01 19.26
CA MET C 37 -2.07 34.43 19.03
C MET C 37 -3.55 34.77 19.06
N HIS C 38 -4.40 33.80 18.68
CA HIS C 38 -5.83 34.05 18.69
C HIS C 38 -6.40 33.91 20.10
N MET C 39 -5.64 33.31 21.02
CA MET C 39 -6.10 33.28 22.40
C MET C 39 -5.90 34.62 23.08
N ALA C 40 -4.86 35.37 22.68
CA ALA C 40 -4.67 36.72 23.17
C ALA C 40 -5.53 37.74 22.43
N ALA C 41 -6.23 37.32 21.37
CA ALA C 41 -7.09 38.19 20.60
C ALA C 41 -8.31 38.60 21.43
N PRO C 42 -8.99 39.68 21.05
CA PRO C 42 -10.09 40.20 21.89
C PRO C 42 -11.21 39.20 22.18
N ARG C 43 -11.49 38.25 21.28
CA ARG C 43 -12.61 37.35 21.51
C ARG C 43 -12.41 36.51 22.76
N TYR C 44 -11.21 35.98 22.97
CA TYR C 44 -10.94 35.14 24.13
C TYR C 44 -10.23 35.87 25.26
N ASP C 45 -9.26 36.73 24.94
CA ASP C 45 -8.69 37.68 25.90
C ASP C 45 -8.12 36.95 27.12
N MET C 46 -7.05 36.19 26.89
CA MET C 46 -6.37 35.49 27.97
C MET C 46 -5.94 36.43 29.09
N ASP C 47 -5.68 37.71 28.76
CA ASP C 47 -5.37 38.71 29.77
C ASP C 47 -6.42 38.75 30.88
N ARG C 48 -7.69 38.60 30.52
CA ARG C 48 -8.75 38.68 31.51
C ARG C 48 -8.71 37.53 32.51
N PHE C 49 -7.93 36.48 32.25
CA PHE C 49 -7.75 35.40 33.21
C PHE C 49 -6.54 35.59 34.10
N GLY C 50 -5.79 36.67 33.92
CA GLY C 50 -4.52 36.84 34.60
C GLY C 50 -3.33 36.26 33.87
N VAL C 51 -3.45 36.02 32.57
CA VAL C 51 -2.41 35.38 31.77
C VAL C 51 -1.85 36.42 30.82
N VAL C 52 -0.55 36.72 30.95
CA VAL C 52 0.12 37.69 30.09
C VAL C 52 1.46 37.11 29.63
N PHE C 53 1.77 37.31 28.35
CA PHE C 53 3.06 36.90 27.84
C PHE C 53 4.16 37.81 28.36
N ARG C 54 5.31 37.23 28.69
CA ARG C 54 6.49 37.99 29.05
C ARG C 54 7.70 37.35 28.36
N ALA C 55 8.55 38.20 27.79
CA ALA C 55 9.64 37.71 26.94
C ALA C 55 10.68 36.94 27.75
N SER C 56 11.15 37.53 28.84
CA SER C 56 12.26 36.94 29.58
C SER C 56 11.83 35.64 30.27
N PRO C 57 12.58 34.56 30.11
CA PRO C 57 12.27 33.33 30.86
C PRO C 57 12.34 33.51 32.36
N ARG C 58 13.18 34.41 32.84
CA ARG C 58 13.28 34.66 34.28
C ARG C 58 12.01 35.26 34.86
N GLN C 59 11.12 35.76 34.01
CA GLN C 59 9.86 36.36 34.44
C GLN C 59 8.67 35.57 33.93
N SER C 60 8.81 34.26 33.78
CA SER C 60 7.79 33.39 33.22
C SER C 60 7.47 32.26 34.19
N ASP C 61 6.21 31.84 34.20
CA ASP C 61 5.75 30.74 35.04
C ASP C 61 5.40 29.49 34.26
N VAL C 62 5.00 29.63 33.01
CA VAL C 62 4.58 28.52 32.17
C VAL C 62 5.29 28.61 30.83
N MET C 63 5.66 27.47 30.28
CA MET C 63 6.12 27.39 28.90
C MET C 63 5.09 26.61 28.09
N ILE C 64 4.64 27.20 26.99
CA ILE C 64 3.73 26.54 26.07
C ILE C 64 4.54 26.20 24.82
N VAL C 65 4.73 24.90 24.59
CA VAL C 65 5.45 24.41 23.42
C VAL C 65 4.43 24.30 22.29
N ALA C 66 4.32 25.36 21.49
CA ALA C 66 3.31 25.46 20.45
C ALA C 66 4.00 25.35 19.09
N GLY C 67 4.10 24.13 18.58
CA GLY C 67 4.73 23.91 17.30
C GLY C 67 5.66 22.71 17.29
N THR C 68 6.22 22.40 16.12
CA THR C 68 7.13 21.28 15.99
C THR C 68 8.43 21.56 16.72
N LEU C 69 8.96 20.55 17.40
CA LEU C 69 10.29 20.60 17.99
C LEU C 69 11.23 19.79 17.12
N THR C 70 12.20 20.46 16.51
CA THR C 70 13.20 19.80 15.69
C THR C 70 14.45 19.53 16.50
N ASN C 71 15.32 18.66 15.96
CA ASN C 71 16.56 18.32 16.64
C ASN C 71 17.48 19.53 16.76
N LYS C 72 17.41 20.46 15.82
CA LYS C 72 18.22 21.67 15.91
C LYS C 72 17.73 22.59 17.03
N MET C 73 16.43 22.61 17.29
CA MET C 73 15.82 23.51 18.26
C MET C 73 15.81 22.95 19.68
N ALA C 74 15.97 21.64 19.84
CA ALA C 74 15.82 21.02 21.16
C ALA C 74 16.76 21.57 22.21
N PRO C 75 18.07 21.77 21.94
CA PRO C 75 18.92 22.40 22.98
C PRO C 75 18.45 23.78 23.37
N ALA C 76 17.95 24.58 22.43
CA ALA C 76 17.45 25.91 22.77
C ALA C 76 16.22 25.83 23.67
N LEU C 77 15.30 24.92 23.37
CA LEU C 77 14.12 24.75 24.22
C LEU C 77 14.49 24.30 25.62
N ARG C 78 15.42 23.35 25.72
CA ARG C 78 15.87 22.91 27.03
C ARG C 78 16.53 24.04 27.79
N LYS C 79 17.33 24.86 27.10
CA LYS C 79 18.00 25.98 27.75
C LYS C 79 17.00 26.99 28.29
N VAL C 80 16.03 27.38 27.47
CA VAL C 80 15.07 28.38 27.94
C VAL C 80 14.14 27.81 29.00
N TYR C 81 13.97 26.48 29.04
CA TYR C 81 13.20 25.88 30.12
C TYR C 81 14.01 25.86 31.42
N ASP C 82 15.31 25.62 31.33
CA ASP C 82 16.12 25.52 32.54
C ASP C 82 16.29 26.86 33.22
N GLN C 83 16.24 27.96 32.47
CA GLN C 83 16.40 29.29 33.02
C GLN C 83 15.12 29.83 33.63
N MET C 84 14.04 29.07 33.57
CA MET C 84 12.78 29.48 34.16
C MET C 84 12.83 29.29 35.67
N PRO C 85 12.58 30.32 36.46
CA PRO C 85 12.53 30.13 37.92
C PRO C 85 11.36 29.25 38.32
N GLU C 86 11.54 28.51 39.39
CA GLU C 86 10.52 27.59 39.84
C GLU C 86 9.56 28.28 40.80
N PRO C 87 8.30 27.82 40.89
CA PRO C 87 7.68 26.71 40.15
C PRO C 87 7.42 27.03 38.68
N ARG C 88 7.57 26.04 37.81
CA ARG C 88 7.40 26.23 36.38
C ARG C 88 6.57 25.08 35.83
N TYR C 89 5.85 25.35 34.74
CA TYR C 89 4.95 24.38 34.14
C TYR C 89 5.11 24.40 32.63
N VAL C 90 4.84 23.26 32.02
CA VAL C 90 4.97 23.09 30.58
C VAL C 90 3.64 22.59 30.04
N VAL C 91 3.13 23.27 29.01
CA VAL C 91 1.93 22.84 28.31
C VAL C 91 2.32 22.47 26.89
N SER C 92 1.96 21.26 26.47
CA SER C 92 2.20 20.78 25.13
C SER C 92 0.99 21.06 24.26
N MET C 93 1.17 21.86 23.21
CA MET C 93 0.07 22.28 22.35
C MET C 93 0.23 21.65 20.99
N GLY C 94 -0.74 20.83 20.59
CA GLY C 94 -0.78 20.28 19.26
C GLY C 94 -0.05 18.97 19.10
N SER C 95 -0.32 18.31 17.98
CA SER C 95 0.20 16.97 17.74
C SER C 95 1.73 16.95 17.63
N CYS C 96 2.30 17.97 16.97
CA CYS C 96 3.74 17.98 16.77
C CYS C 96 4.48 18.03 18.10
N ALA C 97 4.03 18.87 19.03
CA ALA C 97 4.64 18.92 20.35
C ALA C 97 4.24 17.73 21.20
N ASN C 98 3.08 17.14 20.93
CA ASN C 98 2.61 16.02 21.74
C ASN C 98 3.42 14.75 21.46
N GLY C 99 3.46 14.32 20.21
CA GLY C 99 4.17 13.10 19.88
C GLY C 99 4.84 13.08 18.52
N GLY C 100 4.97 14.24 17.88
CA GLY C 100 5.55 14.36 16.56
C GLY C 100 4.55 14.65 15.46
N GLY C 101 3.35 14.09 15.56
CA GLY C 101 2.29 14.43 14.63
C GLY C 101 2.58 13.99 13.21
N TYR C 102 2.45 14.93 12.29
CA TYR C 102 2.60 14.71 10.86
C TYR C 102 4.05 14.48 10.46
N TYR C 103 4.98 14.73 11.36
CA TYR C 103 6.41 14.55 11.11
C TYR C 103 7.01 13.60 12.14
N HIS C 104 6.21 12.63 12.61
CA HIS C 104 6.67 11.72 13.64
C HIS C 104 7.80 10.82 13.14
N TYR C 105 7.81 10.52 11.85
CA TYR C 105 8.81 9.64 11.26
C TYR C 105 9.92 10.40 10.56
N SER C 106 9.97 11.71 10.70
CA SER C 106 11.03 12.51 10.11
C SER C 106 12.35 12.25 10.83
N TYR C 107 13.45 12.49 10.10
CA TYR C 107 14.79 12.34 10.64
C TYR C 107 15.19 13.50 11.53
N SER C 108 14.53 14.66 11.41
CA SER C 108 14.96 15.87 12.10
C SER C 108 13.93 16.38 13.10
N VAL C 109 12.99 15.54 13.53
CA VAL C 109 11.92 15.97 14.42
C VAL C 109 12.00 15.16 15.70
N VAL C 110 11.85 15.84 16.83
CA VAL C 110 11.78 15.18 18.13
C VAL C 110 10.38 14.63 18.32
N ARG C 111 10.27 13.33 18.55
CA ARG C 111 8.97 12.69 18.69
C ARG C 111 8.33 13.01 20.03
N GLY C 112 7.87 14.25 20.20
CA GLY C 112 7.25 14.66 21.43
C GLY C 112 8.17 15.43 22.34
N CYS C 113 7.74 16.62 22.75
CA CYS C 113 8.59 17.47 23.60
C CYS C 113 8.76 16.91 25.01
N ASP C 114 7.99 15.88 25.38
CA ASP C 114 8.21 15.23 26.67
C ASP C 114 9.49 14.39 26.71
N ARG C 115 10.17 14.24 25.57
CA ARG C 115 11.51 13.68 25.59
C ARG C 115 12.54 14.69 26.06
N ILE C 116 12.21 15.98 26.02
CA ILE C 116 13.13 17.04 26.36
C ILE C 116 12.79 17.66 27.71
N VAL C 117 11.52 18.00 27.93
CA VAL C 117 11.09 18.63 29.18
C VAL C 117 9.89 17.87 29.72
N PRO C 118 9.69 17.83 31.04
CA PRO C 118 8.45 17.27 31.58
C PRO C 118 7.26 18.14 31.23
N VAL C 119 6.13 17.51 30.97
CA VAL C 119 4.93 18.18 30.48
C VAL C 119 3.81 18.01 31.50
N ASP C 120 3.06 19.09 31.74
CA ASP C 120 1.94 19.08 32.67
C ASP C 120 0.60 18.82 31.98
N ILE C 121 0.35 19.48 30.86
CA ILE C 121 -0.93 19.37 30.15
C ILE C 121 -0.65 19.12 28.67
N TYR C 122 -1.36 18.15 28.11
CA TYR C 122 -1.28 17.84 26.67
C TYR C 122 -2.56 18.31 26.01
N VAL C 123 -2.47 19.32 25.17
CA VAL C 123 -3.61 19.85 24.42
C VAL C 123 -3.58 19.24 23.03
N PRO C 124 -4.56 18.42 22.66
CA PRO C 124 -4.55 17.78 21.35
C PRO C 124 -5.23 18.60 20.27
N GLY C 125 -4.76 18.39 19.05
CA GLY C 125 -5.27 19.11 17.90
C GLY C 125 -4.13 19.42 16.93
N CYS C 126 -4.52 19.78 15.72
CA CYS C 126 -3.56 20.17 14.69
C CYS C 126 -4.16 21.26 13.81
N PRO C 127 -4.17 22.50 14.28
CA PRO C 127 -3.84 22.96 15.63
C PRO C 127 -5.03 22.85 16.55
N PRO C 128 -4.83 22.80 17.86
CA PRO C 128 -5.97 23.00 18.78
C PRO C 128 -6.54 24.39 18.58
N THR C 129 -7.85 24.50 18.68
CA THR C 129 -8.48 25.81 18.61
C THR C 129 -8.10 26.64 19.83
N ALA C 130 -8.29 27.96 19.71
CA ALA C 130 -8.01 28.83 20.84
C ALA C 130 -8.86 28.47 22.06
N GLU C 131 -10.07 27.96 21.82
CA GLU C 131 -10.87 27.42 22.92
C GLU C 131 -10.22 26.19 23.54
N ALA C 132 -9.63 25.31 22.72
CA ALA C 132 -8.98 24.13 23.25
C ALA C 132 -7.78 24.50 24.11
N LEU C 133 -6.98 25.47 23.66
CA LEU C 133 -5.86 25.94 24.47
C LEU C 133 -6.34 26.64 25.74
N LEU C 134 -7.44 27.39 25.66
CA LEU C 134 -8.00 28.01 26.87
C LEU C 134 -8.45 26.94 27.86
N TYR C 135 -9.09 25.88 27.36
CA TYR C 135 -9.46 24.76 28.22
C TYR C 135 -8.24 24.13 28.86
N GLY C 136 -7.17 23.95 28.10
CA GLY C 136 -5.95 23.40 28.66
C GLY C 136 -5.34 24.29 29.74
N ILE C 137 -5.36 25.61 29.51
CA ILE C 137 -4.82 26.55 30.50
C ILE C 137 -5.65 26.52 31.78
N LEU C 138 -6.98 26.49 31.66
CA LEU C 138 -7.81 26.42 32.85
C LEU C 138 -7.66 25.08 33.55
N GLN C 139 -7.41 24.01 32.80
CA GLN C 139 -7.12 22.71 33.40
C GLN C 139 -5.81 22.77 34.18
N LEU C 140 -4.81 23.45 33.64
CA LEU C 140 -3.56 23.63 34.37
C LEU C 140 -3.79 24.43 35.66
N GLN C 141 -4.66 25.43 35.59
CA GLN C 141 -5.00 26.19 36.80
C GLN C 141 -5.67 25.28 37.84
N ARG C 142 -6.57 24.41 37.40
CA ARG C 142 -7.24 23.50 38.34
C ARG C 142 -6.25 22.50 38.92
N LYS C 143 -5.27 22.08 38.14
CA LYS C 143 -4.21 21.21 38.65
C LYS C 143 -3.36 21.93 39.69
N ILE C 144 -3.02 23.20 39.43
CA ILE C 144 -2.24 23.98 40.39
C ILE C 144 -3.02 24.17 41.68
N LYS C 145 -4.35 24.34 41.57
CA LYS C 145 -5.18 24.45 42.75
C LYS C 145 -5.13 23.21 43.62
N ARG C 146 -4.89 22.04 43.01
CA ARG C 146 -4.93 20.77 43.72
C ARG C 146 -3.63 20.43 44.44
N GLU C 147 -2.55 21.15 44.19
CA GLU C 147 -1.27 20.79 44.78
C GLU C 147 -1.23 21.19 46.26
N LYS C 148 -0.55 20.37 47.05
CA LYS C 148 -0.46 20.55 48.50
C LYS C 148 1.00 20.47 48.91
N ARG C 149 1.71 21.60 48.81
CA ARG C 149 3.13 21.62 49.14
C ARG C 149 3.36 21.73 50.63
N LEU C 150 2.72 22.70 51.29
CA LEU C 150 2.92 22.91 52.72
C LEU C 150 2.28 21.81 53.56
N ARG C 151 1.17 21.23 53.10
CA ARG C 151 0.60 20.07 53.80
C ARG C 151 1.58 18.91 53.80
N ILE C 152 2.22 18.65 52.67
CA ILE C 152 3.17 17.54 52.57
C ILE C 152 4.43 17.87 53.37
N TRP C 153 4.89 19.12 53.34
CA TRP C 153 6.04 19.51 54.14
C TRP C 153 5.76 19.33 55.62
N TYR C 154 4.58 19.72 56.08
CA TYR C 154 4.23 19.62 57.48
C TYR C 154 4.14 18.18 57.96
N ARG C 155 3.87 17.24 57.06
CA ARG C 155 3.74 15.83 57.42
C ARG C 155 5.04 15.06 57.25
N ARG C 156 6.14 15.74 56.92
CA ARG C 156 7.44 15.08 56.77
C ARG C 156 8.03 14.75 58.13
N GLY D 1 42.66 8.32 -18.69
CA GLY D 1 42.52 9.39 -17.74
C GLY D 1 41.24 9.31 -16.92
N THR D 2 40.39 8.33 -17.27
CA THR D 2 39.16 8.02 -16.56
C THR D 2 38.18 9.18 -16.57
N SER D 3 38.54 10.30 -17.19
CA SER D 3 37.67 11.47 -17.35
C SER D 3 37.08 11.92 -16.02
N VAL D 4 37.93 12.11 -15.02
CA VAL D 4 37.53 12.62 -13.72
C VAL D 4 38.34 13.87 -13.41
N LYS D 5 37.65 14.92 -12.97
CA LYS D 5 38.25 16.20 -12.62
C LYS D 5 38.37 16.35 -11.11
N PRO D 6 39.39 17.05 -10.62
CA PRO D 6 39.60 17.14 -9.18
C PRO D 6 38.69 18.18 -8.54
N ILE D 7 38.69 18.19 -7.22
CA ILE D 7 38.05 19.26 -6.47
C ILE D 7 39.11 20.32 -6.18
N PHE D 8 40.11 19.95 -5.40
CA PHE D 8 41.26 20.81 -5.14
C PHE D 8 42.57 20.13 -5.50
N SER D 9 42.76 18.88 -5.08
CA SER D 9 44.04 18.19 -5.19
C SER D 9 44.08 17.29 -6.42
N ARG D 10 45.28 17.18 -7.01
CA ARG D 10 45.46 16.37 -8.20
C ARG D 10 46.08 15.01 -7.91
N ASP D 11 46.75 14.85 -6.78
CA ASP D 11 47.36 13.58 -6.39
C ASP D 11 47.18 13.40 -4.89
N MET D 12 47.70 12.29 -4.36
CA MET D 12 47.59 12.01 -2.94
C MET D 12 48.44 12.94 -2.09
N ASN D 13 49.51 13.51 -2.64
CA ASN D 13 50.41 14.35 -1.85
C ASN D 13 49.72 15.64 -1.43
N GLU D 14 49.06 16.31 -2.36
CA GLU D 14 48.36 17.55 -2.03
C GLU D 14 47.21 17.28 -1.06
N ALA D 15 46.50 16.16 -1.24
CA ALA D 15 45.44 15.79 -0.31
C ALA D 15 46.01 15.55 1.09
N LYS D 16 47.15 14.89 1.17
CA LYS D 16 47.79 14.65 2.47
C LYS D 16 48.21 15.97 3.13
N ARG D 17 48.72 16.91 2.33
CA ARG D 17 49.11 18.20 2.88
C ARG D 17 47.90 18.96 3.41
N ARG D 18 46.78 18.91 2.68
CA ARG D 18 45.56 19.54 3.18
C ARG D 18 45.06 18.86 4.45
N VAL D 19 45.20 17.53 4.53
CA VAL D 19 44.84 16.81 5.74
C VAL D 19 45.69 17.31 6.90
N ARG D 20 46.99 17.49 6.68
CA ARG D 20 47.88 17.96 7.74
C ARG D 20 47.52 19.37 8.17
N GLU D 21 47.19 20.25 7.23
CA GLU D 21 46.73 21.59 7.59
C GLU D 21 45.49 21.54 8.47
N LEU D 22 44.49 20.75 8.08
CA LEU D 22 43.27 20.64 8.88
C LEU D 22 43.57 20.08 10.26
N TYR D 23 44.44 19.07 10.33
CA TYR D 23 44.79 18.47 11.61
C TYR D 23 45.48 19.49 12.52
N ARG D 24 46.38 20.30 11.96
CA ARG D 24 47.02 21.35 12.74
C ARG D 24 46.00 22.33 13.29
N ALA D 25 45.06 22.75 12.44
CA ALA D 25 44.05 23.71 12.89
C ALA D 25 43.19 23.13 14.02
N TRP D 26 42.78 21.86 13.90
CA TRP D 26 41.99 21.24 14.95
C TRP D 26 42.79 21.10 16.24
N TYR D 27 44.05 20.70 16.13
CA TYR D 27 44.90 20.54 17.30
C TYR D 27 45.09 21.88 18.03
N ARG D 28 45.24 22.96 17.26
CA ARG D 28 45.35 24.28 17.88
C ARG D 28 44.02 24.71 18.50
N GLU D 29 42.90 24.33 17.88
CA GLU D 29 41.60 24.80 18.36
C GLU D 29 41.16 24.10 19.63
N VAL D 30 41.61 22.85 19.86
CA VAL D 30 41.07 22.05 20.97
C VAL D 30 41.08 22.78 22.31
N PRO D 31 42.19 23.39 22.76
CA PRO D 31 42.14 24.07 24.08
C PRO D 31 41.14 25.21 24.15
N ASN D 32 41.02 25.99 23.07
CA ASN D 32 40.02 27.06 23.05
C ASN D 32 38.61 26.50 23.13
N THR D 33 38.36 25.37 22.46
CA THR D 33 37.06 24.72 22.56
C THR D 33 36.78 24.27 23.98
N VAL D 34 37.78 23.68 24.64
CA VAL D 34 37.58 23.22 26.01
C VAL D 34 37.26 24.40 26.93
N HIS D 35 37.97 25.51 26.75
CA HIS D 35 37.75 26.67 27.62
C HIS D 35 36.39 27.31 27.36
N LEU D 36 36.05 27.55 26.09
CA LEU D 36 34.84 28.31 25.76
C LEU D 36 33.59 27.52 26.11
N PHE D 37 33.52 26.26 25.68
CA PHE D 37 32.33 25.45 25.91
C PHE D 37 32.20 24.96 27.35
N GLN D 38 33.23 25.15 28.17
CA GLN D 38 33.26 24.69 29.56
C GLN D 38 33.04 23.18 29.63
N LEU D 39 33.88 22.45 28.91
CA LEU D 39 33.83 21.00 28.89
C LEU D 39 34.59 20.42 30.07
N ASP D 40 34.09 19.29 30.57
CA ASP D 40 34.70 18.59 31.70
C ASP D 40 35.72 17.56 31.25
N ILE D 41 36.34 17.77 30.10
CA ILE D 41 37.35 16.87 29.57
C ILE D 41 38.68 17.60 29.51
N SER D 42 39.76 16.84 29.47
CA SER D 42 41.08 17.44 29.36
C SER D 42 41.40 17.78 27.91
N VAL D 43 42.41 18.62 27.73
CA VAL D 43 42.88 18.93 26.39
C VAL D 43 43.43 17.69 25.72
N LYS D 44 44.09 16.82 26.49
CA LYS D 44 44.58 15.56 25.94
C LYS D 44 43.44 14.68 25.45
N GLN D 45 42.34 14.64 26.21
CA GLN D 45 41.19 13.85 25.79
C GLN D 45 40.61 14.35 24.47
N GLY D 46 40.47 15.67 24.34
CA GLY D 46 39.95 16.22 23.09
C GLY D 46 40.88 16.00 21.92
N ARG D 47 42.19 16.12 22.16
CA ARG D 47 43.15 15.88 21.08
C ARG D 47 43.17 14.42 20.67
N ASP D 48 43.00 13.50 21.63
CA ASP D 48 42.89 12.09 21.27
C ASP D 48 41.62 11.82 20.49
N LYS D 49 40.52 12.50 20.84
CA LYS D 49 39.30 12.37 20.06
C LYS D 49 39.50 12.87 18.64
N VAL D 50 40.21 13.99 18.47
CA VAL D 50 40.51 14.49 17.14
C VAL D 50 41.36 13.48 16.36
N ARG D 51 42.36 12.91 17.02
CA ARG D 51 43.20 11.91 16.37
C ARG D 51 42.39 10.69 15.94
N GLU D 52 41.48 10.24 16.80
CA GLU D 52 40.61 9.11 16.46
C GLU D 52 39.71 9.43 15.28
N MET D 53 39.14 10.64 15.26
CA MET D 53 38.26 11.04 14.16
C MET D 53 39.04 11.12 12.85
N PHE D 54 40.30 11.55 12.91
CA PHE D 54 41.11 11.61 11.70
C PHE D 54 41.50 10.20 11.25
N MET D 55 41.83 9.31 12.18
CA MET D 55 42.24 7.96 11.84
C MET D 55 41.08 7.08 11.40
N LYS D 56 39.84 7.48 11.70
CA LYS D 56 38.69 6.70 11.25
C LYS D 56 38.61 6.63 9.73
N ASN D 57 39.16 7.61 9.03
CA ASN D 57 39.18 7.65 7.58
C ASN D 57 40.59 7.48 7.02
N ALA D 58 41.41 6.67 7.67
CA ALA D 58 42.79 6.49 7.23
C ALA D 58 42.93 5.57 6.03
N HIS D 59 41.89 4.82 5.69
CA HIS D 59 41.95 3.82 4.63
C HIS D 59 41.62 4.38 3.26
N VAL D 60 41.29 5.66 3.15
CA VAL D 60 40.89 6.26 1.89
C VAL D 60 42.10 6.41 0.99
N THR D 61 41.92 6.10 -0.30
CA THR D 61 42.98 6.25 -1.28
C THR D 61 42.58 7.16 -2.45
N ASP D 62 41.36 7.67 -2.45
CA ASP D 62 40.90 8.54 -3.53
C ASP D 62 41.14 9.99 -3.12
N PRO D 63 41.91 10.76 -3.89
CA PRO D 63 42.11 12.18 -3.54
C PRO D 63 40.83 12.99 -3.49
N ARG D 64 39.83 12.65 -4.31
CA ARG D 64 38.56 13.38 -4.27
C ARG D 64 37.83 13.13 -2.96
N VAL D 65 37.83 11.89 -2.48
CA VAL D 65 37.17 11.58 -1.21
C VAL D 65 37.91 12.27 -0.06
N VAL D 66 39.24 12.27 -0.10
CA VAL D 66 40.02 12.97 0.92
C VAL D 66 39.72 14.45 0.88
N ASP D 67 39.56 15.02 -0.32
CA ASP D 67 39.22 16.43 -0.46
C ASP D 67 37.88 16.74 0.18
N LEU D 68 36.87 15.91 -0.10
CA LEU D 68 35.55 16.15 0.47
C LEU D 68 35.57 15.97 1.98
N LEU D 69 36.35 15.00 2.48
CA LEU D 69 36.49 14.83 3.92
C LEU D 69 37.14 16.05 4.57
N VAL D 70 38.16 16.61 3.92
CA VAL D 70 38.80 17.82 4.45
C VAL D 70 37.83 18.98 4.44
N ILE D 71 37.02 19.10 3.39
CA ILE D 71 36.03 20.17 3.32
C ILE D 71 35.01 20.05 4.45
N LYS D 72 34.52 18.84 4.70
CA LYS D 72 33.58 18.62 5.80
C LYS D 72 34.23 18.91 7.15
N GLY D 73 35.50 18.52 7.31
CA GLY D 73 36.20 18.84 8.55
C GLY D 73 36.39 20.33 8.76
N LYS D 74 36.63 21.06 7.66
CA LYS D 74 36.73 22.51 7.75
C LYS D 74 35.41 23.13 8.18
N MET D 75 34.30 22.64 7.63
CA MET D 75 33.00 23.14 8.08
C MET D 75 32.76 22.82 9.55
N GLU D 76 33.17 21.63 9.99
CA GLU D 76 33.01 21.28 11.40
C GLU D 76 33.82 22.22 12.30
N LEU D 77 35.06 22.51 11.91
CA LEU D 77 35.88 23.42 12.69
C LEU D 77 35.30 24.84 12.69
N GLU D 78 34.78 25.28 11.54
CA GLU D 78 34.17 26.61 11.49
C GLU D 78 32.92 26.68 12.35
N GLU D 79 32.16 25.59 12.42
CA GLU D 79 31.02 25.52 13.33
C GLU D 79 31.48 25.60 14.78
N THR D 80 32.57 24.91 15.12
CA THR D 80 33.05 24.88 16.49
C THR D 80 33.60 26.25 16.93
N ILE D 81 34.36 26.91 16.05
CA ILE D 81 35.06 28.13 16.44
C ILE D 81 34.07 29.27 16.64
N ASN D 82 33.06 29.36 15.80
CA ASN D 82 32.09 30.46 15.86
C ASN D 82 31.01 30.24 16.91
N VAL D 83 31.10 29.16 17.68
CA VAL D 83 30.15 28.84 18.75
C VAL D 83 28.75 28.68 18.14
N TRP D 84 28.69 28.23 16.89
CA TRP D 84 27.41 27.79 16.34
C TRP D 84 26.96 26.49 16.97
N LYS D 85 27.89 25.56 17.17
CA LYS D 85 27.62 24.36 17.94
C LYS D 85 27.39 24.71 19.40
N GLN D 86 26.77 23.78 20.12
CA GLN D 86 26.60 23.89 21.55
C GLN D 86 27.36 22.77 22.25
N ARG D 87 27.34 22.78 23.57
CA ARG D 87 28.05 21.77 24.33
C ARG D 87 27.54 20.38 23.99
N THR D 88 26.24 20.28 23.72
CA THR D 88 25.66 18.99 23.34
C THR D 88 26.26 18.48 22.03
N HIS D 89 26.38 19.36 21.03
CA HIS D 89 26.94 18.95 19.74
C HIS D 89 28.40 18.51 19.90
N ILE D 90 29.19 19.25 20.67
CA ILE D 90 30.58 18.90 20.86
C ILE D 90 30.71 17.57 21.60
N MET D 91 29.87 17.36 22.61
CA MET D 91 29.97 16.15 23.41
C MET D 91 29.33 14.94 22.75
N ARG D 92 28.61 15.11 21.63
CA ARG D 92 28.14 13.95 20.88
C ARG D 92 29.29 13.13 20.31
N PHE D 93 30.49 13.69 20.23
CA PHE D 93 31.64 12.95 19.71
C PHE D 93 32.10 11.85 20.64
N PHE D 94 31.60 11.81 21.88
CA PHE D 94 32.14 10.92 22.90
C PHE D 94 31.21 9.79 23.31
N HIS D 95 29.90 9.91 23.05
CA HIS D 95 28.92 8.87 23.32
C HIS D 95 28.98 8.42 24.79
N GLU D 96 28.87 9.40 25.68
CA GLU D 96 28.93 9.11 27.11
C GLU D 96 27.72 8.32 27.59
N THR D 97 26.55 8.55 27.01
CA THR D 97 25.32 7.92 27.44
C THR D 97 25.12 6.51 26.86
N GLU D 98 25.60 6.26 25.65
CA GLU D 98 25.38 5.00 24.96
C GLU D 98 26.07 3.86 25.70
N ALA D 99 25.34 2.78 25.92
CA ALA D 99 25.93 1.59 26.54
C ALA D 99 26.78 0.86 25.51
N PRO D 100 28.00 0.45 25.87
CA PRO D 100 28.88 -0.19 24.89
C PRO D 100 28.33 -1.52 24.42
N ARG D 101 28.32 -1.71 23.10
CA ARG D 101 27.83 -2.95 22.52
C ARG D 101 28.94 -3.99 22.49
N PRO D 102 28.73 -5.16 23.09
CA PRO D 102 29.77 -6.19 23.08
C PRO D 102 30.05 -6.71 21.68
N THR D 103 31.30 -7.11 21.46
CA THR D 103 31.78 -7.48 20.13
C THR D 103 32.02 -8.97 19.94
N ASP D 104 32.11 -9.75 21.01
CA ASP D 104 32.39 -11.16 20.87
C ASP D 104 31.11 -11.94 20.57
N PHE D 105 31.29 -13.16 20.06
CA PHE D 105 30.17 -13.95 19.57
C PHE D 105 29.20 -14.30 20.69
N LEU D 106 29.70 -14.71 21.85
CA LEU D 106 28.84 -15.23 22.91
C LEU D 106 27.89 -14.16 23.43
N SER D 107 28.38 -12.94 23.64
CA SER D 107 27.51 -11.87 24.14
C SER D 107 26.43 -11.52 23.12
N LYS D 108 26.79 -11.43 21.84
CA LYS D 108 25.80 -11.18 20.81
C LYS D 108 24.76 -12.29 20.78
N PHE D 109 25.19 -13.54 20.92
CA PHE D 109 24.26 -14.66 20.96
C PHE D 109 23.32 -14.56 22.16
N TYR D 110 23.84 -14.15 23.31
CA TYR D 110 23.01 -14.08 24.50
C TYR D 110 21.99 -12.95 24.41
N VAL D 111 22.38 -11.80 23.86
CA VAL D 111 21.47 -10.64 23.89
C VAL D 111 20.41 -10.75 22.80
N GLY D 112 20.75 -11.24 21.61
CA GLY D 112 19.77 -11.24 20.54
C GLY D 112 20.20 -11.87 19.22
N HIS D 113 19.68 -11.33 18.12
CA HIS D 113 19.88 -11.91 16.80
C HIS D 113 20.84 -11.14 15.92
N ASP D 114 21.17 -9.90 16.26
CA ASP D 114 22.02 -9.10 15.40
C ASP D 114 23.43 -9.70 15.33
N PRO D 115 24.02 -9.80 14.13
CA PRO D 115 25.40 -10.27 13.96
C PRO D 115 26.42 -9.34 14.60
N LEU E 1 46.69 -39.78 12.20
CA LEU E 1 46.88 -41.09 11.59
C LEU E 1 45.57 -41.69 11.11
N GLY E 2 44.61 -41.81 12.03
CA GLY E 2 43.33 -42.42 11.70
C GLY E 2 42.52 -41.63 10.70
N LEU E 3 42.43 -42.12 9.48
CA LEU E 3 41.63 -41.48 8.46
C LEU E 3 40.15 -41.74 8.71
N ARG E 4 39.32 -40.74 8.48
CA ARG E 4 37.88 -40.87 8.68
C ARG E 4 37.08 -40.75 7.40
N GLU E 5 37.39 -39.80 6.54
CA GLU E 5 36.73 -39.66 5.26
C GLU E 5 37.64 -38.88 4.33
N ILE E 6 37.42 -39.05 3.03
CA ILE E 6 38.13 -38.30 2.02
C ILE E 6 37.12 -37.74 1.02
N ARG E 7 37.42 -36.58 0.47
CA ARG E 7 36.56 -35.92 -0.51
C ARG E 7 37.36 -35.57 -1.75
N ILE E 8 36.84 -35.92 -2.91
CA ILE E 8 37.40 -35.48 -4.19
C ILE E 8 36.44 -34.47 -4.79
N HIS E 9 36.88 -33.22 -4.86
CA HIS E 9 36.11 -32.13 -5.47
C HIS E 9 36.69 -31.92 -6.86
N LEU E 10 35.99 -32.41 -7.88
CA LEU E 10 36.45 -32.29 -9.26
C LEU E 10 35.46 -31.48 -10.06
N CYS E 11 35.96 -30.60 -10.92
CA CYS E 11 35.11 -29.72 -11.71
C CYS E 11 34.73 -30.45 -13.00
N GLN E 12 33.45 -30.36 -13.37
CA GLN E 12 32.85 -31.24 -14.37
C GLN E 12 33.45 -31.13 -15.76
N ARG E 13 33.73 -29.92 -16.25
CA ARG E 13 34.14 -29.77 -17.63
C ARG E 13 35.44 -29.02 -17.83
N SER E 14 36.05 -28.49 -16.78
CA SER E 14 37.32 -27.79 -16.94
C SER E 14 38.41 -28.80 -17.33
N PRO E 15 39.35 -28.40 -18.18
CA PRO E 15 40.44 -29.32 -18.57
C PRO E 15 41.29 -29.78 -17.40
N GLY E 16 41.48 -28.92 -16.39
CA GLY E 16 42.35 -29.25 -15.27
C GLY E 16 41.87 -30.41 -14.44
N SER E 17 40.59 -30.77 -14.54
CA SER E 17 40.05 -31.91 -13.83
C SER E 17 39.99 -33.17 -14.70
N GLN E 18 40.40 -33.07 -15.96
CA GLN E 18 40.21 -34.16 -16.90
C GLN E 18 40.80 -35.47 -16.37
N GLY E 19 42.06 -35.44 -15.97
CA GLY E 19 42.68 -36.63 -15.41
C GLY E 19 41.90 -37.17 -14.22
N VAL E 20 41.49 -36.27 -13.31
CA VAL E 20 40.68 -36.70 -12.18
C VAL E 20 39.42 -37.40 -12.65
N ARG E 21 38.75 -36.81 -13.65
CA ARG E 21 37.58 -37.47 -14.21
C ARG E 21 37.91 -38.88 -14.65
N ASP E 22 39.02 -39.04 -15.37
CA ASP E 22 39.43 -40.37 -15.81
C ASP E 22 39.53 -41.33 -14.65
N PHE E 23 40.15 -40.89 -13.55
CA PHE E 23 40.22 -41.74 -12.36
C PHE E 23 38.84 -42.21 -11.97
N ILE E 24 37.90 -41.28 -11.82
CA ILE E 24 36.57 -41.63 -11.31
C ILE E 24 35.91 -42.63 -12.24
N GLU E 25 36.25 -42.58 -13.53
CA GLU E 25 35.58 -43.43 -14.50
C GLU E 25 36.41 -44.64 -14.89
N LYS E 26 37.60 -44.82 -14.31
CA LYS E 26 38.39 -46.01 -14.59
C LYS E 26 38.61 -46.87 -13.34
N ARG E 27 39.12 -46.29 -12.26
CA ARG E 27 39.62 -47.09 -11.15
C ARG E 27 39.09 -46.62 -9.79
N TYR E 28 38.01 -45.86 -9.77
CA TYR E 28 37.37 -45.57 -8.49
C TYR E 28 36.72 -46.82 -7.90
N VAL E 29 36.04 -47.61 -8.73
CA VAL E 29 35.31 -48.78 -8.25
C VAL E 29 36.25 -49.73 -7.53
N GLU E 30 37.38 -50.07 -8.15
CA GLU E 30 38.37 -50.92 -7.50
C GLU E 30 38.75 -50.34 -6.13
N LEU E 31 38.99 -49.03 -6.08
CA LEU E 31 39.32 -48.40 -4.80
C LEU E 31 38.19 -48.59 -3.80
N LYS E 32 36.94 -48.39 -4.24
CA LYS E 32 35.82 -48.61 -3.34
C LYS E 32 35.71 -50.07 -2.93
N LYS E 33 36.16 -50.98 -3.79
CA LYS E 33 36.23 -52.38 -3.40
C LYS E 33 37.27 -52.58 -2.30
N ALA E 34 38.39 -51.88 -2.39
CA ALA E 34 39.48 -52.08 -1.44
C ALA E 34 39.16 -51.45 -0.08
N ASN E 35 38.36 -50.39 -0.06
CA ASN E 35 38.02 -49.67 1.18
C ASN E 35 36.51 -49.60 1.30
N PRO E 36 35.85 -50.73 1.61
CA PRO E 36 34.38 -50.75 1.59
C PRO E 36 33.74 -49.99 2.74
N ASP E 37 34.52 -49.42 3.66
CA ASP E 37 33.99 -48.75 4.83
C ASP E 37 34.52 -47.33 4.98
N LEU E 38 35.27 -46.82 4.00
CA LEU E 38 35.82 -45.48 4.07
C LEU E 38 34.98 -44.56 3.21
N PRO E 39 34.36 -43.52 3.79
CA PRO E 39 33.63 -42.55 2.96
C PRO E 39 34.54 -41.83 1.97
N ILE E 40 34.22 -41.93 0.69
CA ILE E 40 34.97 -41.28 -0.38
C ILE E 40 33.98 -40.44 -1.18
N LEU E 41 33.78 -39.20 -0.75
CA LEU E 41 32.71 -38.36 -1.29
C LEU E 41 33.18 -37.66 -2.56
N ILE E 42 32.51 -37.94 -3.67
CA ILE E 42 32.81 -37.34 -4.96
C ILE E 42 31.86 -36.17 -5.14
N ARG E 43 32.41 -34.96 -5.22
CA ARG E 43 31.60 -33.75 -5.33
C ARG E 43 32.08 -32.89 -6.49
N GLU E 44 31.17 -32.04 -6.96
CA GLU E 44 31.35 -31.28 -8.19
C GLU E 44 31.85 -29.87 -7.86
N CYS E 45 33.01 -29.54 -8.40
CA CYS E 45 33.68 -28.27 -8.19
C CYS E 45 33.16 -27.21 -9.16
N SER E 46 33.43 -25.96 -8.82
CA SER E 46 33.04 -24.81 -9.63
C SER E 46 34.01 -24.62 -10.79
N ASP E 47 34.01 -23.44 -11.39
CA ASP E 47 34.99 -23.21 -12.43
C ASP E 47 36.41 -22.98 -11.90
N VAL E 48 36.75 -23.21 -10.62
CA VAL E 48 38.03 -22.75 -10.10
C VAL E 48 39.12 -23.81 -10.22
N GLN E 49 39.03 -24.91 -9.46
CA GLN E 49 40.17 -25.80 -9.27
C GLN E 49 39.75 -27.15 -8.67
N PRO E 50 40.34 -28.25 -9.11
CA PRO E 50 40.09 -29.54 -8.46
C PRO E 50 41.03 -29.77 -7.29
N LYS E 51 40.52 -30.45 -6.27
CA LYS E 51 41.33 -30.71 -5.09
C LYS E 51 40.76 -31.89 -4.32
N LEU E 52 41.59 -32.44 -3.44
CA LEU E 52 41.26 -33.62 -2.65
C LEU E 52 41.38 -33.26 -1.18
N TRP E 53 40.38 -33.65 -0.40
CA TRP E 53 40.34 -33.40 1.03
C TRP E 53 40.51 -34.72 1.79
N ALA E 54 41.22 -34.65 2.91
CA ALA E 54 41.45 -35.81 3.75
C ALA E 54 41.24 -35.39 5.20
N ARG E 55 40.34 -36.09 5.88
CA ARG E 55 39.99 -35.77 7.27
C ARG E 55 40.48 -36.87 8.19
N TYR E 56 41.09 -36.48 9.30
CA TYR E 56 41.62 -37.41 10.27
C TYR E 56 40.85 -37.30 11.58
N ALA E 57 41.30 -38.01 12.60
CA ALA E 57 40.59 -38.03 13.87
C ALA E 57 40.60 -36.65 14.52
N PHE E 58 39.53 -36.36 15.26
CA PHE E 58 39.35 -35.10 15.97
C PHE E 58 39.29 -33.91 15.02
N GLY E 59 38.76 -34.13 13.81
CA GLY E 59 38.38 -33.06 12.92
C GLY E 59 39.50 -32.42 12.13
N GLN E 60 40.74 -32.87 12.28
CA GLN E 60 41.85 -32.29 11.53
C GLN E 60 41.78 -32.78 10.09
N GLU E 61 41.90 -31.85 9.14
CA GLU E 61 41.83 -32.21 7.75
C GLU E 61 42.77 -31.33 6.93
N LYS E 62 43.22 -31.87 5.80
CA LYS E 62 44.13 -31.17 4.89
C LYS E 62 43.71 -31.45 3.45
N ASN E 63 44.06 -30.52 2.57
CA ASN E 63 43.69 -30.61 1.16
C ASN E 63 44.93 -30.51 0.29
N VAL E 64 44.88 -31.20 -0.85
CA VAL E 64 45.94 -31.16 -1.86
C VAL E 64 45.32 -30.81 -3.21
N SER E 65 46.01 -29.96 -3.97
CA SER E 65 45.53 -29.61 -5.29
C SER E 65 45.73 -30.77 -6.27
N LEU E 66 44.82 -30.88 -7.23
CA LEU E 66 44.88 -31.91 -8.25
C LEU E 66 44.85 -31.31 -9.65
N ASN E 67 45.27 -30.07 -9.78
CA ASN E 67 45.16 -29.36 -11.06
C ASN E 67 46.10 -29.95 -12.08
N ASN E 68 45.57 -30.24 -13.28
CA ASN E 68 46.35 -30.74 -14.41
C ASN E 68 47.07 -32.04 -14.07
N PHE E 69 46.52 -32.80 -13.12
CA PHE E 69 47.08 -34.10 -12.81
C PHE E 69 46.63 -35.11 -13.87
N SER E 70 47.16 -36.32 -13.77
CA SER E 70 46.74 -37.44 -14.60
C SER E 70 46.11 -38.50 -13.71
N ALA E 71 45.59 -39.56 -14.34
CA ALA E 71 45.02 -40.67 -13.56
C ALA E 71 46.07 -41.29 -12.66
N ASP E 72 47.28 -41.48 -13.18
CA ASP E 72 48.37 -42.04 -12.38
C ASP E 72 48.72 -41.11 -11.22
N GLN E 73 48.78 -39.80 -11.48
CA GLN E 73 49.10 -38.86 -10.41
C GLN E 73 48.06 -38.88 -9.32
N VAL E 74 46.77 -38.93 -9.70
CA VAL E 74 45.72 -38.88 -8.69
C VAL E 74 45.67 -40.17 -7.89
N THR E 75 45.88 -41.33 -8.53
CA THR E 75 45.90 -42.55 -7.72
C THR E 75 47.14 -42.58 -6.82
N ARG E 76 48.26 -42.00 -7.29
CA ARG E 76 49.45 -41.94 -6.44
C ARG E 76 49.20 -41.09 -5.20
N THR E 77 48.63 -39.89 -5.37
CA THR E 77 48.39 -39.05 -4.20
C THR E 77 47.31 -39.64 -3.31
N LEU E 78 46.32 -40.30 -3.90
CA LEU E 78 45.29 -40.95 -3.09
C LEU E 78 45.87 -42.08 -2.24
N GLU E 79 46.77 -42.88 -2.82
CA GLU E 79 47.38 -43.95 -2.06
C GLU E 79 48.38 -43.42 -1.04
N ASN E 80 49.01 -42.28 -1.32
CA ASN E 80 49.83 -41.62 -0.30
C ASN E 80 48.98 -41.17 0.88
N VAL E 81 47.80 -40.62 0.59
CA VAL E 81 46.88 -40.22 1.67
C VAL E 81 46.43 -41.43 2.45
N LEU E 82 46.07 -42.52 1.75
CA LEU E 82 45.53 -43.69 2.41
C LEU E 82 46.55 -44.33 3.36
N SER E 83 47.79 -44.45 2.92
CA SER E 83 48.83 -45.03 3.74
C SER E 83 49.47 -43.97 4.63
N GLY E 84 50.22 -44.42 5.62
CA GLY E 84 50.92 -43.52 6.51
C GLY E 84 52.18 -42.94 5.87
N LYS E 85 52.03 -42.40 4.66
CA LYS E 85 53.13 -41.83 3.90
C LYS E 85 52.69 -40.45 3.41
N ALA E 86 52.89 -39.44 4.26
CA ALA E 86 52.51 -38.06 3.96
C ALA E 86 51.03 -37.95 3.58
N SER F 1 68.74 44.72 27.39
CA SER F 1 68.71 44.26 26.01
C SER F 1 67.65 43.18 25.81
N ASP F 2 67.66 42.58 24.63
CA ASP F 2 66.72 41.51 24.30
C ASP F 2 67.34 40.16 24.65
N ALA F 3 66.76 39.09 24.14
CA ALA F 3 67.25 37.75 24.43
C ALA F 3 68.72 37.62 24.01
N PRO F 4 69.52 36.84 24.72
CA PRO F 4 70.96 36.77 24.44
C PRO F 4 71.23 36.19 23.07
N PRO F 5 72.49 36.21 22.60
CA PRO F 5 72.80 35.65 21.29
C PRO F 5 72.66 34.13 21.26
N LEU F 6 71.42 33.68 21.08
CA LEU F 6 71.11 32.25 21.05
C LEU F 6 72.06 31.50 20.13
N THR F 7 72.63 30.42 20.63
CA THR F 7 73.65 29.64 19.95
C THR F 7 73.07 28.30 19.50
N LEU F 8 73.88 27.55 18.75
CA LEU F 8 73.45 26.23 18.28
C LEU F 8 73.23 25.29 19.46
N GLU F 9 74.08 25.39 20.48
CA GLU F 9 73.94 24.51 21.64
C GLU F 9 72.60 24.70 22.32
N ALA F 10 72.21 25.95 22.57
CA ALA F 10 70.94 26.21 23.25
C ALA F 10 69.76 25.72 22.43
N ILE F 11 69.82 25.92 21.11
CA ILE F 11 68.77 25.40 20.23
C ILE F 11 68.67 23.89 20.37
N LYS F 12 69.81 23.21 20.37
CA LYS F 12 69.81 21.75 20.50
C LYS F 12 69.22 21.32 21.84
N ASP F 13 69.62 21.99 22.93
CA ASP F 13 69.10 21.61 24.24
C ASP F 13 67.60 21.84 24.32
N ARG F 14 67.09 22.95 23.77
CA ARG F 14 65.65 23.20 23.88
C ARG F 14 64.86 22.26 22.97
N VAL F 15 65.39 21.90 21.80
CA VAL F 15 64.71 20.92 20.96
C VAL F 15 64.64 19.58 21.68
N LEU F 16 65.74 19.15 22.30
CA LEU F 16 65.71 17.90 23.04
C LEU F 16 64.80 17.99 24.26
N TYR F 17 64.73 19.16 24.88
CA TYR F 17 63.83 19.38 26.01
C TYR F 17 62.38 19.19 25.57
N VAL F 18 62.03 19.72 24.40
CA VAL F 18 60.69 19.53 23.87
C VAL F 18 60.42 18.06 23.58
N LEU F 19 61.39 17.38 22.96
CA LEU F 19 61.18 15.99 22.59
C LEU F 19 61.00 15.08 23.81
N LYS F 20 61.81 15.29 24.85
CA LYS F 20 61.75 14.37 25.98
C LYS F 20 60.45 14.54 26.75
N LEU F 21 59.81 15.70 26.63
CA LEU F 21 58.51 15.95 27.24
C LEU F 21 57.36 15.36 26.43
N TYR F 22 57.63 14.92 25.21
CA TYR F 22 56.63 14.27 24.38
C TYR F 22 56.42 12.86 24.90
N ASP F 23 55.18 12.54 25.26
CA ASP F 23 54.86 11.29 25.94
C ASP F 23 54.79 10.10 25.00
N LYS F 24 55.25 10.24 23.76
CA LYS F 24 55.29 9.13 22.83
C LYS F 24 56.70 8.77 22.38
N ILE F 25 57.73 9.39 22.96
CA ILE F 25 59.12 9.13 22.61
C ILE F 25 59.84 8.70 23.88
N ASP F 26 60.51 7.56 23.83
CA ASP F 26 61.25 7.07 24.98
C ASP F 26 62.53 7.87 25.17
N PRO F 27 62.78 8.43 26.36
CA PRO F 27 63.89 9.38 26.52
C PRO F 27 65.26 8.83 26.17
N GLU F 28 65.56 7.59 26.56
CA GLU F 28 66.90 7.05 26.32
C GLU F 28 67.10 6.55 24.89
N LYS F 29 66.03 6.13 24.22
CA LYS F 29 66.11 5.77 22.81
C LYS F 29 66.32 6.99 21.91
N LEU F 30 66.11 8.19 22.43
CA LEU F 30 66.17 9.40 21.63
C LEU F 30 67.60 9.89 21.48
N SER F 31 67.97 10.25 20.25
CA SER F 31 69.28 10.81 19.95
C SER F 31 69.11 11.96 18.98
N VAL F 32 70.20 12.70 18.76
CA VAL F 32 70.15 13.87 17.88
C VAL F 32 69.93 13.49 16.43
N ASN F 33 70.24 12.26 16.04
CA ASN F 33 70.01 11.77 14.68
C ASN F 33 68.94 10.69 14.64
N SER F 34 68.08 10.63 15.65
CA SER F 34 67.04 9.60 15.71
C SER F 34 65.92 9.94 14.73
N HIS F 35 65.66 9.06 13.78
CA HIS F 35 64.59 9.28 12.82
C HIS F 35 63.24 9.09 13.49
N PHE F 36 62.33 10.03 13.26
CA PHE F 36 61.03 9.98 13.91
C PHE F 36 60.23 8.77 13.43
N MET F 37 60.44 8.34 12.19
CA MET F 37 59.63 7.26 11.62
C MET F 37 60.25 5.89 11.87
N LYS F 38 61.55 5.73 11.58
CA LYS F 38 62.14 4.40 11.67
C LYS F 38 62.85 4.14 13.00
N ASP F 39 63.24 5.21 13.72
CA ASP F 39 63.91 5.03 14.99
C ASP F 39 62.99 5.21 16.19
N LEU F 40 61.88 5.93 16.04
CA LEU F 40 60.88 6.05 17.08
C LEU F 40 59.55 5.38 16.74
N GLY F 41 59.34 5.02 15.48
CA GLY F 41 58.09 4.37 15.07
C GLY F 41 56.87 5.25 15.18
N LEU F 42 56.97 6.52 14.80
CA LEU F 42 55.85 7.44 14.79
C LEU F 42 55.40 7.70 13.36
N ASP F 43 54.12 8.03 13.21
CA ASP F 43 53.56 8.37 11.91
C ASP F 43 53.51 9.88 11.72
N SER F 44 52.87 10.32 10.64
CA SER F 44 52.98 11.71 10.22
C SER F 44 52.28 12.67 11.19
N LEU F 45 51.20 12.23 11.84
CA LEU F 45 50.48 13.13 12.74
C LEU F 45 51.30 13.43 13.99
N ASP F 46 52.04 12.43 14.49
CA ASP F 46 52.96 12.68 15.59
C ASP F 46 54.06 13.66 15.18
N GLN F 47 54.57 13.52 13.96
CA GLN F 47 55.56 14.49 13.47
C GLN F 47 54.96 15.88 13.41
N VAL F 48 53.70 15.99 12.99
CA VAL F 48 53.01 17.27 12.96
C VAL F 48 52.93 17.87 14.36
N GLU F 49 52.59 17.04 15.36
CA GLU F 49 52.53 17.52 16.73
C GLU F 49 53.90 17.99 17.21
N ILE F 50 54.96 17.27 16.86
CA ILE F 50 56.31 17.66 17.25
C ILE F 50 56.69 19.01 16.63
N ILE F 51 56.35 19.20 15.35
CA ILE F 51 56.65 20.48 14.70
C ILE F 51 55.86 21.61 15.35
N MET F 52 54.62 21.33 15.76
CA MET F 52 53.84 22.35 16.46
C MET F 52 54.45 22.67 17.82
N ALA F 53 55.02 21.66 18.49
CA ALA F 53 55.72 21.92 19.74
C ALA F 53 56.93 22.80 19.52
N MET F 54 57.68 22.56 18.44
CA MET F 54 58.75 23.50 18.07
C MET F 54 58.19 24.89 17.81
N GLU F 55 57.05 24.97 17.13
CA GLU F 55 56.51 26.25 16.73
C GLU F 55 56.13 27.10 17.94
N ASP F 56 55.52 26.48 18.95
CA ASP F 56 55.16 27.24 20.13
C ASP F 56 56.27 27.29 21.17
N GLU F 57 57.38 26.58 20.96
CA GLU F 57 58.55 26.79 21.81
C GLU F 57 59.40 27.95 21.30
N PHE F 58 59.79 27.91 20.03
CA PHE F 58 60.64 28.95 19.45
C PHE F 58 59.85 30.19 19.00
N GLY F 59 58.54 30.09 18.89
CA GLY F 59 57.72 31.26 18.64
C GLY F 59 57.77 31.82 17.24
N PHE F 60 57.99 30.97 16.23
CA PHE F 60 57.93 31.41 14.84
C PHE F 60 57.17 30.39 14.00
N GLU F 61 56.33 30.90 13.12
CA GLU F 61 55.49 30.05 12.29
C GLU F 61 56.33 29.23 11.33
N ILE F 62 56.07 27.93 11.27
CA ILE F 62 56.77 27.00 10.39
C ILE F 62 55.74 26.45 9.39
N PRO F 63 55.68 26.97 8.18
CA PRO F 63 54.70 26.48 7.21
C PRO F 63 55.11 25.13 6.65
N ASP F 64 54.14 24.46 6.03
CA ASP F 64 54.46 23.23 5.29
C ASP F 64 55.43 23.54 4.16
N ILE F 65 55.99 22.49 3.57
CA ILE F 65 57.16 22.58 2.70
C ILE F 65 58.33 23.05 3.56
N ASP F 66 59.48 22.36 3.44
CA ASP F 66 60.68 22.45 4.27
C ASP F 66 60.35 22.26 5.75
N ALA F 67 59.13 21.88 6.09
CA ALA F 67 58.76 21.40 7.41
C ALA F 67 58.28 19.96 7.40
N GLU F 68 57.73 19.50 6.27
CA GLU F 68 57.45 18.07 6.12
C GLU F 68 58.74 17.26 6.15
N LYS F 69 59.83 17.84 5.66
CA LYS F 69 61.14 17.18 5.66
C LYS F 69 61.98 17.54 6.89
N LEU F 70 61.40 17.40 8.08
CA LEU F 70 62.13 17.52 9.34
C LEU F 70 61.96 16.21 10.09
N MET F 71 62.80 15.23 9.77
CA MET F 71 62.62 13.85 10.21
C MET F 71 63.50 13.49 11.40
N CYS F 72 64.35 14.40 11.85
CA CYS F 72 65.27 14.14 12.95
C CYS F 72 65.42 15.40 13.77
N PRO F 73 65.86 15.29 15.03
CA PRO F 73 66.18 16.51 15.79
C PRO F 73 67.25 17.35 15.12
N GLN F 74 68.21 16.70 14.45
CA GLN F 74 69.31 17.44 13.83
C GLN F 74 68.80 18.36 12.73
N GLU F 75 67.94 17.85 11.84
CA GLU F 75 67.39 18.68 10.77
C GLU F 75 66.54 19.82 11.33
N ILE F 76 65.84 19.58 12.42
CA ILE F 76 65.11 20.68 13.07
C ILE F 76 66.10 21.74 13.56
N VAL F 77 67.24 21.30 14.09
CA VAL F 77 68.26 22.25 14.55
C VAL F 77 68.78 23.08 13.37
N ASP F 78 69.09 22.43 12.24
CA ASP F 78 69.57 23.21 11.10
C ASP F 78 68.49 24.15 10.57
N TYR F 79 67.24 23.71 10.55
CA TYR F 79 66.16 24.58 10.09
C TYR F 79 66.06 25.82 10.97
N ILE F 80 66.08 25.63 12.29
CA ILE F 80 65.96 26.77 13.19
C ILE F 80 67.18 27.68 13.06
N ALA F 81 68.38 27.10 12.93
CA ALA F 81 69.57 27.91 12.77
C ALA F 81 69.53 28.74 11.50
N ASP F 82 69.09 28.14 10.40
CA ASP F 82 68.98 28.89 9.14
C ASP F 82 67.92 29.98 9.25
N LYS F 83 66.80 29.68 9.93
CA LYS F 83 65.76 30.70 10.09
C LYS F 83 66.27 31.87 10.94
N LYS F 84 67.02 31.59 12.00
CA LYS F 84 67.52 32.61 12.90
C LYS F 84 68.93 33.09 12.55
N ASP F 85 69.55 32.52 11.52
CA ASP F 85 70.90 32.89 11.08
C ASP F 85 71.91 32.72 12.22
N VAL F 86 71.86 31.55 12.85
CA VAL F 86 72.75 31.20 13.95
C VAL F 86 73.84 30.29 13.39
N TYR F 87 75.10 30.67 13.60
CA TYR F 87 76.23 29.93 13.05
C TYR F 87 77.13 29.32 14.13
N GLU F 88 77.25 29.95 15.29
CA GLU F 88 78.13 29.44 16.34
C GLU F 88 77.63 28.10 16.88
N LEU G 1 13.67 66.15 -19.23
CA LEU G 1 12.22 66.36 -19.27
C LEU G 1 11.53 65.37 -18.34
N LYS G 2 11.92 64.11 -18.42
CA LYS G 2 11.38 63.07 -17.55
C LYS G 2 12.08 63.11 -16.20
N LYS G 3 11.31 62.83 -15.15
CA LYS G 3 11.85 62.68 -13.80
C LYS G 3 11.25 61.43 -13.16
N THR G 4 11.99 60.84 -12.23
CA THR G 4 11.52 59.68 -11.47
C THR G 4 11.09 58.54 -12.39
N THR G 5 12.09 57.96 -13.06
CA THR G 5 11.90 56.86 -13.99
C THR G 5 11.00 55.75 -13.43
N GLY G 6 10.89 55.66 -12.11
CA GLY G 6 9.95 54.77 -11.43
C GLY G 6 10.59 53.55 -10.83
N LEU G 7 11.82 53.22 -11.25
CA LEU G 7 12.55 52.08 -10.71
C LEU G 7 13.63 52.57 -9.77
N VAL G 8 13.63 52.03 -8.55
CA VAL G 8 14.61 52.45 -7.55
C VAL G 8 16.00 52.02 -7.98
N GLY G 9 16.95 52.94 -7.94
CA GLY G 9 18.31 52.67 -8.34
C GLY G 9 18.61 52.88 -9.80
N LEU G 10 17.60 53.20 -10.61
CA LEU G 10 17.77 53.55 -12.00
C LEU G 10 17.66 55.06 -12.15
N ALA G 11 18.63 55.66 -12.81
CA ALA G 11 18.71 57.12 -12.92
C ALA G 11 18.19 57.57 -14.28
N VAL G 12 17.48 58.70 -14.27
CA VAL G 12 17.02 59.31 -15.52
C VAL G 12 18.23 59.71 -16.34
N CYS G 13 18.21 59.38 -17.63
CA CYS G 13 19.30 59.71 -18.53
C CYS G 13 18.86 60.82 -19.47
N GLU G 14 19.56 61.94 -19.42
CA GLU G 14 19.47 62.93 -20.49
C GLU G 14 20.41 62.54 -21.61
N THR G 15 20.05 62.93 -22.82
CA THR G 15 20.76 62.53 -24.03
C THR G 15 20.85 61.00 -24.16
N PRO G 16 19.71 60.30 -24.25
CA PRO G 16 19.77 58.84 -24.37
C PRO G 16 20.03 58.33 -25.78
N HIS G 17 19.72 59.10 -26.82
CA HIS G 17 19.98 58.64 -28.18
C HIS G 17 21.47 58.43 -28.43
N GLU G 18 22.30 59.39 -28.03
CA GLU G 18 23.74 59.25 -28.23
C GLU G 18 24.32 58.12 -27.39
N ARG G 19 23.83 57.95 -26.16
CA ARG G 19 24.27 56.81 -25.36
C ARG G 19 23.93 55.50 -26.04
N LEU G 20 22.71 55.38 -26.58
CA LEU G 20 22.32 54.16 -27.28
C LEU G 20 23.18 53.93 -28.52
N LYS G 21 23.46 54.99 -29.27
CA LYS G 21 24.30 54.86 -30.46
C LYS G 21 25.70 54.37 -30.08
N ILE G 22 26.27 54.95 -29.02
CA ILE G 22 27.60 54.52 -28.57
C ILE G 22 27.58 53.05 -28.17
N LEU G 23 26.56 52.65 -27.40
CA LEU G 23 26.52 51.28 -26.92
C LEU G 23 26.33 50.28 -28.06
N TYR G 24 25.45 50.59 -29.01
CA TYR G 24 25.24 49.67 -30.13
C TYR G 24 26.46 49.58 -31.02
N THR G 25 27.14 50.70 -31.26
CA THR G 25 28.37 50.66 -32.05
C THR G 25 29.44 49.84 -31.35
N LYS G 26 29.56 49.97 -30.03
CA LYS G 26 30.51 49.14 -29.28
C LYS G 26 30.15 47.68 -29.38
N ILE G 27 28.85 47.35 -29.29
CA ILE G 27 28.42 45.97 -29.40
C ILE G 27 28.80 45.39 -30.76
N LEU G 28 28.57 46.17 -31.82
CA LEU G 28 28.92 45.70 -33.15
C LEU G 28 30.44 45.51 -33.29
N ASP G 29 31.22 46.43 -32.73
CA ASP G 29 32.67 46.30 -32.81
C ASP G 29 33.15 45.05 -32.09
N VAL G 30 32.57 44.75 -30.93
CA VAL G 30 32.93 43.52 -30.22
C VAL G 30 32.52 42.30 -31.03
N LEU G 31 31.32 42.32 -31.62
CA LEU G 31 30.85 41.20 -32.43
C LEU G 31 31.70 40.98 -33.66
N GLY G 32 32.38 42.02 -34.15
CA GLY G 32 33.25 41.85 -35.30
C GLY G 32 34.39 40.88 -35.09
N GLN G 33 34.74 40.59 -33.84
CA GLN G 33 35.80 39.64 -33.52
C GLN G 33 35.32 38.19 -33.49
N ILE G 34 34.02 37.97 -33.62
CA ILE G 34 33.45 36.62 -33.53
C ILE G 34 33.36 36.06 -34.95
N PRO G 35 33.59 34.76 -35.15
CA PRO G 35 33.53 34.20 -36.51
C PRO G 35 32.17 34.43 -37.16
N LYS G 36 32.21 34.64 -38.48
CA LYS G 36 30.99 34.98 -39.20
C LYS G 36 29.96 33.86 -39.18
N ASN G 37 30.41 32.61 -39.04
CA ASN G 37 29.49 31.48 -39.06
C ASN G 37 28.77 31.28 -37.73
N ALA G 38 29.19 31.94 -36.66
CA ALA G 38 28.57 31.74 -35.36
C ALA G 38 27.16 32.29 -35.37
N ALA G 39 26.20 31.48 -34.91
CA ALA G 39 24.80 31.92 -34.88
C ALA G 39 24.61 33.08 -33.92
N TYR G 40 25.36 33.10 -32.81
CA TYR G 40 25.24 34.20 -31.86
C TYR G 40 25.53 35.53 -32.53
N ARG G 41 26.63 35.60 -33.29
CA ARG G 41 27.03 36.86 -33.90
C ARG G 41 25.97 37.35 -34.88
N LYS G 42 25.52 36.49 -35.79
CA LYS G 42 24.54 36.93 -36.78
C LYS G 42 23.23 37.34 -36.13
N TYR G 43 22.76 36.57 -35.14
CA TYR G 43 21.49 36.89 -34.50
C TYR G 43 21.55 38.22 -33.76
N THR G 44 22.57 38.41 -32.92
CA THR G 44 22.60 39.64 -32.14
C THR G 44 23.03 40.83 -32.98
N GLU G 45 23.81 40.62 -34.05
CA GLU G 45 24.06 41.71 -34.99
C GLU G 45 22.77 42.14 -35.66
N GLN G 46 21.92 41.17 -36.03
CA GLN G 46 20.63 41.51 -36.63
C GLN G 46 19.80 42.37 -35.68
N ILE G 47 19.61 41.91 -34.44
CA ILE G 47 18.73 42.64 -33.53
C ILE G 47 19.35 44.00 -33.16
N THR G 48 20.67 44.06 -33.01
CA THR G 48 21.34 45.33 -32.73
C THR G 48 21.17 46.30 -33.89
N ASN G 49 21.27 45.82 -35.12
CA ASN G 49 21.10 46.70 -36.26
C ASN G 49 19.67 47.23 -36.34
N GLU G 50 18.67 46.39 -36.05
CA GLU G 50 17.30 46.91 -36.03
C GLU G 50 17.14 48.00 -34.97
N LYS G 51 17.65 47.75 -33.76
CA LYS G 51 17.49 48.75 -32.71
C LYS G 51 18.23 50.04 -33.05
N LEU G 52 19.44 49.94 -33.60
CA LEU G 52 20.19 51.13 -33.99
C LEU G 52 19.48 51.90 -35.09
N GLY G 53 18.91 51.19 -36.06
CA GLY G 53 18.18 51.87 -37.12
C GLY G 53 16.97 52.60 -36.60
N MET G 54 16.23 51.98 -35.67
CA MET G 54 15.07 52.66 -35.10
C MET G 54 15.49 53.85 -34.24
N VAL G 55 16.63 53.75 -33.56
CA VAL G 55 17.11 54.89 -32.77
C VAL G 55 17.52 56.04 -33.67
N LYS G 56 18.17 55.74 -34.80
CA LYS G 56 18.66 56.78 -35.70
C LYS G 56 17.54 57.53 -36.41
N ALA G 57 16.34 56.96 -36.49
CA ALA G 57 15.26 57.53 -37.28
C ALA G 57 14.14 58.13 -36.43
N GLU G 58 14.34 58.27 -35.13
CA GLU G 58 13.28 58.75 -34.26
C GLU G 58 13.82 59.75 -33.25
N PRO G 59 13.62 61.05 -33.46
CA PRO G 59 14.12 62.03 -32.49
C PRO G 59 13.30 62.10 -31.22
N ASP G 60 12.05 61.67 -31.24
CA ASP G 60 11.21 61.69 -30.05
C ASP G 60 11.58 60.54 -29.12
N VAL G 61 11.51 60.79 -27.81
CA VAL G 61 11.90 59.77 -26.84
C VAL G 61 10.76 58.80 -26.59
N LYS G 62 9.54 59.30 -26.39
CA LYS G 62 8.41 58.42 -26.12
C LYS G 62 8.08 57.55 -27.33
N LYS G 63 8.14 58.12 -28.53
CA LYS G 63 7.91 57.33 -29.74
C LYS G 63 8.99 56.26 -29.89
N LEU G 64 10.24 56.60 -29.58
CA LEU G 64 11.30 55.61 -29.62
C LEU G 64 11.07 54.50 -28.61
N GLU G 65 10.60 54.85 -27.41
CA GLU G 65 10.31 53.84 -26.40
C GLU G 65 9.20 52.91 -26.86
N GLU G 66 8.16 53.47 -27.48
CA GLU G 66 7.06 52.64 -27.98
C GLU G 66 7.51 51.75 -29.13
N GLN G 67 8.37 52.25 -30.02
CA GLN G 67 8.85 51.44 -31.13
C GLN G 67 9.78 50.33 -30.66
N LEU G 68 10.69 50.65 -29.73
CA LEU G 68 11.68 49.69 -29.26
C LEU G 68 11.06 48.52 -28.52
N GLN G 69 9.84 48.68 -27.98
CA GLN G 69 9.23 47.71 -27.07
C GLN G 69 10.14 47.44 -25.87
N GLY G 70 10.93 48.44 -25.48
CA GLY G 70 11.97 48.23 -24.48
C GLY G 70 11.62 48.64 -23.07
N GLY G 71 10.53 49.37 -22.88
CA GLY G 71 10.14 49.66 -21.51
C GLY G 71 10.99 50.66 -20.76
N GLN G 72 10.80 51.97 -20.95
CA GLN G 72 11.57 52.97 -20.22
C GLN G 72 13.03 52.98 -20.64
N ILE G 73 13.31 53.68 -21.74
CA ILE G 73 14.56 53.64 -22.51
C ILE G 73 15.82 53.61 -21.65
N GLU G 74 15.74 54.11 -20.41
CA GLU G 74 16.84 53.86 -19.47
C GLU G 74 17.10 52.37 -19.33
N GLU G 75 16.03 51.57 -19.26
CA GLU G 75 16.20 50.12 -19.25
C GLU G 75 16.74 49.60 -20.58
N VAL G 76 16.45 50.28 -21.69
CA VAL G 76 17.03 49.89 -22.97
C VAL G 76 18.54 50.12 -22.94
N ILE G 77 18.99 51.22 -22.34
CA ILE G 77 20.42 51.46 -22.16
C ILE G 77 21.04 50.38 -21.28
N LEU G 78 20.35 50.04 -20.19
CA LEU G 78 20.86 48.99 -19.30
C LEU G 78 20.96 47.65 -20.04
N GLN G 79 19.98 47.35 -20.88
CA GLN G 79 20.01 46.10 -21.64
C GLN G 79 21.13 46.12 -22.68
N ALA G 80 21.39 47.27 -23.29
CA ALA G 80 22.52 47.38 -24.21
C ALA G 80 23.83 47.13 -23.48
N GLU G 81 23.98 47.67 -22.27
CA GLU G 81 25.18 47.42 -21.47
C GLU G 81 25.31 45.93 -21.13
N ASN G 82 24.21 45.30 -20.73
CA ASN G 82 24.24 43.87 -20.43
C ASN G 82 24.63 43.06 -21.65
N GLU G 83 24.09 43.43 -22.82
CA GLU G 83 24.42 42.73 -24.05
C GLU G 83 25.89 42.90 -24.42
N LEU G 84 26.45 44.09 -24.22
CA LEU G 84 27.87 44.29 -24.48
C LEU G 84 28.74 43.42 -23.57
N SER G 85 28.39 43.38 -22.28
CA SER G 85 29.14 42.51 -21.36
C SER G 85 29.02 41.05 -21.79
N LEU G 86 27.81 40.61 -22.16
CA LEU G 86 27.62 39.24 -22.60
C LEU G 86 28.43 38.96 -23.86
N ALA G 87 28.49 39.92 -24.79
CA ALA G 87 29.24 39.71 -26.01
C ALA G 87 30.71 39.51 -25.73
N ARG G 88 31.27 40.32 -24.82
CA ARG G 88 32.67 40.11 -24.45
C ARG G 88 32.88 38.73 -23.83
N LYS G 89 31.97 38.33 -22.93
CA LYS G 89 32.09 37.03 -22.30
C LYS G 89 31.98 35.90 -23.33
N MET G 90 31.09 36.04 -24.31
CA MET G 90 30.92 35.01 -25.33
C MET G 90 32.12 34.95 -26.25
N LEU G 91 32.76 36.09 -26.50
CA LEU G 91 34.02 36.10 -27.22
C LEU G 91 35.07 35.28 -26.48
N ARG G 92 35.11 35.40 -25.16
CA ARG G 92 36.04 34.58 -24.39
C ARG G 92 35.64 33.10 -24.34
N TRP G 93 34.35 32.80 -24.25
CA TRP G 93 33.87 31.44 -24.00
C TRP G 93 33.94 30.57 -25.25
N LYS G 94 33.75 31.16 -26.44
CA LYS G 94 33.67 30.47 -27.72
C LYS G 94 32.64 29.34 -27.70
N PRO G 95 31.37 29.63 -27.41
CA PRO G 95 30.37 28.56 -27.34
C PRO G 95 29.83 28.11 -28.68
N TRP G 96 30.40 28.59 -29.79
CA TRP G 96 30.00 28.13 -31.11
C TRP G 96 30.71 26.84 -31.52
N GLU G 97 31.59 26.32 -30.67
CA GLU G 97 32.31 25.09 -30.96
C GLU G 97 31.37 23.89 -30.83
N PRO G 98 31.76 22.74 -31.37
CA PRO G 98 30.93 21.53 -31.23
C PRO G 98 30.73 21.16 -29.77
N LEU G 99 29.82 20.20 -29.57
CA LEU G 99 29.46 19.78 -28.22
C LEU G 99 30.67 19.26 -27.46
N VAL G 100 30.81 19.71 -26.21
CA VAL G 100 31.96 19.31 -25.40
C VAL G 100 31.98 17.81 -25.17
N GLU G 101 30.84 17.24 -24.79
CA GLU G 101 30.77 15.83 -24.45
C GLU G 101 29.32 15.37 -24.56
N GLU G 102 29.13 14.23 -25.17
CA GLU G 102 27.82 13.60 -25.26
C GLU G 102 27.43 13.06 -23.90
N PRO G 103 26.17 13.15 -23.49
CA PRO G 103 25.76 12.61 -22.19
C PRO G 103 25.84 11.09 -22.19
N PRO G 104 25.89 10.47 -21.00
CA PRO G 104 25.83 9.01 -20.92
C PRO G 104 24.60 8.42 -21.59
N ALA G 105 24.56 7.08 -21.67
CA ALA G 105 23.56 6.42 -22.51
C ALA G 105 22.14 6.79 -22.10
N ASN G 106 21.81 6.63 -20.82
CA ASN G 106 20.46 6.87 -20.33
C ASN G 106 20.44 7.97 -19.29
N GLN G 107 21.23 9.02 -19.52
CA GLN G 107 21.32 10.11 -18.55
C GLN G 107 20.00 10.85 -18.42
N TRP G 108 19.31 11.09 -19.54
CA TRP G 108 18.12 11.93 -19.56
C TRP G 108 16.84 11.13 -19.78
N LYS G 109 16.84 9.84 -19.48
CA LYS G 109 15.71 8.97 -19.77
C LYS G 109 14.76 8.95 -18.58
N TRP G 110 13.54 9.45 -18.78
CA TRP G 110 12.52 9.49 -17.75
C TRP G 110 11.22 8.93 -18.29
N PRO G 111 10.49 8.11 -17.51
CA PRO G 111 10.80 7.66 -16.15
C PRO G 111 11.95 6.66 -16.08
N ILE G 112 12.78 6.81 -15.06
CA ILE G 112 13.96 5.97 -14.81
C ILE G 112 14.76 5.71 -16.08
N ALA H 1 -26.02 48.20 18.39
CA ALA H 1 -25.46 48.10 19.73
C ALA H 1 -26.40 48.74 20.75
N SER H 2 -26.05 48.61 22.03
CA SER H 2 -26.86 49.12 23.12
C SER H 2 -26.26 50.36 23.77
N ALA H 3 -25.36 51.05 23.07
CA ALA H 3 -24.70 52.20 23.65
C ALA H 3 -25.64 53.39 23.79
N THR H 4 -25.40 54.20 24.82
CA THR H 4 -26.16 55.41 25.02
C THR H 4 -25.87 56.40 23.90
N ARG H 5 -26.86 57.25 23.60
CA ARG H 5 -26.74 58.18 22.48
C ARG H 5 -25.58 59.14 22.66
N VAL H 6 -25.37 59.64 23.87
CA VAL H 6 -24.26 60.55 24.12
C VAL H 6 -22.93 59.83 23.90
N ILE H 7 -22.84 58.56 24.31
CA ILE H 7 -21.63 57.80 24.08
C ILE H 7 -21.42 57.55 22.59
N GLN H 8 -22.51 57.34 21.85
CA GLN H 8 -22.40 57.21 20.40
C GLN H 8 -21.87 58.49 19.77
N LEU H 9 -22.37 59.65 20.23
CA LEU H 9 -21.87 60.92 19.71
C LEU H 9 -20.40 61.11 20.03
N LEU H 10 -19.99 60.76 21.25
CA LEU H 10 -18.59 60.88 21.63
C LEU H 10 -17.71 59.97 20.79
N ARG H 11 -18.14 58.74 20.56
CA ARG H 11 -17.38 57.81 19.72
C ARG H 11 -17.29 58.33 18.29
N ASN H 12 -18.40 58.82 17.74
CA ASN H 12 -18.40 59.34 16.38
C ASN H 12 -17.46 60.53 16.25
N TRP H 13 -17.47 61.42 17.24
CA TRP H 13 -16.58 62.58 17.19
C TRP H 13 -15.12 62.16 17.30
N ALA H 14 -14.82 61.25 18.23
CA ALA H 14 -13.43 60.83 18.42
C ALA H 14 -12.90 60.12 17.19
N SER H 15 -13.69 59.22 16.60
CA SER H 15 -13.24 58.49 15.42
C SER H 15 -13.27 59.37 14.17
N GLY H 16 -14.22 60.30 14.08
CA GLY H 16 -14.37 61.12 12.91
C GLY H 16 -15.34 60.58 11.87
N ARG H 17 -15.97 59.43 12.12
CA ARG H 17 -16.91 58.84 11.19
C ARG H 17 -18.08 58.25 11.98
N ASP H 18 -19.07 57.74 11.25
CA ASP H 18 -20.29 57.20 11.85
C ASP H 18 -20.06 55.73 12.14
N LEU H 19 -19.88 55.39 13.42
CA LEU H 19 -19.53 54.03 13.81
C LEU H 19 -20.74 53.10 13.76
N GLN H 20 -21.92 53.60 14.14
CA GLN H 20 -23.10 52.75 14.22
C GLN H 20 -23.51 52.19 12.85
N ALA H 21 -23.09 52.84 11.76
CA ALA H 21 -23.39 52.32 10.44
C ALA H 21 -22.70 50.98 10.20
N LYS H 22 -21.44 50.84 10.62
CA LYS H 22 -20.65 49.63 10.38
C LYS H 22 -20.09 49.14 11.72
N LEU H 23 -20.84 48.27 12.39
CA LEU H 23 -20.40 47.70 13.65
C LEU H 23 -19.57 46.44 13.40
N GLN H 24 -18.50 46.28 14.18
CA GLN H 24 -17.66 45.10 14.05
C GLN H 24 -18.36 43.86 14.59
N LEU H 25 -19.15 44.02 15.64
CA LEU H 25 -19.91 42.90 16.18
C LEU H 25 -21.11 42.61 15.30
N ARG H 26 -21.48 41.33 15.23
CA ARG H 26 -22.61 40.87 14.42
C ARG H 26 -23.77 40.55 15.36
N TYR H 27 -24.90 41.24 15.18
CA TYR H 27 -26.02 41.03 16.08
C TYR H 27 -27.06 40.09 15.48
N GLN H 28 -27.69 40.48 14.37
CA GLN H 28 -28.81 39.70 13.86
C GLN H 28 -28.81 39.51 12.34
N GLU H 29 -28.01 40.26 11.60
CA GLU H 29 -28.02 40.18 10.14
C GLU H 29 -27.28 38.97 9.59
N ILE H 30 -26.81 38.07 10.46
CA ILE H 30 -26.08 36.88 10.02
C ILE H 30 -27.05 35.78 9.62
N SER H 31 -26.53 34.75 8.96
CA SER H 31 -27.35 33.63 8.51
C SER H 31 -27.74 32.76 9.69
N LYS H 32 -28.94 32.19 9.61
CA LYS H 32 -29.41 31.27 10.64
C LYS H 32 -28.55 30.02 10.67
N ARG H 33 -28.34 29.48 11.86
CA ARG H 33 -27.47 28.32 12.04
C ARG H 33 -28.16 27.01 11.71
N THR H 34 -29.46 27.03 11.41
CA THR H 34 -30.18 25.88 10.88
C THR H 34 -30.69 26.25 9.50
N GLN H 35 -30.28 25.49 8.48
CA GLN H 35 -30.61 25.78 7.10
C GLN H 35 -31.40 24.64 6.47
N PRO H 36 -32.18 24.92 5.44
CA PRO H 36 -32.86 23.85 4.70
C PRO H 36 -31.85 22.99 3.96
N PRO H 37 -32.21 21.76 3.60
CA PRO H 37 -31.27 20.88 2.93
C PRO H 37 -31.02 21.34 1.49
N PRO H 38 -29.83 21.12 0.96
CA PRO H 38 -29.54 21.48 -0.43
C PRO H 38 -29.92 20.40 -1.43
N LYS H 39 -29.63 20.63 -2.71
CA LYS H 39 -29.87 19.66 -3.76
C LYS H 39 -28.62 19.31 -4.56
N LEU H 40 -27.69 20.25 -4.71
CA LEU H 40 -26.36 19.97 -5.24
C LEU H 40 -26.36 19.27 -6.60
N PRO H 41 -26.50 20.01 -7.69
CA PRO H 41 -26.65 19.39 -9.01
C PRO H 41 -25.47 18.50 -9.38
N VAL H 42 -25.64 17.77 -10.48
CA VAL H 42 -24.61 16.83 -10.94
C VAL H 42 -23.81 17.43 -12.07
N GLY H 43 -22.68 16.80 -12.37
CA GLY H 43 -21.75 17.29 -13.36
C GLY H 43 -22.12 16.96 -14.78
N PRO H 44 -21.32 17.44 -15.73
CA PRO H 44 -21.64 17.21 -17.16
C PRO H 44 -21.63 15.74 -17.56
N SER H 45 -20.81 14.92 -16.92
CA SER H 45 -20.69 13.52 -17.33
C SER H 45 -21.76 12.63 -16.76
N HIS H 46 -22.84 13.11 -16.15
CA HIS H 46 -23.86 12.25 -15.57
C HIS H 46 -24.92 11.83 -16.59
N LYS H 47 -24.57 11.80 -17.87
CA LYS H 47 -25.49 11.36 -18.90
C LYS H 47 -25.64 9.84 -18.90
N LEU H 48 -26.73 9.37 -19.51
CA LEU H 48 -27.01 7.94 -19.61
C LEU H 48 -26.50 7.33 -20.92
N SER H 49 -26.28 8.14 -21.95
CA SER H 49 -25.80 7.66 -23.22
C SER H 49 -24.86 8.69 -23.82
N ASN H 50 -24.08 8.26 -24.82
CA ASN H 50 -23.05 9.09 -25.44
C ASN H 50 -22.09 9.63 -24.39
N ASN H 51 -21.72 8.76 -23.46
CA ASN H 51 -20.87 9.12 -22.33
C ASN H 51 -19.70 8.16 -22.17
N TYR H 52 -19.13 7.71 -23.28
CA TYR H 52 -18.02 6.77 -23.20
C TYR H 52 -16.80 7.44 -22.59
N TYR H 53 -16.13 6.73 -21.69
CA TYR H 53 -15.06 7.33 -20.93
C TYR H 53 -13.84 7.64 -21.80
N CYS H 54 -13.65 6.91 -22.90
CA CYS H 54 -12.52 7.17 -23.78
C CYS H 54 -12.61 8.50 -24.50
N THR H 55 -13.79 9.12 -24.57
CA THR H 55 -13.96 10.42 -25.20
C THR H 55 -13.75 11.58 -24.23
N ARG H 56 -13.57 11.31 -22.95
CA ARG H 56 -13.48 12.36 -21.94
C ARG H 56 -12.40 12.07 -20.90
N ASP H 57 -11.36 11.34 -21.29
CA ASP H 57 -10.35 10.87 -20.35
C ASP H 57 -9.05 11.61 -20.62
N GLY H 58 -8.83 12.70 -19.87
CA GLY H 58 -7.69 13.57 -20.11
C GLY H 58 -6.36 12.92 -19.81
N ARG H 59 -6.31 12.04 -18.80
CA ARG H 59 -5.05 11.45 -18.39
C ARG H 59 -4.39 10.67 -19.52
N ARG H 60 -5.17 10.12 -20.45
CA ARG H 60 -4.61 9.36 -21.55
C ARG H 60 -4.29 10.22 -22.75
N GLU H 61 -4.65 11.50 -22.74
CA GLU H 61 -4.24 12.42 -23.79
C GLU H 61 -2.92 13.09 -23.48
N ALA H 62 -2.37 12.90 -22.28
CA ALA H 62 -1.06 13.41 -21.94
C ALA H 62 0.00 12.63 -22.72
N MET H 63 0.97 13.36 -23.26
CA MET H 63 2.00 12.79 -24.12
C MET H 63 3.38 13.11 -23.57
N PRO H 64 4.38 12.28 -23.89
CA PRO H 64 5.74 12.62 -23.52
C PRO H 64 6.19 13.89 -24.20
N PRO H 65 7.11 14.64 -23.61
CA PRO H 65 7.53 15.91 -24.20
C PRO H 65 8.11 15.72 -25.59
N SER H 66 7.81 16.66 -26.48
CA SER H 66 8.26 16.58 -27.86
C SER H 66 9.71 17.05 -27.95
N ILE H 67 10.57 16.20 -28.49
CA ILE H 67 12.00 16.49 -28.56
C ILE H 67 12.27 17.49 -29.67
N VAL H 68 12.94 18.58 -29.32
CA VAL H 68 13.41 19.57 -30.28
C VAL H 68 14.93 19.57 -30.21
N MET H 69 15.58 19.30 -31.34
CA MET H 69 17.05 19.29 -31.41
C MET H 69 17.62 18.28 -30.42
N SER H 70 17.47 17.02 -30.78
CA SER H 70 18.26 15.98 -30.12
C SER H 70 19.70 16.03 -30.64
N SER H 71 20.65 15.91 -29.74
CA SER H 71 22.06 15.99 -30.11
C SER H 71 22.59 14.69 -30.70
N GLN H 72 21.89 13.58 -30.52
CA GLN H 72 22.34 12.33 -31.11
C GLN H 72 22.19 12.35 -32.63
N LYS H 73 21.25 13.14 -33.14
CA LYS H 73 20.99 13.27 -34.57
C LYS H 73 20.71 11.92 -35.22
N THR H 89 19.38 32.03 -46.54
CA THR H 89 18.07 32.46 -46.02
C THR H 89 18.24 33.55 -44.97
N GLU H 90 17.12 34.15 -44.57
CA GLU H 90 17.16 35.20 -43.55
C GLU H 90 17.35 34.60 -42.16
N LYS H 91 16.41 33.77 -41.72
CA LYS H 91 16.45 33.13 -40.40
C LYS H 91 16.51 34.20 -39.29
N LYS H 92 15.40 34.92 -39.17
CA LYS H 92 15.27 35.98 -38.18
C LYS H 92 15.34 35.42 -36.76
N ALA H 93 15.82 36.26 -35.85
CA ALA H 93 15.90 35.89 -34.44
C ALA H 93 14.50 35.86 -33.82
N VAL H 94 14.38 35.11 -32.73
CA VAL H 94 13.10 34.94 -32.04
C VAL H 94 13.27 35.17 -30.55
N THR H 95 12.15 35.38 -29.88
CA THR H 95 12.05 35.54 -28.45
C THR H 95 11.18 34.45 -27.85
N PRO H 96 11.30 34.17 -26.54
CA PRO H 96 10.44 33.14 -25.95
C PRO H 96 8.96 33.45 -26.08
N ALA H 97 8.61 34.73 -26.10
CA ALA H 97 7.24 35.18 -26.27
C ALA H 97 7.29 36.61 -26.76
N PRO H 98 6.18 37.13 -27.29
CA PRO H 98 6.15 38.54 -27.64
C PRO H 98 6.38 39.41 -26.42
N PRO H 99 6.93 40.60 -26.60
CA PRO H 99 7.21 41.47 -25.45
C PRO H 99 5.94 41.79 -24.66
N ILE H 100 6.09 41.85 -23.34
CA ILE H 100 4.95 42.17 -22.49
C ILE H 100 4.52 43.61 -22.74
N LYS H 101 3.20 43.82 -22.77
CA LYS H 101 2.66 45.14 -23.02
C LYS H 101 2.77 46.01 -21.78
N ARG H 102 2.95 47.31 -22.00
CA ARG H 102 3.00 48.24 -20.89
C ARG H 102 1.64 48.34 -20.20
N TRP H 103 1.67 48.44 -18.88
CA TRP H 103 0.46 48.51 -18.10
C TRP H 103 -0.18 49.89 -18.19
N GLU H 104 -1.47 49.94 -17.90
CA GLU H 104 -2.24 51.19 -17.90
C GLU H 104 -2.43 51.69 -16.48
N LEU H 105 -2.60 53.01 -16.37
CA LEU H 105 -2.59 53.68 -15.08
C LEU H 105 -4.02 53.93 -14.58
N SER H 106 -4.67 52.84 -14.18
CA SER H 106 -5.74 52.88 -13.17
C SER H 106 -6.78 53.99 -13.36
N LYS H 107 -7.63 53.89 -14.37
CA LYS H 107 -8.71 54.86 -14.51
C LYS H 107 -9.60 54.93 -13.28
N ASP H 108 -9.69 53.85 -12.51
CA ASP H 108 -10.52 53.86 -11.29
C ASP H 108 -9.94 54.81 -10.25
N GLN H 109 -8.66 54.65 -9.92
CA GLN H 109 -7.98 55.55 -8.99
C GLN H 109 -6.49 55.45 -9.26
N PRO H 110 -5.93 56.39 -10.03
CA PRO H 110 -4.52 56.25 -10.42
C PRO H 110 -3.53 56.57 -9.30
N TYR H 111 -3.91 57.42 -8.35
CA TYR H 111 -2.99 57.83 -7.28
C TYR H 111 -3.66 57.64 -5.93
N LEU H 112 -2.89 57.17 -4.96
CA LEU H 112 -3.39 56.92 -3.63
C LEU H 112 -3.14 58.12 -2.71
N LEU I 1 10.12 -17.78 32.27
CA LEU I 1 10.52 -16.39 32.34
C LEU I 1 9.35 -15.47 32.03
N HIS I 2 8.16 -16.05 31.87
CA HIS I 2 6.96 -15.26 31.60
C HIS I 2 7.07 -14.41 30.36
N HIS I 3 6.83 -15.02 29.19
CA HIS I 3 7.10 -14.48 27.86
C HIS I 3 7.01 -12.97 27.77
N ALA I 4 5.99 -12.37 28.40
CA ALA I 4 5.86 -10.92 28.42
C ALA I 4 7.09 -10.22 29.00
N LEU I 5 7.98 -10.95 29.67
CA LEU I 5 9.17 -10.37 30.27
C LEU I 5 10.46 -10.79 29.56
N ILE I 6 10.36 -11.35 28.36
CA ILE I 6 11.54 -11.76 27.61
C ILE I 6 12.17 -10.53 26.94
N PRO I 7 13.47 -10.28 27.15
CA PRO I 7 14.07 -9.06 26.61
C PRO I 7 13.99 -9.00 25.09
N HIS I 8 13.73 -7.79 24.59
CA HIS I 8 13.61 -7.54 23.16
C HIS I 8 14.17 -6.17 22.85
N GLY I 9 14.78 -6.03 21.69
CA GLY I 9 15.33 -4.77 21.24
C GLY I 9 16.84 -4.74 21.36
N LYS I 10 17.38 -3.54 21.15
CA LYS I 10 18.82 -3.29 21.20
C LYS I 10 19.25 -2.61 22.50
N GLY I 11 18.42 -2.69 23.55
CA GLY I 11 18.78 -2.07 24.81
C GLY I 11 18.56 -0.58 24.88
N GLY I 12 17.77 -0.02 23.97
CA GLY I 12 17.51 1.39 23.92
C GLY I 12 16.25 1.80 24.66
N ARG I 13 15.75 2.98 24.32
CA ARG I 13 14.60 3.54 25.02
C ARG I 13 13.33 2.74 24.77
N SER I 14 13.13 2.27 23.53
CA SER I 14 11.94 1.54 23.14
C SER I 14 12.10 0.03 23.29
N SER I 15 13.22 -0.43 23.82
CA SER I 15 13.48 -1.85 23.98
C SER I 15 12.73 -2.39 25.21
N VAL I 16 12.78 -3.71 25.36
CA VAL I 16 12.25 -4.39 26.54
C VAL I 16 13.42 -5.06 27.25
N SER I 17 13.60 -4.76 28.53
CA SER I 17 14.72 -5.30 29.29
C SER I 17 14.33 -6.50 30.14
N GLY I 18 13.06 -6.72 30.40
CA GLY I 18 12.63 -7.79 31.27
C GLY I 18 12.70 -7.47 32.74
N ILE I 19 12.84 -6.20 33.11
CA ILE I 19 12.97 -5.78 34.50
C ILE I 19 11.73 -4.99 34.87
N VAL I 20 11.08 -5.37 35.97
CA VAL I 20 9.99 -4.60 36.55
C VAL I 20 10.45 -4.24 37.95
N ALA I 21 10.86 -2.98 38.13
CA ALA I 21 11.56 -2.55 39.33
C ALA I 21 10.73 -1.50 40.06
N THR I 22 10.49 -1.75 41.34
CA THR I 22 9.89 -0.76 42.25
C THR I 22 11.03 -0.11 43.02
N VAL I 23 11.21 1.19 42.82
CA VAL I 23 12.35 1.93 43.37
C VAL I 23 11.82 2.84 44.46
N PHE I 24 11.99 2.42 45.71
CA PHE I 24 11.63 3.28 46.84
C PHE I 24 12.69 4.35 47.04
N GLY I 25 12.25 5.55 47.36
CA GLY I 25 13.17 6.67 47.44
C GLY I 25 13.75 7.07 46.10
N ALA I 26 12.94 7.05 45.06
CA ALA I 26 13.37 7.44 43.72
C ALA I 26 13.42 8.94 43.51
N THR I 27 12.85 9.72 44.43
CA THR I 27 12.89 11.18 44.35
C THR I 27 14.06 11.77 45.12
N GLY I 28 15.13 10.98 45.33
CA GLY I 28 16.29 11.43 46.04
C GLY I 28 17.47 11.66 45.12
N PHE I 29 18.66 11.77 45.73
CA PHE I 29 19.89 11.98 44.98
C PHE I 29 20.23 10.76 44.15
N LEU I 30 20.28 9.58 44.76
CA LEU I 30 20.61 8.35 44.04
C LEU I 30 19.45 7.83 43.21
N GLY I 31 18.22 8.14 43.64
CA GLY I 31 17.05 7.60 42.97
C GLY I 31 16.91 8.07 41.54
N ARG I 32 17.23 9.35 41.28
CA ARG I 32 17.12 9.86 39.93
C ARG I 32 18.09 9.14 38.99
N TYR I 33 19.32 8.90 39.44
CA TYR I 33 20.29 8.19 38.62
C TYR I 33 19.87 6.75 38.40
N VAL I 34 19.35 6.09 39.43
CA VAL I 34 18.92 4.70 39.28
C VAL I 34 17.76 4.60 38.29
N VAL I 35 16.78 5.50 38.40
CA VAL I 35 15.64 5.47 37.50
C VAL I 35 16.07 5.81 36.08
N ASN I 36 17.03 6.74 35.94
CA ASN I 36 17.54 7.08 34.61
C ASN I 36 18.20 5.86 33.96
N HIS I 37 19.03 5.13 34.71
CA HIS I 37 19.67 3.96 34.15
C HIS I 37 18.66 2.87 33.83
N LEU I 38 17.66 2.68 34.68
CA LEU I 38 16.64 1.67 34.41
C LEU I 38 15.83 2.01 33.16
N GLY I 39 15.45 3.28 33.00
CA GLY I 39 14.68 3.69 31.85
C GLY I 39 15.47 3.79 30.57
N ARG I 40 16.80 3.89 30.66
CA ARG I 40 17.63 3.84 29.46
C ARG I 40 17.46 2.52 28.72
N MET I 41 17.46 1.40 29.45
CA MET I 41 17.39 0.10 28.81
C MET I 41 15.97 -0.32 28.47
N GLY I 42 14.97 0.48 28.86
CA GLY I 42 13.60 0.15 28.55
C GLY I 42 12.97 -0.76 29.59
N SER I 43 13.13 -0.41 30.85
CA SER I 43 12.57 -1.18 31.95
C SER I 43 11.30 -0.52 32.46
N GLN I 44 10.38 -1.34 32.96
CA GLN I 44 9.18 -0.85 33.62
C GLN I 44 9.55 -0.42 35.04
N VAL I 45 9.44 0.86 35.33
CA VAL I 45 9.84 1.43 36.61
C VAL I 45 8.60 1.87 37.35
N ILE I 46 8.49 1.47 38.61
CA ILE I 46 7.38 1.84 39.48
C ILE I 46 7.93 2.74 40.56
N VAL I 47 7.48 3.98 40.59
CA VAL I 47 7.97 4.98 41.53
C VAL I 47 6.93 5.20 42.62
N PRO I 48 7.16 4.70 43.83
CA PRO I 48 6.32 5.12 44.96
C PRO I 48 6.80 6.45 45.50
N TYR I 49 5.86 7.37 45.64
CA TYR I 49 6.19 8.72 46.10
C TYR I 49 5.23 9.12 47.20
N ARG I 50 5.74 9.90 48.15
CA ARG I 50 4.92 10.50 49.18
C ARG I 50 4.95 12.01 49.16
N CYS I 51 5.81 12.62 48.35
CA CYS I 51 5.95 14.06 48.28
C CYS I 51 4.91 14.64 47.33
N GLU I 52 5.06 15.92 46.99
CA GLU I 52 4.20 16.53 46.01
C GLU I 52 4.55 16.04 44.61
N PRO I 53 3.56 15.71 43.78
CA PRO I 53 3.86 15.19 42.44
C PRO I 53 4.72 16.12 41.59
N TYR I 54 4.67 17.43 41.84
CA TYR I 54 5.58 18.35 41.17
C TYR I 54 7.03 17.92 41.34
N ASP I 55 7.41 17.51 42.55
CA ASP I 55 8.76 17.08 42.83
C ASP I 55 9.15 15.78 42.13
N THR I 56 8.27 15.23 41.30
CA THR I 56 8.59 14.05 40.50
C THR I 56 8.69 14.37 39.01
N MET I 57 8.50 15.62 38.61
CA MET I 57 8.48 15.96 37.19
C MET I 57 9.76 15.52 36.48
N HIS I 58 10.91 15.74 37.13
CA HIS I 58 12.19 15.41 36.51
C HIS I 58 12.32 13.93 36.21
N LEU I 59 11.51 13.07 36.84
CA LEU I 59 11.59 11.64 36.58
C LEU I 59 10.76 11.21 35.38
N ARG I 60 9.97 12.10 34.80
CA ARG I 60 9.07 11.72 33.73
C ARG I 60 9.74 11.55 32.35
N PRO I 61 10.68 12.41 31.95
CA PRO I 61 11.34 12.19 30.65
C PRO I 61 12.31 11.01 30.63
N MET I 62 12.43 10.25 31.71
CA MET I 62 13.44 9.21 31.81
C MET I 62 13.00 7.87 31.25
N GLY I 63 11.75 7.74 30.80
CA GLY I 63 11.27 6.48 30.28
C GLY I 63 10.35 6.69 29.10
N ASP I 64 10.19 5.64 28.31
CA ASP I 64 9.29 5.66 27.18
C ASP I 64 7.84 5.73 27.66
N LEU I 65 6.91 5.78 26.71
CA LEU I 65 5.50 5.91 27.06
C LEU I 65 5.04 4.68 27.84
N GLY I 66 4.56 4.91 29.05
CA GLY I 66 4.04 3.87 29.90
C GLY I 66 5.08 3.13 30.72
N GLN I 67 6.36 3.46 30.60
CA GLN I 67 7.42 2.73 31.26
C GLN I 67 7.75 3.25 32.65
N ILE I 68 7.18 4.38 33.06
CA ILE I 68 7.37 4.91 34.40
C ILE I 68 6.00 5.20 34.99
N ILE I 69 5.67 4.53 36.09
CA ILE I 69 4.35 4.63 36.70
C ILE I 69 4.52 5.15 38.12
N PHE I 70 3.88 6.27 38.42
CA PHE I 70 3.97 6.91 39.74
C PHE I 70 2.77 6.53 40.58
N MET I 71 3.02 5.98 41.76
CA MET I 71 1.95 5.65 42.70
C MET I 71 2.28 6.21 44.07
N GLU I 72 1.23 6.62 44.79
CA GLU I 72 1.38 7.12 46.14
C GLU I 72 1.59 5.96 47.11
N TRP I 73 2.36 6.20 48.17
CA TRP I 73 2.61 5.18 49.17
C TRP I 73 2.86 5.86 50.51
N ASN I 74 2.64 5.10 51.57
CA ASN I 74 2.93 5.54 52.93
C ASN I 74 3.94 4.58 53.55
N GLY I 75 4.97 5.13 54.17
CA GLY I 75 6.02 4.29 54.74
C GLY I 75 5.52 3.37 55.84
N LYS I 76 4.58 3.85 56.65
CA LYS I 76 4.05 3.09 57.78
C LYS I 76 2.89 2.18 57.40
N ASP I 77 2.45 2.19 56.14
CA ASP I 77 1.34 1.38 55.68
C ASP I 77 1.88 0.24 54.81
N LYS I 78 1.65 -1.00 55.25
CA LYS I 78 2.09 -2.15 54.48
C LYS I 78 1.21 -2.43 53.28
N ASP I 79 -0.06 -2.00 53.32
CA ASP I 79 -0.92 -2.15 52.15
C ASP I 79 -0.38 -1.34 50.97
N SER I 80 0.14 -0.13 51.23
CA SER I 80 0.74 0.66 50.18
C SER I 80 1.94 -0.05 49.57
N ILE I 81 2.78 -0.65 50.42
CA ILE I 81 3.94 -1.38 49.94
C ILE I 81 3.51 -2.56 49.07
N ARG I 82 2.50 -3.30 49.52
CA ARG I 82 2.01 -4.42 48.72
C ARG I 82 1.45 -3.94 47.39
N LYS I 83 0.75 -2.80 47.39
CA LYS I 83 0.23 -2.26 46.15
C LYS I 83 1.36 -1.93 45.18
N VAL I 84 2.45 -1.36 45.68
CA VAL I 84 3.48 -0.90 44.76
C VAL I 84 4.46 -1.99 44.37
N VAL I 85 4.52 -3.11 45.11
CA VAL I 85 5.47 -4.18 44.79
C VAL I 85 4.77 -5.44 44.28
N GLU I 86 3.47 -5.38 44.02
CA GLU I 86 2.72 -6.58 43.66
C GLU I 86 3.19 -7.20 42.36
N HIS I 87 3.45 -6.37 41.35
CA HIS I 87 3.72 -6.84 40.00
C HIS I 87 5.19 -6.76 39.62
N SER I 88 6.07 -6.47 40.57
CA SER I 88 7.48 -6.25 40.29
C SER I 88 8.29 -7.52 40.56
N ASN I 89 9.35 -7.70 39.78
CA ASN I 89 10.31 -8.75 40.03
C ASN I 89 11.60 -8.24 40.68
N VAL I 90 11.79 -6.93 40.73
CA VAL I 90 12.91 -6.32 41.46
C VAL I 90 12.38 -5.20 42.35
N VAL I 91 12.86 -5.16 43.58
CA VAL I 91 12.57 -4.05 44.49
C VAL I 91 13.89 -3.47 44.97
N ILE I 92 14.04 -2.16 44.81
CA ILE I 92 15.23 -1.43 45.25
C ILE I 92 14.81 -0.47 46.35
N ASN I 93 15.59 -0.43 47.43
CA ASN I 93 15.29 0.41 48.58
C ASN I 93 16.34 1.51 48.70
N LEU I 94 15.94 2.74 48.42
CA LEU I 94 16.82 3.90 48.55
C LEU I 94 16.26 4.92 49.55
N VAL I 95 15.38 4.49 50.44
CA VAL I 95 14.79 5.38 51.44
C VAL I 95 15.83 5.69 52.51
N GLY I 96 15.98 6.97 52.83
CA GLY I 96 16.89 7.39 53.87
C GLY I 96 16.85 8.89 54.12
N ARG I 97 17.20 9.30 55.34
CA ARG I 97 17.28 10.70 55.68
C ARG I 97 18.51 10.97 56.53
N GLU I 98 19.16 12.10 56.29
CA GLU I 98 20.34 12.50 57.02
C GLU I 98 20.01 13.25 58.31
N TRP I 99 18.72 13.44 58.61
CA TRP I 99 18.29 14.06 59.84
C TRP I 99 16.97 13.43 60.26
N GLU I 100 16.60 13.66 61.52
CA GLU I 100 15.38 13.11 62.09
C GLU I 100 14.30 14.20 62.08
N THR I 101 13.15 13.89 61.49
CA THR I 101 12.02 14.79 61.55
C THR I 101 11.12 14.41 62.72
N LYS I 102 10.12 15.26 62.98
CA LYS I 102 9.22 15.01 64.10
C LYS I 102 8.32 13.80 63.86
N ASN I 103 8.25 13.30 62.63
CA ASN I 103 7.42 12.16 62.30
C ASN I 103 8.23 10.88 62.07
N PHE I 104 9.48 11.00 61.64
CA PHE I 104 10.34 9.85 61.36
C PHE I 104 11.69 10.07 62.01
N ASP I 105 12.13 9.11 62.81
CA ASP I 105 13.46 9.16 63.39
C ASP I 105 14.37 8.21 62.61
N PHE I 106 15.60 8.02 63.10
CA PHE I 106 16.57 7.22 62.35
C PHE I 106 16.17 5.76 62.31
N GLU I 107 15.51 5.25 63.34
CA GLU I 107 15.08 3.87 63.33
C GLU I 107 13.77 3.66 62.60
N ASP I 108 13.08 4.74 62.20
CA ASP I 108 11.89 4.62 61.38
C ASP I 108 12.20 4.52 59.90
N VAL I 109 13.20 5.25 59.42
CA VAL I 109 13.55 5.22 58.01
C VAL I 109 14.62 4.19 57.68
N PHE I 110 15.34 3.68 58.68
CA PHE I 110 16.43 2.74 58.44
C PHE I 110 16.18 1.36 58.99
N VAL I 111 15.18 1.17 59.85
CA VAL I 111 14.90 -0.15 60.41
C VAL I 111 13.49 -0.59 60.06
N LYS I 112 12.50 0.21 60.46
CA LYS I 112 11.11 -0.20 60.29
C LYS I 112 10.72 -0.27 58.82
N ILE I 113 10.99 0.80 58.06
CA ILE I 113 10.60 0.87 56.65
C ILE I 113 11.35 -0.17 55.82
N PRO I 114 12.68 -0.30 55.93
CA PRO I 114 13.35 -1.37 55.17
C PRO I 114 12.85 -2.76 55.51
N HIS I 115 12.57 -3.02 56.80
CA HIS I 115 12.08 -4.34 57.19
C HIS I 115 10.69 -4.60 56.61
N ALA I 116 9.81 -3.61 56.66
CA ALA I 116 8.48 -3.77 56.08
C ALA I 116 8.57 -4.00 54.58
N ILE I 117 9.42 -3.24 53.89
CA ILE I 117 9.59 -3.42 52.45
C ILE I 117 10.07 -4.83 52.15
N ALA I 118 11.10 -5.29 52.88
CA ALA I 118 11.65 -6.61 52.62
C ALA I 118 10.62 -7.70 52.87
N GLN I 119 9.87 -7.60 53.97
CA GLN I 119 8.89 -8.62 54.31
C GLN I 119 7.76 -8.67 53.28
N VAL I 120 7.23 -7.50 52.90
CA VAL I 120 6.13 -7.49 51.94
C VAL I 120 6.61 -7.97 50.57
N SER I 121 7.84 -7.60 50.18
CA SER I 121 8.38 -8.09 48.93
C SER I 121 8.55 -9.60 48.94
N LYS I 122 9.03 -10.15 50.06
CA LYS I 122 9.19 -11.60 50.15
C LYS I 122 7.84 -12.30 50.08
N GLU I 123 6.82 -11.76 50.75
CA GLU I 123 5.52 -12.42 50.75
C GLU I 123 4.70 -12.11 49.49
N ALA I 124 5.15 -11.17 48.65
CA ALA I 124 4.47 -10.86 47.41
C ALA I 124 5.08 -11.54 46.19
N GLY I 125 6.08 -12.39 46.39
CA GLY I 125 6.71 -13.10 45.30
C GLY I 125 7.77 -12.33 44.55
N VAL I 126 8.29 -11.24 45.11
CA VAL I 126 9.38 -10.51 44.47
C VAL I 126 10.63 -11.38 44.48
N GLU I 127 11.32 -11.41 43.35
CA GLU I 127 12.48 -12.28 43.19
C GLU I 127 13.77 -11.65 43.69
N LYS I 128 13.99 -10.36 43.41
CA LYS I 128 15.24 -9.70 43.74
C LYS I 128 14.98 -8.48 44.62
N LEU I 129 15.82 -8.31 45.64
CA LEU I 129 15.77 -7.15 46.52
C LEU I 129 17.15 -6.54 46.63
N ILE I 130 17.24 -5.23 46.45
CA ILE I 130 18.48 -4.47 46.60
C ILE I 130 18.28 -3.52 47.76
N HIS I 131 19.16 -3.60 48.76
CA HIS I 131 19.08 -2.76 49.94
C HIS I 131 20.38 -1.99 50.10
N ILE I 132 20.28 -0.68 50.30
CA ILE I 132 21.43 0.20 50.44
C ILE I 132 21.64 0.48 51.92
N SER I 133 22.84 0.16 52.39
CA SER I 133 23.32 0.47 53.73
C SER I 133 24.51 1.41 53.61
N HIS I 134 25.21 1.62 54.71
CA HIS I 134 26.42 2.45 54.71
C HIS I 134 27.65 1.58 54.89
N LEU I 135 28.77 2.06 54.34
CA LEU I 135 30.04 1.36 54.52
C LEU I 135 30.44 1.31 56.00
N ASN I 136 30.25 2.41 56.71
CA ASN I 136 30.65 2.52 58.11
C ASN I 136 29.53 2.14 59.07
N ALA I 137 28.61 1.29 58.65
CA ALA I 137 27.49 0.91 59.49
C ALA I 137 27.94 -0.15 60.48
N ASP I 138 27.78 0.12 61.78
CA ASP I 138 27.99 -0.87 62.81
C ASP I 138 27.26 -0.42 64.07
N ILE I 139 26.91 -1.41 64.91
CA ILE I 139 26.02 -1.16 66.05
C ILE I 139 26.72 -0.46 67.22
N LYS I 140 28.01 -0.18 67.12
CA LYS I 140 28.74 0.46 68.21
C LYS I 140 29.34 1.79 67.80
N SER I 141 28.85 2.39 66.72
CA SER I 141 29.36 3.68 66.29
C SER I 141 28.75 4.80 67.12
N PRO I 142 29.47 5.93 67.26
CA PRO I 142 28.88 7.09 67.95
C PRO I 142 27.71 7.72 67.22
N SER I 143 27.47 7.34 65.96
CA SER I 143 26.41 7.93 65.16
C SER I 143 25.18 7.02 65.17
N ARG I 144 24.04 7.58 65.59
CA ARG I 144 22.79 6.83 65.59
C ARG I 144 22.37 6.45 64.18
N TYR I 145 22.73 7.28 63.19
CA TYR I 145 22.51 6.98 61.79
C TYR I 145 23.08 5.61 61.43
N LEU I 146 24.36 5.40 61.74
CA LEU I 146 25.03 4.16 61.34
C LEU I 146 24.58 2.97 62.16
N ARG I 147 24.24 3.17 63.43
CA ARG I 147 23.70 2.08 64.24
C ARG I 147 22.37 1.60 63.68
N SER I 148 21.49 2.55 63.33
CA SER I 148 20.23 2.17 62.71
C SER I 148 20.46 1.52 61.36
N LYS I 149 21.47 1.99 60.62
CA LYS I 149 21.81 1.34 59.35
C LYS I 149 22.17 -0.12 59.54
N ALA I 150 23.00 -0.41 60.54
CA ALA I 150 23.43 -1.80 60.77
C ALA I 150 22.25 -2.67 61.23
N VAL I 151 21.43 -2.15 62.14
CA VAL I 151 20.27 -2.92 62.62
C VAL I 151 19.32 -3.21 61.47
N GLY I 152 19.04 -2.20 60.64
CA GLY I 152 18.16 -2.40 59.51
C GLY I 152 18.75 -3.35 58.49
N GLU I 153 20.06 -3.31 58.30
CA GLU I 153 20.71 -4.24 57.38
C GLU I 153 20.50 -5.68 57.84
N LYS I 154 20.74 -5.94 59.12
CA LYS I 154 20.56 -7.32 59.59
C LYS I 154 19.09 -7.73 59.59
N GLU I 155 18.18 -6.80 59.85
CA GLU I 155 16.76 -7.12 59.84
C GLU I 155 16.27 -7.40 58.41
N VAL I 156 16.74 -6.63 57.44
CA VAL I 156 16.42 -6.89 56.04
C VAL I 156 16.96 -8.25 55.61
N ARG I 157 18.18 -8.58 56.03
CA ARG I 157 18.73 -9.89 55.71
C ARG I 157 17.88 -11.00 56.32
N ALA I 158 17.41 -10.80 57.56
CA ALA I 158 16.56 -11.81 58.19
C ALA I 158 15.25 -11.98 57.43
N ALA I 159 14.64 -10.88 57.00
CA ALA I 159 13.35 -10.95 56.30
C ALA I 159 13.48 -11.42 54.86
N PHE I 160 14.58 -11.13 54.19
CA PHE I 160 14.79 -11.48 52.78
C PHE I 160 16.17 -12.09 52.66
N PRO I 161 16.30 -13.39 52.94
CA PRO I 161 17.65 -13.98 53.03
C PRO I 161 18.49 -13.85 51.77
N GLU I 162 17.87 -13.89 50.59
CA GLU I 162 18.58 -13.82 49.33
C GLU I 162 18.63 -12.40 48.77
N ALA I 163 18.72 -11.40 49.65
CA ALA I 163 18.78 -10.01 49.24
C ALA I 163 20.22 -9.58 48.99
N THR I 164 20.39 -8.60 48.11
CA THR I 164 21.69 -8.03 47.82
C THR I 164 21.85 -6.71 48.57
N ILE I 165 22.86 -6.65 49.43
CA ILE I 165 23.11 -5.49 50.28
C ILE I 165 24.33 -4.76 49.75
N ILE I 166 24.19 -3.47 49.51
CA ILE I 166 25.23 -2.63 48.95
C ILE I 166 25.54 -1.52 49.94
N LYS I 167 26.82 -1.34 50.27
CA LYS I 167 27.26 -0.40 51.30
C LYS I 167 28.22 0.61 50.69
N PRO I 168 27.72 1.68 50.10
CA PRO I 168 28.59 2.73 49.55
C PRO I 168 29.15 3.60 50.65
N SER I 169 30.04 4.52 50.25
CA SER I 169 30.72 5.41 51.19
C SER I 169 30.85 6.78 50.54
N ASP I 170 30.11 7.75 51.08
CA ASP I 170 30.27 9.16 50.72
C ASP I 170 30.16 9.37 49.20
N ILE I 171 28.93 9.17 48.72
CA ILE I 171 28.65 9.37 47.31
C ILE I 171 28.77 10.85 46.96
N PHE I 172 29.53 11.15 45.90
CA PHE I 172 29.68 12.52 45.44
C PHE I 172 29.12 12.67 44.03
N GLY I 173 28.43 13.78 43.81
CA GLY I 173 27.79 14.05 42.54
C GLY I 173 27.24 15.46 42.53
N ARG I 174 26.51 15.77 41.45
CA ARG I 174 26.03 17.13 41.27
C ARG I 174 25.06 17.54 42.38
N GLU I 175 24.16 16.64 42.78
CA GLU I 175 23.18 16.93 43.81
C GLU I 175 23.54 16.28 45.14
N ASP I 176 24.83 16.14 45.43
CA ASP I 176 25.28 15.45 46.62
C ASP I 176 25.21 16.35 47.86
N ARG I 177 25.53 15.76 49.00
CA ARG I 177 25.81 16.49 50.22
C ARG I 177 27.22 16.23 50.74
N PHE I 178 28.13 15.83 49.86
CA PHE I 178 29.53 15.63 50.25
C PHE I 178 30.40 16.78 49.76
N LEU I 179 30.45 16.98 48.44
CA LEU I 179 31.25 18.07 47.89
C LEU I 179 30.55 19.40 48.10
N ASN I 180 29.23 19.43 47.90
CA ASN I 180 28.47 20.66 48.12
C ASN I 180 28.52 21.08 49.57
N TYR I 181 28.50 20.13 50.49
CA TYR I 181 28.54 20.44 51.91
C TYR I 181 29.83 21.17 52.28
N PHE I 182 30.97 20.67 51.80
CA PHE I 182 32.24 21.31 52.11
C PHE I 182 32.43 22.61 51.34
N ALA I 183 31.85 22.70 50.13
CA ALA I 183 31.99 23.92 49.36
C ALA I 183 31.13 25.04 49.92
N SER I 184 30.04 24.68 50.61
CA SER I 184 29.11 25.68 51.08
C SER I 184 29.53 26.34 52.39
N MET I 185 30.49 25.77 53.11
CA MET I 185 30.93 26.37 54.36
C MET I 185 31.95 27.49 54.16
N ARG I 186 32.14 27.93 52.90
CA ARG I 186 32.98 29.10 52.66
C ARG I 186 32.30 30.36 53.17
N TRP I 187 30.99 30.30 53.40
CA TRP I 187 30.25 31.50 53.77
C TRP I 187 30.43 31.82 55.26
N PHE I 188 31.07 30.91 56.00
CA PHE I 188 31.27 31.12 57.43
C PHE I 188 32.70 31.57 57.71
N GLY I 189 33.34 32.20 56.72
CA GLY I 189 34.68 32.70 56.90
C GLY I 189 35.73 31.62 56.83
N GLY I 190 35.81 30.80 57.89
CA GLY I 190 36.77 29.71 57.96
C GLY I 190 36.09 28.36 57.80
N VAL I 191 36.93 27.34 57.73
CA VAL I 191 36.46 25.96 57.67
C VAL I 191 36.78 25.28 59.00
N PRO I 192 35.78 25.00 59.83
CA PRO I 192 36.04 24.29 61.09
C PRO I 192 36.29 22.81 60.83
N LEU I 193 37.41 22.30 61.36
CA LEU I 193 37.75 20.90 61.22
C LEU I 193 38.14 20.34 62.59
N ILE I 194 37.71 19.12 62.88
CA ILE I 194 38.09 18.49 64.14
C ILE I 194 39.50 17.97 64.02
N SER I 195 40.39 18.44 64.92
CA SER I 195 41.81 18.13 64.87
C SER I 195 42.41 18.50 63.51
N LEU I 196 41.87 19.56 62.91
CA LEU I 196 42.28 20.05 61.59
C LEU I 196 42.08 19.01 60.49
N GLY I 197 41.22 18.03 60.73
CA GLY I 197 40.96 17.01 59.73
C GLY I 197 42.18 16.20 59.33
N LYS I 198 43.16 16.08 60.21
CA LYS I 198 44.39 15.36 59.91
C LYS I 198 44.38 13.92 60.40
N GLU I 199 43.27 13.46 60.97
CA GLU I 199 43.17 12.10 61.49
C GLU I 199 41.92 11.40 60.97
N THR I 200 41.43 11.83 59.82
CA THR I 200 40.25 11.26 59.18
C THR I 200 40.59 10.87 57.76
N VAL I 201 40.12 9.70 57.33
CA VAL I 201 40.36 9.20 55.98
C VAL I 201 39.01 8.94 55.33
N LYS I 202 38.84 9.45 54.10
CA LYS I 202 37.61 9.29 53.33
C LYS I 202 37.91 8.62 52.00
N GLN I 203 36.96 7.80 51.54
CA GLN I 203 37.05 7.14 50.25
C GLN I 203 35.75 7.36 49.49
N PRO I 204 35.52 8.57 48.98
CA PRO I 204 34.27 8.85 48.28
C PRO I 204 34.15 8.10 46.96
N VAL I 205 32.91 7.87 46.54
CA VAL I 205 32.61 7.10 45.34
C VAL I 205 31.69 7.90 44.44
N TYR I 206 31.89 7.78 43.12
CA TYR I 206 31.08 8.51 42.15
C TYR I 206 29.66 7.96 42.10
N ILE I 207 28.70 8.87 41.92
CA ILE I 207 27.29 8.50 41.92
C ILE I 207 26.97 7.59 40.74
N VAL I 208 27.53 7.89 39.57
CA VAL I 208 27.27 7.07 38.39
C VAL I 208 27.80 5.66 38.60
N ASP I 209 28.94 5.54 39.28
CA ASP I 209 29.48 4.22 39.61
C ASP I 209 28.51 3.43 40.48
N VAL I 210 27.90 4.08 41.47
CA VAL I 210 26.98 3.40 42.36
C VAL I 210 25.73 2.97 41.60
N SER I 211 25.19 3.84 40.76
CA SER I 211 24.01 3.49 39.97
C SER I 211 24.30 2.34 39.02
N LYS I 212 25.45 2.37 38.35
CA LYS I 212 25.85 1.29 37.47
C LYS I 212 26.03 -0.01 38.24
N GLY I 213 26.60 0.07 39.45
CA GLY I 213 26.77 -1.14 40.25
C GLY I 213 25.43 -1.74 40.67
N ILE I 214 24.46 -0.89 41.02
CA ILE I 214 23.13 -1.37 41.35
C ILE I 214 22.49 -2.04 40.14
N ILE I 215 22.60 -1.41 38.97
CA ILE I 215 22.00 -1.98 37.76
C ILE I 215 22.67 -3.31 37.42
N ASN I 216 23.99 -3.40 37.57
CA ASN I 216 24.70 -4.63 37.28
C ASN I 216 24.35 -5.73 38.28
N ALA I 217 24.17 -5.37 39.55
CA ALA I 217 23.75 -6.35 40.54
C ALA I 217 22.35 -6.84 40.28
N ILE I 218 21.51 -6.01 39.65
CA ILE I 218 20.16 -6.47 39.28
C ILE I 218 20.23 -7.63 38.29
N LYS I 219 21.12 -7.53 37.31
CA LYS I 219 21.21 -8.53 36.24
C LYS I 219 22.41 -9.47 36.43
N ASP I 220 22.90 -9.60 37.65
CA ASP I 220 23.94 -10.57 37.96
C ASP I 220 23.33 -11.74 38.72
N PRO I 221 23.24 -12.93 38.12
CA PRO I 221 22.64 -14.06 38.85
C PRO I 221 23.39 -14.44 40.11
N ASP I 222 24.71 -14.29 40.13
CA ASP I 222 25.52 -14.74 41.26
C ASP I 222 25.46 -13.80 42.46
N ALA I 223 24.83 -12.64 42.33
CA ALA I 223 24.83 -11.63 43.40
C ALA I 223 23.57 -11.69 44.25
N LYS I 224 23.02 -12.89 44.46
CA LYS I 224 21.74 -13.01 45.14
C LYS I 224 21.84 -12.61 46.61
N GLY I 225 22.64 -13.33 47.38
CA GLY I 225 22.70 -13.07 48.81
C GLY I 225 24.03 -12.54 49.29
N LYS I 226 24.67 -11.70 48.50
CA LYS I 226 25.98 -11.16 48.81
C LYS I 226 25.87 -9.74 49.37
N THR I 227 26.99 -9.25 49.91
CA THR I 227 27.09 -7.91 50.45
C THR I 227 28.26 -7.21 49.79
N PHE I 228 27.99 -6.04 49.20
CA PHE I 228 28.98 -5.31 48.42
C PHE I 228 29.37 -4.02 49.15
N ALA I 229 30.62 -3.61 48.93
CA ALA I 229 31.14 -2.33 49.41
C ALA I 229 31.51 -1.50 48.19
N PHE I 230 30.90 -0.32 48.07
CA PHE I 230 31.12 0.57 46.93
C PHE I 230 31.99 1.73 47.41
N VAL I 231 33.28 1.69 47.08
CA VAL I 231 34.22 2.71 47.49
C VAL I 231 35.03 3.17 46.28
N GLY I 232 35.58 4.37 46.40
CA GLY I 232 36.36 4.95 45.32
C GLY I 232 37.76 4.39 45.27
N PRO I 233 38.48 4.74 44.20
CA PRO I 233 39.84 4.20 44.03
C PRO I 233 40.86 4.83 44.96
N ASN I 234 40.58 5.98 45.56
CA ASN I 234 41.57 6.71 46.33
C ASN I 234 41.04 7.05 47.72
N ARG I 235 41.91 6.95 48.71
CA ARG I 235 41.63 7.37 50.07
C ARG I 235 42.36 8.66 50.36
N TYR I 236 41.65 9.65 50.90
CA TYR I 236 42.21 10.97 51.17
C TYR I 236 42.10 11.27 52.66
N LEU I 237 43.06 12.05 53.16
CA LEU I 237 42.87 12.70 54.44
C LEU I 237 41.82 13.80 54.30
N LEU I 238 41.04 14.01 55.36
CA LEU I 238 39.97 14.99 55.31
C LEU I 238 40.50 16.38 55.01
N PHE I 239 41.64 16.74 55.61
CA PHE I 239 42.24 18.05 55.35
C PHE I 239 42.59 18.20 53.88
N ASP I 240 43.29 17.19 53.32
CA ASP I 240 43.67 17.25 51.91
C ASP I 240 42.45 17.27 51.00
N LEU I 241 41.42 16.50 51.34
CA LEU I 241 40.21 16.47 50.52
C LEU I 241 39.52 17.82 50.50
N VAL I 242 39.35 18.44 51.67
CA VAL I 242 38.68 19.74 51.72
C VAL I 242 39.54 20.81 51.03
N GLN I 243 40.86 20.71 51.19
CA GLN I 243 41.74 21.66 50.51
C GLN I 243 41.62 21.54 49.00
N TYR I 244 41.56 20.31 48.48
CA TYR I 244 41.35 20.11 47.06
C TYR I 244 39.99 20.63 46.62
N ILE I 245 38.97 20.43 47.44
CA ILE I 245 37.63 20.91 47.11
C ILE I 245 37.65 22.43 46.96
N PHE I 246 38.29 23.12 47.90
CA PHE I 246 38.37 24.57 47.83
C PHE I 246 39.26 25.03 46.69
N ALA I 247 40.26 24.23 46.31
CA ALA I 247 41.12 24.58 45.19
C ALA I 247 40.38 24.48 43.86
N VAL I 248 39.54 23.45 43.71
CA VAL I 248 38.77 23.30 42.48
C VAL I 248 37.74 24.43 42.37
N ALA I 249 37.10 24.79 43.48
CA ALA I 249 36.15 25.89 43.51
C ALA I 249 36.83 27.25 43.46
N TYR I 250 38.15 27.31 43.57
CA TYR I 250 38.93 28.55 43.54
C TYR I 250 38.50 29.51 44.65
N ARG I 251 38.24 28.96 45.83
CA ARG I 251 37.92 29.77 46.98
C ARG I 251 39.08 29.78 47.97
N PRO I 252 39.26 30.87 48.71
CA PRO I 252 40.32 30.89 49.73
C PRO I 252 40.05 29.87 50.83
N PHE I 253 41.07 29.08 51.16
CA PHE I 253 40.97 28.02 52.14
C PHE I 253 41.59 28.49 53.45
N LEU I 254 40.75 28.70 54.46
CA LEU I 254 41.19 29.15 55.79
C LEU I 254 40.67 28.19 56.83
N PRO I 255 41.25 27.00 56.92
CA PRO I 255 40.80 26.04 57.93
C PRO I 255 41.25 26.43 59.32
N TYR I 256 40.48 26.00 60.31
CA TYR I 256 40.90 26.14 61.70
C TYR I 256 40.40 24.94 62.50
N PRO I 257 41.13 24.55 63.53
CA PRO I 257 40.69 23.44 64.37
C PRO I 257 39.60 23.86 65.33
N LEU I 258 38.64 22.96 65.51
CA LEU I 258 37.53 23.15 66.42
C LEU I 258 37.43 21.92 67.30
N PRO I 259 37.32 22.08 68.61
CA PRO I 259 37.17 20.93 69.49
C PRO I 259 35.86 20.19 69.21
N HIS I 260 35.85 18.92 69.59
CA HIS I 260 34.69 18.07 69.31
C HIS I 260 33.44 18.61 70.00
N PHE I 261 33.55 19.05 71.25
CA PHE I 261 32.36 19.51 71.96
C PHE I 261 31.80 20.79 71.34
N ALA I 262 32.67 21.72 70.94
CA ALA I 262 32.19 22.96 70.33
C ALA I 262 31.49 22.70 69.01
N TYR I 263 32.08 21.83 68.18
CA TYR I 263 31.47 21.49 66.89
C TYR I 263 30.15 20.75 67.08
N ARG I 264 30.09 19.86 68.06
CA ARG I 264 28.84 19.19 68.37
C ARG I 264 27.79 20.19 68.84
N TRP I 265 28.21 21.22 69.58
CA TRP I 265 27.28 22.24 70.03
C TRP I 265 26.73 23.05 68.86
N VAL I 266 27.60 23.42 67.91
CA VAL I 266 27.09 24.16 66.75
C VAL I 266 26.17 23.27 65.91
N GLY I 267 26.46 21.96 65.83
CA GLY I 267 25.54 21.07 65.15
C GLY I 267 24.18 21.00 65.82
N ARG I 268 24.17 20.92 67.15
CA ARG I 268 22.91 20.93 67.88
C ARG I 268 22.16 22.23 67.66
N LEU I 269 22.89 23.35 67.59
CA LEU I 269 22.25 24.63 67.32
C LEU I 269 21.60 24.63 65.93
N PHE I 270 22.30 24.09 64.93
CA PHE I 270 21.73 24.07 63.58
C PHE I 270 20.61 23.05 63.45
N GLU I 271 20.52 22.10 64.39
CA GLU I 271 19.48 21.08 64.32
C GLU I 271 18.07 21.63 64.54
N VAL I 272 17.93 22.88 65.00
CA VAL I 272 16.64 23.40 65.42
C VAL I 272 15.79 23.82 64.23
N SER I 273 16.37 23.75 63.03
CA SER I 273 15.67 24.22 61.84
C SER I 273 14.46 23.35 61.51
N PRO I 274 13.26 23.92 61.37
CA PRO I 274 12.12 23.11 60.93
C PRO I 274 12.24 22.62 59.50
N PHE I 275 13.12 23.22 58.71
CA PHE I 275 13.41 22.81 57.34
C PHE I 275 14.61 21.87 57.35
N GLU I 276 15.19 21.63 56.19
CA GLU I 276 16.38 20.78 56.10
C GLU I 276 17.53 21.46 56.84
N PRO I 277 18.13 20.79 57.83
CA PRO I 277 19.22 21.44 58.58
C PRO I 277 20.47 21.61 57.72
N TRP I 278 21.16 22.73 57.96
CA TRP I 278 22.43 22.96 57.29
C TRP I 278 23.46 21.93 57.73
N THR I 279 23.49 21.61 59.01
CA THR I 279 24.29 20.51 59.54
C THR I 279 23.63 20.03 60.82
N THR I 280 24.00 18.82 61.23
CA THR I 280 23.48 18.22 62.46
C THR I 280 24.64 17.65 63.25
N ARG I 281 24.34 17.21 64.47
CA ARG I 281 25.35 16.51 65.27
C ARG I 281 25.75 15.20 64.62
N ASP I 282 24.77 14.47 64.07
CA ASP I 282 25.07 13.22 63.38
C ASP I 282 25.91 13.48 62.13
N LYS I 283 25.63 14.55 61.41
CA LYS I 283 26.44 14.90 60.25
C LYS I 283 27.88 15.20 60.65
N VAL I 284 28.05 15.91 61.76
CA VAL I 284 29.39 16.19 62.26
C VAL I 284 30.10 14.89 62.64
N GLU I 285 29.38 13.98 63.28
CA GLU I 285 29.97 12.70 63.67
C GLU I 285 30.40 11.89 62.44
N ARG I 286 29.56 11.86 61.40
CA ARG I 286 29.87 11.05 60.22
C ARG I 286 30.98 11.68 59.41
N VAL I 287 31.03 13.02 59.36
CA VAL I 287 32.06 13.70 58.56
C VAL I 287 33.44 13.43 59.12
N HIS I 288 33.59 13.44 60.44
CA HIS I 288 34.89 13.27 61.09
C HIS I 288 35.10 11.85 61.59
N MET I 289 34.61 10.86 60.85
CA MET I 289 34.83 9.46 61.16
C MET I 289 35.51 8.80 59.97
N SER I 290 36.56 8.04 60.25
CA SER I 290 37.32 7.39 59.18
C SER I 290 36.50 6.29 58.52
N ASP I 291 36.73 6.12 57.23
CA ASP I 291 36.03 5.11 56.45
C ASP I 291 36.59 3.73 56.78
N MET I 292 35.69 2.78 57.02
CA MET I 292 36.11 1.41 57.27
C MET I 292 36.71 0.79 56.01
N THR I 293 37.59 -0.17 56.21
CA THR I 293 38.20 -0.94 55.12
C THR I 293 37.76 -2.39 55.27
N LEU I 294 37.02 -2.88 54.27
CA LEU I 294 36.46 -4.24 54.29
C LEU I 294 36.91 -4.94 53.02
N PRO I 295 38.17 -5.42 52.97
CA PRO I 295 38.68 -6.04 51.74
C PRO I 295 38.05 -7.37 51.41
N HIS I 296 37.47 -8.06 52.40
CA HIS I 296 36.84 -9.35 52.14
C HIS I 296 35.53 -9.22 51.40
N LEU I 297 34.95 -8.04 51.35
CA LEU I 297 33.68 -7.87 50.66
C LEU I 297 33.91 -7.63 49.16
N PRO I 298 32.99 -8.10 48.32
CA PRO I 298 33.07 -7.76 46.90
C PRO I 298 32.86 -6.27 46.68
N GLY I 299 33.50 -5.75 45.63
CA GLY I 299 33.41 -4.34 45.34
C GLY I 299 32.87 -4.03 43.96
N LEU I 300 33.08 -2.80 43.49
CA LEU I 300 32.61 -2.41 42.18
C LEU I 300 33.31 -3.18 41.07
N GLU I 301 34.61 -3.46 41.24
CA GLU I 301 35.35 -4.18 40.22
C GLU I 301 34.87 -5.61 40.04
N ASP I 302 34.16 -6.16 41.03
CA ASP I 302 33.55 -7.47 40.88
C ASP I 302 32.21 -7.42 40.15
N LEU I 303 31.64 -6.23 39.96
CA LEU I 303 30.48 -6.04 39.12
C LEU I 303 30.84 -5.39 37.79
N GLY I 304 32.13 -5.33 37.45
CA GLY I 304 32.57 -4.80 36.18
C GLY I 304 32.70 -3.30 36.13
N ILE I 305 32.55 -2.61 37.25
CA ILE I 305 32.59 -1.15 37.31
C ILE I 305 33.99 -0.72 37.71
N GLN I 306 34.64 0.10 36.89
CA GLN I 306 35.90 0.73 37.25
C GLN I 306 35.58 2.06 37.93
N ALA I 307 35.89 2.16 39.22
CA ALA I 307 35.53 3.34 39.99
C ALA I 307 36.21 4.59 39.41
N THR I 308 35.41 5.64 39.24
CA THR I 308 35.90 6.87 38.63
C THR I 308 36.55 7.74 39.70
N PRO I 309 37.80 8.16 39.52
CA PRO I 309 38.44 9.00 40.54
C PRO I 309 37.81 10.38 40.64
N LEU I 310 37.91 10.96 41.84
CA LEU I 310 37.33 12.27 42.10
C LEU I 310 37.92 13.34 41.21
N GLU I 311 39.16 13.16 40.76
CA GLU I 311 39.85 14.20 40.01
C GLU I 311 39.20 14.46 38.65
N LEU I 312 38.62 13.43 38.04
CA LEU I 312 37.97 13.58 36.75
C LEU I 312 36.52 14.02 36.85
N LYS I 313 35.97 14.11 38.07
CA LYS I 313 34.57 14.45 38.23
C LYS I 313 34.32 15.56 39.23
N ALA I 314 35.35 16.12 39.87
CA ALA I 314 35.10 17.17 40.85
C ALA I 314 34.70 18.49 40.19
N ILE I 315 35.16 18.73 38.97
CA ILE I 315 34.88 20.00 38.31
C ILE I 315 33.39 20.11 37.96
N GLU I 316 32.76 18.98 37.59
CA GLU I 316 31.35 19.02 37.20
C GLU I 316 30.44 19.33 38.38
N VAL I 317 30.94 19.22 39.61
CA VAL I 317 30.17 19.55 40.80
C VAL I 317 30.57 20.91 41.36
N LEU I 318 31.87 21.22 41.32
CA LEU I 318 32.40 22.39 41.98
C LEU I 318 32.52 23.61 41.07
N ARG I 319 32.27 23.47 39.77
CA ARG I 319 32.31 24.63 38.89
C ARG I 319 31.15 25.57 39.18
N ARG I 320 30.06 25.06 39.73
CA ARG I 320 28.94 25.90 40.13
C ARG I 320 29.30 26.82 41.29
N HIS I 321 30.28 26.44 42.10
CA HIS I 321 30.68 27.20 43.27
C HIS I 321 31.78 28.21 42.97
N ARG I 322 32.20 28.33 41.72
CA ARG I 322 33.22 29.32 41.37
C ARG I 322 32.57 30.68 41.11
N THR I 323 33.40 31.71 41.16
CA THR I 323 32.98 33.04 40.78
C THR I 323 33.17 33.23 39.27
N TYR I 324 32.72 34.39 38.78
CA TYR I 324 32.81 34.65 37.34
C TYR I 324 34.25 34.70 36.87
N ARG I 325 35.18 35.13 37.73
CA ARG I 325 36.58 35.23 37.34
C ARG I 325 37.15 33.87 36.97
N TRP I 326 36.79 32.82 37.72
CA TRP I 326 37.37 31.50 37.55
C TRP I 326 36.39 30.50 36.93
N LEU I 327 35.34 30.99 36.28
CA LEU I 327 34.27 30.11 35.84
C LEU I 327 34.68 29.21 34.68
N THR I 328 35.62 29.67 33.85
CA THR I 328 36.01 28.92 32.65
C THR I 328 37.30 28.13 32.83
N SER I 329 37.83 28.04 34.04
CA SER I 329 39.08 27.32 34.27
C SER I 329 38.88 25.82 33.98
N GLU I 330 39.93 25.21 33.45
CA GLU I 330 39.86 23.84 32.98
C GLU I 330 40.05 22.85 34.13
N MET I 331 40.11 21.57 33.78
CA MET I 331 40.09 20.49 34.78
C MET I 331 41.48 20.19 35.33
N GLU I 332 42.48 20.09 34.45
CA GLU I 332 43.82 19.65 34.83
C GLU I 332 44.68 20.78 35.36
N ASP I 333 44.08 21.87 35.83
CA ASP I 333 44.82 23.04 36.29
C ASP I 333 44.98 23.10 37.81
N VAL I 334 44.45 22.13 38.55
CA VAL I 334 44.23 22.32 39.98
C VAL I 334 45.12 21.37 40.80
N LYS I 335 46.02 20.65 40.13
CA LYS I 335 47.04 19.87 40.85
C LYS I 335 46.42 18.85 41.81
N PRO I 336 45.98 17.68 41.31
CA PRO I 336 45.30 16.69 42.16
C PRO I 336 45.90 16.47 43.55
N ALA I 337 45.03 16.16 44.51
CA ALA I 337 45.40 16.17 45.91
C ALA I 337 46.23 14.95 46.30
N LYS I 338 46.87 15.05 47.46
CA LYS I 338 47.68 13.97 48.01
C LYS I 338 46.79 12.84 48.48
N THR I 339 47.22 11.60 48.21
CA THR I 339 46.41 10.41 48.45
C THR I 339 47.05 9.54 49.51
N VAL I 340 46.26 9.11 50.48
CA VAL I 340 46.73 8.14 51.49
C VAL I 340 46.33 6.78 50.97
N ASN I 341 47.17 6.22 50.09
CA ASN I 341 46.89 4.94 49.45
C ASN I 341 47.82 3.90 50.08
N ILE I 342 47.24 3.04 50.93
CA ILE I 342 47.96 1.96 51.57
C ILE I 342 49.14 2.49 52.39
N PHE J 1 -56.05 -40.93 -57.31
CA PHE J 1 -55.54 -39.63 -56.88
C PHE J 1 -56.60 -38.88 -56.07
N ASP J 2 -56.22 -38.45 -54.86
CA ASP J 2 -57.14 -37.74 -53.98
C ASP J 2 -56.31 -36.78 -53.13
N ASN J 3 -56.99 -35.74 -52.62
CA ASN J 3 -56.38 -34.78 -51.71
C ASN J 3 -57.23 -34.48 -50.49
N SER J 4 -58.39 -35.12 -50.34
CA SER J 4 -59.25 -34.83 -49.20
C SER J 4 -58.80 -35.56 -47.94
N THR J 5 -57.91 -36.54 -48.07
CA THR J 5 -57.53 -37.37 -46.94
C THR J 5 -56.12 -37.01 -46.44
N TYR J 6 -55.89 -37.26 -45.16
CA TYR J 6 -54.60 -37.06 -44.53
C TYR J 6 -53.93 -38.41 -44.37
N ARG J 7 -52.69 -38.52 -44.87
CA ARG J 7 -51.99 -39.79 -44.90
C ARG J 7 -51.02 -40.00 -43.75
N ASN J 8 -50.66 -38.93 -43.03
CA ASN J 8 -49.72 -39.04 -41.91
C ASN J 8 -50.50 -39.33 -40.62
N LEU J 9 -51.03 -40.54 -40.54
CA LEU J 9 -51.81 -40.97 -39.39
C LEU J 9 -51.13 -42.06 -38.57
N GLN J 10 -49.91 -42.47 -38.96
CA GLN J 10 -49.22 -43.52 -38.21
C GLN J 10 -48.73 -43.04 -36.85
N HIS J 11 -48.41 -41.76 -36.72
CA HIS J 11 -47.93 -41.23 -35.44
C HIS J 11 -49.01 -41.13 -34.38
N HIS J 12 -50.23 -41.59 -34.68
CA HIS J 12 -51.30 -41.63 -33.71
C HIS J 12 -51.19 -42.83 -32.77
N GLU J 13 -50.34 -43.81 -33.08
CA GLU J 13 -50.21 -45.01 -32.29
C GLU J 13 -48.76 -45.25 -31.86
N TYR J 14 -47.98 -44.18 -31.70
CA TYR J 14 -46.61 -44.30 -31.24
C TYR J 14 -46.57 -44.29 -29.72
N SER J 15 -45.79 -45.19 -29.15
CA SER J 15 -45.63 -45.28 -27.70
C SER J 15 -44.43 -44.42 -27.27
N THR J 16 -44.02 -44.58 -26.01
CA THR J 16 -42.88 -43.82 -25.51
C THR J 16 -41.54 -44.43 -25.93
N TYR J 17 -41.53 -45.66 -26.41
CA TYR J 17 -40.29 -46.36 -26.76
C TYR J 17 -40.16 -46.58 -28.26
N THR J 18 -41.00 -45.93 -29.06
CA THR J 18 -40.98 -46.18 -30.51
C THR J 18 -39.65 -45.79 -31.12
N PHE J 19 -39.12 -44.63 -30.74
CA PHE J 19 -37.86 -44.16 -31.29
C PHE J 19 -36.71 -45.10 -30.93
N LEU J 20 -36.64 -45.52 -29.68
CA LEU J 20 -35.53 -46.38 -29.25
C LEU J 20 -35.70 -47.80 -29.77
N ASP J 21 -36.93 -48.28 -29.91
CA ASP J 21 -37.15 -49.58 -30.55
C ASP J 21 -36.69 -49.54 -32.01
N LEU J 22 -36.99 -48.44 -32.71
CA LEU J 22 -36.51 -48.29 -34.08
C LEU J 22 -34.99 -48.24 -34.12
N ASN J 23 -34.37 -47.56 -33.16
CA ASN J 23 -32.91 -47.52 -33.10
C ASN J 23 -32.33 -48.91 -32.90
N VAL J 24 -32.94 -49.71 -32.01
CA VAL J 24 -32.48 -51.07 -31.79
C VAL J 24 -32.62 -51.89 -33.07
N GLU J 25 -33.74 -51.74 -33.78
CA GLU J 25 -33.93 -52.47 -35.02
C GLU J 25 -32.89 -52.06 -36.07
N LEU J 26 -32.57 -50.78 -36.14
CA LEU J 26 -31.57 -50.29 -37.09
C LEU J 26 -30.14 -50.63 -36.70
N SER J 27 -29.91 -51.01 -35.44
CA SER J 27 -28.56 -51.34 -35.01
C SER J 27 -27.89 -52.40 -35.87
N LYS J 28 -28.65 -53.31 -36.46
CA LYS J 28 -28.09 -54.41 -37.24
C LYS J 28 -27.62 -53.97 -38.63
N PHE J 29 -28.07 -52.82 -39.11
CA PHE J 29 -27.74 -52.37 -40.46
C PHE J 29 -26.54 -51.45 -40.55
N ARG J 30 -25.95 -51.05 -39.43
CA ARG J 30 -24.92 -50.03 -39.45
C ARG J 30 -23.54 -50.61 -39.73
N MET J 31 -22.69 -49.79 -40.36
CA MET J 31 -21.30 -50.14 -40.56
C MET J 31 -20.54 -50.08 -39.24
N PRO J 32 -19.44 -50.81 -39.12
CA PRO J 32 -18.62 -50.72 -37.92
C PRO J 32 -18.13 -49.30 -37.69
N GLN J 33 -18.19 -48.86 -36.44
CA GLN J 33 -17.78 -47.51 -36.10
C GLN J 33 -16.27 -47.38 -36.13
N PRO J 34 -15.76 -46.19 -36.46
CA PRO J 34 -14.32 -45.94 -36.31
C PRO J 34 -13.94 -45.82 -34.86
N SER J 35 -12.67 -46.09 -34.58
CA SER J 35 -12.13 -46.05 -33.23
C SER J 35 -11.10 -44.94 -33.12
N SER J 36 -11.13 -44.23 -31.99
CA SER J 36 -10.16 -43.16 -31.77
C SER J 36 -8.80 -43.71 -31.34
N GLY J 37 -8.75 -44.97 -30.93
CA GLY J 37 -7.54 -45.59 -30.44
C GLY J 37 -7.50 -45.77 -28.93
N ARG J 38 -8.33 -45.05 -28.19
CA ARG J 38 -8.41 -45.19 -26.74
C ARG J 38 -9.84 -45.52 -26.35
N GLN J 39 -9.98 -46.00 -25.11
CA GLN J 39 -11.32 -46.25 -24.57
C GLN J 39 -12.05 -44.96 -24.22
N SER J 40 -11.32 -43.91 -23.85
CA SER J 40 -11.90 -42.64 -23.44
C SER J 40 -10.79 -41.60 -23.44
N PRO J 41 -11.14 -40.31 -23.54
CA PRO J 41 -10.11 -39.26 -23.43
C PRO J 41 -9.43 -39.24 -22.07
N ARG J 42 -10.03 -39.85 -21.05
CA ARG J 42 -9.44 -39.92 -19.72
C ARG J 42 -8.58 -41.15 -19.53
N HIS J 43 -8.35 -41.92 -20.58
CA HIS J 43 -7.53 -43.12 -20.49
C HIS J 43 -6.11 -42.85 -20.95
N GLN K 1 41.68 20.32 -16.02
CA GLN K 1 42.44 19.14 -16.39
C GLN K 1 42.02 17.94 -15.53
N LEU K 2 42.27 16.74 -16.02
CA LEU K 2 41.85 15.50 -15.36
C LEU K 2 43.03 14.90 -14.60
N ILE K 3 42.71 14.15 -13.54
CA ILE K 3 43.75 13.63 -12.65
C ILE K 3 43.92 12.12 -12.72
N ALA K 4 43.01 11.41 -13.40
CA ALA K 4 43.14 9.97 -13.66
C ALA K 4 43.24 9.17 -12.36
N VAL K 5 42.15 9.19 -11.61
CA VAL K 5 41.99 8.28 -10.48
C VAL K 5 41.71 6.88 -11.02
N ASP K 6 42.51 5.91 -10.60
CA ASP K 6 42.38 4.53 -11.05
C ASP K 6 42.00 3.60 -9.92
N GLU K 7 41.27 4.12 -8.93
CA GLU K 7 40.86 3.35 -7.78
C GLU K 7 39.42 2.87 -7.94
N LYS K 8 39.02 1.96 -7.07
CA LYS K 8 37.63 1.52 -7.01
C LYS K 8 36.78 2.59 -6.34
N LEU K 9 35.58 2.80 -6.88
CA LEU K 9 34.70 3.82 -6.34
C LEU K 9 34.19 3.41 -4.97
N ASP K 10 34.35 4.28 -3.98
CA ASP K 10 33.94 3.99 -2.62
C ASP K 10 33.58 5.30 -1.94
N ILE K 11 32.28 5.52 -1.73
CA ILE K 11 31.78 6.73 -1.09
C ILE K 11 31.32 6.43 0.34
N THR K 12 31.87 5.38 0.95
CA THR K 12 31.38 4.93 2.25
C THR K 12 31.60 5.99 3.33
N THR K 13 32.76 6.65 3.33
CA THR K 13 33.07 7.63 4.36
C THR K 13 32.30 8.93 4.20
N LEU K 14 31.59 9.13 3.10
CA LEU K 14 30.88 10.38 2.87
C LEU K 14 29.39 10.30 3.14
N THR K 15 28.81 9.09 3.21
CA THR K 15 27.37 8.95 3.36
C THR K 15 26.89 9.13 4.79
N GLY K 16 27.78 9.12 5.77
CA GLY K 16 27.36 9.31 7.15
C GLY K 16 26.61 8.15 7.75
N VAL K 17 26.58 7.01 7.08
CA VAL K 17 25.92 5.82 7.64
C VAL K 17 26.79 5.23 8.73
N PRO K 18 26.23 4.85 9.88
CA PRO K 18 27.03 4.17 10.91
C PRO K 18 27.64 2.89 10.36
N GLU K 19 28.87 2.60 10.81
CA GLU K 19 29.62 1.48 10.27
C GLU K 19 28.94 0.14 10.52
N GLU K 20 28.08 0.07 11.54
CA GLU K 20 27.31 -1.15 11.78
C GLU K 20 26.40 -1.46 10.59
N HIS K 21 25.78 -0.43 10.02
CA HIS K 21 24.84 -0.60 8.92
C HIS K 21 25.51 -0.56 7.57
N ILE K 22 26.82 -0.81 7.52
CA ILE K 22 27.55 -0.93 6.27
C ILE K 22 28.21 -2.28 6.13
N LYS K 23 28.81 -2.79 7.21
CA LYS K 23 29.59 -4.01 7.16
C LYS K 23 28.75 -5.25 7.45
N THR K 24 27.78 -5.15 8.34
CA THR K 24 26.96 -6.30 8.72
C THR K 24 25.65 -6.39 7.96
N ARG K 25 25.39 -5.47 7.03
CA ARG K 25 24.17 -5.51 6.24
C ARG K 25 24.40 -6.34 4.98
N LYS K 26 23.36 -7.08 4.58
CA LYS K 26 23.36 -7.86 3.35
C LYS K 26 22.16 -7.41 2.53
N VAL K 27 22.41 -6.97 1.31
CA VAL K 27 21.31 -6.50 0.48
C VAL K 27 20.99 -7.56 -0.57
N ARG K 28 19.74 -7.54 -1.02
CA ARG K 28 19.22 -8.45 -2.03
C ARG K 28 18.83 -7.63 -3.25
N ILE K 29 19.34 -8.02 -4.41
CA ILE K 29 19.05 -7.38 -5.68
C ILE K 29 18.26 -8.39 -6.51
N PHE K 30 17.05 -8.00 -6.91
CA PHE K 30 16.15 -8.98 -7.52
C PHE K 30 15.04 -8.26 -8.25
N VAL K 31 14.44 -8.94 -9.22
CA VAL K 31 13.19 -8.52 -9.82
C VAL K 31 12.06 -9.15 -9.00
N PRO K 32 11.18 -8.36 -8.40
CA PRO K 32 10.12 -8.94 -7.55
C PRO K 32 9.23 -9.89 -8.33
N ALA K 33 8.81 -10.96 -7.66
CA ALA K 33 7.93 -11.94 -8.28
C ALA K 33 6.52 -11.38 -8.41
N ARG K 34 5.81 -11.84 -9.43
CA ARG K 34 4.44 -11.40 -9.65
C ARG K 34 3.56 -11.82 -8.49
N ASN K 35 2.69 -10.92 -8.05
CA ASN K 35 1.68 -11.29 -7.08
C ASN K 35 0.78 -12.35 -7.69
N ASN K 36 0.76 -13.54 -7.08
CA ASN K 36 0.06 -14.66 -7.68
C ASN K 36 -1.45 -14.47 -7.67
N MET K 37 -1.96 -13.48 -6.93
CA MET K 37 -3.40 -13.23 -6.87
C MET K 37 -3.92 -12.48 -8.10
N GLN K 38 -3.04 -11.80 -8.83
CA GLN K 38 -3.44 -11.07 -10.03
C GLN K 38 -2.57 -11.50 -11.20
N SER K 39 -3.06 -11.27 -12.41
CA SER K 39 -2.34 -11.59 -13.63
C SER K 39 -1.52 -10.42 -14.17
N GLY K 40 -1.66 -9.23 -13.62
CA GLY K 40 -0.89 -8.11 -14.10
C GLY K 40 0.60 -8.31 -13.86
N VAL K 41 1.40 -7.85 -14.81
CA VAL K 41 2.84 -8.04 -14.77
C VAL K 41 3.59 -6.71 -14.69
N ASN K 42 2.89 -5.62 -14.41
CA ASN K 42 3.53 -4.30 -14.42
C ASN K 42 4.47 -4.09 -13.23
N ASN K 43 4.39 -4.92 -12.20
CA ASN K 43 5.26 -4.79 -11.04
C ASN K 43 6.48 -5.70 -11.11
N THR K 44 6.74 -6.30 -12.27
CA THR K 44 7.88 -7.19 -12.46
C THR K 44 8.80 -6.68 -13.58
N LYS K 45 8.87 -5.37 -13.76
CA LYS K 45 9.70 -4.78 -14.80
C LYS K 45 11.04 -4.26 -14.28
N LYS K 46 11.06 -3.66 -13.10
CA LYS K 46 12.26 -3.03 -12.56
C LYS K 46 12.94 -3.90 -11.53
N TRP K 47 14.21 -3.62 -11.30
CA TRP K 47 15.00 -4.29 -10.27
C TRP K 47 14.83 -3.56 -8.95
N LYS K 48 14.78 -4.31 -7.87
CA LYS K 48 14.68 -3.77 -6.52
C LYS K 48 15.91 -4.20 -5.72
N MET K 49 16.33 -3.29 -4.84
CA MET K 49 17.38 -3.57 -3.87
C MET K 49 16.78 -3.35 -2.49
N GLU K 50 16.87 -4.36 -1.63
CA GLU K 50 16.32 -4.30 -0.29
C GLU K 50 17.33 -4.84 0.71
N PHE K 51 17.06 -4.64 1.99
CA PHE K 51 17.96 -5.04 3.06
C PHE K 51 17.42 -6.27 3.80
N ASP K 52 18.31 -6.92 4.53
CA ASP K 52 17.94 -8.10 5.29
C ASP K 52 17.02 -7.73 6.44
N THR K 53 16.02 -8.59 6.68
CA THR K 53 15.05 -8.35 7.74
C THR K 53 15.71 -8.46 9.11
N ARG K 54 15.45 -7.48 9.96
CA ARG K 54 15.95 -7.47 11.33
C ARG K 54 14.79 -7.70 12.30
N GLU K 55 15.08 -7.58 13.59
CA GLU K 55 14.12 -7.95 14.62
C GLU K 55 13.02 -6.90 14.77
N ARG K 56 11.78 -7.38 14.88
CA ARG K 56 10.63 -6.57 15.24
C ARG K 56 10.02 -7.17 16.49
N TRP K 57 9.69 -6.33 17.47
CA TRP K 57 9.11 -6.83 18.70
C TRP K 57 7.82 -6.06 19.01
N GLU K 58 7.19 -6.42 20.12
CA GLU K 58 5.91 -5.85 20.50
C GLU K 58 6.09 -4.76 21.53
N ASN K 59 5.45 -3.62 21.31
CA ASN K 59 5.55 -2.51 22.25
C ASN K 59 4.87 -2.88 23.56
N PRO K 60 5.52 -2.66 24.70
CA PRO K 60 4.87 -2.95 25.99
C PRO K 60 3.58 -2.16 26.19
N LEU K 61 3.47 -0.99 25.58
CA LEU K 61 2.25 -0.20 25.60
C LEU K 61 1.58 -0.32 24.22
N MET K 62 0.30 -0.67 24.22
CA MET K 62 -0.54 -0.69 23.02
C MET K 62 -0.19 -1.85 22.09
N GLY K 63 0.90 -2.57 22.36
CA GLY K 63 1.24 -3.74 21.57
C GLY K 63 1.64 -3.48 20.13
N TRP K 64 2.16 -2.29 19.82
CA TRP K 64 2.58 -1.97 18.46
C TRP K 64 3.85 -2.74 18.10
N SER K 65 4.23 -2.64 16.83
CA SER K 65 5.40 -3.33 16.30
C SER K 65 6.58 -2.36 16.26
N SER K 66 7.55 -2.59 17.14
CA SER K 66 8.73 -1.75 17.28
C SER K 66 9.93 -2.36 16.57
N THR K 67 10.77 -1.49 16.03
CA THR K 67 11.98 -1.89 15.32
C THR K 67 13.15 -1.10 15.86
N ALA K 68 14.36 -1.52 15.49
CA ALA K 68 15.56 -0.81 15.90
C ALA K 68 16.53 -0.58 14.75
N ASP K 69 16.22 -0.99 13.53
CA ASP K 69 17.13 -0.75 12.42
C ASP K 69 16.53 0.26 11.45
N PRO K 70 17.27 1.29 11.06
CA PRO K 70 16.70 2.33 10.20
C PRO K 70 16.45 1.91 8.76
N LEU K 71 17.06 0.81 8.30
CA LEU K 71 16.92 0.39 6.91
C LEU K 71 15.78 -0.60 6.70
N SER K 72 14.81 -0.66 7.62
CA SER K 72 13.74 -1.63 7.50
C SER K 72 12.85 -1.37 6.29
N ASN K 73 12.61 -0.10 5.96
CA ASN K 73 11.71 0.26 4.87
C ASN K 73 12.44 0.78 3.64
N LEU K 74 13.76 0.64 3.57
CA LEU K 74 14.52 1.19 2.45
C LEU K 74 14.47 0.21 1.27
N VAL K 75 13.81 0.62 0.19
CA VAL K 75 13.75 -0.14 -1.04
C VAL K 75 14.14 0.78 -2.18
N LEU K 76 15.09 0.35 -3.01
CA LEU K 76 15.58 1.14 -4.12
C LEU K 76 15.24 0.47 -5.44
N THR K 77 15.03 1.29 -6.47
CA THR K 77 14.58 0.82 -7.78
C THR K 77 15.62 1.15 -8.83
N PHE K 78 15.95 0.16 -9.66
CA PHE K 78 16.95 0.30 -10.71
C PHE K 78 16.41 -0.27 -12.02
N SER K 79 16.94 0.23 -13.13
CA SER K 79 16.47 -0.24 -14.44
C SER K 79 17.17 -1.52 -14.87
N THR K 80 18.46 -1.67 -14.56
CA THR K 80 19.21 -2.87 -14.88
C THR K 80 19.87 -3.41 -13.63
N LYS K 81 20.24 -4.70 -13.70
CA LYS K 81 20.95 -5.34 -12.60
C LYS K 81 22.33 -4.74 -12.38
N GLU K 82 23.00 -4.33 -13.45
CA GLU K 82 24.34 -3.78 -13.34
C GLU K 82 24.33 -2.47 -12.56
N ASP K 83 23.29 -1.64 -12.74
CA ASP K 83 23.19 -0.41 -11.98
C ASP K 83 23.03 -0.68 -10.50
N ALA K 84 22.20 -1.66 -10.14
CA ALA K 84 22.03 -2.01 -8.73
C ALA K 84 23.33 -2.54 -8.15
N VAL K 85 24.05 -3.37 -8.89
CA VAL K 85 25.33 -3.89 -8.40
C VAL K 85 26.32 -2.76 -8.20
N ALA K 86 26.40 -1.83 -9.16
CA ALA K 86 27.32 -0.70 -9.03
C ALA K 86 26.98 0.15 -7.81
N PHE K 87 25.68 0.41 -7.59
CA PHE K 87 25.28 1.18 -6.42
C PHE K 87 25.67 0.48 -5.13
N ALA K 88 25.42 -0.83 -5.05
CA ALA K 88 25.76 -1.58 -3.85
C ALA K 88 27.26 -1.58 -3.59
N GLU K 89 28.07 -1.79 -4.64
CA GLU K 89 29.51 -1.80 -4.46
C GLU K 89 30.03 -0.44 -4.03
N LYS K 90 29.56 0.64 -4.67
CA LYS K 90 30.07 1.96 -4.29
C LYS K 90 29.57 2.39 -2.92
N ASN K 91 28.48 1.83 -2.44
CA ASN K 91 28.02 2.13 -1.08
C ASN K 91 28.60 1.19 -0.03
N GLY K 92 29.38 0.19 -0.44
CA GLY K 92 30.03 -0.69 0.51
C GLY K 92 29.18 -1.80 1.07
N TRP K 93 28.02 -2.07 0.50
CA TRP K 93 27.15 -3.14 0.96
C TRP K 93 27.45 -4.43 0.21
N SER K 94 27.49 -5.54 0.95
CA SER K 94 27.58 -6.85 0.32
C SER K 94 26.21 -7.29 -0.16
N PHE K 95 26.16 -7.84 -1.36
CA PHE K 95 24.90 -8.08 -2.05
C PHE K 95 24.79 -9.52 -2.50
N ASP K 96 23.54 -9.95 -2.69
CA ASP K 96 23.22 -11.21 -3.33
C ASP K 96 22.21 -10.92 -4.43
N VAL K 97 22.51 -11.39 -5.64
CA VAL K 97 21.75 -11.04 -6.84
C VAL K 97 21.03 -12.28 -7.34
N GLU K 98 19.73 -12.16 -7.58
CA GLU K 98 18.92 -13.23 -8.15
C GLU K 98 18.60 -12.88 -9.59
N GLU K 99 18.84 -13.83 -10.50
CA GLU K 99 18.57 -13.63 -11.91
C GLU K 99 17.07 -13.53 -12.16
N ARG K 100 16.73 -12.81 -13.23
CA ARG K 100 15.33 -12.62 -13.60
C ARG K 100 14.70 -13.94 -14.02
N LYS K 101 13.51 -14.21 -13.51
CA LYS K 101 12.72 -15.37 -13.91
C LYS K 101 11.59 -14.88 -14.81
N VAL K 102 11.63 -15.30 -16.07
CA VAL K 102 10.65 -14.90 -17.08
C VAL K 102 9.83 -16.13 -17.43
N PRO K 103 8.50 -16.01 -17.53
CA PRO K 103 7.69 -17.17 -17.95
C PRO K 103 8.09 -17.63 -19.34
N LYS K 104 8.12 -18.94 -19.53
CA LYS K 104 8.45 -19.51 -20.82
C LYS K 104 7.32 -19.23 -21.82
N PRO K 105 7.64 -19.14 -23.11
CA PRO K 105 6.58 -19.03 -24.12
C PRO K 105 5.74 -20.30 -24.15
N LYS K 106 4.43 -20.12 -24.12
CA LYS K 106 3.49 -21.23 -24.10
C LYS K 106 2.94 -21.49 -25.49
N SER K 107 2.49 -22.72 -25.70
CA SER K 107 1.86 -23.15 -26.95
C SER K 107 0.39 -23.39 -26.67
N LYS K 108 -0.44 -22.41 -27.01
CA LYS K 108 -1.88 -22.48 -26.78
C LYS K 108 -2.61 -22.76 -28.08
N SER K 109 -3.60 -23.64 -28.02
CA SER K 109 -4.43 -23.95 -29.17
C SER K 109 -5.84 -24.18 -28.68
N TYR K 110 -6.79 -23.37 -29.17
CA TYR K 110 -8.17 -23.54 -28.76
C TYR K 110 -8.74 -24.86 -29.27
N GLY K 111 -8.47 -25.18 -30.54
CA GLY K 111 -8.96 -26.42 -31.12
C GLY K 111 -8.51 -27.67 -30.41
N ALA K 112 -7.38 -27.61 -29.70
CA ALA K 112 -6.92 -28.75 -28.92
C ALA K 112 -7.93 -29.16 -27.86
N ASN K 113 -8.83 -28.27 -27.46
CA ASN K 113 -9.87 -28.64 -26.52
C ASN K 113 -10.81 -29.71 -27.06
N PHE K 114 -10.82 -29.94 -28.37
CA PHE K 114 -11.74 -30.88 -28.99
C PHE K 114 -11.00 -31.92 -29.83
N SER K 115 -9.97 -32.52 -29.28
CA SER K 115 -9.16 -33.46 -30.03
C SER K 115 -9.92 -34.74 -30.32
N TRP K 116 -9.64 -35.34 -31.48
CA TRP K 116 -10.31 -36.57 -31.88
C TRP K 116 -9.72 -37.78 -31.15
N ASN K 117 -8.41 -37.78 -30.92
CA ASN K 117 -7.75 -38.93 -30.34
C ASN K 117 -6.77 -38.60 -29.24
N LYS K 118 -6.44 -37.34 -29.02
CA LYS K 118 -5.47 -36.99 -28.00
C LYS K 118 -6.15 -36.85 -26.64
N ARG K 119 -5.30 -36.72 -25.61
CA ARG K 119 -5.77 -36.66 -24.24
C ARG K 119 -6.21 -35.25 -23.84
N THR K 120 -5.99 -34.26 -24.70
CA THR K 120 -6.22 -32.87 -24.32
C THR K 120 -7.68 -32.45 -24.49
N ARG K 121 -8.53 -33.34 -25.01
CA ARG K 121 -9.94 -33.00 -25.20
C ARG K 121 -10.61 -32.78 -23.84
N VAL K 122 -11.32 -31.66 -23.72
CA VAL K 122 -11.95 -31.32 -22.45
C VAL K 122 -13.29 -32.02 -22.31
N SER K 123 -13.80 -32.05 -21.09
CA SER K 123 -15.09 -32.66 -20.80
C SER K 123 -16.19 -31.64 -20.56
N THR K 124 -15.85 -30.37 -20.39
CA THR K 124 -16.85 -29.34 -20.18
C THR K 124 -16.27 -27.98 -20.55
N LYS K 125 -17.16 -27.03 -20.81
CA LYS K 125 -16.76 -25.66 -21.08
C LYS K 125 -17.36 -24.72 -20.04
N SER L 1 13.22 -18.68 -42.07
CA SER L 1 12.70 -19.40 -40.93
C SER L 1 11.21 -19.71 -41.10
N ASN L 2 10.63 -20.30 -40.05
CA ASN L 2 9.19 -20.55 -40.02
C ASN L 2 8.40 -19.37 -39.45
N LEU L 3 9.09 -18.37 -38.91
CA LEU L 3 8.41 -17.23 -38.32
C LEU L 3 7.66 -16.42 -39.38
N ILE L 4 6.53 -15.86 -38.96
CA ILE L 4 5.73 -14.97 -39.79
C ILE L 4 5.74 -13.59 -39.17
N GLU L 5 5.54 -12.58 -40.01
CA GLU L 5 5.58 -11.19 -39.60
C GLU L 5 4.17 -10.69 -39.30
N VAL L 6 3.99 -10.15 -38.11
CA VAL L 6 2.75 -9.49 -37.72
C VAL L 6 3.11 -8.09 -37.25
N PHE L 7 2.09 -7.27 -37.05
CA PHE L 7 2.30 -5.90 -36.59
C PHE L 7 1.45 -5.62 -35.37
N VAL L 8 2.09 -5.11 -34.32
CA VAL L 8 1.39 -4.62 -33.14
C VAL L 8 1.52 -3.10 -33.15
N ASP L 9 0.40 -2.42 -33.39
CA ASP L 9 0.37 -0.97 -33.49
C ASP L 9 1.38 -0.45 -34.51
N GLY L 10 1.56 -1.22 -35.59
CA GLY L 10 2.48 -0.85 -36.63
C GLY L 10 3.92 -1.26 -36.41
N GLN L 11 4.21 -2.00 -35.35
CA GLN L 11 5.56 -2.47 -35.07
C GLN L 11 5.69 -3.92 -35.49
N SER L 12 6.76 -4.22 -36.24
CA SER L 12 6.96 -5.55 -36.79
C SER L 12 7.40 -6.54 -35.71
N VAL L 13 6.78 -7.71 -35.67
CA VAL L 13 7.09 -8.77 -34.74
C VAL L 13 7.15 -10.08 -35.52
N MET L 14 8.12 -10.92 -35.19
CA MET L 14 8.29 -12.21 -35.85
C MET L 14 7.88 -13.31 -34.88
N VAL L 15 6.85 -14.08 -35.24
CA VAL L 15 6.26 -15.04 -34.32
C VAL L 15 6.11 -16.39 -35.00
N GLU L 16 6.12 -17.45 -34.20
CA GLU L 16 5.88 -18.79 -34.72
C GLU L 16 4.41 -18.96 -35.10
N PRO L 17 4.13 -19.81 -36.09
CA PRO L 17 2.73 -20.09 -36.43
C PRO L 17 2.00 -20.73 -35.26
N GLY L 18 0.73 -20.38 -35.11
CA GLY L 18 -0.06 -20.81 -33.98
C GLY L 18 -0.03 -19.88 -32.79
N THR L 19 0.83 -18.86 -32.81
CA THR L 19 0.83 -17.85 -31.77
C THR L 19 -0.47 -17.04 -31.84
N THR L 20 -1.06 -16.78 -30.68
CA THR L 20 -2.29 -16.02 -30.64
C THR L 20 -2.00 -14.52 -30.60
N VAL L 21 -3.05 -13.72 -30.76
CA VAL L 21 -2.92 -12.27 -30.74
C VAL L 21 -2.39 -11.80 -29.39
N LEU L 22 -2.82 -12.45 -28.31
CA LEU L 22 -2.38 -12.07 -26.97
C LEU L 22 -0.88 -12.28 -26.80
N GLN L 23 -0.34 -13.41 -27.26
CA GLN L 23 1.08 -13.66 -27.13
C GLN L 23 1.89 -12.74 -28.03
N ALA L 24 1.39 -12.45 -29.23
CA ALA L 24 2.07 -11.48 -30.10
C ALA L 24 2.11 -10.11 -29.45
N CYS L 25 1.01 -9.71 -28.82
CA CYS L 25 0.97 -8.40 -28.15
C CYS L 25 1.91 -8.36 -26.96
N GLU L 26 2.00 -9.45 -26.21
CA GLU L 26 2.90 -9.47 -25.06
C GLU L 26 4.36 -9.63 -25.47
N LYS L 27 4.63 -10.01 -26.73
CA LYS L 27 6.00 -10.00 -27.22
C LYS L 27 6.57 -8.61 -27.38
N VAL L 28 5.75 -7.56 -27.30
CA VAL L 28 6.23 -6.18 -27.31
C VAL L 28 5.89 -5.45 -26.02
N GLY L 29 5.56 -6.18 -24.96
CA GLY L 29 5.29 -5.58 -23.68
C GLY L 29 3.89 -5.08 -23.46
N MET L 30 2.95 -5.44 -24.32
CA MET L 30 1.56 -5.02 -24.19
C MET L 30 0.75 -6.15 -23.60
N GLN L 31 0.19 -5.93 -22.41
CA GLN L 31 -0.64 -6.93 -21.75
C GLN L 31 -2.11 -6.63 -22.05
N ILE L 32 -2.74 -7.51 -22.81
CA ILE L 32 -4.16 -7.37 -23.13
C ILE L 32 -4.98 -7.67 -21.87
N PRO L 33 -6.04 -6.91 -21.59
CA PRO L 33 -6.91 -7.25 -20.47
C PRO L 33 -7.50 -8.65 -20.61
N ARG L 34 -7.65 -9.33 -19.49
CA ARG L 34 -8.10 -10.72 -19.49
C ARG L 34 -8.80 -11.02 -18.18
N PHE L 35 -9.74 -11.94 -18.23
CA PHE L 35 -10.29 -12.51 -17.01
C PHE L 35 -10.30 -14.03 -17.02
N CYS L 36 -10.60 -14.65 -18.15
CA CYS L 36 -10.75 -16.10 -18.22
C CYS L 36 -9.52 -16.80 -18.77
N TYR L 37 -8.62 -16.08 -19.42
CA TYR L 37 -7.44 -16.71 -20.01
C TYR L 37 -6.36 -16.87 -18.94
N HIS L 38 -5.84 -18.07 -18.81
CA HIS L 38 -4.66 -18.36 -18.02
C HIS L 38 -3.69 -19.16 -18.87
N GLU L 39 -2.42 -18.78 -18.84
CA GLU L 39 -1.44 -19.38 -19.74
C GLU L 39 -1.13 -20.82 -19.40
N ARG L 40 -1.55 -21.30 -18.22
CA ARG L 40 -1.37 -22.70 -17.85
C ARG L 40 -2.67 -23.48 -17.88
N LEU L 41 -3.74 -22.90 -18.41
CA LEU L 41 -5.02 -23.58 -18.54
C LEU L 41 -5.42 -23.59 -20.01
N SER L 42 -6.40 -24.42 -20.34
CA SER L 42 -6.94 -24.43 -21.69
C SER L 42 -7.69 -23.14 -21.99
N VAL L 43 -7.70 -22.75 -23.26
CA VAL L 43 -8.37 -21.52 -23.64
C VAL L 43 -9.87 -21.66 -23.47
N ALA L 44 -10.49 -20.64 -22.90
CA ALA L 44 -11.93 -20.60 -22.70
C ALA L 44 -12.63 -19.67 -23.69
N GLY L 45 -12.22 -18.40 -23.75
CA GLY L 45 -12.82 -17.44 -24.65
C GLY L 45 -14.19 -16.94 -24.25
N ASN L 46 -14.55 -16.99 -22.96
CA ASN L 46 -15.91 -16.66 -22.58
C ASN L 46 -16.02 -15.27 -21.95
N CYS L 47 -14.96 -14.81 -21.28
CA CYS L 47 -15.06 -13.54 -20.57
C CYS L 47 -15.16 -12.35 -21.53
N ARG L 48 -14.56 -12.48 -22.71
CA ARG L 48 -14.62 -11.50 -23.79
C ARG L 48 -13.94 -10.17 -23.45
N MET L 49 -13.14 -10.13 -22.39
CA MET L 49 -12.44 -8.90 -22.05
C MET L 49 -11.26 -8.63 -22.97
N CYS L 50 -10.76 -9.64 -23.67
CA CYS L 50 -9.56 -9.53 -24.48
C CYS L 50 -9.85 -9.10 -25.92
N LEU L 51 -11.07 -8.66 -26.22
CA LEU L 51 -11.42 -8.31 -27.60
C LEU L 51 -10.58 -7.13 -28.08
N VAL L 52 -9.97 -7.31 -29.25
CA VAL L 52 -9.05 -6.33 -29.82
C VAL L 52 -9.41 -6.15 -31.29
N GLU L 53 -9.08 -4.98 -31.83
CA GLU L 53 -9.37 -4.63 -33.21
C GLU L 53 -8.19 -4.98 -34.11
N ILE L 54 -8.49 -5.64 -35.23
CA ILE L 54 -7.52 -5.86 -36.28
C ILE L 54 -7.79 -4.85 -37.39
N GLU L 55 -6.74 -4.22 -37.90
CA GLU L 55 -6.90 -3.21 -38.93
C GLU L 55 -7.59 -3.78 -40.16
N LYS L 56 -8.51 -3.01 -40.73
CA LYS L 56 -9.28 -3.37 -41.92
C LYS L 56 -10.24 -4.53 -41.67
N ALA L 57 -10.55 -4.82 -40.41
CA ALA L 57 -11.51 -5.87 -40.06
C ALA L 57 -12.64 -5.25 -39.24
N PRO L 58 -13.89 -5.36 -39.67
CA PRO L 58 -14.98 -4.72 -38.92
C PRO L 58 -15.24 -5.35 -37.56
N LYS L 59 -14.92 -6.62 -37.37
CA LYS L 59 -15.22 -7.33 -36.14
C LYS L 59 -13.98 -7.43 -35.26
N VAL L 60 -14.14 -7.16 -33.97
CA VAL L 60 -13.07 -7.37 -33.00
C VAL L 60 -12.94 -8.86 -32.74
N VAL L 61 -11.72 -9.29 -32.40
CA VAL L 61 -11.43 -10.71 -32.22
C VAL L 61 -10.96 -10.94 -30.79
N ALA L 62 -11.18 -12.16 -30.30
CA ALA L 62 -10.71 -12.55 -28.97
C ALA L 62 -9.23 -12.87 -29.04
N ALA L 63 -8.40 -11.99 -28.46
CA ALA L 63 -6.96 -12.13 -28.57
C ALA L 63 -6.44 -13.40 -27.91
N CYS L 64 -7.18 -13.95 -26.95
CA CYS L 64 -6.71 -15.11 -26.21
C CYS L 64 -6.86 -16.41 -26.99
N ALA L 65 -7.68 -16.43 -28.05
CA ALA L 65 -7.93 -17.65 -28.80
C ALA L 65 -7.72 -17.49 -30.31
N MET L 66 -7.34 -16.31 -30.78
CA MET L 66 -7.23 -16.03 -32.20
C MET L 66 -5.78 -16.13 -32.65
N PRO L 67 -5.41 -17.11 -33.47
CA PRO L 67 -4.05 -17.15 -34.00
C PRO L 67 -3.80 -15.97 -34.93
N VAL L 68 -2.58 -15.41 -34.86
CA VAL L 68 -2.24 -14.27 -35.68
C VAL L 68 -2.04 -14.73 -37.13
N MET L 69 -2.52 -13.92 -38.07
CA MET L 69 -2.32 -14.17 -39.49
C MET L 69 -1.15 -13.34 -39.99
N LYS L 70 -0.66 -13.71 -41.18
CA LYS L 70 0.43 -12.98 -41.80
C LYS L 70 -0.04 -11.59 -42.23
N GLY L 71 0.72 -10.57 -41.83
CA GLY L 71 0.42 -9.21 -42.22
C GLY L 71 -0.63 -8.51 -41.39
N TRP L 72 -1.14 -9.14 -40.33
CA TRP L 72 -2.13 -8.50 -39.48
C TRP L 72 -1.51 -7.37 -38.70
N ASN L 73 -2.28 -6.30 -38.52
CA ASN L 73 -1.87 -5.16 -37.68
C ASN L 73 -2.83 -5.07 -36.51
N ILE L 74 -2.34 -5.39 -35.32
CA ILE L 74 -3.15 -5.39 -34.12
C ILE L 74 -3.18 -3.99 -33.53
N LEU L 75 -4.38 -3.48 -33.25
CA LEU L 75 -4.57 -2.13 -32.74
C LEU L 75 -5.07 -2.23 -31.31
N THR L 76 -4.14 -2.33 -30.37
CA THR L 76 -4.48 -2.57 -28.98
C THR L 76 -5.08 -1.36 -28.29
N ASN L 77 -4.97 -0.17 -28.88
CA ASN L 77 -5.44 1.06 -28.22
C ASN L 77 -6.28 1.93 -29.14
N SER L 78 -7.01 1.33 -30.07
CA SER L 78 -7.90 2.12 -30.91
C SER L 78 -9.25 2.30 -30.23
N GLU L 79 -10.09 3.15 -30.83
CA GLU L 79 -11.38 3.46 -30.24
C GLU L 79 -12.26 2.22 -30.13
N LYS L 80 -12.19 1.34 -31.13
CA LYS L 80 -13.00 0.12 -31.10
C LYS L 80 -12.60 -0.79 -29.94
N SER L 81 -11.30 -0.97 -29.72
CA SER L 81 -10.85 -1.83 -28.62
C SER L 81 -11.23 -1.24 -27.27
N LYS L 82 -11.06 0.08 -27.10
CA LYS L 82 -11.43 0.72 -25.84
C LYS L 82 -12.92 0.60 -25.58
N LYS L 83 -13.75 0.81 -26.61
CA LYS L 83 -15.19 0.69 -26.43
C LYS L 83 -15.59 -0.74 -26.11
N ALA L 84 -14.94 -1.73 -26.74
CA ALA L 84 -15.23 -3.12 -26.40
C ALA L 84 -14.89 -3.42 -24.95
N ARG L 85 -13.72 -2.95 -24.49
CA ARG L 85 -13.34 -3.16 -23.10
C ARG L 85 -14.34 -2.52 -22.15
N GLU L 86 -14.77 -1.29 -22.45
CA GLU L 86 -15.71 -0.61 -21.58
C GLU L 86 -17.05 -1.34 -21.52
N GLY L 87 -17.55 -1.80 -22.67
CA GLY L 87 -18.81 -2.53 -22.67
C GLY L 87 -18.72 -3.83 -21.90
N VAL L 88 -17.62 -4.58 -22.08
CA VAL L 88 -17.48 -5.84 -21.37
C VAL L 88 -17.38 -5.61 -19.87
N MET L 89 -16.63 -4.58 -19.46
CA MET L 89 -16.54 -4.29 -18.03
C MET L 89 -17.87 -3.84 -17.46
N GLU L 90 -18.65 -3.10 -18.24
CA GLU L 90 -19.99 -2.70 -17.80
C GLU L 90 -20.87 -3.92 -17.56
N PHE L 91 -20.83 -4.89 -18.49
CA PHE L 91 -21.60 -6.11 -18.29
C PHE L 91 -21.10 -6.88 -17.08
N LEU L 92 -19.78 -6.94 -16.88
CA LEU L 92 -19.23 -7.67 -15.74
C LEU L 92 -19.68 -7.05 -14.42
N LEU L 93 -19.71 -5.72 -14.35
CA LEU L 93 -20.06 -5.03 -13.12
C LEU L 93 -21.57 -4.85 -12.94
N ALA L 94 -22.37 -5.21 -13.93
CA ALA L 94 -23.82 -4.98 -13.84
C ALA L 94 -24.42 -5.72 -12.65
N ASN L 95 -24.04 -6.99 -12.46
CA ASN L 95 -24.60 -7.81 -11.38
C ASN L 95 -23.61 -8.08 -10.27
N HIS L 96 -22.44 -7.43 -10.27
CA HIS L 96 -21.46 -7.67 -9.23
C HIS L 96 -21.91 -7.04 -7.91
N PRO L 97 -21.66 -7.68 -6.78
CA PRO L 97 -22.10 -7.12 -5.50
C PRO L 97 -21.18 -6.04 -4.98
N LEU L 98 -21.79 -5.06 -4.30
CA LEU L 98 -21.04 -3.96 -3.69
C LEU L 98 -20.37 -4.45 -2.41
N ASP L 99 -19.37 -5.30 -2.59
CA ASP L 99 -18.77 -6.04 -1.49
C ASP L 99 -17.31 -5.68 -1.23
N CYS L 100 -16.77 -4.70 -1.94
CA CYS L 100 -15.33 -4.44 -1.86
C CYS L 100 -14.81 -4.21 -0.44
N PRO L 101 -15.47 -3.42 0.43
CA PRO L 101 -14.95 -3.29 1.79
C PRO L 101 -14.93 -4.57 2.59
N ILE L 102 -15.89 -5.48 2.38
CA ILE L 102 -15.92 -6.74 3.12
C ILE L 102 -15.29 -7.89 2.33
N CYS L 103 -14.81 -7.64 1.12
CA CYS L 103 -14.20 -8.67 0.29
C CYS L 103 -12.71 -8.75 0.58
N ASP L 104 -12.19 -9.97 0.71
CA ASP L 104 -10.77 -10.16 0.93
C ASP L 104 -9.93 -9.87 -0.31
N GLN L 105 -10.55 -9.81 -1.48
CA GLN L 105 -9.85 -9.48 -2.71
C GLN L 105 -9.65 -7.97 -2.88
N GLY L 106 -9.87 -7.19 -1.82
CA GLY L 106 -9.94 -5.74 -1.92
C GLY L 106 -8.86 -5.07 -2.73
N GLY L 107 -7.63 -5.05 -2.24
CA GLY L 107 -6.58 -4.41 -3.00
C GLY L 107 -5.88 -5.30 -3.99
N GLU L 108 -6.38 -6.51 -4.20
CA GLU L 108 -5.73 -7.51 -5.05
C GLU L 108 -6.63 -7.98 -6.19
N CYS L 109 -7.67 -7.23 -6.50
CA CYS L 109 -8.71 -7.69 -7.43
C CYS L 109 -8.33 -7.33 -8.85
N ASP L 110 -8.35 -8.31 -9.74
CA ASP L 110 -8.20 -8.02 -11.16
C ASP L 110 -9.42 -7.28 -11.70
N LEU L 111 -10.61 -7.58 -11.16
CA LEU L 111 -11.81 -6.85 -11.54
C LEU L 111 -11.66 -5.37 -11.20
N GLN L 112 -11.24 -5.07 -9.98
CA GLN L 112 -11.05 -3.68 -9.55
C GLN L 112 -10.02 -2.97 -10.44
N ASP L 113 -8.86 -3.59 -10.61
CA ASP L 113 -7.77 -2.93 -11.34
C ASP L 113 -8.13 -2.71 -12.81
N GLN L 114 -8.69 -3.73 -13.45
CA GLN L 114 -9.05 -3.58 -14.86
C GLN L 114 -10.26 -2.69 -15.05
N SER L 115 -11.10 -2.52 -14.01
CA SER L 115 -12.12 -1.48 -14.06
C SER L 115 -11.51 -0.09 -13.97
N MET L 116 -10.46 0.07 -13.17
CA MET L 116 -9.83 1.37 -13.04
C MET L 116 -8.99 1.72 -14.27
N MET L 117 -8.47 0.72 -14.99
CA MET L 117 -7.60 0.99 -16.13
C MET L 117 -8.28 0.90 -17.48
N PHE L 118 -9.35 0.12 -17.60
CA PHE L 118 -9.97 -0.11 -18.90
C PHE L 118 -11.46 0.14 -18.93
N GLY L 119 -12.14 0.21 -17.78
CA GLY L 119 -13.56 0.42 -17.75
C GLY L 119 -13.94 1.89 -17.62
N SER L 120 -15.23 2.11 -17.51
CA SER L 120 -15.76 3.45 -17.28
C SER L 120 -15.69 3.79 -15.79
N ASP L 121 -16.22 4.95 -15.42
CA ASP L 121 -16.19 5.38 -14.03
C ASP L 121 -17.57 5.52 -13.41
N ARG L 122 -18.63 5.38 -14.19
CA ARG L 122 -20.00 5.53 -13.70
C ARG L 122 -20.79 4.26 -13.98
N SER L 123 -22.02 4.24 -13.52
CA SER L 123 -22.95 3.14 -13.78
C SER L 123 -24.27 3.70 -14.29
N ARG L 124 -24.79 3.06 -15.34
CA ARG L 124 -26.13 3.35 -15.83
C ARG L 124 -27.05 2.14 -15.67
N PHE L 125 -26.73 1.25 -14.73
CA PHE L 125 -27.55 0.08 -14.43
C PHE L 125 -28.54 0.48 -13.34
N LEU L 126 -29.83 0.45 -13.67
CA LEU L 126 -30.87 0.98 -12.80
C LEU L 126 -31.85 -0.09 -12.36
N GLU L 127 -31.37 -1.33 -12.21
CA GLU L 127 -32.22 -2.46 -11.86
C GLU L 127 -31.74 -3.07 -10.54
N GLY L 128 -32.32 -4.22 -10.19
CA GLY L 128 -31.85 -4.98 -9.06
C GLY L 128 -30.84 -6.04 -9.49
N LYS L 129 -29.91 -6.31 -8.59
CA LYS L 129 -28.84 -7.26 -8.88
C LYS L 129 -29.28 -8.69 -8.54
N ARG L 130 -28.53 -9.64 -9.07
CA ARG L 130 -28.78 -11.06 -8.79
C ARG L 130 -28.00 -11.49 -7.55
N ALA L 131 -28.53 -12.52 -6.89
CA ALA L 131 -27.91 -13.06 -5.70
C ALA L 131 -27.87 -14.58 -5.80
N VAL L 132 -26.75 -15.18 -5.40
CA VAL L 132 -26.51 -16.60 -5.53
C VAL L 132 -26.20 -17.17 -4.16
N GLU L 133 -26.80 -18.31 -3.84
CA GLU L 133 -26.49 -18.98 -2.59
C GLU L 133 -25.07 -19.53 -2.62
N ASP L 134 -24.46 -19.60 -1.44
CA ASP L 134 -23.09 -20.06 -1.32
C ASP L 134 -23.02 -21.58 -1.30
N LYS L 135 -21.87 -22.11 -1.70
CA LYS L 135 -21.61 -23.54 -1.71
C LYS L 135 -20.46 -23.85 -0.76
N ASN L 136 -20.55 -24.97 -0.07
CA ASN L 136 -19.51 -25.40 0.85
C ASN L 136 -18.69 -26.51 0.19
N ILE L 137 -17.43 -26.20 -0.13
CA ILE L 137 -16.54 -27.17 -0.73
C ILE L 137 -15.39 -27.53 0.19
N GLY L 138 -15.52 -27.27 1.49
CA GLY L 138 -14.50 -27.66 2.44
C GLY L 138 -14.03 -26.53 3.33
N PRO L 139 -13.11 -26.83 4.25
CA PRO L 139 -12.64 -25.80 5.19
C PRO L 139 -11.54 -24.92 4.64
N LEU L 140 -10.97 -25.26 3.49
CA LEU L 140 -9.82 -24.52 3.01
C LEU L 140 -10.24 -23.36 2.11
N VAL L 141 -11.25 -23.57 1.28
CA VAL L 141 -11.68 -22.58 0.30
C VAL L 141 -13.03 -22.02 0.72
N LYS L 142 -13.06 -20.73 1.05
CA LYS L 142 -14.29 -20.04 1.36
C LYS L 142 -14.94 -19.57 0.07
N THR L 143 -16.25 -19.78 -0.02
CA THR L 143 -17.00 -19.57 -1.25
C THR L 143 -18.06 -18.52 -1.03
N ILE L 144 -18.02 -17.47 -1.84
CA ILE L 144 -19.08 -16.46 -1.90
C ILE L 144 -19.41 -16.24 -3.37
N MET L 145 -20.41 -16.95 -3.87
CA MET L 145 -20.56 -17.10 -5.31
C MET L 145 -21.24 -15.91 -5.97
N THR L 146 -21.72 -14.94 -5.18
CA THR L 146 -22.27 -13.72 -5.77
C THR L 146 -21.17 -12.94 -6.48
N ARG L 147 -19.93 -13.07 -6.03
CA ARG L 147 -18.81 -12.37 -6.65
C ARG L 147 -18.27 -13.11 -7.85
N CYS L 148 -18.82 -14.27 -8.18
CA CYS L 148 -18.36 -15.04 -9.33
C CYS L 148 -18.72 -14.33 -10.63
N ILE L 149 -17.77 -14.31 -11.57
CA ILE L 149 -18.01 -13.74 -12.89
C ILE L 149 -18.02 -14.82 -13.97
N GLN L 150 -18.00 -16.09 -13.58
CA GLN L 150 -18.20 -17.22 -14.49
C GLN L 150 -17.10 -17.31 -15.55
N CYS L 151 -15.85 -17.12 -15.11
CA CYS L 151 -14.73 -17.25 -16.04
C CYS L 151 -14.34 -18.71 -16.23
N THR L 152 -14.84 -19.59 -15.36
CA THR L 152 -14.57 -21.03 -15.38
C THR L 152 -13.10 -21.38 -15.26
N ARG L 153 -12.31 -20.54 -14.58
CA ARG L 153 -10.90 -20.88 -14.35
C ARG L 153 -10.77 -22.04 -13.38
N CYS L 154 -11.57 -22.04 -12.31
CA CYS L 154 -11.49 -23.09 -11.31
C CYS L 154 -11.88 -24.44 -11.89
N ILE L 155 -12.91 -24.45 -12.76
CA ILE L 155 -13.36 -25.70 -13.37
C ILE L 155 -12.25 -26.30 -14.22
N ARG L 156 -11.62 -25.49 -15.05
CA ARG L 156 -10.53 -25.98 -15.90
C ARG L 156 -9.35 -26.43 -15.07
N PHE L 157 -9.01 -25.68 -14.01
CA PHE L 157 -7.90 -26.09 -13.16
C PHE L 157 -8.16 -27.44 -12.52
N ALA L 158 -9.37 -27.62 -11.96
CA ALA L 158 -9.70 -28.89 -11.34
C ALA L 158 -9.68 -30.02 -12.35
N SER L 159 -10.23 -29.79 -13.53
CA SER L 159 -10.34 -30.85 -14.52
C SER L 159 -8.97 -31.25 -15.08
N GLU L 160 -8.08 -30.28 -15.29
CA GLU L 160 -6.82 -30.54 -15.97
C GLU L 160 -5.64 -30.68 -14.99
N ILE L 161 -5.39 -29.65 -14.18
CA ILE L 161 -4.22 -29.67 -13.32
C ILE L 161 -4.40 -30.67 -12.18
N ALA L 162 -5.57 -30.66 -11.54
CA ALA L 162 -5.80 -31.47 -10.36
C ALA L 162 -6.33 -32.86 -10.67
N GLY L 163 -6.84 -33.09 -11.89
CA GLY L 163 -7.41 -34.37 -12.21
C GLY L 163 -8.67 -34.70 -11.46
N VAL L 164 -9.38 -33.68 -10.97
CA VAL L 164 -10.61 -33.86 -10.20
C VAL L 164 -11.73 -33.15 -10.97
N ASP L 165 -12.76 -33.90 -11.33
CA ASP L 165 -13.84 -33.39 -12.18
C ASP L 165 -15.09 -33.08 -11.38
N ASP L 166 -14.93 -32.52 -10.18
CA ASP L 166 -16.06 -32.25 -9.29
C ASP L 166 -16.72 -30.90 -9.54
N LEU L 167 -16.05 -29.97 -10.21
CA LEU L 167 -16.56 -28.63 -10.41
C LEU L 167 -17.18 -28.48 -11.79
N GLY L 168 -18.24 -27.70 -11.89
CA GLY L 168 -18.91 -27.50 -13.15
C GLY L 168 -19.89 -26.34 -13.06
N THR L 169 -20.70 -26.21 -14.10
CA THR L 169 -21.74 -25.19 -14.16
C THR L 169 -23.10 -25.85 -14.26
N THR L 170 -24.05 -25.37 -13.47
CA THR L 170 -25.43 -25.81 -13.53
C THR L 170 -26.31 -24.65 -13.93
N GLY L 171 -27.40 -24.96 -14.63
CA GLY L 171 -28.26 -23.94 -15.17
C GLY L 171 -27.70 -23.34 -16.44
N ARG L 172 -28.39 -22.32 -16.93
CA ARG L 172 -27.93 -21.62 -18.11
C ARG L 172 -28.48 -20.20 -18.09
N GLY L 173 -27.91 -19.35 -18.93
CA GLY L 173 -28.31 -17.97 -18.96
C GLY L 173 -27.71 -17.19 -17.80
N ASN L 174 -28.47 -16.22 -17.31
CA ASN L 174 -28.02 -15.40 -16.18
C ASN L 174 -27.92 -16.23 -14.91
N ASP L 175 -28.80 -17.22 -14.75
CA ASP L 175 -28.83 -18.05 -13.55
C ASP L 175 -28.00 -19.32 -13.73
N MET L 176 -26.77 -19.13 -14.18
CA MET L 176 -25.81 -20.22 -14.34
C MET L 176 -24.80 -20.12 -13.21
N GLN L 177 -24.63 -21.20 -12.46
CA GLN L 177 -23.85 -21.18 -11.23
C GLN L 177 -22.72 -22.19 -11.29
N VAL L 178 -21.57 -21.81 -10.73
CA VAL L 178 -20.41 -22.70 -10.66
C VAL L 178 -20.42 -23.42 -9.32
N GLY L 179 -20.38 -24.74 -9.37
CA GLY L 179 -20.37 -25.51 -8.13
C GLY L 179 -20.29 -26.99 -8.41
N THR L 180 -20.73 -27.78 -7.44
CA THR L 180 -20.74 -29.23 -7.54
C THR L 180 -22.14 -29.81 -7.66
N TYR L 181 -23.18 -28.99 -7.50
CA TYR L 181 -24.58 -29.35 -7.62
C TYR L 181 -25.02 -30.23 -6.44
N ILE L 182 -24.07 -30.71 -5.67
CA ILE L 182 -24.33 -31.52 -4.48
C ILE L 182 -23.40 -31.01 -3.39
N GLU L 183 -23.75 -31.32 -2.15
CA GLU L 183 -22.88 -30.98 -1.03
C GLU L 183 -21.70 -31.93 -1.05
N LYS L 184 -20.58 -31.49 -1.63
CA LYS L 184 -19.41 -32.32 -1.82
C LYS L 184 -18.16 -31.51 -1.49
N MET L 185 -17.24 -32.14 -0.79
CA MET L 185 -15.98 -31.52 -0.42
C MET L 185 -15.01 -31.60 -1.59
N PHE L 186 -14.34 -30.49 -1.88
CA PHE L 186 -13.32 -30.46 -2.93
C PHE L 186 -11.96 -30.68 -2.29
N MET L 187 -11.65 -31.95 -2.00
CA MET L 187 -10.37 -32.33 -1.41
C MET L 187 -9.40 -32.73 -2.51
N SER L 188 -8.27 -32.04 -2.54
CA SER L 188 -7.17 -32.32 -3.44
C SER L 188 -5.92 -31.77 -2.78
N GLU L 189 -4.79 -32.43 -3.02
CA GLU L 189 -3.55 -31.92 -2.47
C GLU L 189 -3.15 -30.58 -3.10
N LEU L 190 -3.79 -30.20 -4.22
CA LEU L 190 -3.57 -28.90 -4.85
C LEU L 190 -4.84 -28.07 -4.88
N SER L 191 -5.77 -28.29 -3.95
CA SER L 191 -7.07 -27.63 -4.01
C SER L 191 -7.00 -26.14 -3.72
N GLY L 192 -6.00 -25.68 -2.96
CA GLY L 192 -5.92 -24.28 -2.61
C GLY L 192 -5.59 -23.34 -3.74
N ASN L 193 -4.99 -23.85 -4.81
CA ASN L 193 -4.58 -22.99 -5.91
C ASN L 193 -5.75 -22.34 -6.63
N ILE L 194 -6.95 -22.91 -6.54
CA ILE L 194 -8.12 -22.26 -7.13
C ILE L 194 -8.40 -20.93 -6.46
N ILE L 195 -7.93 -20.74 -5.22
CA ILE L 195 -8.05 -19.42 -4.58
C ILE L 195 -7.22 -18.40 -5.34
N ASP L 196 -6.03 -18.79 -5.79
CA ASP L 196 -5.14 -17.83 -6.45
C ASP L 196 -5.59 -17.55 -7.88
N ILE L 197 -6.11 -18.56 -8.58
CA ILE L 197 -6.48 -18.37 -9.97
C ILE L 197 -7.77 -17.57 -10.09
N CYS L 198 -8.63 -17.64 -9.10
CA CYS L 198 -9.90 -16.92 -9.17
C CYS L 198 -9.61 -15.43 -9.14
N PRO L 199 -9.98 -14.67 -10.18
CA PRO L 199 -9.63 -13.24 -10.22
C PRO L 199 -10.38 -12.41 -9.20
N VAL L 200 -11.46 -12.93 -8.64
CA VAL L 200 -12.34 -12.17 -7.76
C VAL L 200 -12.38 -12.85 -6.40
N GLY L 201 -13.17 -12.31 -5.49
CA GLY L 201 -13.32 -12.86 -4.16
C GLY L 201 -14.31 -14.00 -4.06
N ALA L 202 -14.74 -14.57 -5.17
CA ALA L 202 -15.66 -15.70 -5.13
C ALA L 202 -15.04 -16.89 -4.42
N LEU L 203 -13.76 -17.16 -4.67
CA LEU L 203 -13.00 -18.17 -3.96
C LEU L 203 -11.90 -17.48 -3.18
N THR L 204 -11.90 -17.66 -1.86
CA THR L 204 -10.90 -17.03 -1.00
C THR L 204 -10.36 -18.05 -0.02
N SER L 205 -9.32 -17.67 0.70
CA SER L 205 -8.75 -18.53 1.73
C SER L 205 -9.49 -18.35 3.04
N LYS L 206 -9.91 -19.46 3.64
CA LYS L 206 -10.67 -19.39 4.89
C LYS L 206 -9.77 -19.10 6.09
N PRO L 207 -8.63 -19.77 6.26
CA PRO L 207 -7.75 -19.41 7.38
C PRO L 207 -7.25 -17.97 7.33
N TYR L 208 -7.10 -17.39 6.14
CA TYR L 208 -6.59 -16.05 5.96
C TYR L 208 -7.66 -14.97 6.10
N ALA L 209 -8.93 -15.36 6.25
CA ALA L 209 -10.03 -14.42 6.08
C ALA L 209 -9.97 -13.27 7.07
N PHE L 210 -10.14 -12.05 6.54
CA PHE L 210 -10.34 -10.80 7.27
C PHE L 210 -9.11 -10.35 8.05
N THR L 211 -7.98 -11.03 7.95
CA THR L 211 -6.87 -10.73 8.84
C THR L 211 -5.97 -9.62 8.30
N ALA L 212 -5.82 -9.50 6.99
CA ALA L 212 -4.86 -8.56 6.43
C ALA L 212 -5.36 -8.05 5.08
N ARG L 213 -4.78 -6.94 4.64
CA ARG L 213 -4.96 -6.37 3.33
C ARG L 213 -3.66 -6.44 2.54
N PRO L 214 -3.72 -6.53 1.21
CA PRO L 214 -2.49 -6.71 0.44
C PRO L 214 -1.48 -5.59 0.57
N TRP L 215 -1.93 -4.35 0.75
CA TRP L 215 -0.98 -3.24 0.80
C TRP L 215 -0.21 -3.19 2.11
N GLU L 216 -0.72 -3.82 3.17
CA GLU L 216 0.01 -3.88 4.43
C GLU L 216 1.15 -4.89 4.39
N THR L 217 1.03 -5.92 3.57
CA THR L 217 1.95 -7.05 3.65
C THR L 217 3.33 -6.70 3.10
N ARG L 218 4.35 -7.23 3.78
CA ARG L 218 5.72 -7.24 3.29
C ARG L 218 6.02 -8.63 2.76
N LYS L 219 6.58 -8.70 1.56
CA LYS L 219 6.74 -9.97 0.85
C LYS L 219 8.18 -10.45 0.99
N THR L 220 8.34 -11.68 1.48
CA THR L 220 9.64 -12.31 1.60
C THR L 220 9.67 -13.56 0.73
N GLU L 221 10.57 -13.59 -0.25
CA GLU L 221 10.69 -14.73 -1.15
C GLU L 221 11.52 -15.82 -0.46
N SER L 222 10.96 -17.02 -0.37
CA SER L 222 11.56 -18.07 0.44
C SER L 222 11.30 -19.41 -0.26
N ILE L 223 11.68 -20.49 0.44
CA ILE L 223 11.60 -21.84 -0.08
C ILE L 223 10.77 -22.69 0.87
N ASP L 224 9.87 -23.50 0.31
CA ASP L 224 9.05 -24.39 1.11
C ASP L 224 9.85 -25.62 1.54
N VAL L 225 9.66 -26.02 2.79
CA VAL L 225 10.38 -27.16 3.36
C VAL L 225 9.46 -28.29 3.77
N MET L 226 8.19 -28.23 3.37
CA MET L 226 7.22 -29.24 3.77
C MET L 226 7.40 -30.55 3.00
N ASP L 227 8.10 -30.53 1.89
CA ASP L 227 8.48 -31.74 1.16
C ASP L 227 9.87 -31.52 0.58
N ALA L 228 10.30 -32.43 -0.28
CA ALA L 228 11.59 -32.28 -0.97
C ALA L 228 11.46 -31.62 -2.34
N VAL L 229 10.26 -31.16 -2.71
CA VAL L 229 10.09 -30.48 -3.98
C VAL L 229 10.74 -29.09 -3.94
N GLY L 230 10.77 -28.47 -2.77
CA GLY L 230 11.39 -27.17 -2.63
C GLY L 230 10.71 -26.06 -3.40
N SER L 231 9.39 -25.97 -3.27
CA SER L 231 8.62 -24.98 -4.01
C SER L 231 9.01 -23.57 -3.62
N ASN L 232 9.16 -22.70 -4.62
CA ASN L 232 9.45 -21.30 -4.38
C ASN L 232 8.18 -20.60 -3.90
N ILE L 233 8.26 -19.88 -2.80
CA ILE L 233 7.08 -19.33 -2.13
C ILE L 233 7.34 -17.88 -1.77
N VAL L 234 6.26 -17.19 -1.40
CA VAL L 234 6.31 -15.87 -0.83
C VAL L 234 5.61 -15.91 0.53
N VAL L 235 6.32 -15.54 1.58
CA VAL L 235 5.74 -15.39 2.90
C VAL L 235 5.35 -13.92 3.02
N SER L 236 4.07 -13.64 3.22
CA SER L 236 3.64 -12.26 3.41
C SER L 236 3.44 -12.02 4.90
N THR L 237 4.20 -11.07 5.44
CA THR L 237 4.15 -10.75 6.86
C THR L 237 3.57 -9.36 7.06
N ARG L 238 3.22 -9.06 8.30
CA ARG L 238 2.75 -7.73 8.67
C ARG L 238 2.98 -7.54 10.15
N THR L 239 3.70 -6.48 10.50
CA THR L 239 4.06 -6.16 11.88
C THR L 239 4.70 -7.37 12.57
N GLY L 240 5.63 -8.00 11.86
CA GLY L 240 6.38 -9.12 12.40
C GLY L 240 5.58 -10.38 12.66
N GLU L 241 4.59 -10.67 11.83
CA GLU L 241 3.78 -11.88 11.97
C GLU L 241 3.50 -12.44 10.58
N VAL L 242 3.60 -13.75 10.45
CA VAL L 242 3.30 -14.40 9.17
C VAL L 242 1.81 -14.37 8.92
N MET L 243 1.40 -13.78 7.79
CA MET L 243 -0.01 -13.69 7.42
C MET L 243 -0.44 -14.85 6.53
N ARG L 244 0.29 -15.11 5.44
CA ARG L 244 -0.06 -16.19 4.54
C ARG L 244 1.14 -16.58 3.70
N ILE L 245 0.99 -17.70 3.00
CA ILE L 245 1.99 -18.23 2.07
C ILE L 245 1.36 -18.24 0.68
N LEU L 246 2.10 -17.72 -0.29
CA LEU L 246 1.65 -17.68 -1.67
C LEU L 246 2.67 -18.39 -2.57
N PRO L 247 2.23 -18.92 -3.70
CA PRO L 247 3.20 -19.48 -4.64
C PRO L 247 4.08 -18.39 -5.25
N ARG L 248 5.32 -18.75 -5.51
CA ARG L 248 6.23 -17.91 -6.28
C ARG L 248 6.61 -18.69 -7.53
N MET L 249 6.45 -18.06 -8.68
CA MET L 249 6.57 -18.78 -9.94
C MET L 249 7.99 -19.23 -10.20
N HIS L 250 8.18 -20.54 -10.34
CA HIS L 250 9.44 -21.12 -10.79
C HIS L 250 9.10 -22.13 -11.87
N GLU L 251 9.48 -21.85 -13.11
CA GLU L 251 9.07 -22.67 -14.25
C GLU L 251 9.59 -24.10 -14.16
N ASP L 252 10.63 -24.35 -13.36
CA ASP L 252 11.29 -25.64 -13.36
C ASP L 252 11.00 -26.47 -12.12
N ILE L 253 10.35 -25.90 -11.11
CA ILE L 253 10.15 -26.64 -9.86
C ILE L 253 8.68 -26.81 -9.56
N ASN L 254 7.99 -25.71 -9.27
CA ASN L 254 6.59 -25.77 -8.87
C ASN L 254 5.68 -25.07 -9.86
N GLU L 255 6.22 -24.51 -10.92
CA GLU L 255 5.45 -23.80 -11.94
C GLU L 255 4.77 -22.63 -11.22
N GLU L 256 3.45 -22.58 -11.15
CA GLU L 256 2.74 -21.51 -10.49
C GLU L 256 1.98 -21.99 -9.26
N TRP L 257 2.17 -23.25 -8.85
CA TRP L 257 1.32 -23.87 -7.84
C TRP L 257 2.14 -24.31 -6.62
N ILE L 258 1.44 -24.47 -5.51
CA ILE L 258 1.99 -25.06 -4.30
C ILE L 258 1.02 -26.11 -3.78
N SER L 259 1.48 -26.86 -2.79
CA SER L 259 0.66 -27.89 -2.17
C SER L 259 -0.18 -27.28 -1.05
N ASP L 260 -1.24 -28.01 -0.67
CA ASP L 260 -2.10 -27.54 0.41
C ASP L 260 -1.34 -27.53 1.74
N LYS L 261 -0.44 -28.49 1.94
CA LYS L 261 0.41 -28.46 3.12
C LYS L 261 1.32 -27.24 3.12
N THR L 262 1.86 -26.89 1.95
CA THR L 262 2.68 -25.69 1.85
C THR L 262 1.85 -24.45 2.16
N ARG L 263 0.63 -24.38 1.65
CA ARG L 263 -0.18 -23.17 1.75
C ARG L 263 -0.76 -22.97 3.15
N PHE L 264 -1.26 -24.02 3.79
CA PHE L 264 -2.14 -23.84 4.95
C PHE L 264 -1.58 -24.37 6.26
N ALA L 265 -0.32 -24.82 6.29
CA ALA L 265 0.26 -25.35 7.50
C ALA L 265 1.09 -24.32 8.25
N TYR L 266 1.12 -23.08 7.79
CA TYR L 266 1.94 -22.05 8.42
C TYR L 266 1.45 -21.69 9.81
N ASP L 267 0.15 -21.81 10.08
CA ASP L 267 -0.38 -21.51 11.41
C ASP L 267 0.19 -22.42 12.49
N GLY L 268 0.65 -23.62 12.13
CA GLY L 268 1.34 -24.46 13.07
C GLY L 268 2.61 -23.86 13.62
N LEU L 269 3.10 -22.77 13.04
CA LEU L 269 4.23 -22.03 13.57
C LEU L 269 3.84 -21.11 14.71
N LYS L 270 2.59 -21.17 15.19
CA LYS L 270 2.17 -20.36 16.32
C LYS L 270 1.57 -21.17 17.46
N ARG L 271 1.74 -22.49 17.47
CA ARG L 271 0.92 -23.33 18.34
C ARG L 271 1.71 -24.00 19.47
N GLN L 272 2.74 -24.78 19.15
CA GLN L 272 3.53 -25.48 20.17
C GLN L 272 4.99 -25.13 19.94
N ARG L 273 5.41 -23.98 20.42
CA ARG L 273 6.71 -23.42 20.07
C ARG L 273 7.64 -23.46 21.27
N LEU L 274 8.90 -23.82 21.00
CA LEU L 274 9.95 -23.75 21.99
C LEU L 274 10.51 -22.33 22.01
N THR L 275 10.35 -21.62 23.11
CA THR L 275 10.75 -20.23 23.22
C THR L 275 11.94 -19.99 24.12
N GLN L 276 12.13 -20.80 25.16
CA GLN L 276 13.20 -20.61 26.12
C GLN L 276 13.93 -21.93 26.34
N PRO L 277 15.20 -21.86 26.74
CA PRO L 277 15.93 -23.09 27.09
C PRO L 277 15.32 -23.75 28.32
N MET L 278 15.40 -25.07 28.36
CA MET L 278 14.83 -25.83 29.47
C MET L 278 15.82 -26.89 29.93
N ILE L 279 15.80 -27.17 31.23
CA ILE L 279 16.58 -28.24 31.82
C ILE L 279 15.69 -29.03 32.77
N ARG L 280 16.20 -30.15 33.25
CA ARG L 280 15.49 -30.96 34.23
C ARG L 280 15.87 -30.51 35.63
N ASN L 281 14.87 -30.34 36.49
CA ASN L 281 15.11 -29.91 37.85
C ASN L 281 15.29 -31.13 38.76
N GLU L 282 15.30 -30.90 40.07
CA GLU L 282 15.52 -31.99 41.02
C GLU L 282 14.38 -33.00 40.98
N LYS L 283 13.19 -32.59 40.54
CA LYS L 283 12.03 -33.46 40.48
C LYS L 283 11.91 -34.19 39.14
N GLY L 284 12.82 -33.94 38.20
CA GLY L 284 12.75 -34.58 36.91
C GLY L 284 11.79 -33.94 35.93
N LEU L 285 11.48 -32.66 36.10
CA LEU L 285 10.56 -31.94 35.24
C LEU L 285 11.30 -30.84 34.48
N LEU L 286 10.83 -30.57 33.27
CA LEU L 286 11.43 -29.53 32.44
C LEU L 286 11.05 -28.15 32.96
N THR L 287 12.05 -27.29 33.14
CA THR L 287 11.87 -25.96 33.69
C THR L 287 12.74 -24.97 32.92
N TYR L 288 12.25 -23.73 32.84
CA TYR L 288 12.90 -22.70 32.04
C TYR L 288 14.25 -22.33 32.62
N THR L 289 15.15 -21.90 31.74
CA THR L 289 16.55 -21.68 32.09
C THR L 289 17.14 -20.66 31.15
N THR L 290 18.16 -19.95 31.62
CA THR L 290 18.93 -19.06 30.77
C THR L 290 19.75 -19.86 29.76
N TRP L 291 20.16 -19.18 28.69
CA TRP L 291 20.99 -19.83 27.67
C TRP L 291 22.33 -20.27 28.24
N GLU L 292 22.90 -19.46 29.13
CA GLU L 292 24.22 -19.74 29.69
C GLU L 292 24.25 -21.08 30.41
N ASP L 293 23.26 -21.32 31.28
CA ASP L 293 23.32 -22.52 32.12
C ASP L 293 23.05 -23.78 31.30
N ALA L 294 22.10 -23.72 30.38
CA ALA L 294 21.82 -24.86 29.52
C ALA L 294 23.01 -25.19 28.63
N LEU L 295 23.63 -24.16 28.04
CA LEU L 295 24.80 -24.39 27.22
C LEU L 295 25.95 -24.96 28.03
N SER L 296 26.14 -24.46 29.26
CA SER L 296 27.20 -24.98 30.12
C SER L 296 26.94 -26.44 30.48
N ARG L 297 25.68 -26.80 30.76
CA ARG L 297 25.36 -28.19 31.06
C ARG L 297 25.66 -29.10 29.88
N VAL L 298 25.23 -28.70 28.68
CA VAL L 298 25.48 -29.52 27.50
C VAL L 298 26.98 -29.63 27.23
N ALA L 299 27.71 -28.52 27.37
CA ALA L 299 29.14 -28.54 27.14
C ALA L 299 29.87 -29.42 28.14
N GLY L 300 29.46 -29.36 29.41
CA GLY L 300 30.08 -30.20 30.42
C GLY L 300 29.82 -31.67 30.16
N MET L 301 28.62 -32.01 29.71
CA MET L 301 28.35 -33.41 29.38
C MET L 301 29.10 -33.84 28.13
N LEU L 302 29.28 -32.95 27.17
CA LEU L 302 30.03 -33.26 25.96
C LEU L 302 31.50 -33.45 26.22
N GLN L 303 32.08 -32.67 27.14
CA GLN L 303 33.50 -32.80 27.45
C GLN L 303 33.85 -34.13 28.10
N SER L 304 32.89 -34.76 28.77
CA SER L 304 33.18 -36.02 29.47
C SER L 304 33.37 -37.16 28.48
N PHE L 305 32.40 -37.36 27.60
CA PHE L 305 32.44 -38.47 26.66
C PHE L 305 33.08 -38.04 25.34
N GLN L 306 33.47 -39.02 24.54
CA GLN L 306 34.16 -38.79 23.29
C GLN L 306 33.96 -39.98 22.38
N GLY L 307 34.28 -39.77 21.10
CA GLY L 307 34.25 -40.88 20.16
C GLY L 307 32.86 -41.43 19.96
N ASN L 308 32.74 -42.75 20.13
CA ASN L 308 31.49 -43.43 19.79
C ASN L 308 30.38 -43.13 20.78
N ASP L 309 30.71 -42.51 21.91
CA ASP L 309 29.70 -42.27 22.95
C ASP L 309 28.83 -41.07 22.61
N VAL L 310 29.22 -40.29 21.61
CA VAL L 310 28.44 -39.12 21.22
C VAL L 310 27.86 -39.36 19.84
N ALA L 311 26.54 -39.20 19.72
CA ALA L 311 25.84 -39.40 18.46
C ALA L 311 24.83 -38.28 18.27
N ALA L 312 24.43 -38.08 17.02
CA ALA L 312 23.46 -37.05 16.67
C ALA L 312 22.52 -37.57 15.59
N ILE L 313 21.24 -37.23 15.71
CA ILE L 313 20.23 -37.57 14.72
C ILE L 313 19.61 -36.28 14.21
N ALA L 314 19.56 -36.13 12.90
CA ALA L 314 18.98 -34.95 12.28
C ALA L 314 17.54 -35.22 11.86
N GLY L 315 16.70 -34.20 11.99
CA GLY L 315 15.30 -34.30 11.65
C GLY L 315 15.02 -33.96 10.19
N GLY L 316 13.73 -33.73 9.92
CA GLY L 316 13.29 -33.54 8.55
C GLY L 316 13.32 -32.11 8.06
N LEU L 317 13.44 -31.14 8.97
CA LEU L 317 13.44 -29.73 8.63
C LEU L 317 14.71 -29.05 9.10
N VAL L 318 15.85 -29.69 8.88
CA VAL L 318 17.14 -29.18 9.33
C VAL L 318 17.89 -28.61 8.13
N ASP L 319 18.46 -27.42 8.32
CA ASP L 319 19.18 -26.71 7.28
C ASP L 319 20.62 -27.21 7.14
N ALA L 320 21.23 -26.88 6.01
CA ALA L 320 22.58 -27.35 5.73
C ALA L 320 23.60 -26.75 6.69
N GLU L 321 23.42 -25.47 7.06
CA GLU L 321 24.35 -24.83 7.98
C GLU L 321 24.36 -25.53 9.33
N ALA L 322 23.17 -25.85 9.86
CA ALA L 322 23.10 -26.55 11.14
C ALA L 322 23.70 -27.95 11.03
N LEU L 323 23.47 -28.63 9.91
CA LEU L 323 24.03 -29.95 9.71
C LEU L 323 25.54 -29.93 9.70
N VAL L 324 26.14 -28.98 8.98
CA VAL L 324 27.59 -28.91 8.92
C VAL L 324 28.17 -28.48 10.26
N ALA L 325 27.49 -27.57 10.98
CA ALA L 325 27.96 -27.18 12.30
C ALA L 325 27.96 -28.35 13.26
N LEU L 326 26.89 -29.15 13.26
CA LEU L 326 26.85 -30.32 14.12
C LEU L 326 27.89 -31.35 13.71
N LYS L 327 28.10 -31.52 12.41
CA LYS L 327 29.13 -32.44 11.95
C LYS L 327 30.50 -32.04 12.47
N ASP L 328 30.83 -30.75 12.35
CA ASP L 328 32.12 -30.27 12.84
C ASP L 328 32.23 -30.43 14.35
N LEU L 329 31.16 -30.10 15.08
CA LEU L 329 31.20 -30.17 16.54
C LEU L 329 31.42 -31.60 17.01
N LEU L 330 30.72 -32.56 16.39
CA LEU L 330 30.92 -33.95 16.78
C LEU L 330 32.23 -34.51 16.28
N ASN L 331 32.78 -33.96 15.19
CA ASN L 331 34.10 -34.40 14.72
C ASN L 331 35.20 -33.95 15.67
N ARG L 332 35.08 -32.75 16.26
CA ARG L 332 36.09 -32.31 17.21
C ARG L 332 36.18 -33.25 18.40
N VAL L 333 35.09 -33.94 18.74
CA VAL L 333 35.08 -34.96 19.78
C VAL L 333 35.53 -36.32 19.24
N ASP L 334 35.78 -36.42 17.93
CA ASP L 334 36.14 -37.66 17.25
C ASP L 334 34.97 -38.62 17.18
N SER L 335 33.79 -38.09 16.89
CA SER L 335 32.57 -38.88 16.70
C SER L 335 32.16 -38.85 15.24
N ASP L 336 31.64 -39.98 14.76
CA ASP L 336 31.13 -40.08 13.40
C ASP L 336 29.69 -40.60 13.36
N SER L 337 29.03 -40.71 14.50
CA SER L 337 27.66 -41.20 14.54
C SER L 337 26.68 -40.08 14.25
N LEU L 338 26.81 -39.46 13.08
CA LEU L 338 25.87 -38.46 12.61
C LEU L 338 24.90 -39.13 11.64
N CYS L 339 23.63 -39.20 12.02
CA CYS L 339 22.65 -40.01 11.33
C CYS L 339 21.41 -39.18 11.01
N THR L 340 20.61 -39.69 10.08
CA THR L 340 19.32 -39.13 9.75
C THR L 340 18.26 -40.20 9.99
N GLU L 341 17.04 -39.77 10.30
CA GLU L 341 15.97 -40.74 10.52
C GLU L 341 15.58 -41.44 9.22
N GLU L 342 15.62 -40.73 8.10
CA GLU L 342 15.32 -41.34 6.82
C GLU L 342 16.44 -42.28 6.41
N VAL L 343 16.07 -43.45 5.89
CA VAL L 343 17.02 -44.53 5.62
C VAL L 343 17.33 -44.56 4.13
N PHE L 344 18.61 -44.60 3.80
CA PHE L 344 19.09 -44.84 2.45
C PHE L 344 20.17 -45.91 2.51
N PRO L 345 20.11 -46.91 1.63
CA PRO L 345 21.08 -48.01 1.69
C PRO L 345 22.51 -47.53 1.49
N THR L 346 23.43 -48.12 2.25
CA THR L 346 24.84 -47.76 2.23
C THR L 346 25.71 -48.78 1.52
N ALA L 347 25.13 -49.87 1.02
CA ALA L 347 25.92 -50.88 0.32
C ALA L 347 26.40 -50.33 -1.01
N GLY L 348 27.53 -50.88 -1.47
CA GLY L 348 28.10 -50.42 -2.73
C GLY L 348 28.57 -48.98 -2.61
N ALA L 349 28.13 -48.15 -3.56
CA ALA L 349 28.47 -46.74 -3.50
C ALA L 349 27.84 -46.06 -2.29
N GLY L 350 26.57 -46.36 -2.01
CA GLY L 350 25.88 -45.66 -0.93
C GLY L 350 25.75 -44.19 -1.27
N THR L 351 26.17 -43.35 -0.33
CA THR L 351 26.13 -41.90 -0.54
C THR L 351 27.41 -41.37 -1.15
N ASP L 352 28.30 -42.26 -1.59
CA ASP L 352 29.60 -41.83 -2.10
C ASP L 352 29.45 -41.05 -3.40
N LEU L 353 28.56 -41.49 -4.27
CA LEU L 353 28.26 -40.83 -5.53
C LEU L 353 26.90 -40.14 -5.43
N ARG L 354 26.87 -38.86 -5.81
CA ARG L 354 25.65 -38.07 -5.62
C ARG L 354 24.49 -38.61 -6.44
N SER L 355 24.75 -39.02 -7.69
CA SER L 355 23.67 -39.45 -8.56
C SER L 355 22.98 -40.70 -8.05
N ASN L 356 23.59 -41.37 -7.07
CA ASN L 356 22.97 -42.57 -6.48
C ASN L 356 21.71 -42.22 -5.71
N TYR L 357 21.60 -40.98 -5.21
CA TYR L 357 20.44 -40.61 -4.40
C TYR L 357 19.74 -39.35 -4.89
N LEU L 358 19.84 -39.02 -6.17
CA LEU L 358 19.21 -37.83 -6.71
C LEU L 358 18.16 -38.20 -7.75
N LEU L 359 17.27 -37.25 -8.00
CA LEU L 359 16.34 -37.32 -9.13
C LEU L 359 17.09 -36.74 -10.32
N ASN L 360 17.80 -37.60 -11.04
CA ASN L 360 18.76 -37.15 -12.03
C ASN L 360 18.09 -36.52 -13.24
N THR L 361 16.92 -37.02 -13.62
CA THR L 361 16.20 -36.46 -14.77
C THR L 361 15.75 -35.03 -14.48
N THR L 362 15.52 -34.71 -13.20
CA THR L 362 14.99 -33.43 -12.71
C THR L 362 13.50 -33.32 -12.99
N ILE L 363 12.84 -32.35 -12.37
CA ILE L 363 11.39 -32.22 -12.50
C ILE L 363 11.02 -31.75 -13.90
N ALA L 364 11.76 -30.78 -14.44
CA ALA L 364 11.45 -30.27 -15.76
C ALA L 364 11.68 -31.33 -16.84
N GLY L 365 12.58 -32.28 -16.56
CA GLY L 365 12.85 -33.34 -17.52
C GLY L 365 11.71 -34.33 -17.68
N VAL L 366 10.78 -34.36 -16.73
CA VAL L 366 9.64 -35.26 -16.82
C VAL L 366 8.85 -35.00 -18.10
N GLU L 367 8.78 -33.74 -18.52
CA GLU L 367 8.07 -33.39 -19.74
C GLU L 367 8.79 -33.83 -21.00
N GLU L 368 9.88 -34.57 -20.90
CA GLU L 368 10.55 -35.14 -22.07
C GLU L 368 10.46 -36.66 -22.15
N ALA L 369 10.15 -37.34 -21.05
CA ALA L 369 10.10 -38.79 -21.04
C ALA L 369 8.88 -39.31 -21.79
N ASP L 370 9.04 -40.47 -22.43
CA ASP L 370 7.92 -41.10 -23.11
C ASP L 370 7.32 -42.25 -22.29
N VAL L 371 8.03 -42.76 -21.30
CA VAL L 371 7.50 -43.75 -20.38
C VAL L 371 8.14 -43.52 -19.02
N ILE L 372 7.39 -43.78 -17.95
CA ILE L 372 7.89 -43.64 -16.60
C ILE L 372 7.37 -44.82 -15.78
N LEU L 373 8.26 -45.42 -14.99
CA LEU L 373 7.92 -46.52 -14.10
C LEU L 373 8.06 -46.03 -12.66
N LEU L 374 7.00 -46.19 -11.87
CA LEU L 374 6.98 -45.79 -10.48
C LEU L 374 7.04 -47.03 -9.61
N VAL L 375 7.97 -47.04 -8.65
CA VAL L 375 8.19 -48.21 -7.80
C VAL L 375 7.98 -47.80 -6.35
N GLY L 376 7.00 -48.42 -5.70
CA GLY L 376 6.88 -48.34 -4.24
C GLY L 376 6.74 -46.93 -3.71
N THR L 377 5.89 -46.12 -4.33
CA THR L 377 5.72 -44.74 -3.93
C THR L 377 4.31 -44.29 -4.22
N ASN L 378 3.91 -43.21 -3.56
CA ASN L 378 2.65 -42.52 -3.84
C ASN L 378 3.03 -41.08 -4.14
N PRO L 379 3.37 -40.78 -5.40
CA PRO L 379 3.89 -39.44 -5.71
C PRO L 379 2.88 -38.34 -5.45
N ARG L 380 1.60 -38.67 -5.40
CA ARG L 380 0.57 -37.67 -5.19
C ARG L 380 0.72 -36.99 -3.83
N PHE L 381 1.01 -37.77 -2.79
CA PHE L 381 1.15 -37.21 -1.45
C PHE L 381 2.60 -37.00 -1.03
N GLU L 382 3.54 -37.81 -1.54
CA GLU L 382 4.94 -37.62 -1.20
C GLU L 382 5.50 -36.37 -1.85
N ALA L 383 5.12 -36.09 -3.10
CA ALA L 383 5.62 -34.93 -3.84
C ALA L 383 4.53 -34.42 -4.76
N PRO L 384 3.59 -33.64 -4.22
CA PRO L 384 2.42 -33.24 -5.03
C PRO L 384 2.76 -32.49 -6.30
N LEU L 385 3.79 -31.66 -6.31
CA LEU L 385 4.14 -30.93 -7.52
C LEU L 385 4.82 -31.84 -8.55
N PHE L 386 5.58 -32.83 -8.08
CA PHE L 386 6.11 -33.85 -8.99
C PHE L 386 4.98 -34.62 -9.65
N ASN L 387 3.96 -34.99 -8.88
CA ASN L 387 2.79 -35.66 -9.44
C ASN L 387 2.04 -34.75 -10.40
N ALA L 388 1.96 -33.46 -10.11
CA ALA L 388 1.33 -32.51 -11.03
C ALA L 388 2.09 -32.44 -12.35
N ARG L 389 3.43 -32.43 -12.28
CA ARG L 389 4.23 -32.45 -13.50
C ARG L 389 4.00 -33.73 -14.29
N ILE L 390 3.91 -34.88 -13.60
CA ILE L 390 3.64 -36.14 -14.28
C ILE L 390 2.27 -36.09 -14.96
N ARG L 391 1.27 -35.56 -14.25
CA ARG L 391 -0.07 -35.45 -14.84
C ARG L 391 -0.07 -34.53 -16.05
N LYS L 392 0.69 -33.44 -15.97
CA LYS L 392 0.81 -32.51 -17.10
C LYS L 392 1.43 -33.19 -18.32
N SER L 393 2.49 -33.98 -18.12
CA SER L 393 3.07 -34.71 -19.23
C SER L 393 2.15 -35.80 -19.75
N TRP L 394 1.42 -36.47 -18.84
CA TRP L 394 0.43 -37.46 -19.24
C TRP L 394 -0.66 -36.83 -20.10
N LEU L 395 -1.03 -35.59 -19.82
CA LEU L 395 -2.09 -34.93 -20.55
C LEU L 395 -1.61 -34.38 -21.89
N HIS L 396 -0.46 -33.70 -21.90
CA HIS L 396 -0.02 -32.99 -23.09
C HIS L 396 0.92 -33.82 -23.97
N ASN L 397 1.85 -34.57 -23.36
CA ASN L 397 2.82 -35.33 -24.12
C ASN L 397 2.43 -36.79 -24.28
N ASP L 398 1.23 -37.17 -23.84
CA ASP L 398 0.75 -38.55 -23.93
C ASP L 398 1.72 -39.52 -23.27
N LEU L 399 2.21 -39.13 -22.09
CA LEU L 399 3.15 -39.95 -21.34
C LEU L 399 2.49 -41.23 -20.86
N LYS L 400 3.24 -42.33 -20.91
CA LYS L 400 2.78 -43.63 -20.47
C LYS L 400 3.34 -43.92 -19.08
N VAL L 401 2.46 -44.24 -18.14
CA VAL L 401 2.81 -44.37 -16.73
C VAL L 401 2.49 -45.78 -16.25
N ALA L 402 3.43 -46.37 -15.51
CA ALA L 402 3.23 -47.65 -14.86
C ALA L 402 3.63 -47.54 -13.39
N LEU L 403 2.98 -48.32 -12.55
CA LEU L 403 3.22 -48.29 -11.12
C LEU L 403 3.42 -49.71 -10.59
N ILE L 404 4.41 -49.88 -9.72
CA ILE L 404 4.59 -51.11 -8.95
C ILE L 404 4.36 -50.76 -7.49
N GLY L 405 3.29 -51.28 -6.92
CA GLY L 405 2.93 -50.98 -5.55
C GLY L 405 1.42 -51.01 -5.38
N SER L 406 0.97 -50.42 -4.29
CA SER L 406 -0.45 -50.38 -4.01
C SER L 406 -1.17 -49.55 -5.06
N PRO L 407 -2.32 -49.99 -5.55
CA PRO L 407 -3.05 -49.25 -6.59
C PRO L 407 -3.71 -47.98 -6.06
N VAL L 408 -2.87 -46.96 -5.82
CA VAL L 408 -3.40 -45.70 -5.32
C VAL L 408 -3.94 -44.85 -6.46
N ASP L 409 -4.81 -43.90 -6.10
CA ASP L 409 -5.41 -42.97 -7.05
C ASP L 409 -4.41 -41.84 -7.30
N LEU L 410 -3.92 -41.74 -8.54
CA LEU L 410 -2.91 -40.75 -8.89
C LEU L 410 -3.48 -39.60 -9.71
N THR L 411 -4.80 -39.54 -9.90
CA THR L 411 -5.55 -38.58 -10.71
C THR L 411 -5.31 -38.76 -12.21
N TYR L 412 -4.60 -39.80 -12.64
CA TYR L 412 -4.47 -40.13 -14.04
C TYR L 412 -4.37 -41.63 -14.17
N ARG L 413 -4.83 -42.15 -15.31
CA ARG L 413 -4.85 -43.59 -15.51
C ARG L 413 -3.45 -44.11 -15.82
N TYR L 414 -3.07 -45.19 -15.14
CA TYR L 414 -1.76 -45.80 -15.30
C TYR L 414 -1.92 -47.30 -15.38
N ASP L 415 -0.89 -47.95 -15.90
CA ASP L 415 -0.85 -49.41 -15.97
C ASP L 415 -0.28 -49.96 -14.67
N HIS L 416 -1.13 -50.64 -13.90
CA HIS L 416 -0.74 -51.18 -12.61
C HIS L 416 -0.20 -52.59 -12.80
N LEU L 417 1.06 -52.80 -12.41
CA LEU L 417 1.70 -54.09 -12.57
C LEU L 417 1.57 -54.98 -11.33
N GLY L 418 1.23 -54.42 -10.18
CA GLY L 418 1.14 -55.17 -8.94
C GLY L 418 1.96 -54.53 -7.84
N ASP L 419 1.92 -55.19 -6.68
CA ASP L 419 2.61 -54.69 -5.50
C ASP L 419 3.68 -55.65 -4.99
N SER L 420 3.90 -56.76 -5.67
CA SER L 420 4.96 -57.68 -5.24
C SER L 420 6.30 -57.17 -5.76
N PRO L 421 7.31 -57.01 -4.89
CA PRO L 421 8.63 -56.56 -5.37
C PRO L 421 9.27 -57.50 -6.36
N LYS L 422 8.94 -58.79 -6.34
CA LYS L 422 9.52 -59.75 -7.28
C LYS L 422 9.32 -59.33 -8.73
N ILE L 423 8.23 -58.60 -9.01
CA ILE L 423 7.95 -58.14 -10.36
C ILE L 423 9.13 -57.33 -10.90
N LEU L 424 9.75 -56.51 -10.04
CA LEU L 424 10.93 -55.78 -10.46
C LEU L 424 11.96 -56.69 -11.07
N GLN L 425 12.26 -57.79 -10.39
CA GLN L 425 13.24 -58.75 -10.88
C GLN L 425 12.79 -59.33 -12.21
N ASP L 426 11.49 -59.57 -12.35
CA ASP L 426 10.95 -60.11 -13.60
C ASP L 426 11.19 -59.14 -14.75
N ILE L 427 11.01 -57.84 -14.50
CA ILE L 427 11.24 -56.85 -15.53
C ILE L 427 12.71 -56.83 -15.97
N ALA L 428 13.61 -56.94 -15.00
CA ALA L 428 15.04 -56.97 -15.28
C ALA L 428 15.39 -58.23 -16.09
N SER L 429 14.75 -59.33 -15.72
CA SER L 429 14.92 -60.62 -16.37
C SER L 429 14.47 -60.58 -17.83
N GLY L 430 13.42 -59.82 -18.10
CA GLY L 430 12.85 -59.70 -19.43
C GLY L 430 11.66 -60.59 -19.66
N ASN L 431 11.33 -61.40 -18.65
CA ASN L 431 10.17 -62.28 -18.72
C ASN L 431 8.89 -61.47 -18.80
N HIS L 432 8.84 -60.39 -18.03
CA HIS L 432 7.67 -59.50 -17.98
C HIS L 432 7.44 -58.73 -19.27
N PRO L 433 6.17 -58.51 -19.62
CA PRO L 433 5.68 -57.79 -20.81
C PRO L 433 6.13 -56.34 -20.81
N PHE L 434 6.15 -55.72 -19.64
CA PHE L 434 6.55 -54.30 -19.49
C PHE L 434 8.01 -54.02 -19.84
N SER L 435 8.88 -55.02 -19.72
CA SER L 435 10.29 -54.86 -20.04
C SER L 435 10.48 -54.47 -21.51
N GLN L 436 9.71 -55.06 -22.40
CA GLN L 436 9.78 -54.72 -23.81
C GLN L 436 9.38 -53.26 -24.00
N ILE L 437 8.39 -52.83 -23.24
CA ILE L 437 7.86 -51.47 -23.31
C ILE L 437 8.95 -50.45 -22.97
N LEU L 438 9.75 -50.74 -21.95
CA LEU L 438 10.88 -49.86 -21.62
C LEU L 438 11.94 -49.88 -22.71
N LYS L 439 12.13 -51.03 -23.36
CA LYS L 439 13.14 -51.12 -24.41
C LYS L 439 12.79 -50.26 -25.62
N GLU L 440 11.53 -50.28 -26.05
CA GLU L 440 11.15 -49.48 -27.22
C GLU L 440 11.21 -47.99 -26.94
N ALA L 441 11.12 -47.58 -25.68
CA ALA L 441 11.04 -46.16 -25.35
C ALA L 441 12.34 -45.44 -25.63
N LYS L 442 12.25 -44.24 -26.20
CA LYS L 442 13.44 -43.44 -26.45
C LYS L 442 13.98 -42.82 -25.17
N LYS L 443 13.09 -42.29 -24.32
CA LYS L 443 13.48 -41.60 -23.09
C LYS L 443 12.74 -42.20 -21.91
N PRO L 444 13.12 -43.40 -21.48
CA PRO L 444 12.46 -44.00 -20.32
C PRO L 444 12.95 -43.36 -19.02
N MET L 445 12.09 -43.43 -18.00
CA MET L 445 12.42 -42.94 -16.67
C MET L 445 11.94 -43.97 -15.65
N VAL L 446 12.76 -44.21 -14.64
CA VAL L 446 12.38 -45.10 -13.54
C VAL L 446 12.57 -44.31 -12.24
N VAL L 447 11.49 -44.20 -11.47
CA VAL L 447 11.50 -43.43 -10.23
C VAL L 447 11.26 -44.37 -9.06
N LEU L 448 12.17 -44.35 -8.10
CA LEU L 448 12.06 -45.15 -6.89
C LEU L 448 11.87 -44.21 -5.72
N GLY L 449 10.77 -44.38 -4.99
CA GLY L 449 10.51 -43.54 -3.84
C GLY L 449 11.39 -43.92 -2.66
N SER L 450 11.86 -42.91 -1.94
CA SER L 450 12.67 -43.17 -0.75
C SER L 450 11.87 -43.82 0.37
N SER L 451 10.53 -43.78 0.29
CA SER L 451 9.71 -44.45 1.28
C SER L 451 9.81 -45.96 1.16
N ALA L 452 9.97 -46.48 -0.07
CA ALA L 452 10.18 -47.91 -0.24
C ALA L 452 11.54 -48.34 0.31
N LEU L 453 12.50 -47.42 0.34
CA LEU L 453 13.81 -47.73 0.89
C LEU L 453 13.81 -47.78 2.40
N GLN L 454 12.71 -47.40 3.05
CA GLN L 454 12.65 -47.45 4.51
C GLN L 454 12.43 -48.86 5.02
N ARG L 455 11.98 -49.78 4.17
CA ARG L 455 11.71 -51.13 4.62
C ARG L 455 13.00 -51.95 4.68
N SER L 456 12.87 -53.18 5.19
CA SER L 456 14.04 -53.99 5.52
C SER L 456 14.88 -54.31 4.30
N ASP L 457 14.23 -54.59 3.16
CA ASP L 457 14.93 -54.97 1.94
C ASP L 457 15.13 -53.81 0.99
N GLY L 458 15.36 -52.60 1.53
CA GLY L 458 15.54 -51.44 0.67
C GLY L 458 16.74 -51.57 -0.25
N THR L 459 17.82 -52.18 0.24
CA THR L 459 19.01 -52.39 -0.60
C THR L 459 18.69 -53.29 -1.78
N ALA L 460 17.93 -54.36 -1.54
CA ALA L 460 17.55 -55.25 -2.63
C ALA L 460 16.67 -54.55 -3.65
N ILE L 461 15.72 -53.74 -3.19
CA ILE L 461 14.86 -53.00 -4.11
C ILE L 461 15.69 -52.04 -4.95
N LEU L 462 16.60 -51.32 -4.32
CA LEU L 462 17.47 -50.40 -5.07
C LEU L 462 18.32 -51.14 -6.07
N ALA L 463 18.84 -52.31 -5.69
CA ALA L 463 19.64 -53.11 -6.61
C ALA L 463 18.82 -53.56 -7.81
N ALA L 464 17.59 -54.02 -7.58
CA ALA L 464 16.75 -54.44 -8.70
C ALA L 464 16.42 -53.27 -9.63
N VAL L 465 16.11 -52.11 -9.05
CA VAL L 465 15.80 -50.95 -9.88
C VAL L 465 17.02 -50.52 -10.69
N SER L 466 18.20 -50.54 -10.07
CA SER L 466 19.43 -50.24 -10.80
C SER L 466 19.68 -51.27 -11.90
N ASN L 467 19.36 -52.54 -11.64
CA ASN L 467 19.48 -53.57 -12.67
C ASN L 467 18.57 -53.27 -13.86
N ILE L 468 17.34 -52.84 -13.59
CA ILE L 468 16.42 -52.48 -14.67
C ILE L 468 16.97 -51.31 -15.49
N ALA L 469 17.44 -50.27 -14.79
CA ALA L 469 17.98 -49.10 -15.49
C ALA L 469 19.20 -49.48 -16.32
N GLN L 470 20.08 -50.32 -15.77
CA GLN L 470 21.26 -50.74 -16.50
C GLN L 470 20.90 -51.59 -17.70
N ASN L 471 19.88 -52.43 -17.58
CA ASN L 471 19.42 -53.21 -18.74
C ASN L 471 18.91 -52.29 -19.83
N ILE L 472 18.16 -51.25 -19.46
CA ILE L 472 17.70 -50.28 -20.45
C ILE L 472 18.88 -49.61 -21.14
N ARG L 473 19.85 -49.16 -20.34
CA ARG L 473 21.00 -48.44 -20.88
C ARG L 473 21.84 -49.33 -21.79
N LEU L 474 21.94 -50.62 -21.45
CA LEU L 474 22.74 -51.54 -22.25
C LEU L 474 22.03 -51.93 -23.53
N SER L 475 20.71 -52.12 -23.48
CA SER L 475 19.97 -52.50 -24.68
C SER L 475 19.83 -51.33 -25.64
N SER L 476 19.17 -50.25 -25.19
CA SER L 476 18.90 -49.11 -26.05
C SER L 476 20.14 -48.28 -26.33
N GLY L 477 21.25 -48.54 -25.64
CA GLY L 477 22.43 -47.71 -25.76
C GLY L 477 22.26 -46.41 -24.99
N VAL L 478 23.27 -45.56 -25.09
CA VAL L 478 23.23 -44.25 -24.44
C VAL L 478 22.56 -43.27 -25.40
N THR L 479 21.36 -42.82 -25.02
CA THR L 479 20.68 -41.78 -25.80
C THR L 479 21.38 -40.44 -25.67
N GLY L 480 22.20 -40.26 -24.64
CA GLY L 480 22.90 -39.01 -24.41
C GLY L 480 22.98 -38.71 -22.92
N ASP L 481 22.58 -37.51 -22.53
CA ASP L 481 22.47 -37.15 -21.12
C ASP L 481 21.02 -37.26 -20.65
N TRP L 482 20.51 -38.49 -20.64
CA TRP L 482 19.10 -38.69 -20.28
C TRP L 482 18.89 -39.09 -18.83
N LYS L 483 19.80 -39.86 -18.23
CA LYS L 483 19.76 -40.17 -16.79
C LYS L 483 18.45 -40.89 -16.41
N VAL L 484 18.37 -42.14 -16.86
CA VAL L 484 17.18 -42.96 -16.66
C VAL L 484 16.87 -43.10 -15.16
N MET L 485 17.88 -43.35 -14.34
CA MET L 485 17.66 -43.71 -12.95
C MET L 485 17.35 -42.49 -12.09
N ASN L 486 16.35 -42.62 -11.20
CA ASN L 486 15.93 -41.54 -10.33
C ASN L 486 15.57 -42.06 -8.94
N ILE L 487 15.68 -41.18 -7.95
CA ILE L 487 15.22 -41.42 -6.59
C ILE L 487 14.38 -40.23 -6.16
N LEU L 488 13.18 -40.51 -5.65
CA LEU L 488 12.27 -39.46 -5.22
C LEU L 488 12.29 -39.37 -3.70
N HIS L 489 12.77 -38.24 -3.18
CA HIS L 489 12.84 -38.01 -1.75
C HIS L 489 11.58 -37.31 -1.27
N ARG L 490 11.35 -37.38 0.05
CA ARG L 490 10.21 -36.73 0.67
C ARG L 490 10.62 -35.85 1.85
N ILE L 491 11.88 -35.87 2.25
CA ILE L 491 12.39 -35.10 3.37
C ILE L 491 13.18 -33.93 2.83
N ALA L 492 12.89 -32.73 3.33
CA ALA L 492 13.57 -31.54 2.84
C ALA L 492 15.03 -31.51 3.24
N SER L 493 15.38 -32.15 4.35
CA SER L 493 16.74 -32.11 4.88
C SER L 493 17.59 -33.29 4.45
N GLN L 494 17.03 -34.27 3.73
CA GLN L 494 17.74 -35.52 3.49
C GLN L 494 18.91 -35.34 2.52
N VAL L 495 18.68 -34.65 1.41
CA VAL L 495 19.68 -34.59 0.37
C VAL L 495 20.89 -33.78 0.82
N ALA L 496 20.66 -32.68 1.53
CA ALA L 496 21.78 -31.91 2.07
C ALA L 496 22.57 -32.73 3.07
N ALA L 497 21.89 -33.49 3.93
CA ALA L 497 22.59 -34.33 4.90
C ALA L 497 23.43 -35.40 4.20
N LEU L 498 22.91 -35.99 3.12
CA LEU L 498 23.68 -36.99 2.39
C LEU L 498 24.87 -36.35 1.69
N ASP L 499 24.69 -35.14 1.15
CA ASP L 499 25.81 -34.45 0.52
C ASP L 499 26.90 -34.11 1.53
N LEU L 500 26.51 -33.75 2.75
CA LEU L 500 27.48 -33.39 3.77
C LEU L 500 28.20 -34.59 4.37
N GLY L 501 27.73 -35.81 4.11
CA GLY L 501 28.36 -36.99 4.66
C GLY L 501 27.67 -37.60 5.85
N TYR L 502 26.44 -37.22 6.14
CA TYR L 502 25.69 -37.86 7.22
C TYR L 502 25.40 -39.31 6.86
N LYS L 503 25.43 -40.17 7.86
CA LYS L 503 25.09 -41.57 7.63
C LYS L 503 23.57 -41.71 7.53
N PRO L 504 23.04 -42.19 6.42
CA PRO L 504 21.59 -42.40 6.31
C PRO L 504 21.13 -43.50 7.25
N GLY L 505 19.94 -43.34 7.79
CA GLY L 505 19.39 -44.31 8.72
C GLY L 505 19.92 -44.12 10.12
N VAL L 506 19.42 -44.95 11.03
CA VAL L 506 19.70 -44.85 12.45
C VAL L 506 20.53 -46.05 12.93
N GLU L 507 20.69 -47.06 12.07
CA GLU L 507 21.26 -48.35 12.49
C GLU L 507 22.63 -48.19 13.14
N ALA L 508 23.39 -47.17 12.78
CA ALA L 508 24.68 -46.94 13.42
C ALA L 508 24.54 -46.68 14.92
N ILE L 509 23.49 -45.97 15.32
CA ILE L 509 23.24 -45.73 16.74
C ILE L 509 22.72 -46.97 17.46
N ARG L 510 21.83 -47.74 16.81
CA ARG L 510 21.37 -48.97 17.42
C ARG L 510 22.49 -49.99 17.57
N LYS L 511 23.48 -49.98 16.69
CA LYS L 511 24.62 -50.88 16.82
C LYS L 511 25.49 -50.50 18.02
N ASN L 512 25.77 -49.20 18.18
CA ASN L 512 26.58 -48.69 19.29
C ASN L 512 25.81 -47.57 19.99
N PRO L 513 24.98 -47.90 20.97
CA PRO L 513 24.19 -46.88 21.67
C PRO L 513 25.09 -45.87 22.35
N PRO L 514 24.76 -44.59 22.27
CA PRO L 514 25.62 -43.55 22.81
C PRO L 514 25.23 -43.13 24.22
N LYS L 515 26.14 -42.40 24.87
CA LYS L 515 25.86 -41.82 26.17
C LYS L 515 25.29 -40.41 26.06
N VAL L 516 25.63 -39.68 25.01
CA VAL L 516 25.08 -38.34 24.74
C VAL L 516 24.47 -38.37 23.35
N LEU L 517 23.21 -37.95 23.25
CA LEU L 517 22.48 -37.96 22.00
C LEU L 517 21.99 -36.55 21.68
N PHE L 518 22.32 -36.09 20.47
CA PHE L 518 21.84 -34.81 19.96
C PHE L 518 20.66 -35.07 19.05
N LEU L 519 19.52 -34.48 19.37
CA LEU L 519 18.30 -34.59 18.54
C LEU L 519 18.10 -33.24 17.87
N LEU L 520 18.68 -33.08 16.68
CA LEU L 520 18.54 -31.84 15.91
C LEU L 520 17.23 -31.90 15.16
N GLY L 521 16.15 -31.55 15.87
CA GLY L 521 14.83 -31.57 15.30
C GLY L 521 14.33 -32.95 14.91
N ALA L 522 14.81 -33.99 15.60
CA ALA L 522 14.44 -35.37 15.29
C ALA L 522 13.17 -35.71 16.04
N ASP L 523 12.03 -35.63 15.35
CA ASP L 523 10.73 -35.91 15.94
C ASP L 523 10.04 -37.08 15.27
N GLY L 524 10.82 -38.05 14.77
CA GLY L 524 10.24 -39.20 14.11
C GLY L 524 9.98 -40.38 15.03
N GLY L 525 10.55 -40.38 16.23
CA GLY L 525 10.33 -41.48 17.15
C GLY L 525 11.07 -42.75 16.80
N CYS L 526 12.13 -42.66 16.01
CA CYS L 526 12.90 -43.85 15.66
C CYS L 526 13.68 -44.38 16.85
N ILE L 527 14.25 -43.47 17.64
CA ILE L 527 15.04 -43.84 18.81
C ILE L 527 14.33 -43.30 20.05
N THR L 528 14.03 -44.19 20.98
CA THR L 528 13.47 -43.83 22.27
C THR L 528 14.47 -44.17 23.37
N ARG L 529 14.06 -43.96 24.61
CA ARG L 529 14.94 -44.25 25.73
C ARG L 529 15.02 -45.73 26.06
N GLN L 530 14.20 -46.57 25.42
CA GLN L 530 14.32 -48.01 25.57
C GLN L 530 15.48 -48.57 24.75
N ASP L 531 15.82 -47.91 23.64
CA ASP L 531 16.90 -48.34 22.77
C ASP L 531 18.24 -47.73 23.16
N LEU L 532 18.28 -46.98 24.26
CA LEU L 532 19.46 -46.28 24.73
C LEU L 532 19.83 -46.73 26.13
N PRO L 533 21.10 -46.60 26.51
CA PRO L 533 21.47 -46.92 27.90
C PRO L 533 20.81 -45.95 28.87
N LYS L 534 20.50 -46.44 30.07
CA LYS L 534 19.94 -45.57 31.09
C LYS L 534 20.98 -44.54 31.50
N ASP L 535 20.48 -43.40 32.00
CA ASP L 535 21.30 -42.22 32.28
C ASP L 535 21.93 -41.68 30.99
N CYS L 536 21.17 -41.72 29.90
CA CYS L 536 21.59 -41.13 28.65
C CYS L 536 21.22 -39.66 28.61
N PHE L 537 22.16 -38.83 28.18
CA PHE L 537 21.96 -37.38 28.12
C PHE L 537 21.45 -37.04 26.73
N ILE L 538 20.15 -36.77 26.62
CA ILE L 538 19.50 -36.44 25.37
C ILE L 538 19.33 -34.93 25.29
N ILE L 539 19.80 -34.34 24.20
CA ILE L 539 19.69 -32.91 23.95
C ILE L 539 18.82 -32.72 22.71
N TYR L 540 17.72 -32.00 22.87
CA TYR L 540 16.83 -31.70 21.76
C TYR L 540 16.98 -30.23 21.37
N GLN L 541 17.18 -30.00 20.08
CA GLN L 541 17.28 -28.65 19.53
C GLN L 541 16.28 -28.55 18.39
N GLY L 542 15.26 -27.73 18.58
CA GLY L 542 14.23 -27.57 17.57
C GLY L 542 13.41 -26.34 17.80
N HIS L 543 12.28 -26.28 17.11
CA HIS L 543 11.36 -25.16 17.24
C HIS L 543 9.97 -25.55 17.71
N HIS L 544 9.64 -26.83 17.78
CA HIS L 544 8.32 -27.28 18.17
C HIS L 544 8.42 -28.29 19.29
N GLY L 545 7.45 -28.24 20.20
CA GLY L 545 7.28 -29.28 21.18
C GLY L 545 6.49 -30.43 20.61
N ASP L 546 7.16 -31.53 20.32
CA ASP L 546 6.57 -32.67 19.63
C ASP L 546 7.10 -33.94 20.30
N VAL L 547 7.03 -35.07 19.60
CA VAL L 547 7.35 -36.35 20.22
C VAL L 547 8.80 -36.46 20.69
N GLY L 548 9.68 -35.57 20.24
CA GLY L 548 11.08 -35.69 20.60
C GLY L 548 11.55 -34.84 21.76
N ALA L 549 10.76 -33.83 22.13
CA ALA L 549 11.15 -32.87 23.16
C ALA L 549 10.96 -33.37 24.60
N PRO L 550 9.82 -33.99 24.96
CA PRO L 550 9.64 -34.36 26.37
C PRO L 550 10.62 -35.41 26.87
N MET L 551 11.29 -36.13 25.98
CA MET L 551 12.23 -37.17 26.38
C MET L 551 13.67 -36.66 26.48
N ALA L 552 13.87 -35.35 26.44
CA ALA L 552 15.21 -34.76 26.46
C ALA L 552 15.53 -34.25 27.85
N ASP L 553 16.83 -34.07 28.11
CA ASP L 553 17.30 -33.47 29.35
C ASP L 553 17.49 -31.97 29.22
N VAL L 554 17.96 -31.51 28.06
CA VAL L 554 18.13 -30.09 27.77
C VAL L 554 17.42 -29.78 26.47
N ILE L 555 16.66 -28.69 26.45
CA ILE L 555 15.95 -28.25 25.25
C ILE L 555 16.52 -26.90 24.85
N LEU L 556 16.99 -26.80 23.60
CA LEU L 556 17.50 -25.56 23.05
C LEU L 556 16.56 -25.06 21.97
N PRO L 557 15.87 -23.94 22.17
CA PRO L 557 14.91 -23.46 21.15
C PRO L 557 15.62 -22.94 19.91
N GLY L 558 15.23 -23.47 18.75
CA GLY L 558 15.78 -23.06 17.48
C GLY L 558 14.78 -22.31 16.62
N ALA L 559 15.27 -21.90 15.45
CA ALA L 559 14.45 -21.16 14.50
C ALA L 559 13.74 -22.09 13.53
N ALA L 560 12.61 -21.63 13.01
CA ALA L 560 11.91 -22.33 11.96
C ALA L 560 12.37 -21.83 10.59
N TYR L 561 11.88 -22.49 9.53
CA TYR L 561 12.34 -22.16 8.19
C TYR L 561 11.94 -20.76 7.75
N THR L 562 10.95 -20.16 8.42
CA THR L 562 10.56 -18.78 8.14
C THR L 562 11.36 -17.77 8.95
N GLU L 563 12.28 -18.21 9.80
CA GLU L 563 12.96 -17.32 10.71
C GLU L 563 14.47 -17.30 10.52
N LYS L 564 14.98 -17.85 9.42
CA LYS L 564 16.41 -17.88 9.19
C LYS L 564 16.67 -17.85 7.70
N SER L 565 17.90 -17.47 7.34
CA SER L 565 18.41 -17.61 5.98
C SER L 565 19.19 -18.93 5.96
N ALA L 566 18.56 -19.96 5.42
CA ALA L 566 19.08 -21.31 5.50
C ALA L 566 19.07 -21.95 4.12
N THR L 567 19.96 -22.93 3.93
CA THR L 567 20.10 -23.63 2.66
C THR L 567 19.47 -25.01 2.75
N TYR L 568 18.59 -25.31 1.81
CA TYR L 568 17.99 -26.63 1.65
C TYR L 568 18.23 -27.11 0.23
N VAL L 569 18.50 -28.40 0.09
CA VAL L 569 18.80 -28.99 -1.21
C VAL L 569 17.60 -29.79 -1.69
N ASN L 570 17.32 -29.68 -2.99
CA ASN L 570 16.13 -30.27 -3.59
C ASN L 570 16.24 -31.78 -3.66
N THR L 571 15.13 -32.42 -4.07
CA THR L 571 15.18 -33.85 -4.37
C THR L 571 15.92 -34.11 -5.67
N GLU L 572 16.03 -33.10 -6.53
CA GLU L 572 16.83 -33.19 -7.73
C GLU L 572 18.24 -32.64 -7.53
N GLY L 573 18.58 -32.22 -6.32
CA GLY L 573 19.91 -31.72 -6.01
C GLY L 573 20.07 -30.21 -6.07
N ARG L 574 19.00 -29.46 -6.32
CA ARG L 574 19.11 -28.02 -6.46
C ARG L 574 19.15 -27.35 -5.10
N ALA L 575 20.25 -26.66 -4.81
CA ALA L 575 20.36 -25.92 -3.57
C ALA L 575 19.59 -24.61 -3.69
N GLN L 576 18.85 -24.27 -2.64
CA GLN L 576 18.14 -23.00 -2.55
C GLN L 576 18.26 -22.50 -1.13
N GLN L 577 18.00 -21.21 -0.94
CA GLN L 577 18.13 -20.59 0.37
C GLN L 577 16.87 -19.82 0.71
N THR L 578 16.41 -19.98 1.95
CA THR L 578 15.31 -19.18 2.47
C THR L 578 15.82 -17.82 2.95
N LYS L 579 14.89 -16.93 3.23
CA LYS L 579 15.19 -15.63 3.79
C LYS L 579 14.42 -15.46 5.09
N VAL L 580 14.94 -14.59 5.95
CA VAL L 580 14.26 -14.28 7.21
C VAL L 580 13.04 -13.44 6.90
N ALA L 581 11.87 -13.94 7.30
CA ALA L 581 10.64 -13.17 7.27
C ALA L 581 10.33 -12.52 8.61
N VAL L 582 10.46 -13.28 9.69
CA VAL L 582 10.34 -12.78 11.06
C VAL L 582 11.46 -13.40 11.88
N THR L 583 11.74 -12.79 13.02
CA THR L 583 12.76 -13.33 13.91
C THR L 583 12.16 -14.43 14.80
N PRO L 584 13.00 -15.33 15.30
CA PRO L 584 12.49 -16.42 16.16
C PRO L 584 11.84 -15.87 17.42
N PRO L 585 10.78 -16.52 17.90
CA PRO L 585 10.09 -16.01 19.09
C PRO L 585 10.88 -16.23 20.36
N GLY L 586 10.69 -15.31 21.31
CA GLY L 586 11.29 -15.47 22.63
C GLY L 586 12.81 -15.50 22.57
N LEU L 587 13.39 -16.48 23.26
CA LEU L 587 14.83 -16.65 23.31
C LEU L 587 15.36 -17.61 22.26
N ALA L 588 14.53 -18.01 21.29
CA ALA L 588 14.97 -18.91 20.24
C ALA L 588 16.04 -18.26 19.39
N ARG L 589 17.00 -19.06 18.93
CA ARG L 589 18.14 -18.58 18.17
C ARG L 589 18.33 -19.43 16.93
N GLU L 590 19.15 -18.93 16.01
CA GLU L 590 19.51 -19.70 14.83
C GLU L 590 20.28 -20.96 15.23
N ASP L 591 20.06 -22.03 14.46
CA ASP L 591 20.57 -23.34 14.86
C ASP L 591 22.10 -23.41 14.78
N TRP L 592 22.67 -22.96 13.66
CA TRP L 592 24.12 -22.99 13.55
C TRP L 592 24.76 -22.07 14.58
N LYS L 593 24.10 -20.96 14.92
CA LYS L 593 24.59 -20.10 15.98
C LYS L 593 24.57 -20.82 17.32
N ILE L 594 23.51 -21.61 17.57
CA ILE L 594 23.45 -22.39 18.81
C ILE L 594 24.62 -23.35 18.88
N ILE L 595 24.88 -24.06 17.78
CA ILE L 595 25.95 -25.05 17.77
C ILE L 595 27.30 -24.37 17.94
N ARG L 596 27.50 -23.22 17.30
CA ARG L 596 28.78 -22.51 17.43
C ARG L 596 28.99 -21.98 18.85
N ALA L 597 27.93 -21.45 19.47
CA ALA L 597 28.03 -20.99 20.85
C ALA L 597 28.34 -22.16 21.79
N LEU L 598 27.68 -23.29 21.57
CA LEU L 598 27.95 -24.48 22.38
C LEU L 598 29.39 -24.94 22.20
N SER L 599 29.90 -24.89 20.97
CA SER L 599 31.29 -25.26 20.72
C SER L 599 32.26 -24.34 21.46
N GLU L 600 31.98 -23.03 21.44
CA GLU L 600 32.84 -22.10 22.15
C GLU L 600 32.80 -22.34 23.66
N ILE L 601 31.62 -22.62 24.20
CA ILE L 601 31.51 -22.91 25.63
C ILE L 601 32.28 -24.17 25.99
N ALA L 602 32.18 -25.20 25.15
CA ALA L 602 32.81 -26.48 25.43
C ALA L 602 34.31 -26.51 25.17
N GLY L 603 34.88 -25.47 24.57
CA GLY L 603 36.31 -25.39 24.36
C GLY L 603 36.79 -25.71 22.96
N MET L 604 35.98 -26.38 22.15
CA MET L 604 36.35 -26.65 20.75
C MET L 604 35.62 -25.69 19.82
N THR L 605 36.13 -24.46 19.80
CA THR L 605 35.51 -23.39 19.03
C THR L 605 35.61 -23.67 17.53
N LEU L 606 34.48 -23.51 16.83
CA LEU L 606 34.41 -23.73 15.41
C LEU L 606 34.96 -22.52 14.65
N PRO L 607 35.52 -22.73 13.46
CA PRO L 607 36.24 -21.65 12.77
C PRO L 607 35.36 -20.63 12.08
N TYR L 608 34.05 -20.60 12.32
CA TYR L 608 33.18 -19.66 11.63
C TYR L 608 32.35 -18.88 12.63
N ASP L 609 32.20 -17.58 12.35
CA ASP L 609 31.45 -16.67 13.21
C ASP L 609 30.22 -16.08 12.55
N THR L 610 30.16 -16.02 11.22
CA THR L 610 29.05 -15.41 10.50
C THR L 610 28.44 -16.42 9.54
N LEU L 611 27.35 -16.00 8.89
CA LEU L 611 26.69 -16.86 7.92
C LEU L 611 27.56 -17.06 6.68
N ASP L 612 28.28 -16.03 6.25
CA ASP L 612 29.16 -16.17 5.10
C ASP L 612 30.27 -17.18 5.38
N GLN L 613 30.82 -17.17 6.59
CA GLN L 613 31.88 -18.10 6.92
C GLN L 613 31.36 -19.54 7.00
N VAL L 614 30.17 -19.74 7.56
CA VAL L 614 29.63 -21.09 7.63
C VAL L 614 29.25 -21.58 6.23
N ARG L 615 28.85 -20.68 5.33
CA ARG L 615 28.60 -21.11 3.95
C ARG L 615 29.91 -21.37 3.21
N SER L 616 30.99 -20.67 3.58
CA SER L 616 32.30 -21.04 3.06
C SER L 616 32.71 -22.43 3.52
N ARG L 617 32.41 -22.77 4.77
CA ARG L 617 32.63 -24.13 5.25
C ARG L 617 31.78 -25.14 4.47
N LEU L 618 30.53 -24.77 4.20
CA LEU L 618 29.67 -25.62 3.37
C LEU L 618 30.29 -25.87 2.00
N GLU L 619 30.84 -24.82 1.39
CA GLU L 619 31.53 -24.98 0.12
C GLU L 619 32.74 -25.88 0.25
N GLU L 620 33.47 -25.76 1.36
CA GLU L 620 34.62 -26.62 1.59
C GLU L 620 34.22 -28.09 1.65
N VAL L 621 33.07 -28.39 2.26
CA VAL L 621 32.65 -29.77 2.37
C VAL L 621 32.00 -30.26 1.08
N SER L 622 31.06 -29.49 0.55
CA SER L 622 30.38 -29.89 -0.67
C SER L 622 30.09 -28.67 -1.52
N PRO L 623 30.82 -28.46 -2.63
CA PRO L 623 30.72 -27.18 -3.36
C PRO L 623 29.35 -26.90 -3.92
N ASN L 624 28.52 -27.92 -4.17
CA ASN L 624 27.21 -27.71 -4.77
C ASN L 624 26.24 -27.01 -3.83
N LEU L 625 26.56 -26.88 -2.56
CA LEU L 625 25.67 -26.26 -1.59
C LEU L 625 25.69 -24.75 -1.62
N VAL L 626 26.54 -24.14 -2.45
CA VAL L 626 26.56 -22.69 -2.59
C VAL L 626 26.12 -22.23 -3.97
N ARG L 627 25.89 -23.15 -4.91
CA ARG L 627 25.28 -22.81 -6.19
C ARG L 627 23.77 -22.88 -6.02
N TYR L 628 23.11 -21.72 -5.97
CA TYR L 628 21.76 -21.61 -5.44
C TYR L 628 20.67 -21.72 -6.49
N ASP L 629 21.00 -21.96 -7.75
CA ASP L 629 20.00 -22.33 -8.72
C ASP L 629 20.47 -23.41 -9.68
N ASP L 630 21.68 -23.93 -9.49
CA ASP L 630 22.24 -24.93 -10.37
C ASP L 630 21.65 -26.30 -10.05
N VAL L 631 21.36 -27.07 -11.10
CA VAL L 631 20.84 -28.42 -10.96
C VAL L 631 21.62 -29.42 -11.79
N GLU L 632 22.59 -28.98 -12.57
CA GLU L 632 23.41 -29.89 -13.35
C GLU L 632 24.35 -30.70 -12.46
N GLY L 633 24.60 -31.93 -12.87
CA GLY L 633 25.48 -32.82 -12.12
C GLY L 633 26.03 -33.91 -13.01
N ALA L 634 26.92 -34.70 -12.44
CA ALA L 634 27.57 -35.77 -13.16
C ALA L 634 26.73 -37.05 -13.13
N ASN L 635 26.96 -37.90 -14.12
CA ASN L 635 26.31 -39.20 -14.20
C ASN L 635 27.34 -40.27 -13.87
N TYR L 636 27.24 -40.83 -12.66
CA TYR L 636 28.10 -41.92 -12.22
C TYR L 636 27.28 -43.18 -12.01
N PHE L 637 26.35 -43.44 -12.93
CA PHE L 637 25.47 -44.60 -12.79
C PHE L 637 26.25 -45.90 -12.97
N GLN L 638 27.26 -45.89 -13.84
CA GLN L 638 28.02 -47.11 -14.11
C GLN L 638 28.73 -47.61 -12.85
N GLN L 639 29.43 -46.71 -12.16
CA GLN L 639 30.18 -47.13 -10.97
C GLN L 639 29.24 -47.60 -9.86
N ALA L 640 28.14 -46.88 -9.64
CA ALA L 640 27.18 -47.29 -8.62
C ALA L 640 26.56 -48.64 -8.97
N ASN L 641 26.24 -48.85 -10.25
CA ASN L 641 25.66 -50.12 -10.66
C ASN L 641 26.64 -51.27 -10.46
N GLU L 642 27.92 -51.06 -10.80
CA GLU L 642 28.92 -52.09 -10.57
C GLU L 642 29.07 -52.39 -9.09
N LEU L 643 29.07 -51.36 -8.26
CA LEU L 643 29.27 -51.56 -6.82
C LEU L 643 28.03 -52.13 -6.14
N SER L 644 26.85 -52.01 -6.74
CA SER L 644 25.65 -52.59 -6.16
C SER L 644 25.51 -54.08 -6.46
N LYS L 645 26.32 -54.62 -7.37
CA LYS L 645 26.25 -56.03 -7.70
C LYS L 645 27.02 -56.92 -6.74
N LEU L 646 27.93 -56.37 -5.93
CA LEU L 646 28.70 -57.20 -5.03
C LEU L 646 27.90 -57.66 -3.82
N VAL L 647 26.73 -57.08 -3.57
CA VAL L 647 25.83 -57.49 -2.50
C VAL L 647 24.63 -58.18 -3.13
N ASN L 648 24.28 -59.35 -2.61
CA ASN L 648 23.21 -60.17 -3.17
C ASN L 648 22.15 -60.44 -2.11
N GLN L 649 21.73 -59.40 -1.41
CA GLN L 649 20.72 -59.53 -0.37
C GLN L 649 19.37 -59.94 -0.97
N GLN L 650 18.68 -60.84 -0.28
CA GLN L 650 17.42 -61.38 -0.77
C GLN L 650 16.28 -60.39 -0.58
N LEU L 651 15.38 -60.36 -1.57
CA LEU L 651 14.19 -59.52 -1.48
C LEU L 651 13.18 -60.13 -0.51
N LEU L 652 12.19 -59.32 -0.14
CA LEU L 652 11.13 -59.75 0.75
C LEU L 652 9.85 -60.00 -0.02
N ALA L 653 9.11 -61.04 0.38
CA ALA L 653 7.81 -61.35 -0.22
C ALA L 653 6.69 -60.60 0.48
N ASP L 654 6.88 -59.29 0.63
CA ASP L 654 5.94 -58.43 1.33
C ASP L 654 5.51 -57.32 0.37
N PRO L 655 4.21 -57.12 0.14
CA PRO L 655 3.78 -56.13 -0.85
C PRO L 655 4.20 -54.72 -0.45
N LEU L 656 4.48 -53.90 -1.46
CA LEU L 656 4.90 -52.53 -1.22
C LEU L 656 3.70 -51.66 -0.86
N VAL L 657 3.69 -51.12 0.35
CA VAL L 657 2.61 -50.25 0.81
C VAL L 657 3.19 -48.90 1.21
N PRO L 658 2.88 -47.82 0.49
CA PRO L 658 3.38 -46.51 0.88
C PRO L 658 2.75 -46.05 2.19
N PRO L 659 3.47 -45.26 2.98
CA PRO L 659 2.88 -44.78 4.25
C PRO L 659 1.63 -43.95 4.04
N GLN L 660 1.57 -43.17 2.98
CA GLN L 660 0.39 -42.37 2.65
C GLN L 660 -0.45 -43.16 1.65
N LEU L 661 -1.61 -43.63 2.10
CA LEU L 661 -2.49 -44.43 1.27
C LEU L 661 -3.74 -43.68 0.83
N THR L 662 -4.17 -42.70 1.61
CA THR L 662 -5.30 -41.85 1.24
C THR L 662 -4.97 -40.42 1.63
N ILE L 663 -5.91 -39.52 1.32
CA ILE L 663 -5.66 -38.09 1.52
C ILE L 663 -5.54 -37.77 3.01
N LYS L 664 -6.21 -38.54 3.87
CA LYS L 664 -6.19 -38.26 5.30
C LYS L 664 -4.78 -38.32 5.86
N ASP L 665 -3.94 -39.21 5.31
CA ASP L 665 -2.57 -39.34 5.77
C ASP L 665 -1.67 -38.23 5.26
N PHE L 666 -2.14 -37.40 4.33
CA PHE L 666 -1.30 -36.39 3.70
C PHE L 666 -1.07 -35.18 4.59
N TYR L 667 -2.03 -34.84 5.44
CA TYR L 667 -2.06 -33.50 6.04
C TYR L 667 -1.03 -33.35 7.15
N MET L 668 -0.83 -34.37 7.98
CA MET L 668 0.12 -34.31 9.08
C MET L 668 1.27 -35.26 8.81
N THR L 669 2.45 -34.70 8.53
CA THR L 669 3.63 -35.52 8.28
C THR L 669 4.80 -35.11 9.18
N ASP L 670 4.93 -33.82 9.47
CA ASP L 670 6.01 -33.32 10.30
C ASP L 670 5.45 -32.54 11.49
N SER L 671 6.36 -31.96 12.28
CA SER L 671 5.97 -31.29 13.51
C SER L 671 5.10 -30.07 13.25
N ILE L 672 5.43 -29.28 12.22
CA ILE L 672 4.68 -28.06 11.96
C ILE L 672 3.24 -28.38 11.57
N SER L 673 3.06 -29.33 10.65
CA SER L 673 1.71 -29.66 10.21
C SER L 673 0.93 -30.43 11.27
N ARG L 674 1.60 -31.13 12.17
CA ARG L 674 0.91 -31.75 13.30
C ARG L 674 0.48 -30.72 14.32
N ALA L 675 1.23 -29.63 14.46
CA ALA L 675 0.81 -28.54 15.35
C ALA L 675 -0.22 -27.63 14.71
N SER L 676 -0.46 -27.73 13.41
CA SER L 676 -1.38 -26.84 12.72
C SER L 676 -2.82 -27.21 13.03
N GLN L 677 -3.62 -26.21 13.39
CA GLN L 677 -5.04 -26.41 13.62
C GLN L 677 -5.85 -26.47 12.34
N THR L 678 -5.33 -25.93 11.24
CA THR L 678 -6.02 -26.03 9.96
C THR L 678 -5.95 -27.45 9.40
N MET L 679 -4.82 -28.14 9.60
CA MET L 679 -4.70 -29.51 9.13
C MET L 679 -5.54 -30.47 9.96
N ALA L 680 -5.76 -30.14 11.24
CA ALA L 680 -6.71 -30.92 12.03
C ALA L 680 -8.10 -30.81 11.44
N LYS L 681 -8.50 -29.61 11.03
CA LYS L 681 -9.79 -29.43 10.36
C LYS L 681 -9.86 -30.19 9.05
N CYS L 682 -8.76 -30.17 8.27
CA CYS L 682 -8.75 -30.90 7.01
C CYS L 682 -8.89 -32.40 7.24
N VAL L 683 -8.19 -32.95 8.23
CA VAL L 683 -8.30 -34.37 8.54
C VAL L 683 -9.70 -34.70 9.01
N LYS L 684 -10.27 -33.87 9.86
CA LYS L 684 -11.63 -34.11 10.35
C LYS L 684 -12.65 -34.06 9.21
N ALA L 685 -12.48 -33.12 8.29
CA ALA L 685 -13.40 -33.00 7.16
C ALA L 685 -13.28 -34.18 6.22
N VAL L 686 -12.05 -34.67 5.99
CA VAL L 686 -11.88 -35.85 5.15
C VAL L 686 -12.41 -37.12 5.81
N THR L 687 -12.26 -37.26 7.13
CA THR L 687 -12.71 -38.46 7.81
C THR L 687 -14.23 -38.53 7.87
N GLU L 688 -14.87 -37.43 8.26
CA GLU L 688 -16.32 -37.29 8.19
C GLU L 688 -16.63 -36.04 7.37
N GLY L 689 -17.25 -36.24 6.20
CA GLY L 689 -17.52 -35.12 5.31
C GLY L 689 -18.50 -34.12 5.89
N ILE L 690 -19.58 -34.63 6.50
CA ILE L 690 -20.72 -33.86 7.01
C ILE L 690 -20.97 -32.57 6.22
N GLU M 1 -31.24 59.20 30.19
CA GLU M 1 -30.51 58.11 29.57
C GLU M 1 -29.60 57.42 30.57
N LEU M 2 -28.89 58.21 31.39
CA LEU M 2 -28.07 57.65 32.45
C LEU M 2 -28.92 56.98 33.51
N VAL M 3 -30.03 57.63 33.88
CA VAL M 3 -30.94 57.04 34.86
C VAL M 3 -31.55 55.76 34.32
N GLN M 4 -31.73 55.66 33.01
CA GLN M 4 -32.26 54.44 32.42
C GLN M 4 -31.27 53.29 32.54
N VAL M 5 -29.97 53.54 32.31
CA VAL M 5 -29.00 52.47 32.47
C VAL M 5 -28.82 52.10 33.94
N LEU M 6 -28.94 53.08 34.84
CA LEU M 6 -28.91 52.76 36.27
C LEU M 6 -30.10 51.89 36.66
N ARG M 7 -31.28 52.21 36.12
CA ARG M 7 -32.46 51.37 36.36
C ARG M 7 -32.26 49.98 35.80
N ARG M 8 -31.61 49.86 34.64
CA ARG M 8 -31.34 48.56 34.06
C ARG M 8 -30.39 47.75 34.95
N GLY M 9 -29.37 48.41 35.51
CA GLY M 9 -28.49 47.73 36.45
C GLY M 9 -29.23 47.27 37.71
N LEU M 10 -30.10 48.13 38.24
CA LEU M 10 -30.89 47.75 39.40
C LEU M 10 -31.81 46.58 39.08
N GLN M 11 -32.39 46.58 37.87
CA GLN M 11 -33.23 45.47 37.45
C GLN M 11 -32.43 44.19 37.33
N GLN M 12 -31.19 44.28 36.84
CA GLN M 12 -30.33 43.11 36.79
C GLN M 12 -30.05 42.58 38.19
N VAL M 13 -29.82 43.48 39.15
CA VAL M 13 -29.62 43.05 40.54
C VAL M 13 -30.86 42.35 41.07
N SER M 14 -32.04 42.91 40.79
CA SER M 14 -33.27 42.36 41.35
C SER M 14 -33.65 41.04 40.70
N GLY M 15 -33.37 40.88 39.41
CA GLY M 15 -33.81 39.72 38.67
C GLY M 15 -32.99 38.47 38.84
N HIS M 16 -31.90 38.51 39.60
CA HIS M 16 -31.08 37.34 39.86
C HIS M 16 -31.44 36.64 41.16
N GLY M 17 -32.53 37.06 41.81
CA GLY M 17 -32.94 36.46 43.07
C GLY M 17 -32.40 37.20 44.27
N GLY M 18 -32.39 38.52 44.20
CA GLY M 18 -31.90 39.33 45.29
C GLY M 18 -30.39 39.48 45.27
N LEU M 19 -29.90 40.14 46.32
CA LEU M 19 -28.46 40.42 46.40
C LEU M 19 -27.64 39.15 46.51
N ARG M 20 -28.13 38.14 47.24
CA ARG M 20 -27.39 36.90 47.36
C ARG M 20 -27.21 36.23 46.00
N GLY M 21 -28.28 36.14 45.22
CA GLY M 21 -28.17 35.56 43.89
C GLY M 21 -27.31 36.38 42.96
N TYR M 22 -27.42 37.71 43.06
CA TYR M 22 -26.57 38.58 42.24
C TYR M 22 -25.10 38.35 42.55
N LEU M 23 -24.75 38.29 43.84
CA LEU M 23 -23.36 38.05 44.21
C LEU M 23 -22.91 36.65 43.79
N ARG M 24 -23.79 35.66 43.91
CA ARG M 24 -23.43 34.30 43.52
C ARG M 24 -23.10 34.22 42.04
N VAL M 25 -23.94 34.82 41.20
CA VAL M 25 -23.69 34.77 39.75
C VAL M 25 -22.50 35.66 39.40
N LEU M 26 -22.28 36.75 40.14
CA LEU M 26 -21.16 37.64 39.85
C LEU M 26 -19.83 36.97 40.18
N PHE M 27 -19.78 36.20 41.27
CA PHE M 27 -18.55 35.54 41.67
C PHE M 27 -18.35 34.20 41.00
N ARG M 28 -19.40 33.58 40.45
CA ARG M 28 -19.26 32.31 39.75
C ARG M 28 -19.02 32.51 38.26
N ALA M 29 -19.92 33.22 37.58
CA ALA M 29 -19.85 33.38 36.14
C ALA M 29 -19.11 34.64 35.70
N ASN M 30 -18.75 35.52 36.63
CA ASN M 30 -18.17 36.82 36.31
C ASN M 30 -19.05 37.63 35.36
N ASP M 31 -20.37 37.44 35.48
CA ASP M 31 -21.33 38.13 34.62
C ASP M 31 -22.66 38.22 35.35
N VAL M 32 -23.38 39.31 35.12
CA VAL M 32 -24.64 39.57 35.82
C VAL M 32 -25.78 39.83 34.86
N ARG M 33 -25.65 39.39 33.60
CA ARG M 33 -26.72 39.57 32.64
C ARG M 33 -27.91 38.67 32.96
N VAL M 34 -29.08 39.08 32.47
CA VAL M 34 -30.31 38.31 32.63
C VAL M 34 -30.84 37.97 31.25
N GLY M 35 -31.18 36.70 31.04
CA GLY M 35 -31.76 36.26 29.79
C GLY M 35 -32.91 35.31 30.03
N THR M 36 -33.63 35.00 28.96
CA THR M 36 -34.73 34.05 29.05
C THR M 36 -34.18 32.64 29.25
N LEU M 37 -34.79 31.90 30.17
CA LEU M 37 -34.34 30.54 30.48
C LEU M 37 -34.77 29.62 29.35
N VAL M 38 -33.81 29.23 28.50
CA VAL M 38 -34.14 28.28 27.44
C VAL M 38 -34.45 26.92 28.01
N GLY M 39 -33.63 26.44 28.95
CA GLY M 39 -33.89 25.11 29.47
C GLY M 39 -33.05 24.79 30.68
N GLU M 40 -33.38 23.66 31.28
CA GLU M 40 -32.67 23.12 32.43
C GLU M 40 -32.19 21.71 32.11
N ASP M 41 -30.94 21.45 32.50
CA ASP M 41 -30.25 20.21 32.17
C ASP M 41 -30.69 19.08 33.10
N LYS M 42 -30.32 17.86 32.70
CA LYS M 42 -30.51 16.70 33.56
C LYS M 42 -29.58 16.74 34.78
N TYR M 43 -28.46 17.45 34.67
CA TYR M 43 -27.45 17.49 35.72
C TYR M 43 -27.47 18.78 36.52
N GLY M 44 -28.38 19.71 36.21
CA GLY M 44 -28.49 20.95 36.95
C GLY M 44 -28.06 22.18 36.19
N ASN M 45 -27.45 22.04 35.02
CA ASN M 45 -27.06 23.20 34.24
C ASN M 45 -28.28 23.91 33.69
N LYS M 46 -28.18 25.23 33.60
CA LYS M 46 -29.25 26.06 33.07
C LYS M 46 -28.75 26.77 31.83
N TYR M 47 -29.59 26.85 30.80
CA TYR M 47 -29.21 27.43 29.52
C TYR M 47 -30.13 28.59 29.22
N TYR M 48 -29.53 29.76 29.03
CA TYR M 48 -30.19 31.04 28.83
C TYR M 48 -29.83 31.62 27.47
N GLU M 49 -30.74 32.43 26.95
CA GLU M 49 -30.60 33.08 25.66
C GLU M 49 -30.94 34.55 25.78
N ASP M 50 -30.39 35.35 24.88
CA ASP M 50 -30.81 36.74 24.71
C ASP M 50 -30.36 37.17 23.32
N ASN M 51 -31.31 37.45 22.45
CA ASN M 51 -30.96 37.74 21.06
C ASN M 51 -30.48 39.16 20.84
N LYS M 52 -30.49 40.01 21.88
CA LYS M 52 -30.03 41.38 21.73
C LYS M 52 -28.51 41.52 21.89
N GLN M 53 -27.86 40.62 22.60
CA GLN M 53 -26.41 40.56 22.59
C GLN M 53 -25.90 40.07 21.25
N PHE M 54 -24.67 40.44 20.94
CA PHE M 54 -24.06 40.10 19.65
C PHE M 54 -23.68 38.62 19.60
N PHE M 55 -23.36 38.17 18.40
CA PHE M 55 -23.07 36.75 18.17
C PHE M 55 -21.87 36.31 18.99
N GLY M 56 -22.12 35.38 19.93
CA GLY M 56 -21.13 34.93 20.88
C GLY M 56 -21.55 35.11 22.31
N ARG M 57 -22.34 36.16 22.59
CA ARG M 57 -22.87 36.42 23.91
C ARG M 57 -24.37 36.16 24.01
N HIS M 58 -24.99 35.69 22.94
CA HIS M 58 -26.45 35.52 22.92
C HIS M 58 -26.92 34.22 23.54
N ARG M 59 -26.02 33.28 23.82
CA ARG M 59 -26.36 32.03 24.49
C ARG M 59 -25.34 31.76 25.57
N TRP M 60 -25.79 31.26 26.72
CA TRP M 60 -24.83 30.91 27.76
C TRP M 60 -25.43 29.85 28.67
N VAL M 61 -24.55 29.24 29.45
CA VAL M 61 -24.92 28.20 30.41
C VAL M 61 -24.40 28.62 31.78
N ILE M 62 -25.26 28.48 32.78
CA ILE M 62 -24.86 28.55 34.18
C ILE M 62 -24.72 27.10 34.65
N TYR M 63 -23.51 26.72 35.02
CA TYR M 63 -23.22 25.33 35.31
C TYR M 63 -23.81 24.92 36.66
N THR M 64 -24.01 23.62 36.82
CA THR M 64 -24.50 23.07 38.07
C THR M 64 -23.41 23.14 39.14
N THR M 65 -23.83 23.07 40.39
CA THR M 65 -22.92 23.06 41.52
C THR M 65 -22.53 21.65 41.94
N GLU M 66 -23.06 20.61 41.30
CA GLU M 66 -22.83 19.24 41.75
C GLU M 66 -23.02 18.32 40.55
N MET M 67 -21.93 17.92 39.94
CA MET M 67 -21.96 16.97 38.83
C MET M 67 -21.81 15.57 39.42
N ASN M 68 -21.50 14.55 38.60
CA ASN M 68 -21.53 13.15 39.00
C ASN M 68 -21.06 12.90 40.43
N GLY M 69 -19.85 13.34 40.77
CA GLY M 69 -19.35 13.11 42.10
C GLY M 69 -18.60 14.25 42.76
N ARG M 70 -18.38 15.35 42.04
CA ARG M 70 -17.53 16.41 42.54
C ARG M 70 -18.34 17.69 42.78
N ASP M 71 -17.77 18.57 43.59
CA ASP M 71 -18.37 19.87 43.91
C ASP M 71 -17.88 20.90 42.89
N THR M 72 -18.79 21.37 42.05
CA THR M 72 -18.47 22.30 40.98
C THR M 72 -18.99 23.70 41.25
N PHE M 73 -18.97 24.13 42.51
CA PHE M 73 -19.34 25.51 42.81
C PHE M 73 -18.32 26.48 42.22
N TRP M 74 -17.04 26.17 42.38
CA TRP M 74 -15.96 26.97 41.80
C TRP M 74 -15.33 26.32 40.58
N ASP M 75 -15.05 25.02 40.65
CA ASP M 75 -14.36 24.32 39.58
C ASP M 75 -15.38 23.83 38.56
N VAL M 76 -15.58 24.62 37.51
CA VAL M 76 -16.42 24.25 36.37
C VAL M 76 -15.54 24.23 35.13
N ASP M 77 -16.02 23.55 34.10
CA ASP M 77 -15.30 23.50 32.83
C ASP M 77 -16.26 23.12 31.72
N GLY M 78 -15.81 23.31 30.48
CA GLY M 78 -16.67 23.12 29.32
C GLY M 78 -17.07 21.68 29.08
N SER M 79 -16.32 20.72 29.63
CA SER M 79 -16.64 19.31 29.41
C SER M 79 -17.86 18.86 30.21
N MET M 80 -18.50 19.74 30.96
CA MET M 80 -19.67 19.41 31.76
C MET M 80 -20.98 19.53 30.98
N VAL M 81 -20.92 19.91 29.71
CA VAL M 81 -22.13 20.12 28.91
C VAL M 81 -22.47 18.83 28.17
N PRO M 82 -23.69 18.32 28.31
CA PRO M 82 -24.09 17.11 27.58
C PRO M 82 -24.16 17.36 26.09
N PRO M 83 -24.04 16.32 25.27
CA PRO M 83 -23.88 16.53 23.82
C PRO M 83 -25.01 17.29 23.13
N GLU M 84 -26.26 17.12 23.56
CA GLU M 84 -27.35 17.84 22.90
C GLU M 84 -27.26 19.34 23.17
N TRP M 85 -27.08 19.70 24.44
CA TRP M 85 -26.82 21.09 24.77
C TRP M 85 -25.45 21.55 24.28
N HIS M 86 -24.53 20.61 24.05
CA HIS M 86 -23.27 20.97 23.41
C HIS M 86 -23.50 21.45 21.99
N ARG M 87 -24.39 20.77 21.27
CA ARG M 87 -24.74 21.22 19.92
C ARG M 87 -25.47 22.56 19.94
N TRP M 88 -26.42 22.72 20.87
CA TRP M 88 -27.15 23.99 20.92
C TRP M 88 -26.23 25.15 21.31
N LEU M 89 -25.35 24.94 22.29
CA LEU M 89 -24.57 26.03 22.88
C LEU M 89 -23.46 26.53 21.97
N HIS M 90 -22.94 25.68 21.09
CA HIS M 90 -21.89 26.06 20.17
C HIS M 90 -22.44 26.54 18.84
N CYS M 91 -23.75 26.76 18.75
CA CYS M 91 -24.39 27.38 17.58
C CYS M 91 -24.26 26.53 16.32
N MET M 92 -24.17 25.21 16.48
CA MET M 92 -24.26 24.32 15.33
C MET M 92 -25.69 24.15 14.85
N THR M 93 -26.67 24.60 15.63
CA THR M 93 -28.07 24.50 15.27
C THR M 93 -28.82 25.59 16.01
N ASP M 94 -30.02 25.90 15.52
CA ASP M 94 -30.90 26.85 16.18
C ASP M 94 -31.95 26.20 17.04
N ASP M 95 -31.94 24.87 17.16
CA ASP M 95 -33.00 24.15 17.85
C ASP M 95 -32.50 23.62 19.18
N PRO M 96 -33.07 24.06 20.31
CA PRO M 96 -32.68 23.48 21.59
C PRO M 96 -33.16 22.04 21.68
N PRO M 97 -32.47 21.20 22.47
CA PRO M 97 -32.95 19.82 22.67
C PRO M 97 -34.30 19.75 23.37
N THR M 98 -34.78 20.84 23.95
CA THR M 98 -36.12 20.85 24.52
C THR M 98 -37.18 20.87 23.43
N THR M 99 -36.94 21.59 22.33
CA THR M 99 -37.88 21.63 21.22
C THR M 99 -37.58 20.58 20.16
N LYS M 100 -36.30 20.24 19.96
CA LYS M 100 -35.89 19.21 19.01
C LYS M 100 -35.01 18.20 19.74
N PRO M 101 -35.61 17.24 20.44
CA PRO M 101 -34.81 16.28 21.19
C PRO M 101 -34.05 15.36 20.25
N PRO M 102 -32.89 14.86 20.67
CA PRO M 102 -32.15 13.92 19.84
C PRO M 102 -32.82 12.54 19.84
N THR M 103 -32.38 11.72 18.89
CA THR M 103 -32.93 10.37 18.76
C THR M 103 -32.48 9.50 19.94
N ALA M 104 -33.38 8.64 20.38
CA ALA M 104 -33.10 7.74 21.50
C ALA M 104 -32.52 6.43 20.97
N ARG M 105 -31.40 6.02 21.56
CA ARG M 105 -30.77 4.73 21.28
C ARG M 105 -30.46 4.04 22.59
N LYS M 106 -30.48 2.71 22.58
CA LYS M 106 -30.26 1.96 23.80
C LYS M 106 -28.81 2.00 24.24
N TYR M 107 -27.88 2.27 23.31
CA TYR M 107 -26.46 2.29 23.65
C TYR M 107 -25.95 3.68 23.99
N ILE M 108 -26.77 4.72 23.84
CA ILE M 108 -26.35 6.07 24.18
C ILE M 108 -26.25 6.21 25.69
N TRP M 109 -25.16 6.83 26.15
CA TRP M 109 -24.95 7.02 27.58
C TRP M 109 -26.11 7.80 28.19
N THR M 110 -26.69 7.24 29.26
CA THR M 110 -27.73 7.93 29.99
C THR M 110 -27.15 8.91 31.01
N ASN M 111 -25.84 8.90 31.23
CA ASN M 111 -25.19 9.76 32.19
C ASN M 111 -23.93 10.31 31.55
N HIS M 112 -23.93 11.61 31.24
CA HIS M 112 -22.75 12.26 30.70
C HIS M 112 -21.64 12.31 31.73
N LYS M 113 -20.40 12.24 31.26
CA LYS M 113 -19.22 12.31 32.10
C LYS M 113 -18.29 13.39 31.58
N PHE M 114 -17.73 14.19 32.49
CA PHE M 114 -16.81 15.25 32.12
C PHE M 114 -15.42 14.65 31.86
N ASN M 115 -14.45 15.52 31.60
CA ASN M 115 -13.07 15.09 31.44
C ASN M 115 -12.53 14.55 32.76
N VAL M 116 -12.23 13.25 32.80
CA VAL M 116 -11.84 12.57 34.02
C VAL M 116 -10.32 12.43 34.13
N SER M 117 -9.56 13.25 33.40
CA SER M 117 -8.12 13.18 33.46
C SER M 117 -7.61 13.67 34.81
N GLY M 118 -6.62 12.95 35.36
CA GLY M 118 -6.08 13.27 36.65
C GLY M 118 -6.80 12.63 37.81
N THR M 119 -7.89 11.93 37.57
CA THR M 119 -8.67 11.22 38.55
C THR M 119 -8.47 9.72 38.39
N PRO M 120 -8.86 8.91 39.37
CA PRO M 120 -8.73 7.45 39.21
C PRO M 120 -9.53 6.87 38.07
N GLN M 121 -10.41 7.64 37.44
CA GLN M 121 -11.24 7.16 36.34
C GLN M 121 -10.61 7.39 34.97
N GLN M 122 -9.37 7.86 34.93
CA GLN M 122 -8.73 8.19 33.65
C GLN M 122 -8.54 6.95 32.79
N TYR M 123 -8.56 7.14 31.48
CA TYR M 123 -8.36 6.06 30.54
C TYR M 123 -6.90 5.65 30.50
N VAL M 124 -6.65 4.35 30.58
CA VAL M 124 -5.30 3.80 30.51
C VAL M 124 -5.23 2.91 29.26
N PRO M 125 -4.36 3.21 28.31
CA PRO M 125 -4.30 2.41 27.08
C PRO M 125 -3.73 1.02 27.33
N TYR M 126 -4.14 0.09 26.47
CA TYR M 126 -3.63 -1.28 26.53
C TYR M 126 -3.91 -1.95 25.20
N SER M 127 -3.20 -3.06 24.97
CA SER M 127 -3.38 -3.85 23.75
C SER M 127 -4.62 -4.72 23.87
N THR M 128 -5.53 -4.58 22.92
CA THR M 128 -6.80 -5.30 22.96
C THR M 128 -6.74 -6.67 22.28
N THR M 129 -5.61 -7.05 21.71
CA THR M 129 -5.46 -8.29 20.98
C THR M 129 -4.95 -9.41 21.88
N ARG M 130 -5.27 -10.64 21.48
CA ARG M 130 -4.86 -11.82 22.22
C ARG M 130 -3.42 -12.19 21.90
N LYS M 131 -2.89 -13.14 22.65
CA LYS M 131 -1.51 -13.57 22.51
C LYS M 131 -1.30 -14.28 21.17
N LYS M 132 -0.17 -13.97 20.53
CA LYS M 132 0.06 -14.46 19.17
C LYS M 132 0.61 -15.88 19.16
N ILE M 133 1.70 -16.13 19.87
CA ILE M 133 2.38 -17.41 19.85
C ILE M 133 2.10 -18.14 21.16
N GLN M 134 1.68 -19.39 21.06
CA GLN M 134 1.48 -20.25 22.22
C GLN M 134 2.70 -21.14 22.41
N GLU M 135 3.17 -21.21 23.65
CA GLU M 135 4.36 -21.98 23.98
C GLU M 135 4.01 -23.41 24.32
N TRP M 136 4.94 -24.31 24.04
CA TRP M 136 4.77 -25.71 24.38
C TRP M 136 4.77 -25.89 25.89
N VAL M 137 3.89 -26.73 26.39
CA VAL M 137 3.78 -27.01 27.82
C VAL M 137 4.43 -28.37 28.08
N PRO M 138 5.49 -28.44 28.88
CA PRO M 138 6.12 -29.73 29.14
C PRO M 138 5.19 -30.62 29.94
N PRO M 139 5.32 -31.93 29.82
CA PRO M 139 4.47 -32.84 30.60
C PRO M 139 4.74 -32.73 32.09
N SER M 140 3.70 -33.00 32.87
CA SER M 140 3.82 -32.94 34.33
C SER M 140 4.44 -34.21 34.92
N THR M 141 4.52 -35.28 34.16
CA THR M 141 5.05 -36.55 34.63
C THR M 141 6.54 -36.65 34.36
N PRO M 142 7.29 -37.22 35.29
CA PRO M 142 8.73 -37.45 35.04
C PRO M 142 8.94 -38.41 33.88
N TYR M 143 10.06 -38.20 33.18
CA TYR M 143 10.40 -38.98 32.00
C TYR M 143 11.21 -40.23 32.28
N LYS M 144 11.97 -40.26 33.37
CA LYS M 144 12.79 -41.41 33.70
C LYS M 144 12.30 -42.08 34.98
N GLY N 1 -41.58 -15.61 -16.14
CA GLY N 1 -40.80 -14.61 -15.44
C GLY N 1 -39.37 -15.04 -15.18
N ALA N 2 -39.14 -15.61 -14.00
CA ALA N 2 -37.85 -16.13 -13.63
C ALA N 2 -37.85 -17.65 -13.74
N GLY N 3 -36.71 -18.27 -13.42
CA GLY N 3 -36.62 -19.72 -13.50
C GLY N 3 -37.50 -20.42 -12.49
N GLY N 4 -37.52 -19.95 -11.25
CA GLY N 4 -38.29 -20.60 -10.20
C GLY N 4 -37.65 -21.82 -9.58
N ALA N 5 -37.19 -22.75 -10.40
CA ALA N 5 -36.54 -23.96 -9.90
C ALA N 5 -35.11 -23.66 -9.48
N LEU N 6 -34.54 -24.57 -8.70
CA LEU N 6 -33.20 -24.42 -8.15
C LEU N 6 -32.24 -25.35 -8.86
N PHE N 7 -30.99 -24.91 -9.01
CA PHE N 7 -29.95 -25.66 -9.69
C PHE N 7 -28.91 -26.21 -8.70
N VAL N 8 -29.32 -26.46 -7.47
CA VAL N 8 -28.53 -27.21 -6.51
C VAL N 8 -29.38 -28.35 -5.99
N HIS N 9 -28.73 -29.43 -5.58
CA HIS N 9 -29.42 -30.59 -5.05
C HIS N 9 -29.22 -30.66 -3.54
N ARG N 10 -30.31 -30.84 -2.81
CA ARG N 10 -30.27 -31.12 -1.39
C ARG N 10 -30.90 -32.48 -1.15
N ASP N 11 -30.26 -33.29 -0.31
CA ASP N 11 -30.73 -34.65 -0.08
C ASP N 11 -32.10 -34.64 0.59
N THR N 12 -32.87 -35.69 0.31
CA THR N 12 -34.27 -35.76 0.70
C THR N 12 -34.66 -37.23 0.69
N PRO N 13 -35.56 -37.67 1.58
CA PRO N 13 -35.95 -39.09 1.58
C PRO N 13 -36.46 -39.59 0.24
N GLU N 14 -37.14 -38.76 -0.54
CA GLU N 14 -37.61 -39.16 -1.86
C GLU N 14 -36.59 -38.91 -2.96
N ASN N 15 -35.44 -38.30 -2.65
CA ASN N 15 -34.43 -38.01 -3.66
C ASN N 15 -33.07 -37.98 -2.98
N ASN N 16 -32.34 -39.08 -3.08
CA ASN N 16 -31.02 -39.21 -2.48
C ASN N 16 -30.27 -40.30 -3.20
N PRO N 17 -28.95 -40.40 -3.01
CA PRO N 17 -28.18 -41.44 -3.71
C PRO N 17 -28.67 -42.85 -3.46
N ASP N 18 -29.26 -43.14 -2.30
CA ASP N 18 -29.76 -44.47 -2.00
C ASP N 18 -31.15 -44.74 -2.57
N THR N 19 -31.76 -43.77 -3.24
CA THR N 19 -33.06 -43.98 -3.85
C THR N 19 -32.93 -45.07 -4.92
N PRO N 20 -33.79 -46.09 -4.90
CA PRO N 20 -33.61 -47.22 -5.83
C PRO N 20 -33.94 -46.84 -7.26
N PHE N 21 -32.94 -46.94 -8.14
CA PHE N 21 -33.17 -46.82 -9.57
C PHE N 21 -32.23 -47.77 -10.30
N ASP N 22 -32.77 -48.45 -11.31
CA ASP N 22 -31.95 -49.27 -12.19
C ASP N 22 -32.70 -49.45 -13.51
N PHE N 23 -31.93 -49.72 -14.57
CA PHE N 23 -32.52 -49.91 -15.89
C PHE N 23 -33.06 -51.32 -16.04
N THR N 24 -34.23 -51.42 -16.66
CA THR N 24 -34.80 -52.71 -17.02
C THR N 24 -33.94 -53.38 -18.10
N PRO N 25 -33.88 -54.72 -18.12
CA PRO N 25 -33.05 -55.38 -19.15
C PRO N 25 -33.33 -54.96 -20.59
N GLU N 26 -34.59 -54.75 -20.96
CA GLU N 26 -34.87 -54.22 -22.29
C GLU N 26 -34.32 -52.81 -22.45
N ASN N 27 -34.40 -52.01 -21.38
CA ASN N 27 -33.76 -50.71 -21.43
C ASN N 27 -32.25 -50.83 -21.54
N TYR N 28 -31.67 -51.89 -20.99
CA TYR N 28 -30.24 -52.11 -21.17
C TYR N 28 -29.92 -52.45 -22.62
N LYS N 29 -30.78 -53.23 -23.27
CA LYS N 29 -30.59 -53.49 -24.70
C LYS N 29 -30.69 -52.21 -25.51
N ARG N 30 -31.65 -51.35 -25.15
CA ARG N 30 -31.77 -50.06 -25.82
C ARG N 30 -30.54 -49.19 -25.59
N ILE N 31 -29.99 -49.21 -24.37
CA ILE N 31 -28.78 -48.44 -24.08
C ILE N 31 -27.62 -48.95 -24.91
N GLU N 32 -27.49 -50.28 -25.04
CA GLU N 32 -26.45 -50.84 -25.87
C GLU N 32 -26.57 -50.39 -27.31
N ALA N 33 -27.79 -50.41 -27.86
CA ALA N 33 -28.00 -49.95 -29.22
C ALA N 33 -27.67 -48.47 -29.36
N ILE N 34 -28.02 -47.66 -28.36
CA ILE N 34 -27.71 -46.23 -28.40
C ILE N 34 -26.21 -46.02 -28.42
N VAL N 35 -25.49 -46.72 -27.55
CA VAL N 35 -24.04 -46.54 -27.44
C VAL N 35 -23.35 -46.99 -28.73
N LYS N 36 -23.91 -48.00 -29.41
CA LYS N 36 -23.29 -48.47 -30.64
C LYS N 36 -23.32 -47.42 -31.75
N ASN N 37 -24.13 -46.36 -31.59
CA ASN N 37 -24.26 -45.37 -32.67
C ASN N 37 -23.02 -44.48 -32.77
N TYR N 38 -22.29 -44.31 -31.69
CA TYR N 38 -21.21 -43.34 -31.67
C TYR N 38 -19.85 -44.02 -31.81
N PRO N 39 -18.84 -43.28 -32.28
CA PRO N 39 -17.52 -43.89 -32.49
C PRO N 39 -16.93 -44.44 -31.21
N GLU N 40 -16.15 -45.52 -31.35
CA GLU N 40 -15.46 -46.10 -30.21
C GLU N 40 -14.47 -45.10 -29.64
N GLY N 41 -14.45 -45.01 -28.31
CA GLY N 41 -13.65 -44.01 -27.63
C GLY N 41 -14.35 -42.72 -27.35
N HIS N 42 -15.60 -42.57 -27.79
CA HIS N 42 -16.42 -41.39 -27.48
C HIS N 42 -17.76 -41.87 -26.97
N LYS N 43 -17.82 -42.24 -25.69
CA LYS N 43 -19.02 -42.76 -25.08
C LYS N 43 -19.83 -41.71 -24.32
N ALA N 44 -19.25 -40.56 -23.99
CA ALA N 44 -20.01 -39.48 -23.40
C ALA N 44 -21.09 -38.96 -24.33
N ALA N 45 -20.91 -39.08 -25.64
CA ALA N 45 -21.90 -38.65 -26.62
C ALA N 45 -23.25 -39.33 -26.43
N ALA N 46 -23.33 -40.36 -25.60
CA ALA N 46 -24.57 -41.08 -25.37
C ALA N 46 -25.27 -40.64 -24.09
N VAL N 47 -24.79 -39.60 -23.41
CA VAL N 47 -25.45 -39.19 -22.17
C VAL N 47 -26.83 -38.62 -22.45
N LEU N 48 -26.98 -37.87 -23.55
CA LEU N 48 -28.27 -37.27 -23.86
C LEU N 48 -29.37 -38.29 -24.08
N PRO N 49 -29.22 -39.32 -24.92
CA PRO N 49 -30.31 -40.29 -25.05
C PRO N 49 -30.51 -41.14 -23.82
N VAL N 50 -29.43 -41.71 -23.28
CA VAL N 50 -29.54 -42.63 -22.15
C VAL N 50 -30.24 -41.96 -20.97
N LEU N 51 -29.79 -40.75 -20.62
CA LEU N 51 -30.46 -40.00 -19.56
C LEU N 51 -31.93 -39.81 -19.88
N ASP N 52 -32.26 -39.41 -21.11
CA ASP N 52 -33.65 -39.28 -21.50
C ASP N 52 -34.38 -40.61 -21.32
N LEU N 53 -33.72 -41.71 -21.69
CA LEU N 53 -34.31 -43.02 -21.51
C LEU N 53 -34.66 -43.26 -20.04
N ALA N 54 -33.77 -42.87 -19.13
CA ALA N 54 -34.08 -43.01 -17.71
C ALA N 54 -35.35 -42.24 -17.37
N GLN N 55 -35.45 -41.01 -17.86
CA GLN N 55 -36.62 -40.19 -17.58
C GLN N 55 -37.88 -40.81 -18.18
N ARG N 56 -37.73 -41.61 -19.23
CA ARG N 56 -38.89 -42.30 -19.79
C ARG N 56 -39.27 -43.50 -18.93
N GLN N 57 -38.30 -44.14 -18.30
CA GLN N 57 -38.60 -45.30 -17.47
C GLN N 57 -39.17 -44.88 -16.13
N ASN N 58 -38.63 -43.80 -15.55
CA ASN N 58 -38.95 -43.41 -14.19
C ASN N 58 -39.97 -42.29 -14.12
N GLY N 59 -40.08 -41.46 -15.16
CA GLY N 59 -40.96 -40.31 -15.17
C GLY N 59 -40.28 -39.01 -14.79
N TRP N 60 -39.14 -39.08 -14.12
CA TRP N 60 -38.34 -37.91 -13.78
C TRP N 60 -36.91 -38.37 -13.55
N LEU N 61 -36.06 -37.44 -13.15
CA LEU N 61 -34.62 -37.70 -13.01
C LEU N 61 -34.16 -37.46 -11.59
N PRO N 62 -34.17 -38.49 -10.74
CA PRO N 62 -33.56 -38.37 -9.42
C PRO N 62 -32.05 -38.34 -9.52
N ILE N 63 -31.41 -38.02 -8.41
CA ILE N 63 -29.95 -37.99 -8.37
C ILE N 63 -29.37 -39.38 -8.59
N SER N 64 -30.10 -40.43 -8.16
CA SER N 64 -29.64 -41.78 -8.37
C SER N 64 -29.64 -42.15 -9.85
N ALA N 65 -30.62 -41.65 -10.61
CA ALA N 65 -30.63 -41.91 -12.05
C ALA N 65 -29.43 -41.26 -12.74
N MET N 66 -29.11 -40.03 -12.36
CA MET N 66 -27.92 -39.38 -12.91
C MET N 66 -26.66 -40.15 -12.55
N ASN N 67 -26.56 -40.62 -11.31
CA ASN N 67 -25.41 -41.40 -10.90
C ASN N 67 -25.30 -42.70 -11.68
N LYS N 68 -26.45 -43.36 -11.91
CA LYS N 68 -26.45 -44.61 -12.66
C LYS N 68 -26.00 -44.38 -14.10
N VAL N 69 -26.49 -43.32 -14.73
CA VAL N 69 -26.07 -43.02 -16.09
C VAL N 69 -24.57 -42.74 -16.14
N ALA N 70 -24.06 -41.96 -15.19
CA ALA N 70 -22.64 -41.66 -15.15
C ALA N 70 -21.81 -42.94 -14.96
N GLU N 71 -22.27 -43.82 -14.09
CA GLU N 71 -21.54 -45.07 -13.87
C GLU N 71 -21.57 -45.97 -15.09
N ILE N 72 -22.71 -46.02 -15.80
CA ILE N 72 -22.83 -46.88 -16.97
C ILE N 72 -21.94 -46.38 -18.09
N LEU N 73 -21.97 -45.08 -18.37
CA LEU N 73 -21.20 -44.52 -19.47
C LEU N 73 -19.79 -44.12 -19.07
N GLN N 74 -19.40 -44.38 -17.82
CA GLN N 74 -18.04 -44.14 -17.33
C GLN N 74 -17.62 -42.68 -17.55
N VAL N 75 -18.47 -41.78 -17.09
CA VAL N 75 -18.19 -40.35 -17.12
C VAL N 75 -18.29 -39.82 -15.69
N PRO N 76 -17.64 -38.71 -15.40
CA PRO N 76 -17.79 -38.09 -14.07
C PRO N 76 -19.24 -37.70 -13.84
N PRO N 77 -19.75 -37.89 -12.62
CA PRO N 77 -21.15 -37.51 -12.35
C PRO N 77 -21.41 -36.03 -12.55
N MET N 78 -20.39 -35.17 -12.40
CA MET N 78 -20.60 -33.73 -12.57
C MET N 78 -21.02 -33.40 -13.99
N ARG N 79 -20.46 -34.09 -14.98
CA ARG N 79 -20.85 -33.86 -16.36
C ARG N 79 -22.32 -34.23 -16.61
N VAL N 80 -22.77 -35.33 -16.00
CA VAL N 80 -24.17 -35.71 -16.13
C VAL N 80 -25.06 -34.70 -15.41
N TYR N 81 -24.61 -34.17 -14.27
CA TYR N 81 -25.38 -33.13 -13.60
C TYR N 81 -25.48 -31.88 -14.47
N GLU N 82 -24.39 -31.51 -15.13
CA GLU N 82 -24.39 -30.35 -16.02
C GLU N 82 -25.38 -30.54 -17.16
N VAL N 83 -25.39 -31.73 -17.76
CA VAL N 83 -26.33 -32.00 -18.85
C VAL N 83 -27.76 -31.96 -18.33
N ALA N 84 -28.01 -32.55 -17.16
CA ALA N 84 -29.37 -32.59 -16.62
C ALA N 84 -29.88 -31.19 -16.30
N THR N 85 -29.03 -30.33 -15.73
CA THR N 85 -29.46 -28.99 -15.37
C THR N 85 -29.47 -28.02 -16.54
N PHE N 86 -28.73 -28.31 -17.61
CA PHE N 86 -28.68 -27.39 -18.74
C PHE N 86 -29.96 -27.46 -19.57
N TYR N 87 -30.48 -28.66 -19.79
CA TYR N 87 -31.56 -28.90 -20.73
C TYR N 87 -32.90 -28.94 -20.00
N THR N 88 -33.88 -28.24 -20.55
CA THR N 88 -35.17 -28.05 -19.87
C THR N 88 -36.15 -29.19 -20.08
N MET N 89 -35.85 -30.15 -20.96
CA MET N 89 -36.72 -31.31 -21.12
C MET N 89 -36.53 -32.34 -20.02
N TYR N 90 -35.52 -32.20 -19.17
CA TYR N 90 -35.25 -33.13 -18.10
C TYR N 90 -35.96 -32.65 -16.82
N ASN N 91 -36.62 -33.59 -16.14
CA ASN N 91 -37.40 -33.29 -14.94
C ASN N 91 -36.60 -33.75 -13.73
N ARG N 92 -35.99 -32.80 -13.03
CA ARG N 92 -35.28 -33.08 -11.79
C ARG N 92 -36.18 -33.01 -10.58
N LYS N 93 -37.50 -33.00 -10.79
CA LYS N 93 -38.52 -32.99 -9.76
C LYS N 93 -39.69 -33.76 -10.35
N PRO N 94 -40.40 -34.56 -9.57
CA PRO N 94 -41.52 -35.31 -10.13
C PRO N 94 -42.57 -34.40 -10.74
N VAL N 95 -43.14 -34.85 -11.85
CA VAL N 95 -44.19 -34.14 -12.55
C VAL N 95 -45.44 -35.01 -12.61
N GLY N 96 -46.54 -34.40 -13.03
CA GLY N 96 -47.79 -35.14 -13.15
C GLY N 96 -47.76 -36.12 -14.30
N LYS N 97 -48.79 -36.96 -14.34
CA LYS N 97 -48.88 -37.98 -15.39
C LYS N 97 -48.94 -37.34 -16.78
N TYR N 98 -49.71 -36.28 -16.93
CA TYR N 98 -49.85 -35.55 -18.19
C TYR N 98 -49.23 -34.17 -18.01
N HIS N 99 -48.08 -33.95 -18.63
CA HIS N 99 -47.30 -32.73 -18.47
C HIS N 99 -47.68 -31.77 -19.59
N ILE N 100 -48.39 -30.71 -19.24
CA ILE N 100 -48.97 -29.78 -20.21
C ILE N 100 -48.05 -28.59 -20.38
N GLN N 101 -47.62 -28.34 -21.61
CA GLN N 101 -46.76 -27.20 -21.94
C GLN N 101 -47.52 -26.28 -22.89
N VAL N 102 -47.63 -25.02 -22.52
CA VAL N 102 -48.33 -24.01 -23.33
C VAL N 102 -47.29 -23.05 -23.88
N CYS N 103 -47.24 -22.90 -25.20
CA CYS N 103 -46.35 -21.94 -25.83
C CYS N 103 -46.92 -20.54 -25.67
N THR N 104 -46.08 -19.60 -25.22
CA THR N 104 -46.52 -18.24 -24.97
C THR N 104 -45.64 -17.22 -25.68
N THR N 105 -44.87 -17.65 -26.69
CA THR N 105 -44.03 -16.73 -27.44
C THR N 105 -44.88 -15.90 -28.40
N THR N 106 -44.26 -14.87 -28.99
CA THR N 106 -44.98 -13.83 -29.70
C THR N 106 -45.91 -14.34 -30.80
N PRO N 107 -45.51 -15.25 -31.70
CA PRO N 107 -46.49 -15.77 -32.66
C PRO N 107 -47.69 -16.43 -32.03
N CYS N 108 -47.49 -17.21 -30.95
CA CYS N 108 -48.62 -17.78 -30.24
C CYS N 108 -49.32 -16.77 -29.35
N MET N 109 -48.57 -15.80 -28.83
CA MET N 109 -49.19 -14.74 -28.03
C MET N 109 -50.17 -13.93 -28.86
N LEU N 110 -49.83 -13.68 -30.13
CA LEU N 110 -50.72 -12.92 -31.00
C LEU N 110 -52.04 -13.66 -31.22
N ARG N 111 -52.00 -14.98 -31.36
CA ARG N 111 -53.22 -15.75 -31.59
C ARG N 111 -53.82 -16.25 -30.28
N ASN N 112 -53.96 -15.33 -29.31
CA ASN N 112 -54.69 -15.56 -28.07
C ASN N 112 -54.28 -16.85 -27.37
N SER N 113 -53.02 -16.91 -26.96
CA SER N 113 -52.55 -18.03 -26.13
C SER N 113 -52.92 -17.85 -24.67
N ASP N 114 -53.10 -16.60 -24.24
CA ASP N 114 -53.52 -16.35 -22.86
C ASP N 114 -54.88 -16.93 -22.57
N SER N 115 -55.78 -16.92 -23.55
CA SER N 115 -57.10 -17.53 -23.35
C SER N 115 -56.97 -19.02 -23.11
N ILE N 116 -56.11 -19.70 -23.87
CA ILE N 116 -55.87 -21.11 -23.66
C ILE N 116 -55.30 -21.36 -22.27
N LEU N 117 -54.32 -20.55 -21.87
CA LEU N 117 -53.68 -20.74 -20.57
C LEU N 117 -54.68 -20.56 -19.43
N GLU N 118 -55.50 -19.51 -19.51
CA GLU N 118 -56.46 -19.28 -18.43
C GLU N 118 -57.59 -20.31 -18.46
N ALA N 119 -57.96 -20.82 -19.64
CA ALA N 119 -58.94 -21.89 -19.69
C ALA N 119 -58.41 -23.14 -19.01
N ILE N 120 -57.15 -23.48 -19.25
CA ILE N 120 -56.55 -24.62 -18.57
C ILE N 120 -56.50 -24.39 -17.07
N GLN N 121 -56.10 -23.18 -16.66
CA GLN N 121 -55.99 -22.88 -15.24
C GLN N 121 -57.34 -23.01 -14.54
N LYS N 122 -58.39 -22.46 -15.13
CA LYS N 122 -59.71 -22.52 -14.51
C LYS N 122 -60.35 -23.90 -14.63
N LYS N 123 -59.94 -24.71 -15.61
CA LYS N 123 -60.44 -26.07 -15.71
C LYS N 123 -59.81 -26.97 -14.64
N LEU N 124 -58.51 -26.80 -14.42
CA LEU N 124 -57.80 -27.64 -13.45
C LEU N 124 -57.71 -27.03 -12.06
N GLY N 125 -57.85 -25.72 -11.93
CA GLY N 125 -57.76 -25.09 -10.63
C GLY N 125 -56.36 -24.99 -10.07
N ILE N 126 -55.34 -24.98 -10.92
CA ILE N 126 -53.96 -24.89 -10.49
C ILE N 126 -53.27 -23.79 -11.28
N LYS N 127 -52.11 -23.35 -10.78
CA LYS N 127 -51.38 -22.25 -11.37
C LYS N 127 -50.38 -22.78 -12.40
N VAL N 128 -49.48 -21.91 -12.85
CA VAL N 128 -48.60 -22.18 -13.98
C VAL N 128 -47.39 -22.99 -13.50
N GLY N 129 -47.26 -23.17 -12.19
CA GLY N 129 -46.14 -23.94 -11.69
C GLY N 129 -46.51 -25.06 -10.74
N GLU N 130 -47.76 -25.51 -10.79
CA GLU N 130 -48.26 -26.46 -9.81
C GLU N 130 -48.73 -27.75 -10.47
N THR N 131 -48.97 -28.75 -9.64
CA THR N 131 -49.54 -30.03 -10.04
C THR N 131 -50.86 -30.24 -9.32
N THR N 132 -51.78 -30.94 -9.98
CA THR N 132 -53.05 -31.26 -9.36
C THR N 132 -52.83 -32.17 -8.14
N PRO N 133 -53.68 -32.07 -7.12
CA PRO N 133 -53.50 -32.92 -5.93
C PRO N 133 -53.55 -34.40 -6.23
N ASP N 134 -54.23 -34.82 -7.29
CA ASP N 134 -54.25 -36.21 -7.71
C ASP N 134 -53.04 -36.59 -8.55
N LYS N 135 -52.16 -35.64 -8.83
CA LYS N 135 -50.91 -35.88 -9.55
C LYS N 135 -51.16 -36.46 -10.94
N LEU N 136 -52.03 -35.78 -11.69
CA LEU N 136 -52.33 -36.17 -13.06
C LEU N 136 -52.03 -35.10 -14.09
N PHE N 137 -51.82 -33.85 -13.67
CA PHE N 137 -51.60 -32.75 -14.61
C PHE N 137 -50.59 -31.78 -14.03
N THR N 138 -49.53 -31.52 -14.78
CA THR N 138 -48.59 -30.45 -14.46
C THR N 138 -48.57 -29.48 -15.63
N LEU N 139 -48.84 -28.22 -15.35
CA LEU N 139 -48.97 -27.18 -16.37
C LEU N 139 -47.81 -26.20 -16.23
N ILE N 140 -47.14 -25.91 -17.35
CA ILE N 140 -46.09 -24.90 -17.40
C ILE N 140 -46.20 -24.14 -18.72
N GLU N 141 -45.52 -23.01 -18.79
CA GLU N 141 -45.33 -22.27 -20.02
C GLU N 141 -43.98 -22.62 -20.62
N VAL N 142 -43.90 -22.58 -21.95
CA VAL N 142 -42.68 -22.88 -22.68
C VAL N 142 -42.50 -21.88 -23.80
N GLU N 143 -41.33 -21.93 -24.43
CA GLU N 143 -41.02 -21.08 -25.56
C GLU N 143 -41.54 -21.74 -26.84
N CYS N 144 -41.15 -21.20 -27.99
CA CYS N 144 -41.69 -21.68 -29.26
C CYS N 144 -41.42 -23.17 -29.44
N LEU N 145 -42.48 -23.92 -29.75
CA LEU N 145 -42.41 -25.35 -29.93
C LEU N 145 -42.31 -25.77 -31.39
N GLY N 146 -42.27 -24.82 -32.31
CA GLY N 146 -42.08 -25.14 -33.72
C GLY N 146 -43.34 -25.33 -34.52
N ALA N 147 -44.50 -24.93 -34.01
CA ALA N 147 -45.76 -25.00 -34.74
C ALA N 147 -46.49 -23.66 -34.74
N CYS N 148 -45.77 -22.58 -35.01
CA CYS N 148 -46.36 -21.24 -34.93
C CYS N 148 -47.45 -21.07 -35.97
N VAL N 149 -47.33 -21.75 -37.11
CA VAL N 149 -48.35 -21.67 -38.16
C VAL N 149 -49.69 -22.19 -37.64
N ASN N 150 -49.64 -23.14 -36.72
CA ASN N 150 -50.84 -23.70 -36.09
C ASN N 150 -51.10 -23.15 -34.71
N ALA N 151 -50.81 -21.88 -34.45
CA ALA N 151 -51.02 -21.31 -33.13
C ALA N 151 -52.50 -21.06 -32.90
N PRO N 152 -52.97 -21.10 -31.64
CA PRO N 152 -52.24 -21.45 -30.42
C PRO N 152 -52.21 -22.96 -30.21
N MET N 153 -51.25 -23.48 -29.45
CA MET N 153 -51.10 -24.91 -29.29
C MET N 153 -50.48 -25.24 -27.94
N VAL N 154 -50.64 -26.51 -27.54
CA VAL N 154 -50.03 -27.05 -26.34
C VAL N 154 -49.41 -28.39 -26.67
N GLN N 155 -48.52 -28.86 -25.80
CA GLN N 155 -47.91 -30.17 -25.90
C GLN N 155 -48.20 -30.96 -24.64
N ILE N 156 -48.65 -32.21 -24.81
CA ILE N 156 -48.95 -33.09 -23.70
C ILE N 156 -48.26 -34.42 -23.95
N ASN N 157 -47.11 -34.62 -23.31
CA ASN N 157 -46.40 -35.90 -23.34
C ASN N 157 -46.10 -36.38 -24.76
N ASP N 158 -45.23 -35.65 -25.47
CA ASP N 158 -44.82 -36.02 -26.83
C ASP N 158 -45.98 -36.03 -27.81
N ASN N 159 -46.91 -35.10 -27.66
CA ASN N 159 -48.02 -34.94 -28.59
C ASN N 159 -48.32 -33.45 -28.77
N TYR N 160 -48.65 -33.06 -29.98
CA TYR N 160 -48.98 -31.69 -30.31
C TYR N 160 -50.49 -31.57 -30.50
N TYR N 161 -51.08 -30.56 -29.87
CA TYR N 161 -52.49 -30.24 -30.04
C TYR N 161 -52.57 -28.78 -30.47
N GLU N 162 -52.95 -28.55 -31.72
CA GLU N 162 -52.80 -27.25 -32.36
C GLU N 162 -54.15 -26.65 -32.71
N ASP N 163 -54.10 -25.37 -33.09
CA ASP N 163 -55.28 -24.58 -33.47
C ASP N 163 -56.35 -24.66 -32.39
N LEU N 164 -55.95 -24.29 -31.18
CA LEU N 164 -56.78 -24.52 -30.01
C LEU N 164 -57.73 -23.35 -29.75
N THR N 165 -58.85 -23.68 -29.15
CA THR N 165 -59.80 -22.76 -28.55
C THR N 165 -60.03 -23.23 -27.13
N PRO N 166 -60.49 -22.34 -26.24
CA PRO N 166 -60.74 -22.78 -24.85
C PRO N 166 -61.65 -24.00 -24.75
N LYS N 167 -62.69 -24.07 -25.58
CA LYS N 167 -63.54 -25.25 -25.57
C LYS N 167 -62.76 -26.49 -26.00
N ASP N 168 -61.93 -26.36 -27.03
CA ASP N 168 -61.15 -27.50 -27.51
C ASP N 168 -60.20 -28.02 -26.44
N ILE N 169 -59.48 -27.12 -25.77
CA ILE N 169 -58.52 -27.56 -24.77
C ILE N 169 -59.25 -28.12 -23.55
N GLU N 170 -60.40 -27.55 -23.19
CA GLU N 170 -61.18 -28.12 -22.10
C GLU N 170 -61.66 -29.53 -22.43
N GLU N 171 -62.09 -29.74 -23.67
CA GLU N 171 -62.50 -31.08 -24.09
C GLU N 171 -61.33 -32.04 -24.06
N ILE N 172 -60.15 -31.60 -24.51
CA ILE N 172 -58.96 -32.44 -24.46
C ILE N 172 -58.65 -32.83 -23.02
N ILE N 173 -58.72 -31.87 -22.11
CA ILE N 173 -58.40 -32.13 -20.71
C ILE N 173 -59.39 -33.11 -20.10
N ASP N 174 -60.69 -32.89 -20.33
CA ASP N 174 -61.68 -33.78 -19.70
C ASP N 174 -61.72 -35.15 -20.35
N GLU N 175 -61.30 -35.28 -21.61
CA GLU N 175 -61.16 -36.59 -22.22
C GLU N 175 -59.90 -37.30 -21.73
N LEU N 176 -58.84 -36.53 -21.43
CA LEU N 176 -57.59 -37.11 -20.98
C LEU N 176 -57.72 -37.71 -19.59
N LYS N 177 -58.45 -37.03 -18.70
CA LYS N 177 -58.60 -37.51 -17.33
C LYS N 177 -59.65 -38.61 -17.21
N ALA N 178 -60.39 -38.91 -18.27
CA ALA N 178 -61.34 -40.01 -18.26
C ALA N 178 -60.69 -41.35 -18.57
N GLY N 179 -59.39 -41.37 -18.86
CA GLY N 179 -58.68 -42.60 -19.19
C GLY N 179 -58.38 -42.76 -20.66
N LYS N 180 -58.92 -41.92 -21.53
CA LYS N 180 -58.68 -42.02 -22.96
C LYS N 180 -57.40 -41.26 -23.33
N ILE N 181 -57.18 -41.06 -24.62
CA ILE N 181 -56.06 -40.27 -25.11
C ILE N 181 -56.49 -39.56 -26.39
N PRO N 182 -56.53 -38.24 -26.42
CA PRO N 182 -56.99 -37.53 -27.62
C PRO N 182 -55.99 -37.64 -28.76
N LYS N 183 -56.52 -37.59 -29.97
CA LYS N 183 -55.67 -37.64 -31.16
C LYS N 183 -54.94 -36.32 -31.32
N PRO N 184 -53.64 -36.35 -31.66
CA PRO N 184 -52.89 -35.10 -31.81
C PRO N 184 -53.26 -34.39 -33.10
N GLY N 185 -52.75 -33.16 -33.22
CA GLY N 185 -52.94 -32.38 -34.42
C GLY N 185 -53.86 -31.19 -34.23
N PRO N 186 -54.14 -30.48 -35.33
CA PRO N 186 -55.05 -29.34 -35.25
C PRO N 186 -56.47 -29.77 -34.91
N ARG N 187 -57.18 -28.87 -34.24
CA ARG N 187 -58.58 -29.05 -33.89
C ARG N 187 -59.45 -28.03 -34.60
N SER N 188 -59.18 -27.79 -35.87
CA SER N 188 -59.89 -26.76 -36.65
C SER N 188 -60.33 -27.28 -38.00
N GLY N 189 -60.37 -28.61 -38.17
CA GLY N 189 -60.68 -29.17 -39.47
C GLY N 189 -59.64 -28.88 -40.52
N ARG N 190 -58.37 -28.91 -40.13
CA ARG N 190 -57.25 -28.56 -41.01
C ARG N 190 -56.20 -29.66 -41.08
N PHE N 191 -55.89 -30.31 -39.96
CA PHE N 191 -55.06 -31.51 -39.88
C PHE N 191 -53.74 -31.40 -40.66
N SER N 192 -53.23 -30.20 -40.85
CA SER N 192 -51.94 -29.99 -41.50
C SER N 192 -51.55 -28.52 -41.34
N CYS N 193 -50.48 -28.11 -42.03
CA CYS N 193 -50.04 -26.73 -42.08
C CYS N 193 -50.58 -25.99 -43.30
N GLU N 194 -51.64 -26.52 -43.92
CA GLU N 194 -52.23 -25.90 -45.09
C GLU N 194 -52.96 -24.62 -44.71
N PRO N 195 -53.21 -23.73 -45.67
CA PRO N 195 -54.05 -22.57 -45.40
C PRO N 195 -55.44 -23.00 -44.96
N ALA N 196 -56.03 -22.20 -44.07
CA ALA N 196 -57.24 -22.62 -43.35
C ALA N 196 -58.33 -23.09 -44.30
N GLY N 197 -58.46 -22.43 -45.45
CA GLY N 197 -59.40 -22.89 -46.45
C GLY N 197 -58.98 -22.54 -47.86
N GLY N 198 -58.91 -23.53 -48.74
CA GLY N 198 -58.63 -23.28 -50.13
C GLY N 198 -57.51 -24.10 -50.74
N LEU N 199 -56.45 -24.34 -49.99
CA LEU N 199 -55.28 -25.08 -50.47
C LEU N 199 -54.72 -24.43 -51.74
N THR N 200 -54.18 -23.23 -51.55
CA THR N 200 -53.78 -22.37 -52.66
C THR N 200 -52.70 -22.99 -53.54
N SER N 201 -51.95 -23.97 -53.04
CA SER N 201 -50.86 -24.55 -53.80
C SER N 201 -50.92 -26.07 -53.71
N LEU N 202 -50.15 -26.72 -54.60
CA LEU N 202 -50.02 -28.17 -54.64
C LEU N 202 -51.35 -28.86 -54.91
N THR N 203 -52.21 -28.21 -55.71
CA THR N 203 -53.48 -28.82 -56.08
C THR N 203 -53.32 -29.89 -57.15
N GLU N 204 -52.38 -29.70 -58.08
CA GLU N 204 -52.15 -30.66 -59.14
C GLU N 204 -51.52 -31.94 -58.61
N PRO N 205 -51.77 -33.07 -59.25
CA PRO N 205 -51.10 -34.32 -58.85
C PRO N 205 -49.60 -34.22 -59.04
N PRO N 206 -48.81 -34.82 -58.15
CA PRO N 206 -47.35 -34.70 -58.26
C PRO N 206 -46.84 -35.38 -59.52
N LYS N 207 -45.73 -34.85 -60.04
CA LYS N 207 -45.15 -35.40 -61.26
C LYS N 207 -44.46 -36.74 -60.97
N GLY N 208 -44.32 -37.54 -62.02
CA GLY N 208 -43.76 -38.86 -61.89
C GLY N 208 -42.25 -38.86 -61.77
N PRO N 209 -41.67 -40.04 -61.58
CA PRO N 209 -40.20 -40.13 -61.52
C PRO N 209 -39.56 -39.67 -62.81
N GLY N 210 -38.42 -39.00 -62.67
CA GLY N 210 -37.66 -38.53 -63.81
C GLY N 210 -38.32 -37.46 -64.64
N PHE N 211 -39.24 -36.68 -64.06
CA PHE N 211 -39.98 -35.70 -64.85
C PHE N 211 -39.07 -34.61 -65.40
N GLY N 212 -38.26 -33.98 -64.53
CA GLY N 212 -37.40 -32.90 -64.95
C GLY N 212 -35.93 -33.22 -65.00
N VAL N 213 -35.54 -34.49 -65.10
CA VAL N 213 -34.12 -34.85 -65.03
C VAL N 213 -33.38 -34.27 -66.24
N GLN N 214 -32.20 -33.71 -65.98
CA GLN N 214 -31.39 -33.10 -67.01
C GLN N 214 -30.75 -34.16 -67.89
N ALA N 215 -30.39 -33.75 -69.11
CA ALA N 215 -29.74 -34.64 -70.05
C ALA N 215 -28.33 -34.98 -69.59
N GLY N 216 -27.85 -36.14 -70.03
CA GLY N 216 -26.54 -36.63 -69.64
C GLY N 216 -26.50 -37.34 -68.31
N LEU N 217 -27.65 -37.54 -67.67
CA LEU N 217 -27.71 -38.24 -66.39
C LEU N 217 -28.82 -39.28 -66.40
N THR O 1 -14.95 16.47 -25.11
CA THR O 1 -13.57 16.67 -24.66
C THR O 1 -13.42 18.01 -23.96
N ARG O 2 -14.48 18.81 -23.98
CA ARG O 2 -14.38 20.17 -23.47
C ARG O 2 -14.34 20.23 -21.94
N PRO O 3 -15.34 19.69 -21.21
CA PRO O 3 -15.50 20.07 -19.80
C PRO O 3 -14.36 19.62 -18.89
N THR O 4 -14.00 18.35 -18.94
CA THR O 4 -13.10 17.77 -17.94
C THR O 4 -11.65 17.70 -18.41
N ILE O 5 -11.34 18.15 -19.61
CA ILE O 5 -9.99 18.05 -20.15
C ILE O 5 -9.36 19.44 -20.19
N ARG O 6 -8.11 19.53 -19.78
CA ARG O 6 -7.38 20.79 -19.82
C ARG O 6 -7.13 21.19 -21.26
N PRO O 7 -7.48 22.41 -21.66
CA PRO O 7 -7.32 22.80 -23.07
C PRO O 7 -5.85 23.01 -23.45
N ARG O 8 -5.60 22.88 -24.74
CA ARG O 8 -4.27 23.02 -25.30
C ARG O 8 -4.02 24.46 -25.76
N ASN O 9 -2.74 24.80 -25.92
CA ASN O 9 -2.32 26.12 -26.40
C ASN O 9 -1.16 25.90 -27.37
N ASP O 10 -1.50 25.82 -28.66
CA ASP O 10 -0.49 25.53 -29.68
C ASP O 10 0.40 26.73 -29.97
N VAL O 11 -0.10 27.95 -29.76
CA VAL O 11 0.70 29.15 -30.04
C VAL O 11 1.91 29.21 -29.11
N VAL O 12 1.69 28.98 -27.81
CA VAL O 12 2.79 28.97 -26.86
C VAL O 12 3.74 27.81 -27.15
N HIS O 13 3.20 26.68 -27.56
CA HIS O 13 4.04 25.53 -27.93
C HIS O 13 4.97 25.88 -29.08
N LYS O 14 4.43 26.51 -30.12
CA LYS O 14 5.25 26.91 -31.26
C LYS O 14 6.31 27.93 -30.87
N GLN O 15 5.91 28.93 -30.06
CA GLN O 15 6.87 29.94 -29.64
C GLN O 15 8.01 29.32 -28.82
N LEU O 16 7.67 28.41 -27.91
CA LEU O 16 8.69 27.80 -27.07
C LEU O 16 9.60 26.89 -27.88
N SER O 17 9.05 26.18 -28.87
CA SER O 17 9.89 25.36 -29.74
C SER O 17 10.85 26.23 -30.55
N ALA O 18 10.35 27.36 -31.06
CA ALA O 18 11.22 28.26 -31.82
C ALA O 18 12.34 28.81 -30.94
N PHE O 19 12.02 29.21 -29.70
CA PHE O 19 13.07 29.73 -28.84
C PHE O 19 14.04 28.64 -28.38
N GLY O 20 13.56 27.41 -28.18
CA GLY O 20 14.47 26.33 -27.87
C GLY O 20 15.44 26.05 -29.00
N GLN O 21 14.94 26.05 -30.24
CA GLN O 21 15.81 25.94 -31.40
C GLN O 21 16.83 27.07 -31.43
N TYR O 22 16.37 28.29 -31.13
CA TYR O 22 17.25 29.45 -31.09
C TYR O 22 18.40 29.27 -30.11
N VAL O 23 18.07 28.86 -28.88
CA VAL O 23 19.07 28.68 -27.84
C VAL O 23 20.03 27.56 -28.22
N ALA O 24 19.51 26.46 -28.77
CA ALA O 24 20.38 25.36 -29.19
C ALA O 24 21.32 25.80 -30.30
N GLU O 25 20.84 26.63 -31.22
CA GLU O 25 21.69 27.13 -32.30
C GLU O 25 22.81 28.01 -31.76
N ILE O 26 22.48 28.90 -30.81
CA ILE O 26 23.46 29.87 -30.36
C ILE O 26 24.56 29.20 -29.53
N LEU O 27 24.23 28.14 -28.80
CA LEU O 27 25.17 27.50 -27.88
C LEU O 27 25.32 26.01 -28.19
N PRO O 28 25.88 25.66 -29.36
CA PRO O 28 26.07 24.24 -29.68
C PRO O 28 27.07 23.55 -28.77
N LYS O 29 27.96 24.29 -28.12
CA LYS O 29 29.03 23.68 -27.35
C LYS O 29 28.51 22.97 -26.11
N TYR O 30 27.43 23.45 -25.52
CA TYR O 30 26.96 22.93 -24.25
C TYR O 30 25.58 22.32 -24.29
N VAL O 31 24.74 22.69 -25.25
CA VAL O 31 23.35 22.23 -25.27
C VAL O 31 23.31 20.80 -25.82
N GLN O 32 22.74 19.90 -25.03
CA GLN O 32 22.61 18.50 -25.41
C GLN O 32 21.21 18.13 -25.85
N GLN O 33 20.17 18.80 -25.33
CA GLN O 33 18.82 18.45 -25.74
C GLN O 33 17.88 19.59 -25.40
N VAL O 34 16.79 19.67 -26.16
CA VAL O 34 15.72 20.65 -25.90
C VAL O 34 14.39 19.92 -26.01
N GLN O 35 13.48 20.22 -25.09
CA GLN O 35 12.17 19.58 -25.06
C GLN O 35 11.10 20.62 -24.76
N VAL O 36 9.89 20.38 -25.25
CA VAL O 36 8.71 21.14 -24.85
C VAL O 36 7.65 20.14 -24.42
N SER O 37 7.17 20.28 -23.18
CA SER O 37 6.17 19.36 -22.66
C SER O 37 4.80 19.66 -23.24
N CYS O 38 3.85 18.75 -23.00
CA CYS O 38 2.50 18.90 -23.51
C CYS O 38 1.75 20.06 -22.88
N PHE O 39 2.20 20.56 -21.73
CA PHE O 39 1.60 21.73 -21.09
C PHE O 39 2.48 22.97 -21.25
N ASN O 40 3.27 23.01 -22.33
CA ASN O 40 4.02 24.20 -22.75
C ASN O 40 5.04 24.65 -21.71
N GLU O 41 5.99 23.76 -21.43
CA GLU O 41 7.15 24.12 -20.62
C GLU O 41 8.40 23.73 -21.38
N LEU O 42 9.35 24.67 -21.47
CA LEU O 42 10.57 24.50 -22.26
C LEU O 42 11.69 24.03 -21.34
N GLU O 43 12.36 22.96 -21.74
CA GLU O 43 13.42 22.33 -20.96
C GLU O 43 14.68 22.24 -21.81
N ILE O 44 15.82 22.59 -21.22
CA ILE O 44 17.10 22.55 -21.92
C ILE O 44 18.08 21.73 -21.10
N PHE O 45 18.53 20.62 -21.66
CA PHE O 45 19.52 19.75 -21.04
C PHE O 45 20.90 20.10 -21.59
N ILE O 46 21.83 20.43 -20.69
CA ILE O 46 23.14 20.95 -21.06
C ILE O 46 24.23 20.13 -20.36
N HIS O 47 25.44 20.21 -20.91
CA HIS O 47 26.60 19.62 -20.28
C HIS O 47 26.97 20.40 -19.02
N PRO O 48 27.51 19.73 -18.00
CA PRO O 48 27.81 20.43 -16.73
C PRO O 48 28.81 21.56 -16.87
N ASP O 49 29.61 21.59 -17.93
CA ASP O 49 30.58 22.65 -18.12
C ASP O 49 29.96 23.95 -18.60
N GLY O 50 28.69 23.94 -18.98
CA GLY O 50 28.07 25.12 -19.53
C GLY O 50 27.14 25.86 -18.60
N VAL O 51 27.26 25.60 -17.29
CA VAL O 51 26.34 26.22 -16.33
C VAL O 51 26.49 27.74 -16.36
N ILE O 52 27.71 28.23 -16.23
CA ILE O 52 27.97 29.67 -16.21
C ILE O 52 27.69 30.31 -17.56
N PRO O 53 28.21 29.79 -18.68
CA PRO O 53 27.89 30.44 -19.97
C PRO O 53 26.41 30.49 -20.26
N VAL O 54 25.74 29.34 -20.29
CA VAL O 54 24.35 29.29 -20.72
C VAL O 54 23.49 30.21 -19.86
N LEU O 55 23.58 30.06 -18.54
CA LEU O 55 22.82 30.94 -17.66
C LEU O 55 23.13 32.40 -17.94
N THR O 56 24.42 32.75 -18.06
CA THR O 56 24.77 34.13 -18.37
C THR O 56 24.10 34.58 -19.65
N PHE O 57 24.17 33.75 -20.69
CA PHE O 57 23.47 34.08 -21.93
C PHE O 57 22.00 34.34 -21.64
N LEU O 58 21.35 33.39 -20.95
CA LEU O 58 19.92 33.51 -20.70
C LEU O 58 19.60 34.71 -19.83
N ARG O 59 20.57 35.24 -19.09
CA ARG O 59 20.29 36.41 -18.28
C ARG O 59 20.57 37.70 -19.04
N ASP O 60 21.53 37.68 -19.97
CA ASP O 60 22.03 38.94 -20.50
C ASP O 60 21.70 39.16 -21.97
N HIS O 61 21.33 38.12 -22.71
CA HIS O 61 20.97 38.30 -24.10
C HIS O 61 19.69 39.12 -24.21
N THR O 62 19.65 39.99 -25.20
CA THR O 62 18.51 40.89 -25.37
C THR O 62 17.23 40.10 -25.64
N ASN O 63 17.34 38.94 -26.28
CA ASN O 63 16.15 38.17 -26.62
C ASN O 63 15.75 37.22 -25.50
N ALA O 64 16.64 36.97 -24.54
CA ALA O 64 16.30 36.08 -23.44
C ALA O 64 15.83 36.85 -22.20
N GLN O 65 16.73 37.62 -21.60
CA GLN O 65 16.42 38.47 -20.45
C GLN O 65 15.72 37.71 -19.33
N PHE O 66 16.22 36.52 -19.02
CA PHE O 66 15.68 35.72 -17.91
C PHE O 66 16.34 36.21 -16.62
N LYS O 67 15.82 37.34 -16.12
CA LYS O 67 16.49 38.06 -15.05
C LYS O 67 16.27 37.41 -13.70
N SER O 68 15.19 36.64 -13.54
CA SER O 68 14.83 36.10 -12.24
C SER O 68 15.18 34.62 -12.17
N LEU O 69 15.79 34.21 -11.06
CA LEU O 69 15.99 32.80 -10.77
C LEU O 69 14.89 32.37 -9.79
N ALA O 70 13.89 31.67 -10.32
CA ALA O 70 12.78 31.25 -9.47
C ALA O 70 13.21 30.18 -8.47
N ASP O 71 13.93 29.17 -8.93
CA ASP O 71 14.23 28.03 -8.07
C ASP O 71 15.41 27.26 -8.65
N LEU O 72 16.23 26.72 -7.75
CA LEU O 72 17.32 25.84 -8.11
C LEU O 72 17.31 24.66 -7.14
N THR O 73 17.34 23.44 -7.66
CA THR O 73 17.23 22.26 -6.82
C THR O 73 17.87 21.06 -7.52
N ALA O 74 17.93 19.95 -6.81
CA ALA O 74 18.53 18.72 -7.31
C ALA O 74 17.54 17.57 -7.21
N VAL O 75 17.75 16.56 -8.04
CA VAL O 75 16.96 15.34 -8.05
C VAL O 75 17.90 14.15 -7.98
N ASP O 76 17.58 13.18 -7.13
CA ASP O 76 18.39 11.99 -6.91
C ASP O 76 17.79 10.81 -7.68
N VAL O 77 18.55 10.27 -8.62
CA VAL O 77 18.15 9.08 -9.38
C VAL O 77 19.27 8.05 -9.26
N PRO O 78 19.19 7.12 -8.29
CA PRO O 78 20.32 6.22 -8.03
C PRO O 78 20.70 5.34 -9.21
N THR O 79 19.76 5.00 -10.09
CA THR O 79 20.07 4.08 -11.19
C THR O 79 20.98 4.68 -12.25
N ARG O 80 21.18 5.99 -12.24
CA ARG O 80 22.03 6.65 -13.22
C ARG O 80 23.46 6.73 -12.70
N GLN O 81 24.41 6.65 -13.63
CA GLN O 81 25.82 6.78 -13.26
C GLN O 81 26.10 8.15 -12.67
N ASN O 82 25.57 9.21 -13.28
CA ASN O 82 25.59 10.53 -12.69
C ASN O 82 24.32 10.67 -11.85
N ARG O 83 24.49 10.48 -10.55
CA ARG O 83 23.35 10.29 -9.64
C ARG O 83 22.45 11.50 -9.58
N PHE O 84 23.02 12.69 -9.59
CA PHE O 84 22.30 13.91 -9.25
C PHE O 84 22.03 14.75 -10.48
N GLU O 85 20.87 15.40 -10.47
CA GLU O 85 20.37 16.19 -11.57
C GLU O 85 20.06 17.59 -11.05
N ILE O 86 20.72 18.60 -11.62
CA ILE O 86 20.62 19.97 -11.15
C ILE O 86 19.67 20.71 -12.06
N VAL O 87 18.65 21.34 -11.47
CA VAL O 87 17.57 21.98 -12.21
C VAL O 87 17.52 23.46 -11.84
N TYR O 88 17.56 24.31 -12.86
CA TYR O 88 17.44 25.75 -12.71
C TYR O 88 16.15 26.21 -13.38
N ASN O 89 15.32 26.91 -12.64
CA ASN O 89 14.09 27.50 -13.18
C ASN O 89 14.28 29.00 -13.26
N LEU O 90 14.11 29.56 -14.46
CA LEU O 90 14.33 30.97 -14.69
C LEU O 90 13.06 31.63 -15.22
N LEU O 91 12.87 32.88 -14.84
CA LEU O 91 11.73 33.68 -15.24
C LEU O 91 12.20 34.95 -15.94
N SER O 92 11.59 35.25 -17.08
CA SER O 92 11.81 36.45 -17.86
C SER O 92 10.58 37.32 -17.76
N LEU O 93 10.73 38.47 -17.12
CA LEU O 93 9.65 39.45 -16.99
C LEU O 93 9.43 40.24 -18.26
N ARG O 94 10.50 40.51 -19.02
CA ARG O 94 10.38 41.27 -20.26
C ARG O 94 9.50 40.54 -21.27
N PHE O 95 9.68 39.23 -21.41
CA PHE O 95 8.93 38.43 -22.36
C PHE O 95 7.90 37.53 -21.71
N ASN O 96 7.73 37.64 -20.39
CA ASN O 96 6.68 36.91 -19.66
C ASN O 96 6.79 35.41 -19.91
N SER O 97 7.99 34.86 -19.69
CA SER O 97 8.24 33.47 -20.03
C SER O 97 9.00 32.77 -18.91
N ARG O 98 8.96 31.45 -18.93
CA ARG O 98 9.70 30.63 -17.98
C ARG O 98 10.49 29.58 -18.74
N ILE O 99 11.71 29.31 -18.27
CA ILE O 99 12.57 28.33 -18.90
C ILE O 99 13.19 27.45 -17.81
N ARG O 100 13.60 26.25 -18.21
CA ARG O 100 14.21 25.30 -17.30
C ARG O 100 15.50 24.76 -17.91
N VAL O 101 16.57 24.75 -17.12
CA VAL O 101 17.87 24.27 -17.56
C VAL O 101 18.28 23.12 -16.63
N LYS O 102 18.64 21.99 -17.22
CA LYS O 102 18.98 20.81 -16.45
C LYS O 102 20.37 20.33 -16.82
N THR O 103 21.15 19.99 -15.80
CA THR O 103 22.46 19.37 -15.97
C THR O 103 22.57 18.22 -14.98
N TYR O 104 23.73 17.58 -14.92
CA TYR O 104 23.91 16.39 -14.11
C TYR O 104 25.29 16.39 -13.47
N THR O 105 25.43 15.57 -12.44
CA THR O 105 26.70 15.40 -11.72
C THR O 105 26.58 14.13 -10.88
N ASP O 106 27.68 13.76 -10.24
CA ASP O 106 27.70 12.62 -9.33
C ASP O 106 28.21 13.09 -7.98
N GLU O 107 28.51 12.13 -7.09
CA GLU O 107 28.88 12.45 -5.72
C GLU O 107 30.23 13.14 -5.60
N LEU O 108 31.14 12.92 -6.56
CA LEU O 108 32.50 13.43 -6.43
C LEU O 108 32.83 14.56 -7.38
N THR O 109 32.00 14.84 -8.39
CA THR O 109 32.32 15.88 -9.36
C THR O 109 31.69 17.19 -8.93
N PRO O 110 32.47 18.23 -8.66
CA PRO O 110 31.89 19.52 -8.28
C PRO O 110 31.17 20.19 -9.44
N ILE O 111 30.20 21.02 -9.10
CA ILE O 111 29.47 21.86 -10.04
C ILE O 111 29.87 23.30 -9.80
N GLU O 112 30.07 24.06 -10.88
CA GLU O 112 30.46 25.45 -10.73
C GLU O 112 29.30 26.26 -10.13
N SER O 113 29.62 27.07 -9.12
CA SER O 113 28.62 27.88 -8.45
C SER O 113 28.16 29.03 -9.35
N SER O 114 26.86 29.28 -9.35
CA SER O 114 26.26 30.32 -10.17
C SER O 114 25.91 31.57 -9.37
N VAL O 115 26.66 31.85 -8.30
CA VAL O 115 26.37 33.01 -7.47
C VAL O 115 26.64 34.30 -8.23
N THR O 116 27.67 34.29 -9.09
CA THR O 116 27.99 35.49 -9.87
C THR O 116 26.86 35.87 -10.81
N VAL O 117 26.24 34.87 -11.45
CA VAL O 117 25.14 35.16 -12.37
C VAL O 117 23.89 35.57 -11.58
N TYR O 118 23.52 34.81 -10.58
CA TYR O 118 22.35 35.08 -9.76
C TYR O 118 22.75 35.08 -8.30
N LYS O 119 22.44 36.17 -7.59
CA LYS O 119 22.67 36.19 -6.15
C LYS O 119 21.76 35.20 -5.44
N ALA O 120 20.54 35.04 -5.93
CA ALA O 120 19.56 34.17 -5.28
C ALA O 120 20.06 32.75 -5.15
N ALA O 121 20.96 32.31 -6.04
CA ALA O 121 21.46 30.94 -5.98
C ALA O 121 22.20 30.65 -4.69
N ASN O 122 22.71 31.68 -4.01
CA ASN O 122 23.64 31.47 -2.89
C ASN O 122 23.08 30.49 -1.87
N TRP O 123 21.84 30.69 -1.43
CA TRP O 123 21.26 29.77 -0.45
C TRP O 123 20.86 28.45 -1.10
N TYR O 124 20.29 28.50 -2.31
CA TYR O 124 19.81 27.28 -2.95
C TYR O 124 20.93 26.26 -3.09
N GLU O 125 22.08 26.70 -3.60
CA GLU O 125 23.23 25.81 -3.70
C GLU O 125 23.60 25.25 -2.35
N ARG O 126 23.64 26.11 -1.32
CA ARG O 126 23.88 25.62 0.03
C ARG O 126 22.91 24.51 0.37
N GLU O 127 21.63 24.73 0.11
CA GLU O 127 20.62 23.71 0.41
C GLU O 127 20.92 22.42 -0.32
N ILE O 128 21.30 22.52 -1.61
CA ILE O 128 21.63 21.31 -2.35
C ILE O 128 22.76 20.58 -1.65
N TRP O 129 23.83 21.31 -1.29
CA TRP O 129 24.94 20.67 -0.60
C TRP O 129 24.48 20.04 0.69
N ASP O 130 23.51 20.66 1.37
CA ASP O 130 23.03 20.12 2.63
C ASP O 130 22.20 18.87 2.41
N MET O 131 21.44 18.81 1.32
CA MET O 131 20.44 17.77 1.20
C MET O 131 20.90 16.61 0.33
N PHE O 132 21.88 16.85 -0.56
CA PHE O 132 22.34 15.83 -1.49
C PHE O 132 23.85 15.63 -1.48
N GLY O 133 24.61 16.54 -0.90
CA GLY O 133 26.05 16.40 -0.89
C GLY O 133 26.74 16.77 -2.18
N VAL O 134 26.13 17.57 -3.02
CA VAL O 134 26.76 18.04 -4.25
C VAL O 134 27.61 19.27 -3.91
N PHE O 135 28.90 19.19 -4.19
CA PHE O 135 29.81 20.28 -3.88
C PHE O 135 29.78 21.32 -4.99
N PHE O 136 29.73 22.60 -4.62
CA PHE O 136 29.75 23.71 -5.56
C PHE O 136 31.09 24.43 -5.44
N ALA O 137 31.83 24.48 -6.53
CA ALA O 137 33.12 25.15 -6.53
C ALA O 137 32.95 26.66 -6.57
N ASN O 138 33.85 27.36 -5.89
CA ASN O 138 33.89 28.83 -5.84
C ASN O 138 32.61 29.41 -5.24
N HIS O 139 32.10 28.77 -4.21
CA HIS O 139 30.97 29.34 -3.49
C HIS O 139 31.49 30.24 -2.38
N PRO O 140 30.95 31.45 -2.24
CA PRO O 140 31.48 32.38 -1.21
C PRO O 140 31.42 31.82 0.20
N ASP O 141 30.37 31.07 0.55
CA ASP O 141 30.25 30.50 1.88
C ASP O 141 29.36 29.26 1.76
N LEU O 142 29.99 28.09 1.64
CA LEU O 142 29.27 26.84 1.45
C LEU O 142 29.31 26.02 2.72
N ARG O 143 28.16 25.86 3.35
CA ARG O 143 28.04 25.15 4.61
C ARG O 143 26.61 24.64 4.74
N ARG O 144 26.35 23.84 5.77
CA ARG O 144 25.01 23.35 6.02
C ARG O 144 24.07 24.51 6.33
N ILE O 145 22.82 24.39 5.86
CA ILE O 145 21.83 25.43 6.01
C ILE O 145 20.58 24.92 6.74
N LEU O 146 20.13 23.71 6.43
CA LEU O 146 18.88 23.19 6.99
C LEU O 146 19.06 22.17 8.10
N THR O 147 20.10 21.34 8.04
CA THR O 147 20.24 20.27 9.01
C THR O 147 20.84 20.80 10.32
N ASP O 148 20.78 19.94 11.34
CA ASP O 148 21.35 20.25 12.65
C ASP O 148 22.87 20.28 12.57
N TYR O 149 23.48 20.97 13.53
CA TYR O 149 24.93 21.05 13.60
C TYR O 149 25.53 19.66 13.80
N GLY O 150 26.54 19.33 13.02
CA GLY O 150 27.17 18.04 13.12
C GLY O 150 26.37 16.89 12.55
N PHE O 151 25.37 17.18 11.73
CA PHE O 151 24.56 16.13 11.13
C PHE O 151 25.38 15.38 10.09
N GLU O 152 25.35 14.06 10.16
CA GLU O 152 26.10 13.21 9.24
C GLU O 152 25.15 12.62 8.20
N GLY O 153 25.53 12.73 6.93
CA GLY O 153 24.73 12.25 5.85
C GLY O 153 23.90 13.34 5.19
N HIS O 154 23.26 12.97 4.09
CA HIS O 154 22.45 13.90 3.32
C HIS O 154 21.04 13.33 3.17
N PRO O 155 20.05 13.91 3.85
CA PRO O 155 18.75 13.22 4.00
C PRO O 155 17.97 13.05 2.70
N PHE O 156 18.12 13.96 1.75
CA PHE O 156 17.27 13.90 0.57
C PHE O 156 17.74 12.85 -0.43
N ARG O 157 18.90 12.22 -0.18
CA ARG O 157 19.31 11.09 -0.98
C ARG O 157 18.35 9.93 -0.78
N LYS O 158 18.18 9.12 -1.83
CA LYS O 158 17.18 8.05 -1.79
C LYS O 158 17.59 6.94 -0.84
N ASP O 159 18.89 6.72 -0.66
CA ASP O 159 19.33 5.64 0.22
C ASP O 159 19.35 6.08 1.68
N PHE O 160 19.07 7.34 1.95
CA PHE O 160 18.97 7.79 3.34
C PHE O 160 17.62 7.37 3.92
N PRO O 161 17.59 6.69 5.05
CA PRO O 161 16.32 6.22 5.61
C PRO O 161 15.44 7.38 6.04
N LEU O 162 14.13 7.13 6.05
CA LEU O 162 13.16 8.20 6.30
C LEU O 162 13.36 8.80 7.69
N SER O 163 13.56 7.96 8.70
CA SER O 163 13.69 8.43 10.07
C SER O 163 15.13 8.71 10.49
N GLY O 164 16.08 8.58 9.57
CA GLY O 164 17.46 8.86 9.89
C GLY O 164 18.08 7.75 10.72
N TYR O 165 19.25 8.08 11.29
CA TYR O 165 20.04 7.11 12.03
C TYR O 165 20.10 7.40 13.53
N VAL O 166 19.89 8.65 13.94
CA VAL O 166 20.03 9.04 15.34
C VAL O 166 18.79 9.81 15.75
N GLU O 167 18.51 9.78 17.05
CA GLU O 167 17.43 10.53 17.65
C GLU O 167 17.92 11.19 18.93
N LEU O 168 17.20 12.23 19.35
CA LEU O 168 17.64 13.09 20.44
C LEU O 168 16.74 12.93 21.65
N ARG O 169 17.34 13.05 22.83
CA ARG O 169 16.59 13.06 24.07
C ARG O 169 17.42 13.77 25.13
N TYR O 170 16.76 14.25 26.17
CA TYR O 170 17.46 14.86 27.30
C TYR O 170 17.85 13.78 28.29
N ASP O 171 19.11 13.80 28.70
CA ASP O 171 19.64 12.89 29.70
C ASP O 171 19.99 13.68 30.95
N ASP O 172 19.49 13.23 32.09
CA ASP O 172 19.71 13.89 33.38
C ASP O 172 21.04 13.52 34.01
N GLU O 173 21.61 12.36 33.67
CA GLU O 173 22.93 12.02 34.20
C GLU O 173 23.98 13.01 33.74
N VAL O 174 23.93 13.38 32.45
CA VAL O 174 24.84 14.39 31.92
C VAL O 174 24.22 15.77 31.84
N LYS O 175 22.94 15.88 32.16
CA LYS O 175 22.23 17.17 32.20
C LYS O 175 22.29 17.88 30.84
N ARG O 176 22.02 17.15 29.77
CA ARG O 176 22.06 17.77 28.45
C ARG O 176 21.37 16.88 27.43
N VAL O 177 21.21 17.42 26.24
CA VAL O 177 20.60 16.69 25.13
C VAL O 177 21.64 15.80 24.48
N VAL O 178 21.27 14.54 24.24
CA VAL O 178 22.16 13.54 23.70
C VAL O 178 21.50 12.89 22.49
N ALA O 179 22.35 12.36 21.61
CA ALA O 179 21.93 11.62 20.42
C ALA O 179 22.24 10.14 20.62
N GLU O 180 21.28 9.29 20.26
CA GLU O 180 21.39 7.85 20.41
C GLU O 180 20.91 7.21 19.12
N PRO O 181 21.27 5.94 18.88
CA PRO O 181 20.72 5.24 17.72
C PRO O 181 19.21 5.21 17.77
N VAL O 182 18.59 5.38 16.59
CA VAL O 182 17.15 5.58 16.51
C VAL O 182 16.42 4.29 16.88
N GLU O 183 15.35 4.44 17.66
CA GLU O 183 14.49 3.33 18.06
C GLU O 183 13.06 3.82 18.01
N LEU O 184 12.17 3.03 17.41
CA LEU O 184 10.80 3.44 17.15
C LEU O 184 9.83 2.53 17.89
N ALA O 185 8.92 3.12 18.67
CA ALA O 185 7.88 2.32 19.31
C ALA O 185 6.96 1.68 18.28
N GLN O 186 6.64 2.42 17.21
CA GLN O 186 5.91 1.89 16.08
C GLN O 186 6.72 2.12 14.83
N GLU O 187 7.16 1.05 14.20
CA GLU O 187 7.87 1.15 12.93
C GLU O 187 6.94 1.70 11.84
N PHE O 188 7.51 2.51 10.95
CA PHE O 188 6.76 3.02 9.81
C PHE O 188 6.32 1.85 8.94
N ARG O 189 5.05 1.83 8.58
CA ARG O 189 4.45 0.72 7.86
C ARG O 189 4.49 1.01 6.36
N LYS O 190 5.36 0.30 5.65
CA LYS O 190 5.53 0.47 4.22
C LYS O 190 4.34 -0.13 3.47
N PHE O 191 3.80 0.62 2.52
CA PHE O 191 2.65 0.20 1.75
C PHE O 191 3.04 -0.04 0.30
N ASP O 192 2.60 -1.17 -0.25
CA ASP O 192 2.80 -1.50 -1.65
C ASP O 192 1.54 -1.09 -2.40
N LEU O 193 1.57 0.09 -3.01
CA LEU O 193 0.39 0.67 -3.62
C LEU O 193 0.33 0.51 -5.13
N ASN O 194 1.46 0.22 -5.79
CA ASN O 194 1.49 0.17 -7.24
C ASN O 194 0.61 -0.95 -7.77
N SER O 195 -0.20 -0.62 -8.77
CA SER O 195 -1.07 -1.58 -9.45
C SER O 195 -0.25 -2.45 -10.40
N PRO O 196 -0.60 -3.73 -10.51
CA PRO O 196 0.13 -4.60 -11.46
C PRO O 196 -0.34 -4.44 -12.90
N TRP O 197 -1.20 -3.47 -13.17
CA TRP O 197 -1.67 -3.21 -14.53
C TRP O 197 -1.18 -1.85 -15.00
N GLU O 198 -0.84 -1.78 -16.29
CA GLU O 198 -0.36 -0.54 -16.88
C GLU O 198 -1.45 0.52 -16.85
N ALA O 199 -1.06 1.76 -16.60
CA ALA O 199 -1.98 2.88 -16.57
C ALA O 199 -1.94 3.71 -17.85
N PHE O 200 -0.75 4.06 -18.34
CA PHE O 200 -0.60 4.97 -19.47
C PHE O 200 0.14 4.31 -20.62
N PRO O 201 -0.58 3.83 -21.64
CA PRO O 201 0.09 3.18 -22.77
C PRO O 201 1.05 4.08 -23.54
N ALA O 202 0.85 5.39 -23.50
CA ALA O 202 1.72 6.31 -24.24
C ALA O 202 3.14 6.33 -23.70
N TYR O 203 3.35 5.93 -22.45
CA TYR O 203 4.66 5.95 -21.82
C TYR O 203 5.30 4.59 -21.73
N ARG O 204 4.76 3.59 -22.42
CA ARG O 204 5.32 2.25 -22.36
C ARG O 204 6.74 2.23 -22.92
N GLN O 205 7.62 1.50 -22.25
CA GLN O 205 9.00 1.41 -22.69
C GLN O 205 9.23 0.12 -23.47
N PRO O 206 10.14 0.17 -24.45
CA PRO O 206 10.49 -1.04 -25.17
C PRO O 206 10.85 -2.16 -24.22
N PRO O 207 10.46 -3.39 -24.54
CA PRO O 207 10.69 -4.52 -23.62
C PRO O 207 12.09 -5.13 -23.68
N GLU O 208 13.05 -4.44 -24.30
CA GLU O 208 14.42 -4.94 -24.46
C GLU O 208 14.43 -6.24 -25.26
N SER P 1 37.19 44.44 17.73
CA SER P 1 36.30 43.30 17.69
C SER P 1 34.84 43.73 17.88
N ASN P 2 33.96 43.25 17.01
CA ASN P 2 32.55 43.55 17.13
C ASN P 2 31.89 42.62 18.16
N LEU P 3 30.74 43.05 18.65
CA LEU P 3 29.93 42.23 19.54
C LEU P 3 29.14 41.22 18.72
N THR P 4 29.13 39.96 19.16
CA THR P 4 28.37 38.92 18.48
C THR P 4 27.15 38.58 19.33
N LEU P 5 25.97 38.65 18.71
CA LEU P 5 24.70 38.53 19.41
C LEU P 5 23.83 37.47 18.77
N ASN P 6 23.19 36.66 19.61
CA ASN P 6 22.15 35.73 19.17
C ASN P 6 20.81 36.45 19.26
N PHE P 7 20.16 36.64 18.11
CA PHE P 7 18.84 37.24 18.02
C PHE P 7 17.87 36.10 17.74
N GLY P 8 17.13 35.69 18.76
CA GLY P 8 16.30 34.52 18.65
C GLY P 8 17.09 33.25 18.86
N PRO P 9 16.43 32.09 18.76
CA PRO P 9 15.02 31.87 18.39
C PRO P 9 14.01 32.32 19.43
N GLN P 10 14.33 32.27 20.73
CA GLN P 10 13.42 32.74 21.77
C GLN P 10 13.56 34.26 21.88
N HIS P 11 12.87 34.95 20.98
CA HIS P 11 12.89 36.41 20.89
C HIS P 11 11.56 36.82 20.30
N PRO P 12 10.91 37.85 20.85
CA PRO P 12 9.60 38.26 20.30
C PRO P 12 9.64 38.65 18.84
N ALA P 13 10.73 39.25 18.37
CA ALA P 13 10.85 39.71 17.00
C ALA P 13 11.52 38.71 16.09
N ALA P 14 11.84 37.52 16.57
CA ALA P 14 12.51 36.50 15.77
C ALA P 14 11.55 35.59 15.03
N HIS P 15 10.25 35.79 15.17
CA HIS P 15 9.23 34.97 14.50
C HIS P 15 9.37 33.50 14.88
N GLY P 16 9.83 33.22 16.09
CA GLY P 16 9.87 31.87 16.60
C GLY P 16 11.16 31.08 16.44
N VAL P 17 11.58 30.81 15.21
CA VAL P 17 12.63 29.82 15.00
C VAL P 17 13.79 30.36 14.15
N LEU P 18 14.06 31.66 14.26
CA LEU P 18 15.16 32.28 13.54
C LEU P 18 16.32 32.50 14.51
N ARG P 19 17.52 32.09 14.13
CA ARG P 19 18.70 32.39 14.93
C ARG P 19 19.57 33.35 14.15
N LEU P 20 19.34 34.64 14.35
CA LEU P 20 20.10 35.67 13.65
C LEU P 20 21.39 35.94 14.42
N VAL P 21 22.52 35.52 13.87
CA VAL P 21 23.82 35.84 14.44
C VAL P 21 24.21 37.21 13.88
N MET P 22 24.30 38.19 14.76
CA MET P 22 24.59 39.55 14.34
C MET P 22 25.92 40.02 14.91
N GLU P 23 26.74 40.61 14.05
CA GLU P 23 27.94 41.31 14.45
C GLU P 23 27.63 42.79 14.46
N LEU P 24 27.79 43.42 15.63
CA LEU P 24 27.40 44.80 15.88
C LEU P 24 28.61 45.61 16.33
N SER P 25 28.70 46.84 15.81
CA SER P 25 29.62 47.85 16.32
C SER P 25 28.76 48.86 17.07
N GLY P 26 28.79 48.79 18.39
CA GLY P 26 27.79 49.51 19.17
C GLY P 26 26.44 48.90 18.90
N GLU P 27 25.51 49.72 18.42
CA GLU P 27 24.21 49.23 17.98
C GLU P 27 24.12 49.15 16.46
N MET P 28 25.09 49.71 15.75
CA MET P 28 25.14 49.54 14.30
C MET P 28 25.35 48.08 13.94
N VAL P 29 24.68 47.64 12.90
CA VAL P 29 24.72 46.24 12.47
C VAL P 29 25.79 46.10 11.39
N ARG P 30 26.88 45.42 11.73
CA ARG P 30 27.95 45.15 10.77
C ARG P 30 27.69 43.93 9.92
N LYS P 31 27.09 42.89 10.49
CA LYS P 31 26.82 41.69 9.70
C LYS P 31 25.59 40.96 10.26
N CYS P 32 24.76 40.47 9.35
CA CYS P 32 23.64 39.59 9.67
C CYS P 32 23.91 38.23 9.06
N ASP P 33 23.74 37.17 9.86
CA ASP P 33 23.88 35.80 9.37
C ASP P 33 22.69 35.01 9.92
N PRO P 34 21.68 34.74 9.09
CA PRO P 34 20.50 34.02 9.56
C PRO P 34 20.75 32.52 9.56
N HIS P 35 20.67 31.91 10.74
CA HIS P 35 20.69 30.46 10.89
C HIS P 35 19.25 29.99 10.95
N ILE P 36 18.89 29.13 10.00
CA ILE P 36 17.54 28.61 9.85
C ILE P 36 17.60 27.09 9.95
N GLY P 37 16.48 26.42 9.73
CA GLY P 37 16.40 25.00 9.91
C GLY P 37 15.95 24.57 11.28
N LEU P 38 15.76 25.53 12.20
CA LEU P 38 15.19 25.22 13.50
C LEU P 38 13.73 24.81 13.39
N LEU P 39 13.12 24.98 12.23
CA LEU P 39 11.81 24.44 11.90
C LEU P 39 11.88 23.62 10.60
N HIS P 40 12.97 22.89 10.41
CA HIS P 40 13.06 22.01 9.25
C HIS P 40 12.55 20.62 9.60
N GLY P 42 11.69 18.16 7.30
CA GLY P 42 11.88 17.19 6.24
C GLY P 42 10.60 16.88 5.49
N THR P 43 9.89 17.94 5.10
CA THR P 43 8.57 17.78 4.49
C THR P 43 8.67 17.08 3.14
N GLU P 44 9.68 17.41 2.34
CA GLU P 44 9.75 16.88 0.98
C GLU P 44 10.04 15.37 0.99
N LYS P 45 10.93 14.93 1.87
CA LYS P 45 11.18 13.51 1.99
C LYS P 45 9.93 12.75 2.46
N LEU P 46 9.18 13.34 3.40
CA LEU P 46 7.94 12.70 3.83
C LEU P 46 6.93 12.64 2.70
N ILE P 47 6.85 13.70 1.89
CA ILE P 47 5.93 13.73 0.76
C ILE P 47 6.27 12.60 -0.21
N GLU P 48 7.56 12.31 -0.37
CA GLU P 48 7.97 11.22 -1.24
C GLU P 48 7.41 9.86 -0.80
N TYR P 49 6.84 9.77 0.40
CA TYR P 49 6.31 8.52 0.92
C TYR P 49 4.77 8.49 0.98
N LYS P 50 4.11 9.48 0.42
CA LYS P 50 2.66 9.58 0.46
C LYS P 50 2.10 9.61 -0.95
N THR P 51 0.80 9.37 -1.06
CA THR P 51 0.10 9.60 -2.32
C THR P 51 -0.18 11.08 -2.49
N TYR P 52 -0.71 11.43 -3.67
CA TYR P 52 -0.93 12.84 -3.97
C TYR P 52 -1.99 13.46 -3.07
N LEU P 53 -3.01 12.69 -2.70
CA LEU P 53 -4.00 13.20 -1.77
C LEU P 53 -3.44 13.31 -0.36
N GLN P 54 -2.60 12.34 0.03
CA GLN P 54 -2.03 12.34 1.37
C GLN P 54 -1.01 13.47 1.57
N ALA P 55 -0.40 13.97 0.50
CA ALA P 55 0.59 15.03 0.61
C ALA P 55 -0.02 16.41 0.72
N LEU P 56 -1.33 16.55 0.51
CA LEU P 56 -1.97 17.86 0.50
C LEU P 56 -1.86 18.60 1.84
N PRO P 57 -2.13 17.99 2.99
CA PRO P 57 -2.05 18.75 4.26
C PRO P 57 -0.64 19.28 4.58
N TYR P 58 0.40 18.69 4.00
CA TYR P 58 1.73 19.25 4.17
C TYR P 58 1.79 20.68 3.63
N PHE P 59 1.10 20.94 2.53
CA PHE P 59 1.08 22.29 1.96
C PHE P 59 0.25 23.25 2.80
N ASP P 60 -0.77 22.75 3.49
CA ASP P 60 -1.41 23.55 4.53
C ASP P 60 -0.40 23.97 5.57
N ARG P 61 0.39 23.02 6.05
CA ARG P 61 1.30 23.31 7.16
C ARG P 61 2.57 24.03 6.72
N LEU P 62 2.79 24.20 5.42
CA LEU P 62 3.97 24.92 4.94
C LEU P 62 3.96 26.38 5.36
N ASP P 63 3.04 27.16 4.81
CA ASP P 63 2.89 28.58 5.16
C ASP P 63 1.56 28.68 5.90
N TYR P 64 1.63 28.54 7.21
CA TYR P 64 0.44 28.43 8.04
C TYR P 64 -0.28 29.74 8.23
N VAL P 65 0.07 30.78 7.47
CA VAL P 65 -0.76 31.98 7.41
C VAL P 65 -1.54 32.05 6.09
N SER P 66 -1.10 31.33 5.06
CA SER P 66 -1.77 31.30 3.76
C SER P 66 -1.97 29.83 3.39
N MET P 67 -3.11 29.27 3.76
CA MET P 67 -3.31 27.83 3.63
C MET P 67 -3.95 27.46 2.30
N MET P 68 -5.09 28.07 1.98
CA MET P 68 -5.75 27.79 0.70
C MET P 68 -4.86 28.12 -0.47
N CYS P 69 -3.97 29.11 -0.34
CA CYS P 69 -3.09 29.45 -1.45
C CYS P 69 -2.09 28.34 -1.73
N ASN P 70 -1.49 27.77 -0.67
CA ASN P 70 -0.60 26.62 -0.87
C ASN P 70 -1.36 25.42 -1.44
N GLU P 71 -2.57 25.18 -0.92
CA GLU P 71 -3.40 24.11 -1.49
C GLU P 71 -3.63 24.36 -2.97
N GLN P 72 -3.94 25.60 -3.34
CA GLN P 72 -4.23 25.93 -4.73
C GLN P 72 -3.01 25.71 -5.62
N ALA P 73 -1.83 26.12 -5.16
CA ALA P 73 -0.63 25.94 -5.98
C ALA P 73 -0.34 24.45 -6.20
N TYR P 74 -0.42 23.66 -5.12
CA TYR P 74 -0.21 22.22 -5.26
C TYR P 74 -1.25 21.60 -6.19
N SER P 75 -2.51 22.00 -6.04
CA SER P 75 -3.58 21.47 -6.86
C SER P 75 -3.40 21.83 -8.31
N LEU P 76 -2.97 23.06 -8.59
CA LEU P 76 -2.73 23.46 -9.98
C LEU P 76 -1.60 22.66 -10.60
N ALA P 77 -0.54 22.41 -9.83
CA ALA P 77 0.54 21.57 -10.35
C ALA P 77 0.05 20.17 -10.67
N VAL P 78 -0.71 19.57 -9.76
CA VAL P 78 -1.16 18.20 -9.96
C VAL P 78 -2.17 18.13 -11.10
N GLU P 79 -3.03 19.15 -11.25
CA GLU P 79 -3.96 19.19 -12.37
C GLU P 79 -3.23 19.35 -13.70
N LYS P 80 -2.18 20.16 -13.72
CA LYS P 80 -1.39 20.29 -14.93
C LYS P 80 -0.75 18.96 -15.32
N LEU P 81 -0.25 18.22 -14.33
CA LEU P 81 0.34 16.92 -14.64
C LEU P 81 -0.72 15.90 -15.03
N LEU P 82 -1.93 16.00 -14.47
CA LEU P 82 -3.02 15.07 -14.74
C LEU P 82 -3.78 15.39 -16.01
N ASN P 83 -3.58 16.57 -16.59
CA ASN P 83 -4.27 17.01 -17.81
C ASN P 83 -5.78 17.08 -17.61
N ILE P 84 -6.21 17.47 -16.42
CA ILE P 84 -7.62 17.66 -16.12
C ILE P 84 -7.89 19.14 -15.87
N GLN P 85 -9.18 19.49 -15.80
CA GLN P 85 -9.61 20.86 -15.61
C GLN P 85 -10.66 20.93 -14.52
N PRO P 86 -10.48 21.78 -13.50
CA PRO P 86 -11.52 21.92 -12.49
C PRO P 86 -12.75 22.62 -13.06
N PRO P 87 -13.92 22.36 -12.50
CA PRO P 87 -15.15 23.00 -12.99
C PRO P 87 -15.17 24.48 -12.65
N PRO P 88 -15.93 25.29 -13.40
CA PRO P 88 -15.89 26.76 -13.18
C PRO P 88 -16.27 27.20 -11.78
N ARG P 89 -17.28 26.58 -11.18
CA ARG P 89 -17.68 26.98 -9.83
C ARG P 89 -16.55 26.71 -8.83
N ALA P 90 -15.84 25.60 -9.02
CA ALA P 90 -14.68 25.32 -8.18
C ALA P 90 -13.62 26.40 -8.34
N GLN P 91 -13.39 26.86 -9.56
CA GLN P 91 -12.39 27.90 -9.78
C GLN P 91 -12.79 29.22 -9.12
N TRP P 92 -14.07 29.57 -9.21
CA TRP P 92 -14.54 30.79 -8.54
C TRP P 92 -14.42 30.67 -7.03
N ILE P 93 -14.75 29.50 -6.47
CA ILE P 93 -14.58 29.28 -5.03
C ILE P 93 -13.11 29.40 -4.65
N ARG P 94 -12.23 28.81 -5.47
CA ARG P 94 -10.79 28.87 -5.20
C ARG P 94 -10.30 30.31 -5.16
N VAL P 95 -10.72 31.12 -6.14
CA VAL P 95 -10.25 32.50 -6.19
C VAL P 95 -10.84 33.32 -5.03
N LEU P 96 -12.11 33.09 -4.70
CA LEU P 96 -12.71 33.78 -3.56
C LEU P 96 -11.95 33.49 -2.27
N PHE P 97 -11.70 32.21 -1.98
CA PHE P 97 -11.03 31.86 -0.74
C PHE P 97 -9.55 32.21 -0.79
N GLY P 98 -8.94 32.27 -1.97
CA GLY P 98 -7.59 32.78 -2.07
C GLY P 98 -7.51 34.26 -1.73
N GLU P 99 -8.50 35.04 -2.14
CA GLU P 99 -8.52 36.46 -1.77
C GLU P 99 -8.79 36.63 -0.28
N ILE P 100 -9.68 35.80 0.29
CA ILE P 100 -9.87 35.84 1.74
C ILE P 100 -8.57 35.49 2.46
N THR P 101 -7.85 34.49 1.95
CA THR P 101 -6.58 34.11 2.55
C THR P 101 -5.55 35.22 2.41
N ARG P 102 -5.57 35.95 1.29
CA ARG P 102 -4.70 37.10 1.14
C ARG P 102 -5.01 38.17 2.19
N LEU P 103 -6.31 38.40 2.46
CA LEU P 103 -6.69 39.33 3.51
C LEU P 103 -6.15 38.87 4.87
N LEU P 104 -6.30 37.58 5.16
CA LEU P 104 -5.80 37.04 6.43
C LEU P 104 -4.29 37.26 6.56
N ASN P 105 -3.54 36.90 5.51
CA ASN P 105 -2.10 37.02 5.55
C ASN P 105 -1.64 38.47 5.67
N HIS P 106 -2.29 39.38 4.93
CA HIS P 106 -1.88 40.78 4.99
C HIS P 106 -2.20 41.39 6.34
N ILE P 107 -3.32 41.02 6.94
CA ILE P 107 -3.61 41.45 8.31
C ILE P 107 -2.49 40.98 9.24
N MET P 108 -2.16 39.69 9.17
CA MET P 108 -1.12 39.15 10.05
C MET P 108 0.21 39.87 9.85
N ALA P 109 0.59 40.08 8.58
CA ALA P 109 1.87 40.71 8.29
C ALA P 109 1.92 42.14 8.81
N VAL P 110 0.93 42.96 8.45
CA VAL P 110 0.97 44.37 8.84
C VAL P 110 0.89 44.51 10.35
N THR P 111 0.00 43.74 11.01
CA THR P 111 -0.17 43.90 12.44
C THR P 111 1.06 43.40 13.21
N THR P 112 1.68 42.31 12.77
CA THR P 112 2.88 41.85 13.44
C THR P 112 4.05 42.80 13.20
N HIS P 113 4.14 43.41 12.02
CA HIS P 113 5.16 44.41 11.78
C HIS P 113 4.98 45.61 12.70
N ALA P 114 3.74 46.06 12.85
CA ALA P 114 3.46 47.18 13.76
C ALA P 114 3.77 46.81 15.20
N LEU P 115 3.42 45.58 15.61
CA LEU P 115 3.72 45.14 16.96
C LEU P 115 5.22 45.08 17.22
N ASP P 116 5.98 44.59 16.24
CA ASP P 116 7.44 44.57 16.38
C ASP P 116 8.00 45.97 16.49
N ILE P 117 7.49 46.91 15.67
CA ILE P 117 7.96 48.28 15.75
C ILE P 117 7.47 48.94 17.04
N GLY P 118 6.29 48.57 17.52
CA GLY P 118 5.83 49.09 18.80
C GLY P 118 4.36 49.39 18.88
N ALA P 119 3.68 49.47 17.74
CA ALA P 119 2.24 49.74 17.70
C ALA P 119 1.49 48.46 18.02
N MET P 120 1.14 48.29 19.29
CA MET P 120 0.51 47.08 19.77
C MET P 120 -1.00 47.05 19.57
N THR P 121 -1.63 48.17 19.23
CA THR P 121 -3.09 48.26 19.25
C THR P 121 -3.77 47.68 18.02
N PRO P 122 -3.34 47.98 16.78
CA PRO P 122 -4.07 47.44 15.61
C PRO P 122 -4.08 45.92 15.52
N PHE P 123 -3.13 45.25 16.18
CA PHE P 123 -3.13 43.79 16.22
C PHE P 123 -4.45 43.25 16.73
N PHE P 124 -4.91 43.78 17.87
CA PHE P 124 -6.15 43.30 18.47
C PHE P 124 -7.36 43.68 17.64
N TRP P 125 -7.34 44.87 17.03
CA TRP P 125 -8.47 45.28 16.19
C TRP P 125 -8.63 44.36 14.99
N MET P 126 -7.52 44.00 14.34
CA MET P 126 -7.61 43.21 13.13
C MET P 126 -7.69 41.70 13.37
N PHE P 127 -7.28 41.23 14.54
CA PHE P 127 -7.42 39.79 14.76
C PHE P 127 -8.85 39.36 15.01
N GLU P 128 -9.77 40.29 15.31
CA GLU P 128 -11.18 39.92 15.31
C GLU P 128 -11.68 39.62 13.90
N GLU P 129 -11.27 40.42 12.92
CA GLU P 129 -11.58 40.10 11.53
C GLU P 129 -10.93 38.80 11.11
N ARG P 130 -9.70 38.56 11.58
CA ARG P 130 -9.05 37.28 11.34
C ARG P 130 -9.86 36.13 11.92
N GLU P 131 -10.44 36.33 13.11
CA GLU P 131 -11.27 35.31 13.74
C GLU P 131 -12.52 35.03 12.91
N LYS P 132 -13.15 36.08 12.38
CA LYS P 132 -14.33 35.88 11.54
C LYS P 132 -13.98 35.12 10.25
N MET P 133 -12.83 35.42 9.66
CA MET P 133 -12.42 34.66 8.48
C MET P 133 -12.09 33.21 8.83
N PHE P 134 -11.53 32.98 10.02
CA PHE P 134 -11.35 31.61 10.49
C PHE P 134 -12.69 30.91 10.62
N GLU P 135 -13.72 31.64 11.04
CA GLU P 135 -15.06 31.07 11.09
C GLU P 135 -15.53 30.67 9.69
N PHE P 136 -15.26 31.50 8.70
CA PHE P 136 -15.60 31.15 7.31
C PHE P 136 -14.89 29.87 6.89
N TYR P 137 -13.60 29.77 7.19
CA TYR P 137 -12.84 28.55 6.92
C TYR P 137 -13.49 27.34 7.55
N GLU P 138 -13.80 27.44 8.84
CA GLU P 138 -14.36 26.31 9.58
C GLU P 138 -15.73 25.92 9.05
N ARG P 139 -16.55 26.90 8.67
CA ARG P 139 -17.86 26.59 8.12
C ARG P 139 -17.73 25.86 6.79
N VAL P 140 -16.75 26.24 5.95
CA VAL P 140 -16.63 25.57 4.67
C VAL P 140 -15.93 24.22 4.77
N SER P 141 -15.08 23.99 5.77
CA SER P 141 -14.28 22.77 5.78
C SER P 141 -14.36 22.01 7.09
N GLY P 142 -14.58 22.72 8.20
CA GLY P 142 -14.53 22.11 9.52
C GLY P 142 -13.24 22.36 10.27
N ALA P 143 -12.31 23.12 9.70
CA ALA P 143 -11.06 23.49 10.35
C ALA P 143 -10.88 24.99 10.23
N ARG P 144 -10.34 25.61 11.29
CA ARG P 144 -10.20 27.05 11.30
C ARG P 144 -9.06 27.51 10.39
N MET P 145 -7.95 26.78 10.36
CA MET P 145 -6.88 27.17 9.46
C MET P 145 -6.44 26.06 8.51
N HIS P 146 -6.28 24.84 9.01
CA HIS P 146 -5.77 23.75 8.18
C HIS P 146 -6.88 23.02 7.44
N ALA P 147 -7.55 23.69 6.50
CA ALA P 147 -8.78 23.20 5.88
C ALA P 147 -8.60 21.95 5.03
N ALA P 148 -7.55 21.92 4.20
CA ALA P 148 -7.39 20.93 3.13
C ALA P 148 -8.57 20.94 2.16
N TYR P 149 -9.18 22.11 2.00
CA TYR P 149 -10.41 22.23 1.21
C TYR P 149 -10.13 22.15 -0.29
N ILE P 150 -9.09 22.82 -0.75
CA ILE P 150 -8.75 22.85 -2.17
C ILE P 150 -7.99 21.57 -2.51
N ARG P 151 -8.48 20.84 -3.50
CA ARG P 151 -7.96 19.54 -3.87
C ARG P 151 -7.51 19.56 -5.32
N PRO P 152 -6.70 18.58 -5.75
CA PRO P 152 -6.22 18.59 -7.14
C PRO P 152 -7.27 18.24 -8.18
N GLY P 153 -8.54 18.34 -7.83
CA GLY P 153 -9.60 18.21 -8.82
C GLY P 153 -10.66 19.28 -8.69
N GLY P 154 -10.52 20.14 -7.68
CA GLY P 154 -11.53 21.13 -7.36
C GLY P 154 -11.53 21.45 -5.88
N VAL P 155 -12.68 21.35 -5.23
CA VAL P 155 -12.79 21.52 -3.78
C VAL P 155 -13.51 20.30 -3.21
N HIS P 156 -13.30 20.08 -1.91
CA HIS P 156 -13.80 18.88 -1.27
C HIS P 156 -15.33 18.87 -1.18
N GLN P 157 -15.92 19.95 -0.70
CA GLN P 157 -17.36 20.04 -0.49
C GLN P 157 -17.88 21.35 -1.04
N ASP P 158 -19.20 21.43 -1.16
CA ASP P 158 -19.84 22.66 -1.60
C ASP P 158 -20.05 23.60 -0.42
N LEU P 159 -20.25 24.88 -0.74
CA LEU P 159 -20.45 25.88 0.29
C LEU P 159 -21.78 25.64 1.00
N PRO P 160 -21.83 25.84 2.33
CA PRO P 160 -23.11 25.78 3.03
C PRO P 160 -24.04 26.89 2.54
N LEU P 161 -25.34 26.68 2.75
CA LEU P 161 -26.35 27.49 2.07
C LEU P 161 -26.39 28.94 2.51
N GLY P 162 -25.73 29.33 3.59
CA GLY P 162 -25.80 30.71 4.01
C GLY P 162 -24.46 31.41 4.07
N LEU P 163 -23.43 30.84 3.44
CA LEU P 163 -22.07 31.33 3.60
C LEU P 163 -21.82 32.60 2.79
N LEU P 164 -22.38 32.69 1.58
CA LEU P 164 -22.13 33.85 0.73
C LEU P 164 -22.67 35.12 1.37
N ASP P 165 -23.84 35.03 2.02
CA ASP P 165 -24.39 36.21 2.69
C ASP P 165 -23.49 36.69 3.81
N ASP P 166 -22.95 35.76 4.61
CA ASP P 166 -22.07 36.16 5.69
C ASP P 166 -20.77 36.74 5.18
N ILE P 167 -20.25 36.20 4.07
CA ILE P 167 -19.05 36.77 3.47
C ILE P 167 -19.32 38.19 2.99
N TYR P 168 -20.49 38.40 2.37
CA TYR P 168 -20.85 39.75 1.94
C TYR P 168 -20.98 40.70 3.13
N GLU P 169 -21.56 40.22 4.23
CA GLU P 169 -21.69 41.05 5.42
C GLU P 169 -20.32 41.44 5.97
N PHE P 170 -19.38 40.51 5.99
CA PHE P 170 -18.04 40.83 6.47
C PHE P 170 -17.34 41.81 5.54
N SER P 171 -17.48 41.61 4.23
CA SER P 171 -16.76 42.44 3.27
C SER P 171 -17.30 43.86 3.22
N LYS P 172 -18.61 44.04 3.41
CA LYS P 172 -19.14 45.40 3.39
C LYS P 172 -18.68 46.23 4.57
N ASN P 173 -18.06 45.61 5.58
CA ASN P 173 -17.58 46.33 6.75
C ASN P 173 -16.06 46.36 6.88
N PHE P 174 -15.33 45.47 6.19
CA PHE P 174 -13.88 45.40 6.39
C PHE P 174 -13.15 46.69 5.99
N SER P 175 -13.74 47.49 5.09
CA SER P 175 -13.05 48.69 4.63
C SER P 175 -12.87 49.70 5.75
N PHE P 176 -13.84 49.82 6.64
CA PHE P 176 -13.71 50.73 7.78
C PHE P 176 -12.61 50.27 8.72
N ARG P 177 -12.43 48.97 8.88
CA ARG P 177 -11.31 48.47 9.69
C ARG P 177 -9.98 48.84 9.05
N ILE P 178 -9.87 48.69 7.74
CA ILE P 178 -8.65 49.15 7.06
C ILE P 178 -8.45 50.65 7.27
N ASP P 179 -9.54 51.42 7.21
CA ASP P 179 -9.45 52.86 7.41
C ASP P 179 -8.94 53.20 8.80
N GLU P 180 -9.41 52.49 9.82
CA GLU P 180 -8.93 52.73 11.18
C GLU P 180 -7.45 52.39 11.31
N LEU P 181 -7.03 51.27 10.70
CA LEU P 181 -5.62 50.92 10.69
C LEU P 181 -4.78 52.03 10.06
N GLU P 182 -5.22 52.54 8.92
CA GLU P 182 -4.49 53.61 8.25
C GLU P 182 -4.47 54.88 9.06
N GLU P 183 -5.58 55.21 9.72
CA GLU P 183 -5.59 56.35 10.63
C GLU P 183 -4.57 56.17 11.73
N MET P 184 -4.37 54.94 12.18
CA MET P 184 -3.37 54.67 13.21
C MET P 184 -1.95 54.85 12.68
N LEU P 185 -1.68 54.39 11.46
CA LEU P 185 -0.29 54.23 11.03
C LEU P 185 0.13 55.13 9.87
N THR P 186 -0.74 55.40 8.90
CA THR P 186 -0.29 55.91 7.61
C THR P 186 0.42 57.24 7.74
N ASN P 187 -0.16 58.18 8.49
CA ASN P 187 0.38 59.53 8.57
C ASN P 187 1.12 59.80 9.87
N ASN P 188 1.28 58.81 10.73
CA ASN P 188 1.99 59.00 12.00
C ASN P 188 3.47 59.25 11.73
N ARG P 189 3.99 60.34 12.31
CA ARG P 189 5.39 60.70 12.05
C ARG P 189 6.36 59.72 12.72
N ILE P 190 5.97 59.11 13.83
CA ILE P 190 6.81 58.09 14.44
C ILE P 190 6.90 56.87 13.54
N TRP P 191 5.75 56.43 13.01
CA TRP P 191 5.74 55.29 12.10
C TRP P 191 6.55 55.57 10.85
N ARG P 192 6.38 56.76 10.27
CA ARG P 192 7.13 57.12 9.08
C ARG P 192 8.62 57.21 9.36
N ASN P 193 9.00 57.78 10.50
CA ASN P 193 10.41 57.83 10.87
C ASN P 193 10.98 56.45 11.07
N ARG P 194 10.18 55.51 11.56
CA ARG P 194 10.66 54.14 11.73
C ARG P 194 10.74 53.40 10.40
N THR P 195 9.95 53.79 9.40
CA THR P 195 9.85 53.01 8.17
C THR P 195 10.40 53.68 6.92
N VAL P 196 10.41 55.01 6.85
CA VAL P 196 10.82 55.69 5.61
C VAL P 196 12.32 55.52 5.40
N ASP P 197 12.70 55.13 4.18
CA ASP P 197 14.10 54.95 3.78
C ASP P 197 14.80 53.89 4.61
N ILE P 198 14.06 52.89 5.07
CA ILE P 198 14.60 51.77 5.84
C ILE P 198 14.49 50.52 4.99
N GLY P 199 15.59 49.80 4.85
CA GLY P 199 15.61 48.61 4.03
C GLY P 199 15.35 48.90 2.57
N VAL P 200 16.01 49.91 2.02
CA VAL P 200 15.80 50.30 0.64
C VAL P 200 16.53 49.32 -0.28
N VAL P 201 15.81 48.78 -1.24
CA VAL P 201 16.38 47.84 -2.21
C VAL P 201 16.06 48.34 -3.62
N THR P 202 17.05 48.30 -4.49
CA THR P 202 16.88 48.73 -5.86
C THR P 202 16.15 47.65 -6.67
N ALA P 203 15.60 48.07 -7.82
CA ALA P 203 14.87 47.15 -8.67
C ALA P 203 15.78 46.04 -9.20
N GLU P 204 16.98 46.40 -9.63
CA GLU P 204 17.89 45.41 -10.19
C GLU P 204 18.36 44.42 -9.14
N ASP P 205 18.70 44.91 -7.94
CA ASP P 205 19.10 44.01 -6.87
C ASP P 205 17.95 43.10 -6.46
N ALA P 206 16.73 43.64 -6.45
CA ALA P 206 15.57 42.80 -6.14
C ALA P 206 15.38 41.71 -7.18
N LEU P 207 15.56 42.03 -8.46
CA LEU P 207 15.42 41.01 -9.49
C LEU P 207 16.51 39.96 -9.40
N ASN P 208 17.75 40.37 -9.15
CA ASN P 208 18.85 39.41 -9.12
C ASN P 208 18.81 38.55 -7.88
N TYR P 209 18.42 39.13 -6.75
CA TYR P 209 18.37 38.37 -5.50
C TYR P 209 17.18 37.44 -5.40
N GLY P 210 16.36 37.35 -6.45
CA GLY P 210 15.25 36.42 -6.45
C GLY P 210 14.03 36.88 -5.69
N PHE P 211 13.85 38.18 -5.53
CA PHE P 211 12.70 38.69 -4.79
C PHE P 211 11.44 38.55 -5.64
N SER P 212 10.29 38.63 -4.98
CA SER P 212 9.02 38.50 -5.68
C SER P 212 7.93 39.17 -4.85
N GLY P 213 6.79 39.39 -5.49
CA GLY P 213 5.65 39.96 -4.81
C GLY P 213 5.88 41.41 -4.43
N VAL P 214 5.46 41.76 -3.21
CA VAL P 214 5.62 43.13 -2.72
C VAL P 214 7.08 43.55 -2.74
N MET P 215 7.99 42.63 -2.39
CA MET P 215 9.41 42.94 -2.39
C MET P 215 9.89 43.43 -3.75
N LEU P 216 9.19 43.06 -4.82
CA LEU P 216 9.47 43.64 -6.12
C LEU P 216 8.70 44.93 -6.34
N ARG P 217 7.40 44.93 -6.06
CA ARG P 217 6.53 46.04 -6.44
C ARG P 217 6.82 47.30 -5.65
N GLY P 218 7.43 47.18 -4.47
CA GLY P 218 7.85 48.36 -3.74
C GLY P 218 8.98 49.11 -4.41
N SER P 219 9.75 48.44 -5.26
CA SER P 219 10.85 49.08 -5.97
C SER P 219 10.44 49.64 -7.32
N GLY P 220 9.17 49.50 -7.69
CA GLY P 220 8.68 50.02 -8.96
C GLY P 220 8.55 49.00 -10.06
N ILE P 221 8.84 47.74 -9.81
CA ILE P 221 8.75 46.70 -10.84
C ILE P 221 7.28 46.34 -11.03
N GLN P 222 6.79 46.51 -12.25
CA GLN P 222 5.38 46.29 -12.56
C GLN P 222 5.17 44.82 -12.89
N TRP P 223 5.03 44.02 -11.83
CA TRP P 223 4.92 42.58 -11.97
C TRP P 223 3.89 42.03 -11.00
N ASP P 224 3.07 41.11 -11.48
CA ASP P 224 2.11 40.40 -10.64
C ASP P 224 1.65 39.17 -11.42
N LEU P 225 1.73 38.00 -10.77
CA LEU P 225 1.42 36.76 -11.46
C LEU P 225 -0.06 36.64 -11.83
N ARG P 226 -0.96 37.18 -11.01
CA ARG P 226 -2.38 37.11 -11.33
C ARG P 226 -2.74 37.96 -12.54
N LYS P 227 -1.91 38.94 -12.89
CA LYS P 227 -2.12 39.75 -14.08
C LYS P 227 -1.36 39.23 -15.30
N THR P 228 -0.14 38.75 -15.11
CA THR P 228 0.68 38.32 -16.23
C THR P 228 0.50 36.84 -16.59
N GLN P 229 0.32 35.99 -15.60
CA GLN P 229 0.09 34.56 -15.82
C GLN P 229 -1.07 34.09 -14.96
N PRO P 230 -2.29 34.52 -15.27
CA PRO P 230 -3.44 34.16 -14.44
C PRO P 230 -3.72 32.67 -14.50
N TYR P 231 -4.24 32.12 -13.40
CA TYR P 231 -4.40 30.68 -13.32
C TYR P 231 -5.84 30.20 -13.22
N ASP P 232 -6.63 30.68 -12.26
CA ASP P 232 -7.96 30.05 -12.15
C ASP P 232 -9.06 30.80 -12.89
N VAL P 233 -9.47 31.96 -12.40
CA VAL P 233 -10.43 32.80 -13.11
C VAL P 233 -9.98 34.26 -13.03
N TYR P 234 -8.72 34.47 -12.66
CA TYR P 234 -8.22 35.82 -12.41
C TYR P 234 -8.26 36.70 -13.65
N ASP P 235 -8.41 36.10 -14.83
CA ASP P 235 -8.60 36.89 -16.05
C ASP P 235 -10.02 37.40 -16.20
N GLN P 236 -10.92 37.04 -15.28
CA GLN P 236 -12.31 37.49 -15.31
C GLN P 236 -12.64 38.43 -14.16
N VAL P 237 -11.63 38.92 -13.44
CA VAL P 237 -11.84 39.87 -12.35
C VAL P 237 -10.97 41.09 -12.60
N GLU P 238 -11.47 42.26 -12.22
CA GLU P 238 -10.78 43.52 -12.40
C GLU P 238 -10.26 44.03 -11.08
N PHE P 239 -8.96 44.32 -11.03
CA PHE P 239 -8.34 44.85 -9.82
C PHE P 239 -7.08 45.58 -10.23
N ASP P 240 -6.55 46.37 -9.29
CA ASP P 240 -5.37 47.18 -9.53
C ASP P 240 -4.19 46.67 -8.73
N VAL P 241 -3.00 46.86 -9.29
CA VAL P 241 -1.75 46.40 -8.67
C VAL P 241 -1.06 47.63 -8.09
N PRO P 242 -0.85 47.68 -6.77
CA PRO P 242 -0.13 48.82 -6.18
C PRO P 242 1.36 48.74 -6.47
N ILE P 243 1.95 49.90 -6.74
CA ILE P 243 3.36 50.00 -7.11
C ILE P 243 4.04 51.01 -6.19
N GLY P 244 5.19 50.61 -5.63
CA GLY P 244 5.97 51.51 -4.82
C GLY P 244 6.85 52.43 -5.65
N SER P 245 7.50 53.37 -4.95
CA SER P 245 8.33 54.37 -5.63
C SER P 245 9.70 54.50 -4.97
N ARG P 246 9.80 54.19 -3.68
CA ARG P 246 11.03 54.39 -2.93
C ARG P 246 11.72 53.09 -2.53
N GLY P 247 11.03 51.96 -2.60
CA GLY P 247 11.67 50.69 -2.30
C GLY P 247 11.99 50.45 -0.84
N ASP P 248 11.30 51.13 0.06
CA ASP P 248 11.57 51.03 1.50
C ASP P 248 10.40 50.34 2.20
N CYS P 249 10.49 50.32 3.54
CA CYS P 249 9.45 49.66 4.34
C CYS P 249 8.12 50.38 4.23
N TYR P 250 8.15 51.71 4.17
CA TYR P 250 6.90 52.47 4.12
C TYR P 250 6.12 52.19 2.84
N ASP P 251 6.82 52.13 1.70
CA ASP P 251 6.15 51.84 0.44
C ASP P 251 5.58 50.44 0.43
N ARG P 252 6.27 49.48 1.04
CA ARG P 252 5.75 48.13 1.11
C ARG P 252 4.53 48.04 2.03
N TYR P 253 4.54 48.80 3.13
CA TYR P 253 3.37 48.87 3.99
C TYR P 253 2.16 49.43 3.23
N LEU P 254 2.37 50.52 2.49
CA LEU P 254 1.29 51.10 1.70
C LEU P 254 0.79 50.14 0.63
N CYS P 255 1.72 49.43 -0.01
CA CYS P 255 1.35 48.45 -1.02
C CYS P 255 0.48 47.34 -0.42
N ARG P 256 0.84 46.86 0.77
CA ARG P 256 0.06 45.80 1.39
C ARG P 256 -1.33 46.29 1.80
N VAL P 257 -1.44 47.51 2.30
CA VAL P 257 -2.76 48.05 2.65
C VAL P 257 -3.63 48.17 1.40
N GLU P 258 -3.07 48.70 0.32
CA GLU P 258 -3.84 48.81 -0.92
C GLU P 258 -4.17 47.44 -1.49
N GLU P 259 -3.31 46.45 -1.30
CA GLU P 259 -3.62 45.09 -1.75
C GLU P 259 -4.76 44.50 -0.95
N MET P 260 -4.87 44.83 0.34
CA MET P 260 -6.06 44.44 1.10
C MET P 260 -7.32 45.04 0.50
N ARG P 261 -7.26 46.33 0.13
CA ARG P 261 -8.41 46.96 -0.50
C ARG P 261 -8.77 46.27 -1.83
N GLN P 262 -7.75 45.94 -2.62
CA GLN P 262 -8.00 45.28 -3.90
C GLN P 262 -8.54 43.86 -3.71
N SER P 263 -8.10 43.17 -2.66
CA SER P 263 -8.68 41.88 -2.33
C SER P 263 -10.16 42.01 -1.97
N LEU P 264 -10.52 43.07 -1.26
CA LEU P 264 -11.95 43.32 -1.02
C LEU P 264 -12.69 43.50 -2.34
N ARG P 265 -12.12 44.26 -3.27
CA ARG P 265 -12.73 44.44 -4.58
C ARG P 265 -12.95 43.11 -5.30
N ILE P 266 -11.91 42.26 -5.32
CA ILE P 266 -12.01 40.97 -5.99
C ILE P 266 -13.03 40.08 -5.30
N ILE P 267 -13.11 40.15 -3.96
CA ILE P 267 -14.07 39.35 -3.22
C ILE P 267 -15.49 39.76 -3.60
N SER P 268 -15.73 41.06 -3.72
CA SER P 268 -17.04 41.52 -4.19
C SER P 268 -17.35 40.94 -5.57
N GLN P 269 -16.39 41.02 -6.50
CA GLN P 269 -16.63 40.51 -7.84
C GLN P 269 -16.92 39.01 -7.82
N CYS P 270 -16.17 38.25 -7.02
CA CYS P 270 -16.39 36.81 -6.92
C CYS P 270 -17.75 36.49 -6.30
N LEU P 271 -18.17 37.28 -5.31
CA LEU P 271 -19.48 37.07 -4.70
C LEU P 271 -20.59 37.27 -5.71
N ASN P 272 -20.46 38.27 -6.57
CA ASN P 272 -21.53 38.53 -7.54
C ASN P 272 -21.57 37.49 -8.64
N LYS P 273 -20.42 36.93 -9.03
CA LYS P 273 -20.31 36.12 -10.23
C LYS P 273 -20.20 34.62 -9.93
N MET P 274 -20.56 34.18 -8.74
CA MET P 274 -20.46 32.76 -8.41
C MET P 274 -21.44 31.97 -9.26
N PRO P 275 -20.99 31.01 -10.05
CA PRO P 275 -21.89 30.27 -10.92
C PRO P 275 -22.39 28.99 -10.25
N PRO P 276 -23.40 28.35 -10.81
CA PRO P 276 -23.83 27.04 -10.31
C PRO P 276 -22.99 25.92 -10.91
N GLY P 277 -23.30 24.71 -10.51
CA GLY P 277 -22.66 23.52 -11.06
C GLY P 277 -21.97 22.69 -10.01
N GLU P 278 -21.26 21.69 -10.48
CA GLU P 278 -20.51 20.79 -9.61
C GLU P 278 -19.24 21.47 -9.11
N ILE P 279 -18.67 20.89 -8.06
CA ILE P 279 -17.52 21.49 -7.39
C ILE P 279 -16.21 20.74 -7.63
N LYS P 280 -16.26 19.51 -8.13
CA LYS P 280 -15.05 18.77 -8.43
C LYS P 280 -15.20 18.13 -9.80
N VAL P 281 -14.07 17.80 -10.41
CA VAL P 281 -14.06 17.35 -11.80
C VAL P 281 -14.89 16.08 -11.92
N ASP P 282 -15.72 16.03 -12.97
CA ASP P 282 -16.59 14.89 -13.21
C ASP P 282 -15.81 13.75 -13.87
N ASP P 283 -14.84 13.25 -13.12
CA ASP P 283 -13.96 12.17 -13.58
C ASP P 283 -13.65 11.33 -12.34
N ALA P 284 -14.37 10.22 -12.18
CA ALA P 284 -14.28 9.44 -10.95
C ALA P 284 -12.97 8.70 -10.81
N LYS P 285 -12.12 8.69 -11.83
CA LYS P 285 -10.77 8.15 -11.70
C LYS P 285 -9.81 9.13 -11.06
N VAL P 286 -10.24 10.38 -10.83
CA VAL P 286 -9.43 11.40 -10.17
C VAL P 286 -10.12 11.90 -8.91
N SER P 287 -11.36 12.35 -9.02
CA SER P 287 -12.11 12.84 -7.88
C SER P 287 -13.06 11.76 -7.36
N PRO P 288 -13.20 11.64 -6.04
CA PRO P 288 -14.06 10.61 -5.50
C PRO P 288 -15.51 10.87 -5.86
N PRO P 289 -16.31 9.82 -6.02
CA PRO P 289 -17.75 10.01 -6.24
C PRO P 289 -18.45 10.42 -4.96
N LYS P 290 -19.70 10.84 -5.11
CA LYS P 290 -20.51 11.18 -3.95
C LYS P 290 -20.80 9.93 -3.12
N ARG P 291 -21.09 10.15 -1.83
CA ARG P 291 -21.34 9.03 -0.94
C ARG P 291 -22.54 8.22 -1.38
N ALA P 292 -23.58 8.90 -1.87
CA ALA P 292 -24.78 8.19 -2.32
C ALA P 292 -24.50 7.32 -3.53
N GLU P 293 -23.62 7.77 -4.42
CA GLU P 293 -23.25 6.94 -5.56
C GLU P 293 -22.36 5.78 -5.14
N MET P 294 -21.49 5.99 -4.15
CA MET P 294 -20.58 4.94 -3.70
C MET P 294 -21.35 3.79 -3.06
N LYS P 295 -22.52 4.06 -2.49
CA LYS P 295 -23.34 3.06 -1.83
C LYS P 295 -24.40 2.48 -2.74
N THR P 296 -24.42 2.85 -4.01
CA THR P 296 -25.45 2.37 -4.93
C THR P 296 -24.83 1.75 -6.19
N SER P 297 -23.70 2.30 -6.62
CA SER P 297 -23.10 1.96 -7.91
C SER P 297 -21.82 1.17 -7.70
N MET P 298 -21.68 0.08 -8.46
CA MET P 298 -20.51 -0.77 -8.33
C MET P 298 -19.24 -0.04 -8.79
N GLU P 299 -19.32 0.65 -9.92
CA GLU P 299 -18.17 1.42 -10.40
C GLU P 299 -17.77 2.49 -9.40
N SER P 300 -18.75 3.19 -8.83
CA SER P 300 -18.47 4.23 -7.86
C SER P 300 -17.78 3.66 -6.63
N LEU P 301 -18.24 2.50 -6.15
CA LEU P 301 -17.60 1.87 -5.00
C LEU P 301 -16.18 1.44 -5.32
N ILE P 302 -15.96 0.85 -6.50
CA ILE P 302 -14.62 0.42 -6.87
C ILE P 302 -13.68 1.62 -6.93
N HIS P 303 -14.14 2.72 -7.53
CA HIS P 303 -13.29 3.89 -7.67
C HIS P 303 -13.04 4.57 -6.34
N HIS P 304 -14.04 4.61 -5.46
CA HIS P 304 -13.83 5.11 -4.10
C HIS P 304 -12.77 4.30 -3.38
N PHE P 305 -12.90 2.97 -3.43
CA PHE P 305 -11.91 2.08 -2.82
C PHE P 305 -10.51 2.38 -3.34
N LYS P 306 -10.35 2.40 -4.66
CA LYS P 306 -9.01 2.54 -5.23
C LYS P 306 -8.44 3.93 -5.03
N LEU P 307 -9.29 4.96 -5.01
CA LEU P 307 -8.82 6.32 -4.79
C LEU P 307 -8.39 6.53 -3.35
N TYR P 308 -9.07 5.90 -2.40
CA TYR P 308 -8.72 6.10 -1.00
C TYR P 308 -7.73 5.09 -0.47
N THR P 309 -7.36 4.06 -1.23
CA THR P 309 -6.30 3.15 -0.81
C THR P 309 -4.99 3.41 -1.56
N GLU P 310 -5.02 3.38 -2.88
CA GLU P 310 -3.83 3.58 -3.70
C GLU P 310 -3.71 5.00 -4.22
N GLY P 311 -4.82 5.64 -4.54
CA GLY P 311 -4.82 6.93 -5.17
C GLY P 311 -4.78 6.83 -6.68
N TYR P 312 -4.93 7.98 -7.33
CA TYR P 312 -4.84 8.05 -8.78
C TYR P 312 -3.38 8.09 -9.20
N GLN P 313 -3.12 7.56 -10.39
CA GLN P 313 -1.79 7.64 -10.99
C GLN P 313 -1.66 8.90 -11.81
N VAL P 314 -0.47 9.50 -11.78
CA VAL P 314 -0.16 10.72 -12.51
C VAL P 314 0.84 10.36 -13.60
N PRO P 315 0.60 10.74 -14.85
CA PRO P 315 1.52 10.36 -15.92
C PRO P 315 2.90 10.93 -15.67
N PRO P 316 3.95 10.22 -16.12
CA PRO P 316 5.31 10.67 -15.82
C PRO P 316 5.58 12.05 -16.40
N GLY P 317 6.32 12.86 -15.65
CA GLY P 317 6.65 14.19 -16.11
C GLY P 317 7.16 15.05 -14.98
N ALA P 318 7.43 16.30 -15.31
CA ALA P 318 7.91 17.28 -14.35
C ALA P 318 7.34 18.63 -14.69
N THR P 319 6.87 19.35 -13.67
CA THR P 319 6.29 20.66 -13.88
C THR P 319 6.82 21.62 -12.83
N TYR P 320 6.84 22.90 -13.18
CA TYR P 320 7.05 23.98 -12.21
C TYR P 320 5.82 24.88 -12.30
N THR P 321 5.03 24.90 -11.24
CA THR P 321 3.81 25.69 -11.19
C THR P 321 3.95 26.75 -10.10
N ALA P 322 3.72 28.01 -10.46
CA ALA P 322 3.86 29.13 -9.54
C ALA P 322 2.55 29.90 -9.46
N ILE P 323 2.28 30.43 -8.26
CA ILE P 323 1.13 31.30 -8.03
C ILE P 323 1.60 32.54 -7.28
N GLU P 324 0.78 33.58 -7.37
CA GLU P 324 0.98 34.82 -6.61
C GLU P 324 0.38 34.62 -5.22
N ALA P 325 1.15 33.99 -4.35
CA ALA P 325 0.76 33.84 -2.96
C ALA P 325 0.86 35.20 -2.26
N PRO P 326 0.16 35.37 -1.14
CA PRO P 326 0.17 36.67 -0.46
C PRO P 326 1.56 37.13 -0.05
N LYS P 327 2.53 36.22 0.08
CA LYS P 327 3.88 36.57 0.46
C LYS P 327 4.84 36.65 -0.73
N GLY P 328 4.36 36.43 -1.94
CA GLY P 328 5.23 36.48 -3.10
C GLY P 328 4.92 35.45 -4.15
N GLU P 329 5.93 34.81 -4.72
CA GLU P 329 5.74 33.74 -5.69
C GLU P 329 5.93 32.40 -5.01
N PHE P 330 4.86 31.62 -4.90
CA PHE P 330 4.92 30.30 -4.29
C PHE P 330 4.87 29.27 -5.40
N GLY P 331 5.88 28.40 -5.45
CA GLY P 331 6.02 27.49 -6.56
C GLY P 331 6.24 26.06 -6.10
N VAL P 332 5.90 25.14 -6.99
CA VAL P 332 6.11 23.71 -6.77
C VAL P 332 6.76 23.14 -8.02
N TYR P 333 7.92 22.52 -7.86
CA TYR P 333 8.52 21.69 -8.90
C TYR P 333 8.18 20.25 -8.54
N LEU P 334 7.26 19.67 -9.31
CA LEU P 334 6.70 18.35 -9.02
C LEU P 334 7.13 17.38 -10.11
N VAL P 335 7.69 16.25 -9.70
CA VAL P 335 8.17 15.21 -10.59
C VAL P 335 7.41 13.94 -10.29
N SER P 336 6.69 13.44 -11.29
CA SER P 336 5.93 12.21 -11.26
C SER P 336 6.60 11.16 -12.15
N ASP P 337 6.52 9.90 -11.72
CA ASP P 337 7.10 8.79 -12.46
C ASP P 337 6.06 7.78 -12.93
N GLY P 338 4.81 8.21 -13.10
CA GLY P 338 3.75 7.32 -13.52
C GLY P 338 3.04 6.60 -12.40
N SER P 339 3.49 6.76 -11.17
CA SER P 339 2.94 6.06 -10.02
C SER P 339 1.87 6.91 -9.35
N SER P 340 1.33 6.40 -8.24
CA SER P 340 0.38 7.12 -7.42
C SER P 340 1.04 7.91 -6.29
N ARG P 341 2.37 7.89 -6.23
CA ARG P 341 3.14 8.69 -5.29
C ARG P 341 4.07 9.62 -6.06
N PRO P 342 4.20 10.88 -5.65
CA PRO P 342 5.12 11.80 -6.32
C PRO P 342 6.56 11.32 -6.16
N TYR P 343 7.33 11.40 -7.26
CA TYR P 343 8.73 11.04 -7.17
C TYR P 343 9.53 12.11 -6.43
N ARG P 344 9.32 13.38 -6.76
CA ARG P 344 10.05 14.44 -6.09
C ARG P 344 9.18 15.69 -6.03
N CYS P 345 9.24 16.39 -4.91
CA CYS P 345 8.46 17.62 -4.73
C CYS P 345 9.37 18.67 -4.11
N LYS P 346 9.76 19.66 -4.89
CA LYS P 346 10.56 20.78 -4.40
C LYS P 346 9.64 21.99 -4.24
N ILE P 347 9.66 22.59 -3.05
CA ILE P 347 8.81 23.73 -2.73
C ILE P 347 9.64 25.00 -2.79
N LYS P 348 9.22 25.94 -3.62
CA LYS P 348 9.84 27.25 -3.72
C LYS P 348 9.00 28.24 -2.93
N ALA P 349 9.60 28.82 -1.89
CA ALA P 349 8.92 29.76 -1.02
C ALA P 349 9.58 31.14 -1.15
N PRO P 350 8.79 32.22 -1.29
CA PRO P 350 9.39 33.55 -1.39
C PRO P 350 10.20 33.94 -0.17
N GLY P 351 9.87 33.39 1.00
CA GLY P 351 10.60 33.70 2.21
C GLY P 351 12.06 33.30 2.14
N PHE P 352 12.36 32.21 1.44
CA PHE P 352 13.76 31.77 1.31
C PHE P 352 14.61 32.83 0.65
N ALA P 353 14.18 33.31 -0.52
CA ALA P 353 14.96 34.33 -1.22
C ALA P 353 14.94 35.65 -0.48
N HIS P 354 13.81 36.01 0.14
CA HIS P 354 13.74 37.27 0.85
C HIS P 354 14.65 37.27 2.08
N LEU P 355 14.74 36.15 2.79
CA LEU P 355 15.62 36.08 3.95
C LEU P 355 17.08 35.96 3.54
N ALA P 356 17.36 35.33 2.39
CA ALA P 356 18.73 35.25 1.92
C ALA P 356 19.31 36.63 1.62
N GLY P 357 18.45 37.63 1.44
CA GLY P 357 18.87 38.99 1.18
C GLY P 357 18.75 39.95 2.35
N LEU P 358 18.51 39.46 3.56
CA LEU P 358 18.36 40.34 4.72
C LEU P 358 19.65 41.09 5.01
N ASP P 359 20.80 40.44 4.83
CA ASP P 359 22.07 41.10 5.07
C ASP P 359 22.27 42.28 4.12
N LYS P 360 21.87 42.13 2.86
CA LYS P 360 22.00 43.22 1.91
C LYS P 360 21.13 44.41 2.29
N MET P 361 19.89 44.15 2.72
CA MET P 361 18.97 45.24 3.05
C MET P 361 19.33 45.92 4.37
N SER P 362 20.06 45.25 5.26
CA SER P 362 20.35 45.76 6.58
C SER P 362 21.67 46.53 6.66
N LYS P 363 22.35 46.72 5.55
CA LYS P 363 23.64 47.41 5.55
C LYS P 363 23.46 48.87 5.93
N GLY P 364 24.23 49.33 6.91
CA GLY P 364 24.15 50.70 7.35
C GLY P 364 22.93 51.03 8.18
N HIS P 365 22.44 50.07 8.96
CA HIS P 365 21.23 50.25 9.76
C HIS P 365 21.49 49.83 11.19
N MET P 366 20.54 50.16 12.07
CA MET P 366 20.63 49.85 13.49
C MET P 366 19.85 48.58 13.81
N LEU P 367 19.85 48.21 15.09
CA LEU P 367 19.16 47.00 15.54
C LEU P 367 17.66 47.11 15.34
N ALA P 368 17.08 48.25 15.71
CA ALA P 368 15.65 48.47 15.48
C ALA P 368 15.32 48.49 14.00
N ASP P 369 16.22 49.04 13.19
CA ASP P 369 16.02 49.01 11.74
C ASP P 369 16.01 47.57 11.23
N VAL P 370 16.87 46.71 11.77
CA VAL P 370 16.88 45.31 11.36
C VAL P 370 15.59 44.62 11.79
N VAL P 371 15.06 44.98 12.96
CA VAL P 371 13.76 44.45 13.36
C VAL P 371 12.69 44.84 12.36
N ALA P 372 12.69 46.11 11.95
CA ALA P 372 11.72 46.58 10.97
C ALA P 372 11.89 45.85 9.63
N ILE P 373 13.13 45.60 9.23
CA ILE P 373 13.38 44.95 7.95
C ILE P 373 12.92 43.50 7.99
N ILE P 374 13.13 42.81 9.11
CA ILE P 374 12.59 41.46 9.26
C ILE P 374 11.08 41.47 9.18
N GLY P 375 10.45 42.47 9.81
CA GLY P 375 9.00 42.58 9.75
C GLY P 375 8.47 42.84 8.34
N THR P 376 9.19 43.64 7.55
CA THR P 376 8.70 44.05 6.25
C THR P 376 8.86 42.98 5.17
N GLN P 377 9.64 41.94 5.41
CA GLN P 377 9.84 40.89 4.42
C GLN P 377 8.74 39.82 4.47
N ASP P 378 7.91 39.82 5.51
CA ASP P 378 6.80 38.88 5.64
C ASP P 378 7.31 37.43 5.60
N ILE P 379 8.06 37.08 6.64
CA ILE P 379 8.74 35.79 6.73
C ILE P 379 7.94 34.88 7.65
N VAL P 380 7.57 33.71 7.14
CA VAL P 380 7.06 32.60 7.94
C VAL P 380 7.98 31.41 7.71
N PHE P 381 8.51 30.85 8.79
CA PHE P 381 9.60 29.90 8.67
C PHE P 381 9.16 28.48 8.36
N GLY P 382 7.87 28.19 8.42
CA GLY P 382 7.39 26.91 7.93
C GLY P 382 7.69 26.72 6.46
N GLU P 383 7.54 27.79 5.67
CA GLU P 383 7.87 27.72 4.25
C GLU P 383 9.35 27.95 3.97
N VAL P 384 10.04 28.69 4.83
CA VAL P 384 11.46 28.91 4.63
C VAL P 384 12.25 27.63 4.91
N ASP P 385 11.90 26.92 5.99
CA ASP P 385 12.67 25.78 6.43
C ASP P 385 12.21 24.47 5.79
N ARG P 386 10.90 24.30 5.63
CA ARG P 386 10.33 23.09 5.05
C ARG P 386 10.83 21.83 5.76
N GLY Q 1 -22.16 -7.63 27.67
CA GLY Q 1 -21.95 -9.00 28.09
C GLY Q 1 -20.60 -9.22 28.75
N VAL Q 2 -20.21 -8.29 29.61
CA VAL Q 2 -18.92 -8.35 30.27
C VAL Q 2 -18.91 -9.53 31.25
N ARG Q 3 -17.80 -10.25 31.29
CA ARG Q 3 -17.56 -11.27 32.30
C ARG Q 3 -16.30 -10.91 33.09
N THR Q 4 -16.12 -11.59 34.21
CA THR Q 4 -15.01 -11.32 35.11
C THR Q 4 -13.94 -12.39 34.97
N SER Q 5 -12.69 -11.94 34.79
CA SER Q 5 -11.57 -12.84 34.75
C SER Q 5 -11.36 -13.50 36.12
N PRO Q 6 -10.72 -14.67 36.17
CA PRO Q 6 -10.42 -15.27 37.48
C PRO Q 6 -9.62 -14.36 38.39
N THR Q 7 -8.82 -13.47 37.84
CA THR Q 7 -8.09 -12.49 38.65
C THR Q 7 -8.96 -11.32 39.06
N GLY Q 8 -10.15 -11.18 38.49
CA GLY Q 8 -11.03 -10.07 38.80
C GLY Q 8 -11.06 -8.96 37.77
N GLU Q 9 -10.34 -9.11 36.66
CA GLU Q 9 -10.29 -8.10 35.63
C GLU Q 9 -11.46 -8.27 34.67
N LYS Q 10 -12.04 -7.15 34.22
CA LYS Q 10 -13.08 -7.21 33.22
C LYS Q 10 -12.51 -7.68 31.89
N VAL Q 11 -13.28 -8.49 31.18
CA VAL Q 11 -12.89 -9.04 29.89
C VAL Q 11 -13.58 -8.22 28.80
N THR Q 12 -12.79 -7.72 27.85
CA THR Q 12 -13.32 -6.92 26.76
C THR Q 12 -14.03 -7.81 25.74
N HIS Q 13 -14.77 -7.16 24.84
CA HIS Q 13 -15.52 -7.90 23.82
C HIS Q 13 -14.57 -8.63 22.87
N THR Q 14 -13.32 -8.18 22.79
CA THR Q 14 -12.33 -8.90 21.99
C THR Q 14 -11.79 -10.11 22.73
N GLY Q 15 -12.15 -10.26 24.01
CA GLY Q 15 -11.72 -11.39 24.81
C GLY Q 15 -10.41 -11.21 25.53
N GLN Q 16 -9.83 -10.02 25.51
CA GLN Q 16 -8.51 -9.81 26.09
C GLN Q 16 -8.61 -9.63 27.60
N ALA Q 17 -7.68 -10.25 28.32
CA ALA Q 17 -7.53 -10.07 29.76
C ALA Q 17 -6.15 -10.57 30.17
N TYR Q 18 -5.43 -9.75 30.93
CA TYR Q 18 -4.10 -10.13 31.37
C TYR Q 18 -4.18 -11.30 32.33
N ASP Q 19 -3.19 -12.20 32.24
CA ASP Q 19 -3.14 -13.34 33.13
C ASP Q 19 -2.72 -12.92 34.54
N ASP Q 20 -2.76 -13.88 35.46
CA ASP Q 20 -2.39 -13.59 36.84
C ASP Q 20 -0.93 -13.16 36.95
N GLY Q 21 -0.04 -13.82 36.22
CA GLY Q 21 1.37 -13.52 36.28
C GLY Q 21 1.85 -12.38 35.42
N ASP Q 22 0.95 -11.69 34.72
CA ASP Q 22 1.34 -10.61 33.83
C ASP Q 22 1.56 -9.32 34.61
N TYR Q 23 2.76 -8.77 34.51
CA TYR Q 23 3.07 -7.53 35.21
C TYR Q 23 2.32 -6.34 34.66
N ARG Q 24 1.84 -6.42 33.42
CA ARG Q 24 1.21 -5.27 32.75
C ARG Q 24 -0.10 -4.85 33.40
N ARG Q 25 -0.65 -5.65 34.32
CA ARG Q 25 -1.79 -5.21 35.11
C ARG Q 25 -1.45 -4.03 36.02
N VAL Q 26 -0.16 -3.80 36.30
CA VAL Q 26 0.21 -2.72 37.21
C VAL Q 26 -0.21 -1.36 36.67
N ARG Q 27 -0.42 -1.23 35.35
CA ARG Q 27 -0.89 0.03 34.80
C ARG Q 27 -2.31 0.37 35.24
N PHE Q 28 -3.08 -0.62 35.70
CA PHE Q 28 -4.44 -0.37 36.17
C PHE Q 28 -4.51 -0.15 37.67
N SER Q 29 -3.40 -0.26 38.39
CA SER Q 29 -3.40 0.04 39.81
C SER Q 29 -3.63 1.54 40.02
N ASP Q 30 -4.44 1.86 41.02
CA ASP Q 30 -4.85 3.23 41.34
C ASP Q 30 -5.62 3.89 40.20
N ARG Q 31 -5.94 3.14 39.15
CA ARG Q 31 -6.67 3.66 38.00
C ARG Q 31 -7.66 2.57 37.58
N GLN Q 32 -8.19 2.67 36.38
CA GLN Q 32 -9.21 1.73 35.92
C GLN Q 32 -8.85 1.19 34.55
N LYS Q 33 -9.51 0.09 34.18
CA LYS Q 33 -9.42 -0.48 32.85
C LYS Q 33 -10.67 -0.09 32.06
N GLU Q 34 -10.47 0.38 30.84
CA GLU Q 34 -11.57 0.87 30.02
C GLU Q 34 -12.15 -0.29 29.23
N VAL Q 35 -13.40 -0.65 29.54
CA VAL Q 35 -14.09 -1.72 28.86
C VAL Q 35 -15.45 -1.19 28.42
N ASN Q 36 -15.74 -1.29 27.12
CA ASN Q 36 -17.04 -0.91 26.61
C ASN Q 36 -18.07 -1.98 27.00
N GLU Q 37 -19.19 -1.54 27.55
CA GLU Q 37 -20.16 -2.46 28.13
C GLU Q 37 -21.13 -3.04 27.13
N ASN Q 38 -21.38 -2.37 26.01
CA ASN Q 38 -22.31 -2.84 24.99
C ASN Q 38 -21.58 -3.75 24.01
N PHE Q 39 -21.92 -5.02 24.02
CA PHE Q 39 -21.27 -6.00 23.15
C PHE Q 39 -22.06 -6.11 21.86
N ALA Q 40 -21.38 -5.83 20.74
CA ALA Q 40 -22.08 -5.79 19.45
C ALA Q 40 -22.63 -7.15 19.04
N ILE Q 41 -21.92 -8.23 19.35
CA ILE Q 41 -22.41 -9.56 19.00
C ILE Q 41 -23.70 -9.88 19.73
N ASP Q 42 -23.74 -9.60 21.04
CA ASP Q 42 -24.96 -9.84 21.81
C ASP Q 42 -26.09 -8.91 21.36
N LEU Q 43 -25.77 -7.66 21.05
CA LEU Q 43 -26.79 -6.71 20.62
C LEU Q 43 -27.40 -7.11 19.28
N ILE Q 44 -26.57 -7.57 18.33
CA ILE Q 44 -27.09 -7.98 17.04
C ILE Q 44 -27.81 -9.31 17.15
N ALA Q 45 -27.48 -10.14 18.14
CA ALA Q 45 -28.18 -11.40 18.30
C ALA Q 45 -29.63 -11.22 18.74
N GLU Q 46 -29.97 -10.08 19.35
CA GLU Q 46 -31.33 -9.83 19.83
C GLU Q 46 -32.30 -9.46 18.73
N GLN Q 47 -31.82 -9.06 17.56
CA GLN Q 47 -32.71 -8.61 16.49
C GLN Q 47 -33.51 -9.79 15.95
N PRO Q 48 -34.83 -9.63 15.78
CA PRO Q 48 -35.63 -10.70 15.19
C PRO Q 48 -35.30 -10.88 13.71
N VAL Q 49 -35.54 -12.10 13.22
CA VAL Q 49 -35.31 -12.41 11.83
C VAL Q 49 -36.48 -11.93 11.00
N SER Q 50 -36.18 -11.24 9.89
CA SER Q 50 -37.21 -10.64 9.06
C SER Q 50 -37.74 -11.65 8.04
N GLU Q 51 -39.06 -11.83 8.03
CA GLU Q 51 -39.73 -12.68 7.05
C GLU Q 51 -40.06 -11.85 5.81
N VAL Q 52 -39.62 -12.33 4.64
CA VAL Q 52 -39.92 -11.67 3.39
C VAL Q 52 -40.49 -12.70 2.42
N GLY Q 53 -41.24 -12.20 1.44
CA GLY Q 53 -41.89 -13.07 0.48
C GLY Q 53 -41.21 -13.09 -0.87
N SER Q 54 -39.87 -13.06 -0.89
CA SER Q 54 -39.13 -13.09 -2.14
C SER Q 54 -37.87 -13.93 -1.96
N ARG Q 55 -37.38 -14.47 -3.07
CA ARG Q 55 -36.16 -15.27 -3.02
C ARG Q 55 -34.93 -14.41 -2.73
N VAL Q 56 -34.94 -13.17 -3.20
CA VAL Q 56 -33.80 -12.26 -3.06
C VAL Q 56 -34.29 -11.00 -2.35
N ILE Q 57 -33.56 -10.59 -1.32
CA ILE Q 57 -33.89 -9.39 -0.57
C ILE Q 57 -32.75 -8.38 -0.72
N SER Q 58 -33.01 -7.14 -0.37
CA SER Q 58 -32.04 -6.06 -0.44
C SER Q 58 -31.84 -5.46 0.94
N CYS Q 59 -30.60 -5.11 1.26
CA CYS Q 59 -30.28 -4.47 2.53
C CYS Q 59 -29.32 -3.32 2.31
N ASP Q 60 -29.60 -2.19 2.97
CA ASP Q 60 -28.71 -1.03 2.96
C ASP Q 60 -28.42 -0.52 4.36
N GLY Q 61 -28.84 -1.25 5.41
CA GLY Q 61 -28.58 -0.87 6.77
C GLY Q 61 -29.53 0.15 7.35
N GLY Q 62 -30.50 0.64 6.59
CA GLY Q 62 -31.39 1.67 7.04
C GLY Q 62 -30.83 3.06 6.83
N GLY Q 63 -31.74 4.04 6.79
CA GLY Q 63 -31.35 5.42 6.64
C GLY Q 63 -31.00 5.85 5.23
N GLY Q 64 -31.16 4.98 4.24
CA GLY Q 64 -30.83 5.32 2.87
C GLY Q 64 -29.35 5.52 2.63
N ALA Q 65 -28.96 6.75 2.32
CA ALA Q 65 -27.56 7.08 2.09
C ALA Q 65 -26.75 7.14 3.37
N LEU Q 66 -27.39 7.03 4.52
CA LEU Q 66 -26.69 7.06 5.81
C LEU Q 66 -26.29 5.67 6.30
N GLY Q 67 -26.60 4.63 5.55
CA GLY Q 67 -26.28 3.26 5.92
C GLY Q 67 -25.01 2.77 5.26
N HIS Q 68 -25.05 1.54 4.80
CA HIS Q 68 -23.94 0.90 4.09
C HIS Q 68 -24.28 0.68 2.63
N PRO Q 69 -23.30 0.31 1.80
CA PRO Q 69 -23.60 0.02 0.40
C PRO Q 69 -24.66 -1.07 0.27
N ARG Q 70 -25.57 -0.86 -0.67
CA ARG Q 70 -26.72 -1.75 -0.81
C ARG Q 70 -26.29 -3.09 -1.39
N VAL Q 71 -26.71 -4.17 -0.74
CA VAL Q 71 -26.35 -5.52 -1.16
C VAL Q 71 -27.61 -6.37 -1.26
N TYR Q 72 -27.51 -7.45 -2.01
CA TYR Q 72 -28.63 -8.34 -2.27
C TYR Q 72 -28.31 -9.72 -1.70
N ILE Q 73 -29.24 -10.27 -0.94
CA ILE Q 73 -29.07 -11.51 -0.22
C ILE Q 73 -30.00 -12.55 -0.83
N ASN Q 74 -29.45 -13.71 -1.16
CA ASN Q 74 -30.22 -14.86 -1.60
C ASN Q 74 -30.76 -15.61 -0.39
N LEU Q 75 -32.00 -16.10 -0.51
CA LEU Q 75 -32.67 -16.79 0.57
C LEU Q 75 -33.24 -18.11 0.10
N ASP Q 76 -32.48 -18.86 -0.69
CA ASP Q 76 -32.96 -20.13 -1.22
C ASP Q 76 -32.71 -21.30 -0.27
N LYS Q 77 -31.71 -21.21 0.61
CA LYS Q 77 -31.50 -22.25 1.61
C LYS Q 77 -32.56 -22.15 2.69
N GLU Q 78 -33.18 -23.29 3.02
CA GLU Q 78 -34.25 -23.34 4.01
C GLU Q 78 -33.75 -23.70 5.40
N THR Q 79 -32.50 -24.12 5.54
CA THR Q 79 -31.94 -24.50 6.83
C THR Q 79 -31.13 -23.40 7.48
N LYS Q 80 -31.06 -22.22 6.87
CA LYS Q 80 -30.22 -21.16 7.38
C LYS Q 80 -30.71 -19.83 6.82
N THR Q 81 -30.72 -18.80 7.66
CA THR Q 81 -31.14 -17.48 7.25
C THR Q 81 -30.06 -16.78 6.43
N GLY Q 82 -30.47 -15.73 5.72
CA GLY Q 82 -29.53 -14.89 5.01
C GLY Q 82 -29.09 -13.73 5.88
N THR Q 83 -27.78 -13.55 6.00
CA THR Q 83 -27.20 -12.53 6.84
C THR Q 83 -26.55 -11.45 5.99
N CYS Q 84 -26.79 -10.19 6.36
CA CYS Q 84 -26.13 -9.08 5.69
C CYS Q 84 -24.65 -9.06 6.09
N GLY Q 85 -23.78 -8.88 5.10
CA GLY Q 85 -22.36 -8.84 5.37
C GLY Q 85 -21.84 -7.56 5.98
N TYR Q 86 -22.68 -6.52 6.04
CA TYR Q 86 -22.35 -5.27 6.68
C TYR Q 86 -23.03 -5.09 8.03
N CYS Q 87 -24.36 -5.32 8.07
CA CYS Q 87 -25.19 -4.93 9.20
C CYS Q 87 -25.46 -6.08 10.16
N GLY Q 88 -25.44 -7.32 9.69
CA GLY Q 88 -25.73 -8.46 10.51
C GLY Q 88 -27.20 -8.81 10.64
N LEU Q 89 -28.09 -8.05 10.01
CA LEU Q 89 -29.51 -8.36 10.05
C LEU Q 89 -29.80 -9.65 9.28
N GLN Q 90 -30.76 -10.41 9.78
CA GLN Q 90 -31.08 -11.73 9.24
C GLN Q 90 -32.42 -11.70 8.52
N PHE Q 91 -32.48 -12.39 7.39
CA PHE Q 91 -33.67 -12.46 6.57
C PHE Q 91 -33.97 -13.91 6.22
N ARG Q 92 -35.25 -14.22 6.05
CA ARG Q 92 -35.64 -15.55 5.63
C ARG Q 92 -37.04 -15.49 5.00
N GLN Q 93 -37.35 -16.51 4.25
CA GLN Q 93 -38.62 -16.78 3.60
C GLN Q 93 -39.54 -17.54 4.56
N PRO Q 94 -40.86 -17.42 4.38
CA PRO Q 94 -41.78 -18.19 5.24
C PRO Q 94 -41.63 -19.69 5.02
N HIS Q 95 -41.27 -20.40 6.08
CA HIS Q 95 -41.13 -21.84 6.09
C HIS Q 95 -42.20 -22.45 7.01
N HIS Q 96 -42.08 -23.75 7.24
CA HIS Q 96 -43.05 -24.50 8.04
C HIS Q 96 -44.45 -24.41 7.43
N ALA R 1 -38.51 15.66 -7.95
CA ALA R 1 -39.28 16.67 -8.66
C ALA R 1 -38.83 18.07 -8.26
N SER R 2 -38.25 18.18 -7.07
CA SER R 2 -37.80 19.48 -6.57
C SER R 2 -36.60 19.97 -7.38
N LYS R 3 -36.47 21.30 -7.44
CA LYS R 3 -35.42 21.93 -8.22
C LYS R 3 -34.10 21.92 -7.45
N VAL R 4 -33.03 22.29 -8.15
CA VAL R 4 -31.71 22.32 -7.55
C VAL R 4 -31.61 23.49 -6.58
N LYS R 5 -31.16 23.21 -5.36
CA LYS R 5 -30.92 24.22 -4.34
C LYS R 5 -29.42 24.28 -4.07
N GLN R 6 -28.85 25.48 -4.15
CA GLN R 6 -27.41 25.65 -4.03
C GLN R 6 -27.14 27.04 -3.47
N ASP R 7 -25.97 27.20 -2.87
CA ASP R 7 -25.60 28.50 -2.31
C ASP R 7 -25.24 29.45 -3.44
N MET R 8 -26.09 30.43 -3.68
CA MET R 8 -25.97 31.35 -4.79
C MET R 8 -26.22 32.78 -4.31
N PRO R 9 -25.73 33.77 -5.04
CA PRO R 9 -26.10 35.16 -4.74
C PRO R 9 -27.58 35.40 -5.01
N PRO R 10 -28.18 36.38 -4.35
CA PRO R 10 -29.62 36.63 -4.56
C PRO R 10 -29.88 37.12 -5.97
N PRO R 11 -31.14 37.05 -6.43
CA PRO R 11 -31.45 37.56 -7.77
C PRO R 11 -31.08 39.02 -7.90
N GLY R 12 -30.51 39.36 -9.04
CA GLY R 12 -29.86 40.65 -9.16
C GLY R 12 -28.41 40.52 -8.72
N GLY R 13 -28.11 41.00 -7.51
CA GLY R 13 -26.78 40.85 -6.96
C GLY R 13 -26.72 41.41 -5.56
N TYR R 14 -25.51 41.38 -5.00
CA TYR R 14 -25.25 42.02 -3.73
C TYR R 14 -25.05 43.52 -3.92
N GLY R 15 -25.25 44.27 -2.85
CA GLY R 15 -24.98 45.69 -2.86
C GLY R 15 -23.50 45.98 -2.99
N PRO R 16 -23.16 47.18 -3.45
CA PRO R 16 -21.75 47.52 -3.63
C PRO R 16 -20.98 47.46 -2.31
N ILE R 17 -19.74 47.00 -2.40
CA ILE R 17 -18.85 46.88 -1.26
C ILE R 17 -17.81 48.00 -1.33
N ASP R 18 -17.77 48.83 -0.31
CA ASP R 18 -16.83 49.93 -0.27
C ASP R 18 -15.41 49.41 -0.06
N TYR R 19 -14.46 49.90 -0.85
CA TYR R 19 -13.06 49.52 -0.70
C TYR R 19 -12.09 50.68 -0.74
N LYS R 20 -12.47 51.85 -1.26
CA LYS R 20 -11.54 52.95 -1.37
C LYS R 20 -11.22 53.55 -0.01
N ARG R 21 -10.01 54.11 0.09
CA ARG R 21 -9.56 54.70 1.34
C ARG R 21 -10.40 55.91 1.71
N ASN R 22 -10.73 56.01 3.00
CA ASN R 22 -11.58 57.08 3.51
C ASN R 22 -10.91 57.71 4.73
N LEU R 23 -10.42 58.95 4.57
CA LEU R 23 -9.92 59.73 5.69
C LEU R 23 -10.42 61.16 5.56
N PRO R 24 -11.32 61.60 6.45
CA PRO R 24 -11.83 62.97 6.36
C PRO R 24 -10.80 63.99 6.76
N ARG R 25 -11.04 65.24 6.34
CA ARG R 25 -10.10 66.32 6.62
C ARG R 25 -10.08 66.64 8.11
N ARG R 26 -11.21 67.09 8.65
CA ARG R 26 -11.42 67.24 10.10
C ARG R 26 -10.31 68.08 10.74
N GLY R 27 -10.28 69.36 10.37
CA GLY R 27 -9.31 70.25 10.96
C GLY R 27 -9.64 71.71 10.69
N LEU R 28 -9.04 72.57 11.51
CA LEU R 28 -9.08 74.00 11.31
C LEU R 28 -7.92 74.44 10.44
N SER R 29 -7.79 75.75 10.23
CA SER R 29 -6.72 76.30 9.40
C SER R 29 -5.39 76.27 10.14
#